data_7XA7
#
_entry.id   7XA7
#
_cell.length_a   63.943
_cell.length_b   130.849
_cell.length_c   564.829
_cell.angle_alpha   90.000
_cell.angle_beta   90.000
_cell.angle_gamma   90.000
#
_symmetry.space_group_name_H-M   'P 21 21 21'
#
loop_
_entity.id
_entity.type
_entity.pdbx_description
1 polymer 'Angiotensin-converting enzyme'
2 polymer 'Spike protein S1'
3 non-polymer 'ZINC ION'
4 non-polymer 2-acetamido-2-deoxy-beta-D-glucopyranose
5 water water
#
loop_
_entity_poly.entity_id
_entity_poly.type
_entity_poly.pdbx_seq_one_letter_code
_entity_poly.pdbx_strand_id
1 'polypeptide(L)'
;QSTTEDRAKIFLDNFNREAEELSYQSSLASWEYNTNISDENVQKMDEAGAKWSAFYEEQSKLAKNYPLEEIQTVPVKLQL
QILQQSGSPVLSEDKSKRLNSILNAMSTIYSTGKVCKPNNPQECFLLEPGLDNIMGTSKDYNERLWAWEGWRAEVGKQLR
PLYEEYVVLKNEMARGYHYEDYGDYWRRDYETEESSGSGYSRDQLMKDVDRIFTEIKPLYEHLHAYVRTKLMDTYPFHIS
PTGCLPAHLLGDMWGRFWTNLYPLTVPFGQKPNIDVTDAMVNQGWDANRIFKEAEKFFVSVGLPNMTEGFWNNSMLTEPG
DGRKVVCHPTAWDLGKGDFRIKMCTKVTMEDFLTAHHEMGHIQYDMAYATQPYLLRNGANEGFHEAVGEVMSLSVATPKH
LKTMGLLSPDFLEDNETEINFLLKQALNIVGTLPFTYMLEKWRWMVFRGEIPKEEWMKKWWEMKRDLVGVVEPVPHDETY
CDPASLFHVANDYSFIRYYTRTIFEFQFHEALCRIAQHDGPLHKCDISNSTDAGKKLHQMLSVGKSQPWTVTLKDIVDSR
NMDVGPLLRYFEPLYTWLQEQNRKSYVGWNTDWSPYSD
;
A,C,E,G
2 'polypeptide(L)'
;RVQPTESIVRFPNITNLCPFGEVFNATRFASVYAWNRKRISNCVADYSVLYNSASFSTFKCYGVSPTKLNDLCFTNVYAD
SFVIRGDEVRQIAPGQTGKIADYNYKLPDDFTGCVIAWNSNNLDSKVGGNYNYLYRLFRKSNLKPFERDISTEIYQAGST
PCNGVEGFNCYFPLQSYGFQPTNGVGYQPYRVVVLSFELLHAPATVCGPKKSTNLVKNKCVNF
;
B,D,F,H
#
# COMPACT_ATOMS: atom_id res chain seq x y z
N SER A 2 12.63 14.04 -40.91
CA SER A 2 11.22 14.23 -40.58
C SER A 2 10.89 13.59 -39.23
N THR A 3 10.48 14.43 -38.27
CA THR A 3 10.07 13.93 -36.97
C THR A 3 8.71 13.23 -37.09
N THR A 4 8.54 12.16 -36.31
CA THR A 4 7.24 11.51 -36.23
C THR A 4 6.18 12.47 -35.71
N GLU A 5 6.58 13.46 -34.92
CA GLU A 5 5.66 14.51 -34.49
C GLU A 5 5.23 15.37 -35.68
N ASP A 6 6.15 15.64 -36.60
CA ASP A 6 5.82 16.47 -37.76
C ASP A 6 4.89 15.72 -38.71
N ARG A 7 5.16 14.44 -38.97
CA ARG A 7 4.29 13.65 -39.82
C ARG A 7 2.92 13.41 -39.18
N ALA A 8 2.85 13.46 -37.84
CA ALA A 8 1.55 13.34 -37.17
C ALA A 8 0.81 14.67 -37.12
N LYS A 9 1.53 15.78 -37.08
CA LYS A 9 0.89 17.09 -37.05
C LYS A 9 0.17 17.38 -38.36
N ILE A 10 0.79 17.03 -39.49
CA ILE A 10 0.12 17.21 -40.77
C ILE A 10 -1.02 16.21 -40.94
N PHE A 11 -0.90 15.02 -40.36
CA PHE A 11 -1.98 14.04 -40.43
C PHE A 11 -3.23 14.56 -39.75
N LEU A 12 -3.06 15.28 -38.64
CA LEU A 12 -4.19 15.90 -37.96
C LEU A 12 -4.71 17.11 -38.72
N ASP A 13 -3.82 17.80 -39.45
CA ASP A 13 -4.25 18.90 -40.30
C ASP A 13 -5.22 18.41 -41.37
N ASN A 14 -4.86 17.31 -42.05
CA ASN A 14 -5.79 16.72 -43.00
C ASN A 14 -7.01 16.15 -42.31
N PHE A 15 -6.86 15.67 -41.08
CA PHE A 15 -7.99 15.09 -40.35
C PHE A 15 -8.98 16.17 -39.91
N ASN A 16 -8.48 17.18 -39.18
CA ASN A 16 -9.38 18.18 -38.61
C ASN A 16 -10.16 18.92 -39.68
N ARG A 17 -9.54 19.17 -40.84
CA ARG A 17 -10.23 19.90 -41.89
C ARG A 17 -11.24 19.01 -42.62
N GLU A 18 -10.93 17.73 -42.79
CA GLU A 18 -11.91 16.80 -43.36
C GLU A 18 -12.97 16.41 -42.34
N ALA A 19 -12.63 16.41 -41.04
CA ALA A 19 -13.61 16.04 -40.03
C ALA A 19 -14.63 17.14 -39.81
N GLU A 20 -14.22 18.41 -39.88
CA GLU A 20 -15.15 19.51 -39.71
C GLU A 20 -16.24 19.48 -40.77
N GLU A 21 -15.89 19.10 -41.99
CA GLU A 21 -16.88 19.02 -43.05
C GLU A 21 -17.83 17.85 -42.84
N LEU A 22 -17.28 16.67 -42.57
CA LEU A 22 -18.12 15.46 -42.48
C LEU A 22 -18.98 15.45 -41.22
N SER A 23 -18.47 16.01 -40.12
CA SER A 23 -19.28 16.07 -38.91
C SER A 23 -20.41 17.09 -39.03
N TYR A 24 -20.19 18.15 -39.80
CA TYR A 24 -21.24 19.15 -40.01
C TYR A 24 -22.41 18.57 -40.78
N GLN A 25 -22.13 17.78 -41.81
CA GLN A 25 -23.21 17.12 -42.55
C GLN A 25 -23.94 16.11 -41.68
N SER A 26 -23.23 15.43 -40.79
CA SER A 26 -23.88 14.53 -39.84
C SER A 26 -24.69 15.30 -38.80
N SER A 27 -24.21 16.49 -38.40
CA SER A 27 -24.95 17.31 -37.45
C SER A 27 -26.14 18.01 -38.10
N LEU A 28 -26.01 18.40 -39.37
CA LEU A 28 -27.13 19.03 -40.05
C LEU A 28 -28.25 18.03 -40.32
N ALA A 29 -27.88 16.80 -40.69
CA ALA A 29 -28.89 15.77 -40.91
C ALA A 29 -29.58 15.40 -39.60
N SER A 30 -28.83 15.31 -38.50
CA SER A 30 -29.43 15.02 -37.21
C SER A 30 -30.34 16.15 -36.75
N TRP A 31 -30.01 17.39 -37.10
CA TRP A 31 -30.88 18.52 -36.78
C TRP A 31 -32.17 18.46 -37.58
N GLU A 32 -32.08 18.05 -38.85
CA GLU A 32 -33.26 18.05 -39.72
C GLU A 32 -34.32 17.07 -39.21
N TYR A 33 -33.89 15.89 -38.74
CA TYR A 33 -34.87 14.93 -38.22
C TYR A 33 -35.46 15.41 -36.91
N ASN A 34 -34.64 15.96 -36.02
CA ASN A 34 -35.12 16.42 -34.73
C ASN A 34 -36.02 17.64 -34.86
N THR A 35 -35.89 18.42 -35.93
CA THR A 35 -36.77 19.55 -36.19
C THR A 35 -37.80 19.24 -37.27
N ASN A 36 -37.77 18.03 -37.84
CA ASN A 36 -38.74 17.64 -38.86
C ASN A 36 -38.68 16.11 -38.97
N ILE A 37 -39.45 15.43 -38.12
CA ILE A 37 -39.41 13.98 -38.06
C ILE A 37 -40.02 13.39 -39.33
N SER A 38 -39.26 12.51 -39.99
CA SER A 38 -39.72 11.81 -41.17
C SER A 38 -38.90 10.54 -41.32
N ASP A 39 -39.53 9.50 -41.87
CA ASP A 39 -38.81 8.25 -42.12
C ASP A 39 -37.70 8.45 -43.15
N GLU A 40 -37.88 9.40 -44.07
CA GLU A 40 -36.81 9.73 -45.01
C GLU A 40 -35.65 10.40 -44.29
N ASN A 41 -35.95 11.39 -43.43
CA ASN A 41 -34.90 12.10 -42.70
C ASN A 41 -34.13 11.16 -41.77
N VAL A 42 -34.76 10.09 -41.31
CA VAL A 42 -34.06 9.11 -40.49
C VAL A 42 -32.94 8.46 -41.29
N GLN A 43 -33.23 8.07 -42.53
CA GLN A 43 -32.21 7.41 -43.35
C GLN A 43 -31.13 8.40 -43.80
N LYS A 44 -31.53 9.63 -44.13
CA LYS A 44 -30.54 10.64 -44.51
C LYS A 44 -29.56 10.90 -43.39
N MET A 45 -30.03 10.86 -42.14
CA MET A 45 -29.12 10.96 -41.01
C MET A 45 -28.29 9.69 -40.85
N ASP A 46 -28.90 8.54 -41.09
CA ASP A 46 -28.16 7.27 -41.00
C ASP A 46 -27.10 7.19 -42.09
N GLU A 47 -27.40 7.71 -43.28
CA GLU A 47 -26.39 7.74 -44.35
C GLU A 47 -25.28 8.72 -44.01
N ALA A 48 -25.62 9.89 -43.45
CA ALA A 48 -24.60 10.86 -43.07
C ALA A 48 -23.77 10.36 -41.90
N GLY A 49 -24.40 9.65 -40.96
CA GLY A 49 -23.66 9.09 -39.85
C GLY A 49 -22.76 7.94 -40.24
N ALA A 50 -23.16 7.19 -41.29
CA ALA A 50 -22.32 6.08 -41.75
C ALA A 50 -21.05 6.60 -42.41
N LYS A 51 -21.14 7.71 -43.13
CA LYS A 51 -19.94 8.29 -43.74
C LYS A 51 -18.99 8.83 -42.69
N TRP A 52 -19.53 9.40 -41.62
CA TRP A 52 -18.67 9.89 -40.54
C TRP A 52 -18.05 8.75 -39.76
N SER A 53 -18.81 7.67 -39.55
CA SER A 53 -18.27 6.51 -38.83
C SER A 53 -17.18 5.82 -39.64
N ALA A 54 -17.36 5.75 -40.97
CA ALA A 54 -16.34 5.13 -41.81
C ALA A 54 -15.08 6.00 -41.88
N PHE A 55 -15.26 7.32 -41.90
CA PHE A 55 -14.10 8.21 -41.91
C PHE A 55 -13.33 8.15 -40.61
N TYR A 56 -14.04 8.13 -39.47
CA TYR A 56 -13.37 8.11 -38.18
C TYR A 56 -12.63 6.80 -37.96
N GLU A 57 -13.25 5.67 -38.32
CA GLU A 57 -12.60 4.38 -38.08
C GLU A 57 -11.40 4.16 -38.99
N GLU A 58 -11.40 4.78 -40.18
CA GLU A 58 -10.24 4.67 -41.07
C GLU A 58 -9.10 5.56 -40.60
N GLN A 59 -9.40 6.79 -40.19
CA GLN A 59 -8.36 7.68 -39.70
C GLN A 59 -7.91 7.29 -38.29
N SER A 60 -8.74 6.57 -37.54
CA SER A 60 -8.26 5.98 -36.29
C SER A 60 -7.26 4.87 -36.54
N LYS A 61 -7.44 4.13 -37.64
CA LYS A 61 -6.45 3.14 -38.02
C LYS A 61 -5.14 3.79 -38.45
N LEU A 62 -5.22 4.93 -39.14
CA LEU A 62 -4.02 5.62 -39.59
C LEU A 62 -3.31 6.32 -38.44
N ALA A 63 -4.06 6.72 -37.41
CA ALA A 63 -3.45 7.41 -36.27
C ALA A 63 -2.55 6.48 -35.47
N LYS A 64 -2.85 5.17 -35.47
CA LYS A 64 -2.03 4.21 -34.75
C LYS A 64 -0.66 3.99 -35.39
N ASN A 65 -0.44 4.51 -36.60
CA ASN A 65 0.88 4.42 -37.22
C ASN A 65 1.88 5.37 -36.59
N TYR A 66 1.41 6.38 -35.86
CA TYR A 66 2.30 7.35 -35.23
C TYR A 66 2.43 7.02 -33.75
N PRO A 67 3.59 6.59 -33.28
CA PRO A 67 3.74 6.24 -31.86
C PRO A 67 3.59 7.46 -30.96
N LEU A 68 2.93 7.26 -29.81
CA LEU A 68 2.68 8.36 -28.90
C LEU A 68 3.94 8.78 -28.14
N GLU A 69 4.82 7.83 -27.81
CA GLU A 69 5.98 8.15 -27.01
C GLU A 69 6.93 9.13 -27.69
N GLU A 70 6.81 9.29 -29.00
CA GLU A 70 7.65 10.21 -29.76
C GLU A 70 6.99 11.56 -30.00
N ILE A 71 5.87 11.83 -29.32
CA ILE A 71 5.14 13.08 -29.45
C ILE A 71 5.33 13.89 -28.18
N GLN A 72 5.73 15.14 -28.32
CA GLN A 72 6.02 15.99 -27.16
C GLN A 72 5.00 17.09 -26.92
N THR A 73 4.31 17.56 -27.96
CA THR A 73 3.29 18.59 -27.79
C THR A 73 1.99 17.95 -27.32
N VAL A 74 1.47 18.42 -26.20
CA VAL A 74 0.34 17.76 -25.54
C VAL A 74 -0.98 17.94 -26.29
N PRO A 75 -1.22 19.03 -27.04
CA PRO A 75 -2.40 19.02 -27.91
C PRO A 75 -2.33 17.97 -29.01
N VAL A 76 -1.14 17.76 -29.58
CA VAL A 76 -0.97 16.71 -30.58
C VAL A 76 -1.04 15.34 -29.93
N LYS A 77 -0.42 15.18 -28.75
CA LYS A 77 -0.44 13.89 -28.07
C LYS A 77 -1.85 13.52 -27.63
N LEU A 78 -2.64 14.49 -27.18
CA LEU A 78 -4.01 14.22 -26.77
C LEU A 78 -4.87 13.84 -27.96
N GLN A 79 -4.69 14.51 -29.10
CA GLN A 79 -5.52 14.25 -30.27
C GLN A 79 -5.24 12.88 -30.85
N LEU A 80 -3.98 12.44 -30.83
CA LEU A 80 -3.67 11.10 -31.32
C LEU A 80 -4.19 10.03 -30.37
N GLN A 81 -4.19 10.30 -29.06
CA GLN A 81 -4.66 9.32 -28.10
C GLN A 81 -6.15 9.04 -28.24
N ILE A 82 -6.96 10.11 -28.40
CA ILE A 82 -8.40 9.92 -28.52
C ILE A 82 -8.75 9.22 -29.84
N LEU A 83 -7.92 9.39 -30.86
CA LEU A 83 -8.18 8.72 -32.14
C LEU A 83 -7.78 7.25 -32.06
N GLN A 84 -6.63 6.95 -31.47
CA GLN A 84 -6.17 5.57 -31.38
C GLN A 84 -7.08 4.74 -30.47
N GLN A 85 -7.61 5.37 -29.42
CA GLN A 85 -8.43 4.68 -28.43
C GLN A 85 -9.91 4.65 -28.80
N SER A 86 -10.25 4.81 -30.08
CA SER A 86 -11.63 4.94 -30.50
C SER A 86 -12.03 3.92 -31.57
N GLY A 87 -11.18 2.97 -31.90
CA GLY A 87 -11.57 1.90 -32.79
C GLY A 87 -12.36 0.84 -32.06
N SER A 88 -12.99 -0.04 -32.84
CA SER A 88 -13.76 -1.16 -32.29
C SER A 88 -13.45 -2.46 -33.02
N PRO A 89 -12.20 -2.95 -32.93
CA PRO A 89 -11.88 -4.23 -33.57
C PRO A 89 -11.65 -5.35 -32.56
N VAL A 90 -12.03 -5.10 -31.31
CA VAL A 90 -11.64 -6.00 -30.21
C VAL A 90 -12.53 -7.22 -30.07
N LEU A 91 -13.70 -7.23 -30.70
CA LEU A 91 -14.63 -8.33 -30.57
C LEU A 91 -14.89 -8.95 -31.94
N SER A 92 -15.12 -10.26 -31.94
CA SER A 92 -15.39 -10.98 -33.18
C SER A 92 -16.72 -10.53 -33.79
N GLU A 93 -16.88 -10.80 -35.08
CA GLU A 93 -18.10 -10.41 -35.78
C GLU A 93 -19.33 -11.05 -35.15
N ASP A 94 -19.23 -12.34 -34.80
CA ASP A 94 -20.35 -13.01 -34.15
C ASP A 94 -20.57 -12.46 -32.74
N LYS A 95 -19.48 -12.15 -32.04
CA LYS A 95 -19.60 -11.62 -30.68
C LYS A 95 -20.04 -10.16 -30.67
N SER A 96 -19.56 -9.36 -31.64
CA SER A 96 -19.93 -7.95 -31.68
C SER A 96 -21.42 -7.78 -31.99
N LYS A 97 -21.96 -8.58 -32.92
CA LYS A 97 -23.37 -8.47 -33.25
C LYS A 97 -24.25 -9.03 -32.15
N ARG A 98 -23.76 -10.03 -31.40
CA ARG A 98 -24.53 -10.53 -30.26
C ARG A 98 -24.66 -9.46 -29.18
N LEU A 99 -23.61 -8.68 -28.96
CA LEU A 99 -23.70 -7.57 -28.03
C LEU A 99 -24.67 -6.51 -28.53
N ASN A 100 -24.63 -6.19 -29.82
CA ASN A 100 -25.57 -5.22 -30.39
C ASN A 100 -27.00 -5.72 -30.27
N SER A 101 -27.20 -7.03 -30.43
CA SER A 101 -28.54 -7.59 -30.25
C SER A 101 -29.03 -7.41 -28.82
N ILE A 102 -28.12 -7.52 -27.86
CA ILE A 102 -28.51 -7.36 -26.45
C ILE A 102 -28.76 -5.90 -26.13
N LEU A 103 -27.89 -5.00 -26.62
CA LEU A 103 -28.07 -3.58 -26.37
C LEU A 103 -29.36 -3.07 -26.99
N ASN A 104 -29.65 -3.49 -28.24
CA ASN A 104 -30.89 -3.07 -28.89
C ASN A 104 -32.11 -3.70 -28.23
N ALA A 105 -31.98 -4.93 -27.72
CA ALA A 105 -33.10 -5.57 -27.05
C ALA A 105 -33.42 -4.87 -25.73
N MET A 106 -32.40 -4.54 -24.94
CA MET A 106 -32.62 -3.90 -23.64
C MET A 106 -33.38 -2.59 -23.79
N SER A 107 -32.96 -1.75 -24.73
CA SER A 107 -33.66 -0.50 -24.97
C SER A 107 -35.06 -0.74 -25.50
N THR A 108 -35.28 -1.88 -26.16
CA THR A 108 -36.62 -2.21 -26.66
C THR A 108 -37.53 -2.71 -25.54
N ILE A 109 -37.00 -3.55 -24.64
CA ILE A 109 -37.78 -3.98 -23.48
C ILE A 109 -38.09 -2.81 -22.57
N TYR A 110 -37.19 -1.82 -22.52
CA TYR A 110 -37.46 -0.63 -21.72
C TYR A 110 -38.55 0.24 -22.34
N SER A 111 -38.50 0.41 -23.66
CA SER A 111 -39.48 1.27 -24.33
C SER A 111 -40.87 0.63 -24.33
N THR A 112 -40.93 -0.69 -24.48
CA THR A 112 -42.19 -1.41 -24.57
C THR A 112 -42.63 -2.02 -23.24
N GLY A 113 -41.90 -1.76 -22.16
CA GLY A 113 -42.27 -2.33 -20.88
C GLY A 113 -43.59 -1.76 -20.38
N LYS A 114 -44.53 -2.65 -20.06
CA LYS A 114 -45.86 -2.25 -19.65
C LYS A 114 -46.20 -2.85 -18.29
N VAL A 115 -47.01 -2.12 -17.52
CA VAL A 115 -47.53 -2.59 -16.24
C VAL A 115 -49.05 -2.51 -16.32
N CYS A 116 -49.72 -3.63 -16.11
CA CYS A 116 -51.16 -3.72 -16.24
C CYS A 116 -51.81 -3.67 -14.86
N LYS A 117 -52.97 -3.02 -14.79
CA LYS A 117 -53.64 -2.82 -13.51
C LYS A 117 -54.00 -4.17 -12.88
N PRO A 118 -53.96 -4.26 -11.55
CA PRO A 118 -54.18 -5.58 -10.91
C PRO A 118 -55.56 -6.16 -11.16
N ASN A 119 -56.59 -5.32 -11.21
CA ASN A 119 -57.95 -5.77 -11.46
C ASN A 119 -58.38 -5.53 -12.91
N ASN A 120 -57.47 -5.12 -13.77
CA ASN A 120 -57.76 -4.85 -15.18
C ASN A 120 -56.59 -5.35 -16.01
N PRO A 121 -56.53 -6.66 -16.30
CA PRO A 121 -55.44 -7.18 -17.14
C PRO A 121 -55.42 -6.59 -18.53
N GLN A 122 -56.51 -5.97 -18.98
CA GLN A 122 -56.55 -5.35 -20.29
C GLN A 122 -56.18 -3.87 -20.25
N GLU A 123 -56.20 -3.24 -19.08
CA GLU A 123 -55.77 -1.86 -18.91
C GLU A 123 -54.29 -1.87 -18.54
N CYS A 124 -53.42 -1.69 -19.53
CA CYS A 124 -51.98 -1.74 -19.33
C CYS A 124 -51.39 -0.36 -19.59
N PHE A 125 -50.44 0.04 -18.74
CA PHE A 125 -49.83 1.35 -18.82
C PHE A 125 -48.35 1.24 -19.16
N LEU A 126 -47.83 2.27 -19.81
CA LEU A 126 -46.41 2.40 -20.09
C LEU A 126 -45.77 3.31 -19.05
N LEU A 127 -44.44 3.22 -18.94
CA LEU A 127 -43.71 4.02 -17.97
C LEU A 127 -43.97 5.51 -18.18
N GLU A 128 -43.86 5.97 -19.42
CA GLU A 128 -44.05 7.37 -19.76
C GLU A 128 -45.24 7.50 -20.70
N PRO A 129 -46.22 8.36 -20.40
CA PRO A 129 -46.23 9.25 -19.22
C PRO A 129 -47.01 8.67 -18.03
N GLY A 130 -47.58 7.49 -18.20
CA GLY A 130 -48.46 6.92 -17.19
C GLY A 130 -47.82 6.67 -15.84
N LEU A 131 -46.90 5.70 -15.77
CA LEU A 131 -46.38 5.25 -14.49
C LEU A 131 -45.60 6.34 -13.77
N ASP A 132 -44.97 7.25 -14.51
CA ASP A 132 -44.28 8.38 -13.86
C ASP A 132 -45.27 9.26 -13.11
N ASN A 133 -46.47 9.43 -13.64
CA ASN A 133 -47.47 10.25 -12.98
C ASN A 133 -47.92 9.62 -11.66
N ILE A 134 -48.08 8.30 -11.63
CA ILE A 134 -48.44 7.63 -10.39
C ILE A 134 -47.29 7.72 -9.38
N MET A 135 -46.07 7.41 -9.82
CA MET A 135 -44.94 7.42 -8.91
C MET A 135 -44.50 8.81 -8.50
N GLY A 136 -45.10 9.87 -9.06
CA GLY A 136 -44.70 11.21 -8.73
C GLY A 136 -45.75 12.02 -8.01
N THR A 137 -47.02 11.61 -8.08
CA THR A 137 -48.10 12.35 -7.47
C THR A 137 -48.93 11.53 -6.49
N SER A 138 -48.97 10.21 -6.63
CA SER A 138 -49.84 9.40 -5.78
C SER A 138 -49.34 9.36 -4.35
N LYS A 139 -50.29 9.26 -3.42
CA LYS A 139 -50.00 9.15 -2.00
C LYS A 139 -50.47 7.81 -1.43
N ASP A 140 -50.72 6.83 -2.28
CA ASP A 140 -51.25 5.54 -1.86
C ASP A 140 -50.11 4.52 -1.79
N TYR A 141 -49.99 3.84 -0.66
CA TYR A 141 -48.94 2.84 -0.48
C TYR A 141 -49.09 1.70 -1.48
N ASN A 142 -50.32 1.19 -1.63
CA ASN A 142 -50.53 0.01 -2.46
C ASN A 142 -50.46 0.32 -3.95
N GLU A 143 -50.89 1.52 -4.37
CA GLU A 143 -50.81 1.87 -5.77
C GLU A 143 -49.36 2.05 -6.21
N ARG A 144 -48.58 2.80 -5.44
CA ARG A 144 -47.17 3.01 -5.78
C ARG A 144 -46.38 1.70 -5.70
N LEU A 145 -46.74 0.82 -4.78
CA LEU A 145 -46.08 -0.48 -4.70
C LEU A 145 -46.43 -1.34 -5.92
N TRP A 146 -47.68 -1.26 -6.38
CA TRP A 146 -48.08 -2.04 -7.55
C TRP A 146 -47.31 -1.61 -8.80
N ALA A 147 -47.06 -0.31 -8.94
CA ALA A 147 -46.28 0.18 -10.08
C ALA A 147 -44.79 -0.07 -9.90
N TRP A 148 -44.31 0.04 -8.66
CA TRP A 148 -42.89 -0.20 -8.39
C TRP A 148 -42.52 -1.66 -8.61
N GLU A 149 -43.26 -2.58 -7.98
CA GLU A 149 -43.00 -4.00 -8.18
C GLU A 149 -43.39 -4.43 -9.59
N GLY A 150 -44.47 -3.86 -10.13
CA GLY A 150 -44.90 -4.23 -11.47
C GLY A 150 -43.86 -3.91 -12.52
N TRP A 151 -43.28 -2.70 -12.45
CA TRP A 151 -42.21 -2.35 -13.36
C TRP A 151 -40.97 -3.20 -13.09
N ARG A 152 -40.63 -3.39 -11.82
CA ARG A 152 -39.45 -4.18 -11.47
C ARG A 152 -39.57 -5.63 -11.94
N ALA A 153 -40.78 -6.16 -12.00
CA ALA A 153 -40.98 -7.56 -12.37
C ALA A 153 -41.17 -7.75 -13.86
N GLU A 154 -41.82 -6.80 -14.55
CA GLU A 154 -42.08 -6.97 -15.98
C GLU A 154 -40.82 -6.75 -16.81
N VAL A 155 -40.22 -5.57 -16.70
CA VAL A 155 -39.02 -5.27 -17.48
C VAL A 155 -37.76 -5.81 -16.83
N GLY A 156 -37.72 -5.88 -15.49
CA GLY A 156 -36.51 -6.35 -14.82
C GLY A 156 -36.23 -7.81 -15.06
N LYS A 157 -37.26 -8.65 -14.96
CA LYS A 157 -37.08 -10.08 -15.17
C LYS A 157 -36.64 -10.38 -16.60
N GLN A 158 -37.11 -9.61 -17.58
CA GLN A 158 -36.68 -9.81 -18.96
C GLN A 158 -35.25 -9.33 -19.17
N LEU A 159 -34.84 -8.27 -18.48
CA LEU A 159 -33.51 -7.70 -18.67
C LEU A 159 -32.43 -8.47 -17.94
N ARG A 160 -32.80 -9.32 -16.97
CA ARG A 160 -31.79 -10.02 -16.17
C ARG A 160 -30.96 -11.00 -16.99
N PRO A 161 -31.56 -11.91 -17.78
CA PRO A 161 -30.70 -12.84 -18.56
C PRO A 161 -29.82 -12.13 -19.56
N LEU A 162 -30.23 -10.96 -20.05
CA LEU A 162 -29.40 -10.21 -20.99
C LEU A 162 -28.28 -9.45 -20.30
N TYR A 163 -28.51 -8.97 -19.08
CA TYR A 163 -27.49 -8.21 -18.37
C TYR A 163 -26.33 -9.10 -17.93
N GLU A 164 -26.60 -10.36 -17.63
CA GLU A 164 -25.52 -11.28 -17.29
C GLU A 164 -24.56 -11.46 -18.46
N GLU A 165 -25.10 -11.52 -19.68
CA GLU A 165 -24.24 -11.55 -20.87
C GLU A 165 -23.66 -10.18 -21.18
N TYR A 166 -24.38 -9.11 -20.82
CA TYR A 166 -23.93 -7.76 -21.13
C TYR A 166 -22.65 -7.41 -20.38
N VAL A 167 -22.55 -7.83 -19.12
CA VAL A 167 -21.34 -7.56 -18.36
C VAL A 167 -20.19 -8.43 -18.82
N VAL A 168 -20.48 -9.62 -19.36
CA VAL A 168 -19.43 -10.49 -19.85
C VAL A 168 -18.86 -9.98 -21.17
N LEU A 169 -19.74 -9.56 -22.07
CA LEU A 169 -19.27 -9.09 -23.38
C LEU A 169 -18.65 -7.71 -23.29
N LYS A 170 -19.14 -6.85 -22.39
CA LYS A 170 -18.55 -5.53 -22.23
C LYS A 170 -17.15 -5.63 -21.63
N ASN A 171 -16.94 -6.57 -20.71
CA ASN A 171 -15.62 -6.75 -20.12
C ASN A 171 -14.63 -7.29 -21.13
N GLU A 172 -15.06 -8.25 -21.96
CA GLU A 172 -14.18 -8.75 -23.02
C GLU A 172 -13.83 -7.64 -24.01
N MET A 173 -14.76 -6.70 -24.24
CA MET A 173 -14.45 -5.55 -25.07
C MET A 173 -13.46 -4.62 -24.39
N ALA A 174 -13.67 -4.35 -23.10
CA ALA A 174 -12.77 -3.46 -22.36
C ALA A 174 -11.38 -4.05 -22.25
N ARG A 175 -11.28 -5.36 -22.02
CA ARG A 175 -9.99 -6.01 -21.97
C ARG A 175 -9.29 -6.00 -23.32
N GLY A 176 -10.04 -5.83 -24.42
CA GLY A 176 -9.41 -5.67 -25.71
C GLY A 176 -8.70 -4.34 -25.85
N TYR A 177 -9.22 -3.29 -25.24
CA TYR A 177 -8.57 -1.99 -25.19
C TYR A 177 -7.55 -1.89 -24.06
N HIS A 178 -7.14 -3.02 -23.49
CA HIS A 178 -6.15 -3.08 -22.41
C HIS A 178 -6.65 -2.30 -21.19
N TYR A 179 -7.87 -2.61 -20.76
CA TYR A 179 -8.45 -2.05 -19.54
C TYR A 179 -8.83 -3.19 -18.60
N GLU A 180 -8.94 -2.85 -17.32
CA GLU A 180 -9.22 -3.87 -16.31
C GLU A 180 -10.61 -4.45 -16.48
N ASP A 181 -11.62 -3.59 -16.61
CA ASP A 181 -13.00 -4.04 -16.80
C ASP A 181 -13.76 -2.92 -17.48
N TYR A 182 -15.07 -3.15 -17.70
CA TYR A 182 -15.91 -2.13 -18.30
C TYR A 182 -16.02 -0.89 -17.42
N GLY A 183 -15.95 -1.08 -16.09
CA GLY A 183 -15.90 0.07 -15.20
C GLY A 183 -14.62 0.85 -15.33
N ASP A 184 -13.50 0.16 -15.53
CA ASP A 184 -12.24 0.82 -15.79
C ASP A 184 -12.29 1.58 -17.11
N TYR A 185 -12.98 1.02 -18.11
CA TYR A 185 -13.15 1.71 -19.38
C TYR A 185 -13.98 2.98 -19.21
N TRP A 186 -15.01 2.92 -18.37
CA TRP A 186 -15.85 4.10 -18.17
C TRP A 186 -15.12 5.19 -17.39
N ARG A 187 -14.13 4.82 -16.60
CA ARG A 187 -13.42 5.77 -15.75
C ARG A 187 -12.22 6.40 -16.44
N ARG A 188 -11.98 6.10 -17.72
CA ARG A 188 -10.87 6.72 -18.43
C ARG A 188 -11.13 8.19 -18.73
N ASP A 189 -12.39 8.62 -18.68
CA ASP A 189 -12.72 10.01 -19.01
C ASP A 189 -12.02 10.98 -18.06
N TYR A 190 -11.90 10.60 -16.79
CA TYR A 190 -11.26 11.45 -15.79
C TYR A 190 -9.74 11.29 -15.76
N GLU A 191 -9.20 10.32 -16.50
CA GLU A 191 -7.77 10.02 -16.44
C GLU A 191 -6.98 11.12 -17.12
N THR A 192 -6.39 12.00 -16.33
CA THR A 192 -5.37 12.94 -16.80
C THR A 192 -3.98 12.43 -16.45
N GLU A 193 -3.72 11.16 -16.79
CA GLU A 193 -2.47 10.52 -16.39
C GLU A 193 -1.26 11.21 -17.00
N GLU A 194 -1.41 11.81 -18.19
CA GLU A 194 -0.30 12.49 -18.84
C GLU A 194 -0.11 13.88 -18.22
N SER A 195 0.25 13.87 -16.94
CA SER A 195 0.79 15.02 -16.24
C SER A 195 2.18 14.64 -15.75
N SER A 196 3.04 15.66 -15.60
CA SER A 196 4.39 15.39 -15.12
C SER A 196 4.36 14.68 -13.77
N GLY A 197 3.36 14.97 -12.95
CA GLY A 197 3.13 14.28 -11.70
C GLY A 197 1.67 14.41 -11.31
N SER A 198 1.26 13.57 -10.36
CA SER A 198 -0.09 13.60 -9.80
C SER A 198 -1.16 13.40 -10.87
N GLY A 199 -0.82 12.67 -11.93
CA GLY A 199 -1.79 12.38 -12.97
C GLY A 199 -2.96 11.57 -12.43
N TYR A 200 -4.18 12.04 -12.70
CA TYR A 200 -5.36 11.39 -12.16
C TYR A 200 -5.50 9.97 -12.69
N SER A 201 -5.72 9.02 -11.78
CA SER A 201 -5.83 7.62 -12.13
C SER A 201 -7.30 7.21 -12.23
N ARG A 202 -7.55 6.20 -13.07
CA ARG A 202 -8.89 5.63 -13.13
C ARG A 202 -9.29 5.00 -11.80
N ASP A 203 -8.31 4.49 -11.05
CA ASP A 203 -8.59 4.00 -9.71
C ASP A 203 -8.74 5.15 -8.71
N GLN A 204 -8.11 6.30 -9.00
CA GLN A 204 -8.23 7.44 -8.09
C GLN A 204 -9.63 8.00 -8.04
N LEU A 205 -10.40 7.87 -9.14
CA LEU A 205 -11.77 8.38 -9.13
C LEU A 205 -12.61 7.68 -8.09
N MET A 206 -12.52 6.34 -8.02
CA MET A 206 -13.27 5.60 -7.01
C MET A 206 -12.89 6.05 -5.61
N LYS A 207 -11.60 6.28 -5.36
CA LYS A 207 -11.17 6.74 -4.05
C LYS A 207 -11.76 8.12 -3.74
N ASP A 208 -11.78 9.01 -4.72
CA ASP A 208 -12.28 10.37 -4.49
C ASP A 208 -13.79 10.38 -4.28
N VAL A 209 -14.53 9.56 -5.04
CA VAL A 209 -15.97 9.49 -4.86
C VAL A 209 -16.32 8.86 -3.51
N ASP A 210 -15.53 7.88 -3.07
CA ASP A 210 -15.78 7.28 -1.76
C ASP A 210 -15.60 8.28 -0.63
N ARG A 211 -14.57 9.12 -0.71
CA ARG A 211 -14.32 10.11 0.33
C ARG A 211 -15.46 11.14 0.39
N ILE A 212 -15.95 11.55 -0.78
CA ILE A 212 -17.00 12.58 -0.82
C ILE A 212 -18.29 12.06 -0.21
N PHE A 213 -18.59 10.77 -0.42
CA PHE A 213 -19.79 10.19 0.18
C PHE A 213 -19.74 10.27 1.71
N THR A 214 -18.58 9.99 2.30
CA THR A 214 -18.43 10.12 3.75
C THR A 214 -18.51 11.57 4.20
N GLU A 215 -18.28 12.52 3.30
CA GLU A 215 -18.35 13.94 3.66
C GLU A 215 -19.76 14.50 3.51
N ILE A 216 -20.57 13.95 2.60
CA ILE A 216 -21.96 14.36 2.47
C ILE A 216 -22.90 13.56 3.37
N LYS A 217 -22.43 12.46 3.94
CA LYS A 217 -23.29 11.62 4.79
C LYS A 217 -23.93 12.37 5.95
N PRO A 218 -23.24 13.26 6.67
CA PRO A 218 -23.93 14.01 7.73
C PRO A 218 -25.11 14.84 7.24
N LEU A 219 -24.96 15.53 6.11
CA LEU A 219 -26.07 16.31 5.57
C LEU A 219 -27.18 15.41 5.05
N TYR A 220 -26.81 14.32 4.38
CA TYR A 220 -27.82 13.41 3.83
C TYR A 220 -28.58 12.70 4.95
N GLU A 221 -27.88 12.25 5.99
CA GLU A 221 -28.55 11.54 7.09
C GLU A 221 -29.52 12.45 7.82
N HIS A 222 -29.24 13.74 7.90
CA HIS A 222 -30.18 14.67 8.50
C HIS A 222 -31.34 14.98 7.56
N LEU A 223 -31.06 15.07 6.25
CA LEU A 223 -32.14 15.18 5.28
C LEU A 223 -32.99 13.92 5.25
N HIS A 224 -32.34 12.76 5.33
CA HIS A 224 -33.06 11.49 5.38
C HIS A 224 -33.97 11.42 6.61
N ALA A 225 -33.50 11.96 7.74
CA ALA A 225 -34.30 11.91 8.96
C ALA A 225 -35.50 12.84 8.87
N TYR A 226 -35.34 14.00 8.24
CA TYR A 226 -36.46 14.93 8.11
C TYR A 226 -37.54 14.38 7.18
N VAL A 227 -37.14 13.79 6.06
CA VAL A 227 -38.10 13.22 5.13
C VAL A 227 -38.86 12.07 5.78
N ARG A 228 -38.16 11.28 6.60
CA ARG A 228 -38.80 10.16 7.29
C ARG A 228 -39.92 10.65 8.20
N THR A 229 -39.68 11.74 8.93
CA THR A 229 -40.69 12.27 9.84
C THR A 229 -41.91 12.77 9.07
N LYS A 230 -41.68 13.50 7.97
CA LYS A 230 -42.80 14.02 7.20
C LYS A 230 -43.51 12.92 6.42
N LEU A 231 -42.77 11.87 6.01
CA LEU A 231 -43.42 10.77 5.31
C LEU A 231 -44.28 9.93 6.25
N MET A 232 -43.95 9.91 7.55
CA MET A 232 -44.76 9.19 8.51
C MET A 232 -46.15 9.80 8.67
N ASP A 233 -46.32 11.07 8.31
CA ASP A 233 -47.63 11.70 8.40
C ASP A 233 -48.59 11.14 7.34
N THR A 234 -48.07 10.83 6.15
CA THR A 234 -48.91 10.35 5.06
C THR A 234 -49.06 8.83 5.08
N TYR A 235 -47.99 8.10 5.39
CA TYR A 235 -48.03 6.65 5.56
C TYR A 235 -47.78 6.34 7.03
N PRO A 236 -48.82 6.29 7.86
CA PRO A 236 -48.60 6.17 9.32
C PRO A 236 -47.96 4.87 9.76
N PHE A 237 -48.58 3.73 9.41
CA PHE A 237 -48.17 2.44 9.92
C PHE A 237 -47.31 1.67 8.92
N HIS A 238 -46.60 2.37 8.04
CA HIS A 238 -45.77 1.72 7.04
C HIS A 238 -44.30 2.10 7.11
N ILE A 239 -43.94 3.14 7.85
CA ILE A 239 -42.56 3.61 7.95
C ILE A 239 -42.14 3.55 9.41
N SER A 240 -41.01 2.89 9.68
CA SER A 240 -40.54 2.83 11.05
C SER A 240 -39.65 4.03 11.36
N PRO A 241 -39.75 4.57 12.58
CA PRO A 241 -38.94 5.75 12.94
C PRO A 241 -37.45 5.48 12.98
N THR A 242 -37.01 4.22 12.99
CA THR A 242 -35.59 3.89 13.05
C THR A 242 -35.11 3.09 11.86
N GLY A 243 -36.01 2.72 10.93
CA GLY A 243 -35.64 1.93 9.78
C GLY A 243 -35.51 2.77 8.52
N CYS A 244 -35.16 2.08 7.43
CA CYS A 244 -34.98 2.73 6.14
C CYS A 244 -36.33 3.17 5.57
N LEU A 245 -36.26 3.97 4.51
CA LEU A 245 -37.45 4.45 3.82
C LEU A 245 -37.86 3.47 2.73
N PRO A 246 -39.16 3.16 2.60
CA PRO A 246 -39.59 2.26 1.53
C PRO A 246 -39.28 2.85 0.16
N ALA A 247 -38.76 1.99 -0.73
CA ALA A 247 -38.24 2.47 -2.01
C ALA A 247 -39.33 3.03 -2.91
N HIS A 248 -40.55 2.52 -2.80
CA HIS A 248 -41.65 2.93 -3.68
C HIS A 248 -42.33 4.21 -3.22
N LEU A 249 -41.79 4.91 -2.23
CA LEU A 249 -42.42 6.10 -1.67
C LEU A 249 -41.51 7.33 -1.80
N LEU A 250 -40.62 7.33 -2.79
CA LEU A 250 -39.51 8.28 -2.84
C LEU A 250 -39.68 9.34 -3.92
N GLY A 251 -40.88 9.51 -4.47
CA GLY A 251 -41.16 10.58 -5.38
C GLY A 251 -41.07 10.21 -6.85
N ASP A 252 -40.45 9.09 -7.18
CA ASP A 252 -40.42 8.59 -8.54
C ASP A 252 -40.17 7.09 -8.50
N MET A 253 -39.97 6.49 -9.68
CA MET A 253 -39.94 5.03 -9.77
C MET A 253 -38.74 4.43 -9.07
N TRP A 254 -37.63 5.16 -8.98
CA TRP A 254 -36.39 4.62 -8.44
C TRP A 254 -35.89 5.32 -7.20
N GLY A 255 -36.48 6.43 -6.79
CA GLY A 255 -35.92 7.23 -5.73
C GLY A 255 -34.73 8.06 -6.15
N ARG A 256 -34.58 8.32 -7.45
CA ARG A 256 -33.43 9.08 -7.93
C ARG A 256 -33.46 10.52 -7.42
N PHE A 257 -34.63 11.15 -7.44
CA PHE A 257 -34.79 12.50 -6.94
C PHE A 257 -35.99 12.54 -6.00
N TRP A 258 -35.82 13.21 -4.87
CA TRP A 258 -36.89 13.39 -3.89
C TRP A 258 -37.67 14.68 -4.11
N THR A 259 -37.63 15.24 -5.33
CA THR A 259 -38.26 16.53 -5.58
C THR A 259 -39.77 16.45 -5.46
N ASN A 260 -40.37 15.34 -5.86
CA ASN A 260 -41.82 15.20 -5.79
C ASN A 260 -42.32 15.01 -4.36
N LEU A 261 -41.43 14.81 -3.39
CA LEU A 261 -41.83 14.75 -1.99
C LEU A 261 -41.92 16.13 -1.34
N TYR A 262 -41.66 17.19 -2.11
CA TYR A 262 -41.73 18.54 -1.55
C TYR A 262 -43.10 18.91 -1.01
N PRO A 263 -44.23 18.60 -1.67
CA PRO A 263 -45.53 18.95 -1.07
C PRO A 263 -45.78 18.28 0.26
N LEU A 264 -45.17 17.11 0.50
CA LEU A 264 -45.34 16.41 1.77
C LEU A 264 -44.26 16.76 2.78
N THR A 265 -43.13 17.32 2.35
CA THR A 265 -42.02 17.63 3.23
C THR A 265 -41.67 19.12 3.20
N VAL A 266 -42.63 19.99 2.88
CA VAL A 266 -42.33 21.43 2.85
C VAL A 266 -42.06 21.91 4.27
N PRO A 267 -41.03 22.73 4.49
CA PRO A 267 -40.73 23.20 5.85
C PRO A 267 -41.77 24.18 6.36
N PHE A 268 -42.03 25.23 5.58
CA PHE A 268 -42.97 26.28 5.95
C PHE A 268 -43.98 26.42 4.82
N GLY A 269 -45.15 25.80 4.99
CA GLY A 269 -46.13 25.78 3.91
C GLY A 269 -46.84 27.11 3.71
N GLN A 270 -47.06 27.86 4.78
CA GLN A 270 -47.82 29.10 4.69
C GLN A 270 -47.11 30.16 3.86
N LYS A 271 -45.80 30.03 3.64
CA LYS A 271 -45.06 31.05 2.92
C LYS A 271 -45.30 30.93 1.42
N PRO A 272 -45.46 32.05 0.71
CA PRO A 272 -45.63 31.97 -0.74
C PRO A 272 -44.34 31.61 -1.44
N ASN A 273 -44.45 30.77 -2.46
CA ASN A 273 -43.28 30.36 -3.23
C ASN A 273 -43.02 31.33 -4.37
N ILE A 274 -41.80 31.27 -4.92
CA ILE A 274 -41.37 32.19 -5.97
C ILE A 274 -41.66 31.50 -7.30
N ASP A 275 -42.85 31.77 -7.84
CA ASP A 275 -43.23 31.34 -9.19
C ASP A 275 -43.59 32.59 -9.97
N VAL A 276 -42.73 32.96 -10.93
CA VAL A 276 -42.89 34.19 -11.70
C VAL A 276 -43.61 33.93 -13.02
N THR A 277 -44.12 32.72 -13.23
CA THR A 277 -44.76 32.39 -14.51
C THR A 277 -45.94 33.31 -14.79
N ASP A 278 -46.80 33.51 -13.79
CA ASP A 278 -47.95 34.39 -13.97
C ASP A 278 -47.52 35.83 -14.22
N ALA A 279 -46.42 36.25 -13.59
CA ALA A 279 -45.91 37.60 -13.83
C ALA A 279 -45.38 37.75 -15.24
N MET A 280 -44.74 36.70 -15.77
CA MET A 280 -44.24 36.74 -17.14
C MET A 280 -45.38 36.80 -18.14
N VAL A 281 -46.39 35.94 -17.96
CA VAL A 281 -47.50 35.90 -18.90
C VAL A 281 -48.21 37.25 -18.95
N ASN A 282 -48.46 37.84 -17.79
CA ASN A 282 -49.20 39.10 -17.76
C ASN A 282 -48.38 40.27 -18.29
N GLN A 283 -47.05 40.21 -18.13
CA GLN A 283 -46.19 41.29 -18.60
C GLN A 283 -45.86 41.17 -20.10
N GLY A 284 -46.52 40.28 -20.82
CA GLY A 284 -46.30 40.15 -22.24
C GLY A 284 -45.02 39.44 -22.63
N TRP A 285 -44.62 38.42 -21.86
CA TRP A 285 -43.42 37.67 -22.17
C TRP A 285 -43.71 36.60 -23.21
N ASP A 286 -42.79 36.46 -24.18
CA ASP A 286 -42.91 35.47 -25.24
C ASP A 286 -41.63 34.64 -25.27
N ALA A 287 -41.56 33.74 -26.25
CA ALA A 287 -40.41 32.85 -26.38
C ALA A 287 -39.13 33.64 -26.64
N ASN A 288 -39.22 34.68 -27.48
CA ASN A 288 -38.02 35.46 -27.81
C ASN A 288 -37.51 36.23 -26.61
N ARG A 289 -38.40 36.76 -25.78
CA ARG A 289 -37.99 37.57 -24.63
C ARG A 289 -37.18 36.72 -23.65
N ILE A 290 -37.56 35.47 -23.45
CA ILE A 290 -36.84 34.61 -22.51
C ILE A 290 -35.40 34.42 -22.96
N PHE A 291 -35.19 34.13 -24.25
CA PHE A 291 -33.85 33.94 -24.76
C PHE A 291 -33.10 35.26 -24.94
N LYS A 292 -33.83 36.35 -25.17
CA LYS A 292 -33.17 37.65 -25.28
C LYS A 292 -32.60 38.10 -23.94
N GLU A 293 -33.38 37.93 -22.86
CA GLU A 293 -32.86 38.25 -21.53
C GLU A 293 -31.76 37.27 -21.11
N ALA A 294 -31.83 36.03 -21.60
CA ALA A 294 -30.76 35.07 -21.33
C ALA A 294 -29.47 35.50 -22.02
N GLU A 295 -29.58 36.07 -23.21
CA GLU A 295 -28.40 36.60 -23.89
C GLU A 295 -27.79 37.75 -23.09
N LYS A 296 -28.63 38.57 -22.47
CA LYS A 296 -28.14 39.71 -21.71
C LYS A 296 -27.46 39.28 -20.42
N PHE A 297 -27.88 38.16 -19.83
CA PHE A 297 -27.25 37.67 -18.61
C PHE A 297 -25.78 37.34 -18.86
N PHE A 298 -25.49 36.66 -19.97
CA PHE A 298 -24.11 36.31 -20.29
C PHE A 298 -23.32 37.52 -20.79
N VAL A 299 -24.01 38.50 -21.39
CA VAL A 299 -23.33 39.73 -21.80
C VAL A 299 -22.87 40.52 -20.57
N SER A 300 -23.64 40.47 -19.48
CA SER A 300 -23.30 41.23 -18.29
C SER A 300 -21.99 40.75 -17.67
N VAL A 301 -21.73 39.44 -17.73
CA VAL A 301 -20.48 38.90 -17.21
C VAL A 301 -19.33 39.03 -18.20
N GLY A 302 -19.58 39.56 -19.39
CA GLY A 302 -18.55 39.72 -20.40
C GLY A 302 -18.52 38.64 -21.45
N LEU A 303 -19.30 37.57 -21.29
CA LEU A 303 -19.32 36.51 -22.28
C LEU A 303 -19.93 37.03 -23.58
N PRO A 304 -19.52 36.46 -24.73
CA PRO A 304 -20.02 36.97 -26.00
C PRO A 304 -21.52 36.76 -26.16
N ASN A 305 -22.12 37.62 -26.98
CA ASN A 305 -23.53 37.49 -27.31
C ASN A 305 -23.73 36.35 -28.32
N MET A 306 -25.00 36.00 -28.53
CA MET A 306 -25.32 34.90 -29.43
C MET A 306 -25.11 35.32 -30.88
N THR A 307 -24.63 34.37 -31.69
CA THR A 307 -24.42 34.63 -33.10
C THR A 307 -25.75 34.82 -33.82
N GLU A 308 -25.69 35.45 -35.00
CA GLU A 308 -26.91 35.66 -35.78
C GLU A 308 -27.47 34.34 -36.30
N GLY A 309 -26.61 33.35 -36.51
CA GLY A 309 -27.10 32.03 -36.89
C GLY A 309 -27.95 31.38 -35.82
N PHE A 310 -27.68 31.70 -34.55
CA PHE A 310 -28.49 31.16 -33.46
C PHE A 310 -29.92 31.68 -33.53
N TRP A 311 -30.10 32.95 -33.88
CA TRP A 311 -31.43 33.54 -33.86
C TRP A 311 -32.28 33.11 -35.05
N ASN A 312 -31.65 32.78 -36.18
CA ASN A 312 -32.40 32.46 -37.39
C ASN A 312 -32.43 30.98 -37.73
N ASN A 313 -31.49 30.18 -37.23
CA ASN A 313 -31.39 28.79 -37.61
C ASN A 313 -31.86 27.82 -36.53
N SER A 314 -32.08 28.29 -35.31
CA SER A 314 -32.44 27.42 -34.19
C SER A 314 -33.95 27.41 -33.99
N MET A 315 -34.45 26.29 -33.47
CA MET A 315 -35.86 26.09 -33.16
C MET A 315 -36.06 26.41 -31.69
N LEU A 316 -36.48 27.64 -31.39
CA LEU A 316 -36.73 28.07 -30.03
C LEU A 316 -38.19 27.96 -29.62
N THR A 317 -39.08 27.62 -30.55
CA THR A 317 -40.50 27.53 -30.26
C THR A 317 -41.07 26.34 -31.02
N GLU A 318 -42.07 25.70 -30.42
CA GLU A 318 -42.78 24.63 -31.12
C GLU A 318 -43.44 25.20 -32.36
N PRO A 319 -43.21 24.62 -33.55
CA PRO A 319 -43.70 25.25 -34.78
C PRO A 319 -45.21 25.38 -34.85
N GLY A 320 -45.95 24.34 -34.46
CA GLY A 320 -47.38 24.36 -34.61
C GLY A 320 -47.88 24.30 -36.04
N ASP A 321 -46.98 24.23 -37.01
CA ASP A 321 -47.35 24.13 -38.42
C ASP A 321 -47.81 22.74 -38.82
N GLY A 322 -47.70 21.76 -37.92
CA GLY A 322 -47.82 20.37 -38.27
C GLY A 322 -46.50 19.64 -38.38
N ARG A 323 -45.40 20.33 -38.12
CA ARG A 323 -44.08 19.70 -38.17
C ARG A 323 -43.87 18.83 -36.94
N LYS A 324 -43.44 17.60 -37.16
CA LYS A 324 -43.16 16.67 -36.06
C LYS A 324 -41.78 16.98 -35.51
N VAL A 325 -41.70 17.22 -34.19
CA VAL A 325 -40.49 17.73 -33.57
C VAL A 325 -40.21 16.96 -32.27
N VAL A 326 -38.96 17.02 -31.84
CA VAL A 326 -38.51 16.42 -30.60
C VAL A 326 -38.22 17.56 -29.63
N CYS A 327 -39.17 17.83 -28.73
CA CYS A 327 -39.07 18.96 -27.81
C CYS A 327 -38.36 18.51 -26.54
N HIS A 328 -37.03 18.39 -26.65
CA HIS A 328 -36.17 18.21 -25.50
C HIS A 328 -35.10 19.28 -25.52
N PRO A 329 -34.95 20.05 -24.44
CA PRO A 329 -33.96 21.14 -24.45
C PRO A 329 -32.55 20.63 -24.72
N THR A 330 -31.97 21.08 -25.82
CA THR A 330 -30.64 20.67 -26.24
C THR A 330 -29.91 21.86 -26.84
N ALA A 331 -28.59 21.88 -26.62
CA ALA A 331 -27.71 22.88 -27.21
C ALA A 331 -26.84 22.20 -28.26
N TRP A 332 -26.81 22.76 -29.46
CA TRP A 332 -26.19 22.13 -30.62
C TRP A 332 -24.91 22.87 -30.99
N ASP A 333 -23.81 22.12 -31.07
CA ASP A 333 -22.55 22.61 -31.63
C ASP A 333 -22.34 21.86 -32.94
N LEU A 334 -23.10 22.25 -33.96
CA LEU A 334 -23.01 21.57 -35.25
C LEU A 334 -21.63 21.73 -35.87
N GLY A 335 -20.96 22.83 -35.60
CA GLY A 335 -19.66 23.13 -36.18
C GLY A 335 -19.74 24.29 -37.16
N LYS A 336 -18.56 24.69 -37.63
CA LYS A 336 -18.42 25.79 -38.59
C LYS A 336 -19.12 27.05 -38.10
N GLY A 337 -18.98 27.34 -36.81
CA GLY A 337 -19.60 28.51 -36.24
C GLY A 337 -21.10 28.47 -36.12
N ASP A 338 -21.72 27.31 -36.31
CA ASP A 338 -23.17 27.16 -36.24
C ASP A 338 -23.54 26.65 -34.85
N PHE A 339 -24.19 27.51 -34.06
CA PHE A 339 -24.66 27.16 -32.73
C PHE A 339 -26.16 27.38 -32.67
N ARG A 340 -26.89 26.36 -32.19
CA ARG A 340 -28.34 26.41 -32.18
C ARG A 340 -28.87 25.79 -30.89
N ILE A 341 -30.14 26.07 -30.60
CA ILE A 341 -30.86 25.47 -29.49
C ILE A 341 -32.20 24.97 -30.02
N LYS A 342 -32.52 23.70 -29.72
CA LYS A 342 -33.81 23.11 -30.09
C LYS A 342 -34.58 22.88 -28.79
N MET A 343 -35.56 23.75 -28.54
CA MET A 343 -36.36 23.64 -27.33
C MET A 343 -37.77 24.16 -27.62
N CYS A 344 -38.77 23.38 -27.20
CA CYS A 344 -40.16 23.81 -27.27
C CYS A 344 -40.48 24.55 -25.98
N THR A 345 -40.00 25.79 -25.91
CA THR A 345 -40.12 26.57 -24.68
C THR A 345 -41.56 27.02 -24.47
N LYS A 346 -41.93 27.14 -23.19
CA LYS A 346 -43.21 27.69 -22.78
C LYS A 346 -42.95 28.90 -21.89
N VAL A 347 -43.99 29.70 -21.69
CA VAL A 347 -43.86 30.88 -20.83
C VAL A 347 -43.96 30.42 -19.38
N THR A 348 -42.91 29.74 -18.90
CA THR A 348 -42.86 29.23 -17.54
C THR A 348 -41.50 29.56 -16.94
N MET A 349 -41.46 29.59 -15.60
CA MET A 349 -40.20 29.84 -14.92
C MET A 349 -39.21 28.70 -15.13
N GLU A 350 -39.70 27.47 -15.29
CA GLU A 350 -38.82 26.35 -15.54
C GLU A 350 -38.10 26.50 -16.88
N ASP A 351 -38.79 27.01 -17.89
CA ASP A 351 -38.16 27.24 -19.19
C ASP A 351 -37.35 28.53 -19.22
N PHE A 352 -37.63 29.47 -18.30
CA PHE A 352 -36.77 30.64 -18.16
C PHE A 352 -35.38 30.23 -17.66
N LEU A 353 -35.33 29.26 -16.75
CA LEU A 353 -34.05 28.79 -16.24
C LEU A 353 -33.41 27.79 -17.19
N THR A 354 -34.22 26.94 -17.84
CA THR A 354 -33.68 25.96 -18.77
C THR A 354 -33.05 26.64 -19.99
N ALA A 355 -33.60 27.77 -20.42
CA ALA A 355 -32.97 28.53 -21.49
C ALA A 355 -31.60 29.04 -21.07
N HIS A 356 -31.49 29.51 -19.82
CA HIS A 356 -30.18 29.90 -19.30
C HIS A 356 -29.26 28.71 -19.16
N HIS A 357 -29.81 27.55 -18.79
CA HIS A 357 -29.01 26.33 -18.66
C HIS A 357 -28.41 25.93 -20.00
N GLU A 358 -29.18 26.06 -21.09
CA GLU A 358 -28.71 25.60 -22.39
C GLU A 358 -27.83 26.63 -23.09
N MET A 359 -28.11 27.92 -22.91
CA MET A 359 -27.20 28.94 -23.43
C MET A 359 -25.83 28.86 -22.76
N GLY A 360 -25.79 28.37 -21.51
CA GLY A 360 -24.51 28.10 -20.89
C GLY A 360 -23.71 27.06 -21.65
N HIS A 361 -24.38 26.02 -22.15
CA HIS A 361 -23.72 25.05 -23.01
C HIS A 361 -23.23 25.73 -24.29
N ILE A 362 -24.02 26.67 -24.82
CA ILE A 362 -23.63 27.34 -26.06
C ILE A 362 -22.42 28.23 -25.82
N GLN A 363 -22.40 28.97 -24.71
CA GLN A 363 -21.25 29.80 -24.39
C GLN A 363 -20.00 28.94 -24.16
N TYR A 364 -20.18 27.77 -23.55
CA TYR A 364 -19.11 26.78 -23.51
C TYR A 364 -18.71 26.40 -24.93
N ASP A 365 -19.67 25.93 -25.73
CA ASP A 365 -19.38 25.49 -27.09
C ASP A 365 -18.72 26.58 -27.92
N MET A 366 -19.14 27.83 -27.73
CA MET A 366 -18.56 28.92 -28.49
C MET A 366 -17.11 29.19 -28.08
N ALA A 367 -16.75 28.84 -26.85
CA ALA A 367 -15.42 29.15 -26.35
C ALA A 367 -14.36 28.18 -26.87
N TYR A 368 -14.62 26.87 -26.77
CA TYR A 368 -13.67 25.90 -27.27
C TYR A 368 -13.87 25.55 -28.74
N ALA A 369 -14.79 26.24 -29.43
CA ALA A 369 -14.97 26.01 -30.86
C ALA A 369 -13.71 26.28 -31.66
N THR A 370 -12.79 27.07 -31.10
CA THR A 370 -11.55 27.37 -31.80
C THR A 370 -10.52 26.26 -31.65
N GLN A 371 -10.59 25.49 -30.57
CA GLN A 371 -9.66 24.40 -30.34
C GLN A 371 -9.81 23.34 -31.44
N PRO A 372 -8.82 22.45 -31.57
CA PRO A 372 -8.94 21.37 -32.56
C PRO A 372 -10.19 20.54 -32.34
N TYR A 373 -10.61 19.86 -33.40
CA TYR A 373 -11.91 19.17 -33.39
C TYR A 373 -11.98 18.14 -32.28
N LEU A 374 -10.96 17.29 -32.16
CA LEU A 374 -11.01 16.22 -31.16
C LEU A 374 -10.97 16.78 -29.74
N LEU A 375 -10.41 17.97 -29.56
CA LEU A 375 -10.34 18.60 -28.25
C LEU A 375 -11.55 19.48 -27.96
N ARG A 376 -12.61 19.39 -28.76
CA ARG A 376 -13.79 20.23 -28.60
C ARG A 376 -14.81 19.50 -27.72
N ASN A 377 -14.63 19.65 -26.41
CA ASN A 377 -15.53 19.07 -25.43
C ASN A 377 -15.15 19.61 -24.06
N GLY A 378 -16.03 19.39 -23.08
CA GLY A 378 -15.71 19.75 -21.72
C GLY A 378 -14.53 18.97 -21.19
N ALA A 379 -13.92 19.50 -20.13
CA ALA A 379 -12.72 18.87 -19.57
C ALA A 379 -13.00 17.42 -19.18
N ASN A 380 -14.14 17.16 -18.54
CA ASN A 380 -14.60 15.81 -18.31
C ASN A 380 -16.12 15.82 -18.38
N GLU A 381 -16.72 14.63 -18.22
CA GLU A 381 -18.16 14.49 -18.44
C GLU A 381 -18.97 15.39 -17.50
N GLY A 382 -18.44 15.66 -16.30
CA GLY A 382 -19.18 16.48 -15.36
C GLY A 382 -19.04 17.98 -15.60
N PHE A 383 -18.05 18.39 -16.40
CA PHE A 383 -17.78 19.82 -16.55
C PHE A 383 -18.89 20.53 -17.32
N HIS A 384 -19.41 19.90 -18.38
CA HIS A 384 -20.32 20.61 -19.28
C HIS A 384 -21.64 20.94 -18.61
N GLU A 385 -22.35 19.93 -18.13
CA GLU A 385 -23.64 20.21 -17.48
C GLU A 385 -23.47 21.03 -16.21
N ALA A 386 -22.30 20.98 -15.58
CA ALA A 386 -22.06 21.79 -14.40
C ALA A 386 -22.11 23.28 -14.73
N VAL A 387 -21.47 23.67 -15.85
CA VAL A 387 -21.46 25.07 -16.25
C VAL A 387 -22.88 25.57 -16.46
N GLY A 388 -23.72 24.77 -17.13
CA GLY A 388 -25.09 25.18 -17.37
C GLY A 388 -25.92 25.30 -16.11
N GLU A 389 -25.60 24.51 -15.08
CA GLU A 389 -26.36 24.57 -13.84
C GLU A 389 -25.99 25.77 -12.99
N VAL A 390 -24.74 26.23 -13.06
CA VAL A 390 -24.33 27.40 -12.28
C VAL A 390 -25.04 28.65 -12.77
N MET A 391 -25.22 28.77 -14.09
CA MET A 391 -25.94 29.91 -14.63
C MET A 391 -27.40 29.91 -14.19
N SER A 392 -28.00 28.73 -14.05
CA SER A 392 -29.38 28.65 -13.58
C SER A 392 -29.50 29.02 -12.10
N LEU A 393 -28.45 28.77 -11.32
CA LEU A 393 -28.48 29.14 -9.90
C LEU A 393 -28.52 30.65 -9.73
N SER A 394 -27.75 31.39 -10.54
CA SER A 394 -27.62 32.83 -10.37
C SER A 394 -28.85 33.58 -10.85
N VAL A 395 -29.53 33.10 -11.89
CA VAL A 395 -30.66 33.84 -12.44
C VAL A 395 -31.96 33.54 -11.69
N ALA A 396 -32.03 32.44 -10.95
CA ALA A 396 -33.22 32.10 -10.18
C ALA A 396 -33.28 32.79 -8.84
N THR A 397 -32.25 33.57 -8.48
CA THR A 397 -32.24 34.26 -7.20
C THR A 397 -33.26 35.40 -7.19
N PRO A 398 -33.81 35.73 -6.02
CA PRO A 398 -34.80 36.82 -5.97
C PRO A 398 -34.24 38.17 -6.41
N LYS A 399 -32.94 38.40 -6.24
CA LYS A 399 -32.36 39.66 -6.71
C LYS A 399 -32.45 39.77 -8.23
N HIS A 400 -32.15 38.69 -8.94
CA HIS A 400 -32.23 38.71 -10.39
C HIS A 400 -33.66 38.86 -10.87
N LEU A 401 -34.61 38.19 -10.20
CA LEU A 401 -36.00 38.26 -10.61
C LEU A 401 -36.63 39.60 -10.26
N LYS A 402 -36.20 40.22 -9.15
CA LYS A 402 -36.72 41.53 -8.77
C LYS A 402 -36.26 42.61 -9.75
N THR A 403 -34.99 42.58 -10.13
CA THR A 403 -34.45 43.62 -11.01
C THR A 403 -35.05 43.53 -12.41
N MET A 404 -35.38 42.32 -12.87
CA MET A 404 -36.00 42.15 -14.17
C MET A 404 -37.50 42.43 -14.16
N GLY A 405 -38.06 42.81 -13.02
CA GLY A 405 -39.46 43.15 -12.93
C GLY A 405 -40.40 42.00 -12.76
N LEU A 406 -39.90 40.76 -12.76
CA LEU A 406 -40.78 39.60 -12.62
C LEU A 406 -41.23 39.36 -11.19
N LEU A 407 -40.50 39.89 -10.21
CA LEU A 407 -40.83 39.71 -8.80
C LEU A 407 -41.05 41.09 -8.18
N SER A 408 -42.12 41.22 -7.41
CA SER A 408 -42.44 42.51 -6.81
C SER A 408 -41.45 42.84 -5.70
N PRO A 409 -40.93 44.07 -5.64
CA PRO A 409 -39.93 44.39 -4.61
C PRO A 409 -40.46 44.36 -3.19
N ASP A 410 -41.78 44.28 -2.99
CA ASP A 410 -42.33 44.32 -1.64
C ASP A 410 -42.24 42.95 -0.96
N PHE A 411 -42.64 41.88 -1.66
CA PHE A 411 -42.43 40.55 -1.12
C PHE A 411 -40.94 40.27 -1.05
N LEU A 412 -40.45 39.98 0.16
CA LEU A 412 -39.01 39.97 0.42
C LEU A 412 -38.62 38.65 1.09
N GLU A 413 -37.32 38.38 1.08
CA GLU A 413 -36.79 37.14 1.60
C GLU A 413 -36.73 37.16 3.12
N ASP A 414 -37.22 36.08 3.73
CA ASP A 414 -37.04 35.84 5.16
C ASP A 414 -36.48 34.44 5.34
N ASN A 415 -36.08 34.12 6.57
CA ASN A 415 -35.46 32.83 6.83
C ASN A 415 -36.37 31.65 6.53
N GLU A 416 -37.69 31.84 6.57
CA GLU A 416 -38.62 30.75 6.27
C GLU A 416 -38.61 30.41 4.79
N THR A 417 -38.54 31.41 3.92
CA THR A 417 -38.55 31.16 2.48
C THR A 417 -37.23 30.59 2.01
N GLU A 418 -36.11 31.03 2.60
CA GLU A 418 -34.82 30.51 2.18
C GLU A 418 -34.65 29.04 2.56
N ILE A 419 -35.20 28.66 3.73
CA ILE A 419 -35.16 27.25 4.13
C ILE A 419 -36.00 26.41 3.17
N ASN A 420 -37.14 26.94 2.75
CA ASN A 420 -37.96 26.25 1.75
C ASN A 420 -37.20 26.07 0.45
N PHE A 421 -36.44 27.09 0.03
CA PHE A 421 -35.68 27.00 -1.20
C PHE A 421 -34.58 25.95 -1.10
N LEU A 422 -33.83 25.97 -0.01
CA LEU A 422 -32.73 25.04 0.13
C LEU A 422 -33.21 23.59 0.29
N LEU A 423 -34.33 23.39 0.98
CA LEU A 423 -34.88 22.04 1.10
C LEU A 423 -35.33 21.51 -0.26
N LYS A 424 -36.01 22.34 -1.05
CA LYS A 424 -36.40 21.93 -2.40
C LYS A 424 -35.20 21.58 -3.24
N GLN A 425 -34.12 22.37 -3.13
CA GLN A 425 -32.91 22.07 -3.88
C GLN A 425 -32.22 20.82 -3.33
N ALA A 426 -32.25 20.62 -2.02
CA ALA A 426 -31.59 19.46 -1.42
C ALA A 426 -32.26 18.16 -1.83
N LEU A 427 -33.58 18.16 -2.02
CA LEU A 427 -34.26 16.94 -2.46
C LEU A 427 -33.80 16.52 -3.85
N ASN A 428 -33.36 17.48 -4.66
CA ASN A 428 -32.81 17.17 -5.98
C ASN A 428 -31.30 17.04 -5.95
N ILE A 429 -30.62 18.00 -5.34
CA ILE A 429 -29.16 18.02 -5.36
C ILE A 429 -28.58 16.98 -4.41
N VAL A 430 -29.04 16.97 -3.16
CA VAL A 430 -28.44 16.10 -2.15
C VAL A 430 -29.01 14.69 -2.25
N GLY A 431 -30.33 14.57 -2.48
CA GLY A 431 -30.96 13.27 -2.45
C GLY A 431 -30.44 12.30 -3.49
N THR A 432 -29.99 12.83 -4.63
CA THR A 432 -29.52 11.97 -5.71
C THR A 432 -28.09 11.49 -5.54
N LEU A 433 -27.31 12.15 -4.67
CA LEU A 433 -25.89 11.81 -4.58
C LEU A 433 -25.65 10.42 -4.00
N PRO A 434 -26.28 10.01 -2.90
CA PRO A 434 -26.12 8.61 -2.46
C PRO A 434 -26.70 7.61 -3.46
N PHE A 435 -27.83 7.94 -4.08
CA PHE A 435 -28.42 7.04 -5.07
C PHE A 435 -27.50 6.89 -6.29
N THR A 436 -26.92 8.00 -6.74
CA THR A 436 -26.03 7.94 -7.90
C THR A 436 -24.74 7.20 -7.58
N TYR A 437 -24.17 7.44 -6.41
CA TYR A 437 -22.94 6.74 -6.01
C TYR A 437 -23.18 5.26 -5.86
N MET A 438 -24.31 4.88 -5.26
CA MET A 438 -24.59 3.47 -5.02
C MET A 438 -24.79 2.71 -6.33
N LEU A 439 -25.45 3.33 -7.31
CA LEU A 439 -25.70 2.64 -8.57
C LEU A 439 -24.41 2.37 -9.32
N GLU A 440 -23.51 3.35 -9.37
CA GLU A 440 -22.24 3.14 -10.07
C GLU A 440 -21.32 2.19 -9.30
N LYS A 441 -21.35 2.23 -7.96
CA LYS A 441 -20.53 1.32 -7.19
C LYS A 441 -20.95 -0.12 -7.38
N TRP A 442 -22.26 -0.38 -7.44
CA TRP A 442 -22.74 -1.73 -7.73
C TRP A 442 -22.33 -2.15 -9.14
N ARG A 443 -22.45 -1.24 -10.10
CA ARG A 443 -22.09 -1.57 -11.48
C ARG A 443 -20.58 -1.77 -11.60
N TRP A 444 -19.79 -0.90 -10.97
CA TRP A 444 -18.33 -1.08 -10.99
C TRP A 444 -17.95 -2.43 -10.40
N MET A 445 -18.52 -2.77 -9.24
CA MET A 445 -18.22 -4.05 -8.61
C MET A 445 -18.69 -5.22 -9.45
N VAL A 446 -19.80 -5.07 -10.17
CA VAL A 446 -20.28 -6.13 -11.03
C VAL A 446 -19.33 -6.33 -12.21
N PHE A 447 -18.87 -5.22 -12.81
CA PHE A 447 -17.90 -5.32 -13.90
C PHE A 447 -16.58 -5.90 -13.42
N ARG A 448 -16.16 -5.53 -12.21
CA ARG A 448 -14.91 -6.03 -11.65
C ARG A 448 -14.99 -7.47 -11.21
N GLY A 449 -16.19 -8.04 -11.12
CA GLY A 449 -16.35 -9.39 -10.63
C GLY A 449 -16.45 -9.53 -9.13
N GLU A 450 -16.63 -8.42 -8.40
CA GLU A 450 -16.69 -8.46 -6.95
C GLU A 450 -18.04 -8.94 -6.43
N ILE A 451 -19.08 -8.92 -7.26
CA ILE A 451 -20.41 -9.40 -6.90
C ILE A 451 -20.72 -10.60 -7.77
N PRO A 452 -20.90 -11.79 -7.21
CA PRO A 452 -21.32 -12.94 -8.02
C PRO A 452 -22.76 -12.77 -8.51
N LYS A 453 -23.08 -13.51 -9.57
CA LYS A 453 -24.42 -13.43 -10.15
C LYS A 453 -25.49 -13.87 -9.16
N GLU A 454 -25.17 -14.83 -8.29
CA GLU A 454 -26.13 -15.31 -7.31
C GLU A 454 -26.33 -14.34 -6.16
N GLU A 455 -25.57 -13.25 -6.10
CA GLU A 455 -25.71 -12.24 -5.06
C GLU A 455 -25.92 -10.84 -5.63
N TRP A 456 -26.36 -10.75 -6.89
CA TRP A 456 -26.56 -9.44 -7.52
C TRP A 456 -27.60 -8.62 -6.76
N MET A 457 -28.80 -9.18 -6.57
CA MET A 457 -29.87 -8.44 -5.92
C MET A 457 -29.73 -8.43 -4.41
N LYS A 458 -29.08 -9.45 -3.83
CA LYS A 458 -28.75 -9.41 -2.41
C LYS A 458 -27.88 -8.21 -2.09
N LYS A 459 -26.75 -8.06 -2.80
CA LYS A 459 -25.86 -6.94 -2.54
C LYS A 459 -26.51 -5.61 -2.88
N TRP A 460 -27.28 -5.57 -3.98
CA TRP A 460 -27.89 -4.32 -4.43
C TRP A 460 -28.74 -3.68 -3.34
N TRP A 461 -29.51 -4.50 -2.61
CA TRP A 461 -30.39 -3.97 -1.59
C TRP A 461 -29.70 -3.82 -0.24
N GLU A 462 -28.62 -4.56 0.01
CA GLU A 462 -27.79 -4.27 1.17
C GLU A 462 -27.12 -2.91 1.01
N MET A 463 -26.71 -2.57 -0.21
CA MET A 463 -26.21 -1.23 -0.47
C MET A 463 -27.32 -0.19 -0.42
N LYS A 464 -28.51 -0.54 -0.94
CA LYS A 464 -29.64 0.38 -0.86
C LYS A 464 -30.04 0.65 0.58
N ARG A 465 -29.92 -0.35 1.45
CA ARG A 465 -30.24 -0.16 2.86
C ARG A 465 -29.15 0.64 3.56
N ASP A 466 -27.88 0.28 3.32
CA ASP A 466 -26.78 0.88 4.06
C ASP A 466 -26.37 2.23 3.48
N LEU A 467 -26.19 2.30 2.16
CA LEU A 467 -25.64 3.49 1.53
C LEU A 467 -26.70 4.53 1.20
N VAL A 468 -27.88 4.09 0.76
CA VAL A 468 -28.97 5.01 0.43
C VAL A 468 -29.94 5.20 1.58
N GLY A 469 -30.05 4.22 2.49
CA GLY A 469 -31.02 4.31 3.56
C GLY A 469 -32.43 4.01 3.13
N VAL A 470 -32.60 3.21 2.08
CA VAL A 470 -33.91 2.85 1.57
C VAL A 470 -34.01 1.33 1.51
N VAL A 471 -35.21 0.81 1.77
CA VAL A 471 -35.43 -0.63 1.89
C VAL A 471 -36.46 -1.05 0.85
N GLU A 472 -36.27 -2.26 0.31
CA GLU A 472 -37.22 -2.78 -0.67
C GLU A 472 -38.54 -3.11 0.00
N PRO A 473 -39.68 -2.73 -0.58
CA PRO A 473 -40.96 -3.08 0.04
C PRO A 473 -41.32 -4.55 -0.10
N VAL A 474 -40.80 -5.23 -1.11
CA VAL A 474 -41.10 -6.64 -1.36
C VAL A 474 -39.79 -7.38 -1.59
N PRO A 475 -39.61 -8.57 -1.02
CA PRO A 475 -38.39 -9.34 -1.29
C PRO A 475 -38.22 -9.60 -2.78
N HIS A 476 -37.02 -9.31 -3.28
CA HIS A 476 -36.71 -9.46 -4.70
C HIS A 476 -35.69 -10.58 -4.87
N ASP A 477 -36.08 -11.60 -5.62
CA ASP A 477 -35.21 -12.74 -5.89
C ASP A 477 -34.14 -12.34 -6.91
N GLU A 478 -33.33 -13.32 -7.30
CA GLU A 478 -32.33 -13.11 -8.35
C GLU A 478 -32.89 -13.33 -9.74
N THR A 479 -34.21 -13.52 -9.86
CA THR A 479 -34.89 -13.43 -11.15
C THR A 479 -35.09 -11.99 -11.58
N TYR A 480 -34.85 -11.03 -10.70
CA TYR A 480 -35.03 -9.62 -10.99
C TYR A 480 -33.74 -9.00 -11.53
N CYS A 481 -33.84 -7.74 -11.92
CA CYS A 481 -32.69 -6.91 -12.26
C CYS A 481 -33.05 -5.46 -11.96
N ASP A 482 -33.28 -5.18 -10.68
CA ASP A 482 -33.75 -3.85 -10.28
C ASP A 482 -32.82 -2.72 -10.70
N PRO A 483 -31.48 -2.88 -10.73
CA PRO A 483 -30.66 -1.84 -11.36
C PRO A 483 -31.05 -1.55 -12.80
N ALA A 484 -31.35 -2.59 -13.58
CA ALA A 484 -31.73 -2.41 -14.98
C ALA A 484 -33.09 -1.73 -15.14
N SER A 485 -33.82 -1.51 -14.04
CA SER A 485 -35.10 -0.81 -14.14
C SER A 485 -34.92 0.65 -14.53
N LEU A 486 -33.72 1.20 -14.41
CA LEU A 486 -33.45 2.58 -14.79
C LEU A 486 -32.98 2.64 -16.24
N PHE A 487 -33.36 3.74 -16.91
CA PHE A 487 -33.02 3.92 -18.33
C PHE A 487 -31.51 3.86 -18.54
N HIS A 488 -30.75 4.53 -17.68
CA HIS A 488 -29.31 4.64 -17.88
C HIS A 488 -28.62 3.28 -17.78
N VAL A 489 -29.12 2.39 -16.91
CA VAL A 489 -28.49 1.09 -16.75
C VAL A 489 -28.83 0.17 -17.93
N ALA A 490 -30.07 0.22 -18.41
CA ALA A 490 -30.50 -0.64 -19.51
C ALA A 490 -30.08 -0.12 -20.88
N ASN A 491 -29.64 1.14 -20.97
CA ASN A 491 -29.24 1.73 -22.23
C ASN A 491 -27.74 2.02 -22.31
N ASP A 492 -26.95 1.36 -21.47
CA ASP A 492 -25.49 1.41 -21.52
C ASP A 492 -24.99 2.86 -21.42
N TYR A 493 -25.26 3.48 -20.28
CA TYR A 493 -24.87 4.86 -20.03
C TYR A 493 -24.21 4.96 -18.66
N SER A 494 -23.23 5.85 -18.56
CA SER A 494 -22.55 6.10 -17.30
C SER A 494 -23.43 6.95 -16.40
N PHE A 495 -23.24 6.79 -15.09
CA PHE A 495 -24.03 7.50 -14.09
C PHE A 495 -23.21 8.41 -13.18
N ILE A 496 -21.90 8.16 -13.05
CA ILE A 496 -21.06 9.01 -12.20
C ILE A 496 -20.95 10.42 -12.76
N ARG A 497 -21.33 10.61 -14.03
CA ARG A 497 -21.40 11.95 -14.61
C ARG A 497 -22.28 12.87 -13.78
N TYR A 498 -23.39 12.33 -13.27
CA TYR A 498 -24.30 13.14 -12.45
C TYR A 498 -23.72 13.39 -11.06
N TYR A 499 -22.84 12.50 -10.58
CA TYR A 499 -22.19 12.71 -9.30
C TYR A 499 -21.20 13.86 -9.36
N THR A 500 -20.27 13.80 -10.32
CA THR A 500 -19.18 14.78 -10.37
C THR A 500 -19.66 16.15 -10.79
N ARG A 501 -20.69 16.24 -11.63
CA ARG A 501 -21.16 17.54 -12.09
C ARG A 501 -21.66 18.38 -10.92
N THR A 502 -22.26 17.75 -9.92
CA THR A 502 -22.77 18.49 -8.77
C THR A 502 -21.64 19.05 -7.93
N ILE A 503 -20.54 18.31 -7.82
CA ILE A 503 -19.38 18.80 -7.08
C ILE A 503 -18.74 19.97 -7.83
N PHE A 504 -18.52 19.80 -9.14
CA PHE A 504 -17.91 20.85 -9.93
C PHE A 504 -18.80 22.08 -10.02
N GLU A 505 -20.11 21.89 -10.10
CA GLU A 505 -21.04 23.01 -10.24
C GLU A 505 -20.93 23.96 -9.06
N PHE A 506 -21.01 23.43 -7.83
CA PHE A 506 -20.91 24.28 -6.66
C PHE A 506 -19.47 24.72 -6.39
N GLN A 507 -18.48 23.97 -6.87
CA GLN A 507 -17.11 24.46 -6.81
C GLN A 507 -16.92 25.68 -7.70
N PHE A 508 -17.49 25.64 -8.91
CA PHE A 508 -17.49 26.82 -9.77
C PHE A 508 -18.26 27.97 -9.11
N HIS A 509 -19.38 27.65 -8.46
CA HIS A 509 -20.26 28.69 -7.93
C HIS A 509 -19.57 29.47 -6.81
N GLU A 510 -18.90 28.76 -5.88
CA GLU A 510 -18.22 29.47 -4.80
C GLU A 510 -17.06 30.30 -5.32
N ALA A 511 -16.33 29.78 -6.31
CA ALA A 511 -15.18 30.51 -6.85
C ALA A 511 -15.63 31.77 -7.58
N LEU A 512 -16.64 31.64 -8.44
CA LEU A 512 -17.09 32.80 -9.21
C LEU A 512 -17.79 33.83 -8.33
N CYS A 513 -18.51 33.39 -7.29
CA CYS A 513 -19.18 34.34 -6.42
C CYS A 513 -18.19 35.12 -5.56
N ARG A 514 -17.02 34.55 -5.28
CA ARG A 514 -15.97 35.29 -4.60
C ARG A 514 -15.48 36.45 -5.46
N ILE A 515 -15.20 36.16 -6.74
CA ILE A 515 -14.77 37.20 -7.66
C ILE A 515 -15.89 38.21 -7.89
N ALA A 516 -17.13 37.78 -7.75
CA ALA A 516 -18.28 38.67 -7.90
C ALA A 516 -18.51 39.55 -6.68
N GLN A 517 -17.67 39.44 -5.65
CA GLN A 517 -17.78 40.25 -4.43
C GLN A 517 -19.15 40.06 -3.77
N HIS A 518 -19.54 38.81 -3.58
CA HIS A 518 -20.81 38.50 -2.94
C HIS A 518 -20.70 38.68 -1.43
N ASP A 519 -21.73 39.28 -0.83
CA ASP A 519 -21.67 39.66 0.57
C ASP A 519 -21.79 38.45 1.49
N GLY A 520 -22.89 37.70 1.36
CA GLY A 520 -23.19 36.67 2.33
C GLY A 520 -23.45 35.29 1.74
N PRO A 521 -24.67 34.79 1.94
CA PRO A 521 -24.96 33.37 1.63
C PRO A 521 -24.75 33.04 0.18
N LEU A 522 -24.29 31.80 -0.07
CA LEU A 522 -24.02 31.35 -1.43
C LEU A 522 -25.30 31.14 -2.22
N HIS A 523 -26.37 30.71 -1.56
CA HIS A 523 -27.63 30.46 -2.25
C HIS A 523 -28.35 31.72 -2.69
N LYS A 524 -27.78 32.91 -2.43
CA LYS A 524 -28.38 34.17 -2.87
C LYS A 524 -27.43 34.94 -3.80
N CYS A 525 -26.48 34.25 -4.42
CA CYS A 525 -25.44 34.91 -5.19
C CYS A 525 -25.90 35.14 -6.63
N ASP A 526 -25.61 36.32 -7.15
CA ASP A 526 -25.95 36.70 -8.52
C ASP A 526 -24.68 37.11 -9.25
N ILE A 527 -24.31 36.36 -10.28
CA ILE A 527 -23.10 36.64 -11.05
C ILE A 527 -23.31 37.77 -12.05
N SER A 528 -24.54 38.24 -12.21
CA SER A 528 -24.84 39.26 -13.20
C SER A 528 -23.99 40.50 -12.99
N ASN A 529 -23.58 41.13 -14.10
CA ASN A 529 -22.81 42.37 -14.13
C ASN A 529 -21.42 42.21 -13.52
N SER A 530 -20.88 40.99 -13.50
CA SER A 530 -19.56 40.73 -12.95
C SER A 530 -18.65 40.31 -14.10
N THR A 531 -17.99 41.28 -14.73
CA THR A 531 -17.05 40.97 -15.81
C THR A 531 -15.84 40.22 -15.28
N ASP A 532 -15.44 40.48 -14.04
CA ASP A 532 -14.30 39.79 -13.45
C ASP A 532 -14.57 38.30 -13.31
N ALA A 533 -15.76 37.94 -12.81
CA ALA A 533 -16.12 36.54 -12.67
C ALA A 533 -16.32 35.88 -14.03
N GLY A 534 -16.94 36.60 -14.97
CA GLY A 534 -17.11 36.06 -16.31
C GLY A 534 -15.81 35.87 -17.05
N LYS A 535 -14.80 36.69 -16.74
CA LYS A 535 -13.50 36.53 -17.37
C LYS A 535 -12.86 35.21 -16.97
N LYS A 536 -12.92 34.86 -15.68
CA LYS A 536 -12.40 33.57 -15.23
C LYS A 536 -13.17 32.41 -15.84
N LEU A 537 -14.47 32.59 -16.08
CA LEU A 537 -15.26 31.53 -16.70
C LEU A 537 -14.81 31.27 -18.13
N HIS A 538 -14.53 32.33 -18.89
CA HIS A 538 -14.17 32.16 -20.30
C HIS A 538 -12.87 31.38 -20.46
N GLN A 539 -11.92 31.58 -19.54
CA GLN A 539 -10.67 30.84 -19.62
C GLN A 539 -10.88 29.35 -19.37
N MET A 540 -11.81 29.01 -18.47
CA MET A 540 -12.10 27.60 -18.23
C MET A 540 -12.85 26.98 -19.41
N LEU A 541 -13.75 27.74 -20.03
CA LEU A 541 -14.52 27.22 -21.15
C LEU A 541 -13.66 27.08 -22.40
N SER A 542 -12.67 27.96 -22.58
CA SER A 542 -11.94 28.01 -23.84
C SER A 542 -10.96 26.85 -24.00
N VAL A 543 -10.46 26.29 -22.89
CA VAL A 543 -9.44 25.27 -23.02
C VAL A 543 -10.02 23.92 -23.47
N GLY A 544 -11.23 23.59 -23.06
CA GLY A 544 -11.83 22.33 -23.49
C GLY A 544 -11.08 21.14 -22.92
N LYS A 545 -10.70 20.20 -23.80
CA LYS A 545 -9.88 19.06 -23.43
C LYS A 545 -8.42 19.25 -23.80
N SER A 546 -8.01 20.48 -24.13
CA SER A 546 -6.60 20.73 -24.45
C SER A 546 -5.71 20.57 -23.23
N GLN A 547 -6.23 20.89 -22.05
CA GLN A 547 -5.50 20.75 -20.79
C GLN A 547 -6.14 19.68 -19.92
N PRO A 548 -5.36 19.04 -19.06
CA PRO A 548 -5.95 18.16 -18.05
C PRO A 548 -7.00 18.90 -17.21
N TRP A 549 -8.07 18.20 -16.86
CA TRP A 549 -9.15 18.85 -16.11
C TRP A 549 -8.67 19.30 -14.73
N THR A 550 -7.64 18.64 -14.20
CA THR A 550 -7.08 19.06 -12.91
C THR A 550 -6.47 20.45 -13.01
N VAL A 551 -5.64 20.67 -14.04
CA VAL A 551 -5.03 21.99 -14.23
C VAL A 551 -6.10 23.03 -14.54
N THR A 552 -7.07 22.67 -15.38
CA THR A 552 -8.17 23.59 -15.69
C THR A 552 -8.95 23.95 -14.43
N LEU A 553 -9.20 22.96 -13.57
CA LEU A 553 -9.93 23.23 -12.34
C LEU A 553 -9.13 24.12 -11.40
N LYS A 554 -7.80 23.94 -11.37
CA LYS A 554 -6.98 24.78 -10.50
C LYS A 554 -6.96 26.23 -10.97
N ASP A 555 -7.16 26.48 -12.26
CA ASP A 555 -7.14 27.83 -12.78
C ASP A 555 -8.40 28.62 -12.43
N ILE A 556 -9.46 27.96 -12.01
CA ILE A 556 -10.73 28.61 -11.72
C ILE A 556 -11.07 28.56 -10.23
N VAL A 557 -10.84 27.42 -9.58
CA VAL A 557 -11.19 27.25 -8.17
C VAL A 557 -9.98 27.06 -7.28
N ASP A 558 -8.77 27.18 -7.82
CA ASP A 558 -7.51 27.06 -7.08
C ASP A 558 -7.31 25.67 -6.47
N SER A 559 -7.96 24.65 -7.02
CA SER A 559 -7.79 23.29 -6.54
C SER A 559 -7.78 22.33 -7.73
N ARG A 560 -6.87 21.36 -7.69
CA ARG A 560 -6.71 20.40 -8.77
C ARG A 560 -7.46 19.09 -8.50
N ASN A 561 -8.30 19.04 -7.47
CA ASN A 561 -9.04 17.83 -7.15
C ASN A 561 -10.45 18.20 -6.74
N MET A 562 -11.30 17.18 -6.65
CA MET A 562 -12.71 17.39 -6.31
C MET A 562 -12.85 17.76 -4.84
N ASP A 563 -13.76 18.67 -4.56
CA ASP A 563 -14.04 19.10 -3.18
C ASP A 563 -15.53 19.38 -3.05
N VAL A 564 -16.21 18.60 -2.19
CA VAL A 564 -17.62 18.81 -1.93
C VAL A 564 -17.87 19.88 -0.87
N GLY A 565 -16.80 20.49 -0.36
CA GLY A 565 -16.89 21.58 0.60
C GLY A 565 -17.83 22.70 0.18
N PRO A 566 -17.63 23.25 -1.03
CA PRO A 566 -18.56 24.30 -1.50
C PRO A 566 -20.01 23.86 -1.52
N LEU A 567 -20.30 22.60 -1.84
CA LEU A 567 -21.67 22.11 -1.80
C LEU A 567 -22.23 22.14 -0.39
N LEU A 568 -21.45 21.66 0.58
CA LEU A 568 -21.90 21.64 1.97
C LEU A 568 -22.04 23.05 2.53
N ARG A 569 -21.17 23.97 2.09
CA ARG A 569 -21.31 25.36 2.50
C ARG A 569 -22.51 26.03 1.85
N TYR A 570 -22.87 25.58 0.64
CA TYR A 570 -24.07 26.09 -0.02
C TYR A 570 -25.32 25.70 0.75
N PHE A 571 -25.38 24.45 1.22
CA PHE A 571 -26.50 23.95 1.99
C PHE A 571 -26.32 24.12 3.49
N GLU A 572 -25.30 24.87 3.92
CA GLU A 572 -25.06 25.04 5.35
C GLU A 572 -26.22 25.70 6.09
N PRO A 573 -26.92 26.71 5.56
CA PRO A 573 -28.09 27.22 6.28
C PRO A 573 -29.17 26.16 6.49
N LEU A 574 -29.30 25.20 5.57
CA LEU A 574 -30.25 24.11 5.78
C LEU A 574 -29.72 23.12 6.81
N TYR A 575 -28.40 22.90 6.82
CA TYR A 575 -27.81 21.94 7.75
C TYR A 575 -27.99 22.39 9.20
N THR A 576 -27.85 23.70 9.46
CA THR A 576 -28.09 24.20 10.80
C THR A 576 -29.57 24.12 11.17
N TRP A 577 -30.46 24.26 10.19
CA TRP A 577 -31.88 24.12 10.45
C TRP A 577 -32.30 22.65 10.58
N LEU A 578 -31.76 21.79 9.71
CA LEU A 578 -32.09 20.38 9.78
C LEU A 578 -31.59 19.74 11.07
N GLN A 579 -30.47 20.23 11.62
CA GLN A 579 -29.97 19.69 12.87
C GLN A 579 -30.86 20.08 14.05
N GLU A 580 -31.41 21.30 14.02
CA GLU A 580 -32.30 21.74 15.09
C GLU A 580 -33.68 21.09 14.99
N GLN A 581 -34.07 20.63 13.80
CA GLN A 581 -35.39 19.99 13.66
C GLN A 581 -35.35 18.52 14.03
N ASN A 582 -34.20 17.86 13.84
CA ASN A 582 -34.05 16.44 14.15
C ASN A 582 -33.55 16.20 15.57
N ARG A 583 -33.66 17.20 16.45
CA ARG A 583 -33.22 17.02 17.83
C ARG A 583 -34.11 16.03 18.57
N LYS A 584 -35.43 16.09 18.32
CA LYS A 584 -36.38 15.20 18.95
C LYS A 584 -36.77 14.03 18.05
N SER A 585 -36.03 13.80 16.97
CA SER A 585 -36.29 12.72 16.03
C SER A 585 -35.04 11.86 15.87
N TYR A 586 -35.25 10.60 15.49
CA TYR A 586 -34.15 9.67 15.30
C TYR A 586 -33.42 9.97 13.99
N VAL A 587 -32.09 9.98 14.06
CA VAL A 587 -31.25 10.23 12.90
C VAL A 587 -30.45 8.97 12.61
N GLY A 588 -30.53 8.48 11.38
CA GLY A 588 -29.91 7.24 10.98
C GLY A 588 -30.94 6.20 10.59
N TRP A 589 -30.44 5.02 10.25
CA TRP A 589 -31.32 3.92 9.84
C TRP A 589 -30.67 2.59 10.17
N ASN A 590 -31.51 1.62 10.50
CA ASN A 590 -31.08 0.24 10.73
C ASN A 590 -31.40 -0.60 9.50
N THR A 591 -30.40 -1.33 9.00
CA THR A 591 -30.56 -2.09 7.77
C THR A 591 -31.47 -3.30 7.91
N ASP A 592 -31.81 -3.71 9.13
CA ASP A 592 -32.54 -4.95 9.32
C ASP A 592 -34.05 -4.81 9.18
N TRP A 593 -34.59 -3.60 9.33
CA TRP A 593 -36.03 -3.42 9.23
C TRP A 593 -36.48 -3.48 7.78
N SER A 594 -37.64 -4.10 7.56
CA SER A 594 -38.24 -4.22 6.24
C SER A 594 -39.75 -4.04 6.38
N PRO A 595 -40.41 -3.48 5.36
CA PRO A 595 -41.88 -3.45 5.39
C PRO A 595 -42.49 -4.83 5.43
N TYR A 596 -41.79 -5.84 4.92
CA TYR A 596 -42.19 -7.23 5.01
C TYR A 596 -41.49 -7.97 6.14
N SER A 597 -40.77 -7.26 7.00
CA SER A 597 -39.99 -7.85 8.08
C SER A 597 -38.97 -8.85 7.55
N ASN B 16 -10.66 56.80 -70.49
CA ASN B 16 -11.85 56.01 -70.24
C ASN B 16 -11.91 55.52 -68.80
N LEU B 17 -13.09 55.06 -68.37
CA LEU B 17 -13.25 54.55 -67.02
C LEU B 17 -12.54 53.20 -66.86
N CYS B 18 -11.91 53.00 -65.72
CA CYS B 18 -11.21 51.75 -65.47
C CYS B 18 -12.21 50.62 -65.28
N PRO B 19 -11.92 49.42 -65.79
CA PRO B 19 -12.90 48.33 -65.66
C PRO B 19 -12.99 47.75 -64.26
N PHE B 20 -13.16 48.63 -63.27
CA PHE B 20 -13.36 48.17 -61.90
C PHE B 20 -14.67 47.42 -61.75
N GLY B 21 -15.67 47.75 -62.58
CA GLY B 21 -16.93 47.03 -62.54
C GLY B 21 -16.81 45.59 -62.97
N GLU B 22 -15.80 45.28 -63.81
CA GLU B 22 -15.64 43.92 -64.31
C GLU B 22 -15.17 42.98 -63.22
N VAL B 23 -14.27 43.45 -62.34
CA VAL B 23 -13.66 42.57 -61.35
C VAL B 23 -14.47 42.51 -60.06
N PHE B 24 -14.99 43.65 -59.59
CA PHE B 24 -15.72 43.66 -58.33
C PHE B 24 -17.11 43.04 -58.46
N ASN B 25 -17.82 43.37 -59.54
CA ASN B 25 -19.22 43.00 -59.72
C ASN B 25 -19.38 41.72 -60.54
N ALA B 26 -18.31 40.95 -60.71
CA ALA B 26 -18.37 39.73 -61.51
C ALA B 26 -19.17 38.65 -60.79
N THR B 27 -19.72 37.73 -61.58
CA THR B 27 -20.51 36.63 -61.04
C THR B 27 -19.67 35.36 -60.82
N ARG B 28 -18.50 35.26 -61.44
CA ARG B 28 -17.57 34.16 -61.18
C ARG B 28 -16.33 34.71 -60.49
N PHE B 29 -16.00 34.15 -59.34
CA PHE B 29 -14.77 34.46 -58.62
C PHE B 29 -13.96 33.17 -58.51
N ALA B 30 -12.64 33.30 -58.52
CA ALA B 30 -11.76 32.15 -58.57
C ALA B 30 -11.43 31.64 -57.17
N SER B 31 -10.82 30.45 -57.12
CA SER B 31 -10.32 29.91 -55.87
C SER B 31 -9.04 30.62 -55.47
N VAL B 32 -8.76 30.62 -54.16
CA VAL B 32 -7.63 31.39 -53.65
C VAL B 32 -6.31 30.83 -54.16
N TYR B 33 -6.21 29.52 -54.34
CA TYR B 33 -4.98 28.94 -54.87
C TYR B 33 -4.77 29.32 -56.32
N ALA B 34 -5.85 29.50 -57.08
CA ALA B 34 -5.75 29.93 -58.47
C ALA B 34 -6.32 31.33 -58.61
N TRP B 35 -5.77 32.28 -57.85
CA TRP B 35 -6.31 33.64 -57.83
C TRP B 35 -6.15 34.30 -59.19
N ASN B 36 -7.18 35.04 -59.60
CA ASN B 36 -7.21 35.67 -60.90
C ASN B 36 -6.48 37.02 -60.86
N ARG B 37 -5.70 37.28 -61.90
CA ARG B 37 -4.97 38.54 -62.04
C ARG B 37 -5.37 39.23 -63.34
N LYS B 38 -5.78 40.49 -63.22
CA LYS B 38 -6.17 41.31 -64.36
C LYS B 38 -5.43 42.63 -64.29
N ARG B 39 -4.76 43.01 -65.38
CA ARG B 39 -4.03 44.27 -65.43
C ARG B 39 -4.97 45.38 -65.86
N ILE B 40 -5.07 46.42 -65.03
CA ILE B 40 -5.88 47.59 -65.34
C ILE B 40 -4.93 48.71 -65.75
N SER B 41 -5.07 49.17 -66.99
CA SER B 41 -4.14 50.15 -67.54
C SER B 41 -4.86 51.07 -68.51
N ASN B 42 -4.29 52.26 -68.70
CA ASN B 42 -4.76 53.24 -69.67
C ASN B 42 -6.21 53.63 -69.41
N CYS B 43 -6.45 54.14 -68.20
CA CYS B 43 -7.79 54.57 -67.81
C CYS B 43 -7.67 55.47 -66.59
N VAL B 44 -8.72 56.26 -66.37
CA VAL B 44 -8.84 57.10 -65.17
C VAL B 44 -9.69 56.35 -64.16
N ALA B 45 -9.21 56.27 -62.93
CA ALA B 45 -9.87 55.50 -61.87
C ALA B 45 -10.30 56.44 -60.75
N ASP B 46 -11.58 56.38 -60.41
CA ASP B 46 -12.13 57.11 -59.26
C ASP B 46 -12.14 56.15 -58.08
N TYR B 47 -11.01 56.11 -57.36
CA TYR B 47 -10.89 55.22 -56.21
C TYR B 47 -11.82 55.63 -55.07
N SER B 48 -12.32 56.86 -55.08
CA SER B 48 -13.24 57.29 -54.03
C SER B 48 -14.60 56.59 -54.16
N VAL B 49 -15.06 56.38 -55.39
CA VAL B 49 -16.34 55.69 -55.61
C VAL B 49 -16.27 54.28 -55.06
N LEU B 50 -15.07 53.69 -55.03
CA LEU B 50 -14.91 52.38 -54.39
C LEU B 50 -15.01 52.51 -52.87
N TYR B 51 -14.33 53.51 -52.30
CA TYR B 51 -14.26 53.61 -50.85
C TYR B 51 -15.59 54.05 -50.25
N ASN B 52 -16.30 54.96 -50.92
CA ASN B 52 -17.57 55.44 -50.38
C ASN B 52 -18.68 54.39 -50.49
N SER B 53 -18.55 53.45 -51.41
CA SER B 53 -19.54 52.39 -51.53
C SER B 53 -19.46 51.47 -50.31
N ALA B 54 -20.54 51.45 -49.52
CA ALA B 54 -20.59 50.68 -48.28
C ALA B 54 -20.74 49.18 -48.50
N SER B 55 -20.59 48.67 -49.73
CA SER B 55 -20.76 47.25 -49.99
C SER B 55 -19.62 46.42 -49.41
N PHE B 56 -18.50 47.03 -49.06
CA PHE B 56 -17.30 46.30 -48.66
C PHE B 56 -17.14 46.32 -47.15
N SER B 57 -16.90 45.15 -46.57
CA SER B 57 -16.66 45.07 -45.13
C SER B 57 -15.21 45.39 -44.77
N THR B 58 -14.28 45.14 -45.69
CA THR B 58 -12.87 45.43 -45.48
C THR B 58 -12.36 46.27 -46.63
N PHE B 59 -11.69 47.37 -46.31
CA PHE B 59 -11.13 48.28 -47.31
C PHE B 59 -9.94 49.00 -46.67
N LYS B 60 -8.85 48.25 -46.47
CA LYS B 60 -7.64 48.76 -45.84
C LYS B 60 -6.55 48.89 -46.89
N CYS B 61 -6.00 50.10 -47.03
CA CYS B 61 -4.97 50.39 -48.02
C CYS B 61 -3.63 50.53 -47.32
N TYR B 62 -2.61 49.86 -47.87
CA TYR B 62 -1.27 49.86 -47.30
C TYR B 62 -0.31 50.58 -48.23
N GLY B 63 0.54 51.43 -47.67
CA GLY B 63 1.57 52.11 -48.42
C GLY B 63 1.17 53.47 -48.97
N VAL B 64 -0.12 53.66 -49.26
CA VAL B 64 -0.62 54.91 -49.82
C VAL B 64 -1.91 55.29 -49.11
N SER B 65 -2.17 56.59 -49.03
CA SER B 65 -3.37 57.10 -48.38
C SER B 65 -4.57 56.94 -49.31
N PRO B 66 -5.64 56.28 -48.87
CA PRO B 66 -6.78 56.03 -49.76
C PRO B 66 -7.38 57.30 -50.35
N THR B 67 -7.32 58.42 -49.63
CA THR B 67 -7.86 59.67 -50.14
C THR B 67 -7.02 60.22 -51.29
N LYS B 68 -5.71 59.99 -51.26
CA LYS B 68 -4.79 60.55 -52.24
C LYS B 68 -4.58 59.66 -53.46
N LEU B 69 -5.37 58.60 -53.62
CA LEU B 69 -5.27 57.80 -54.83
C LEU B 69 -5.77 58.56 -56.06
N ASN B 70 -6.69 59.50 -55.87
CA ASN B 70 -7.23 60.27 -56.99
C ASN B 70 -6.23 61.26 -57.56
N ASP B 71 -5.05 61.42 -56.94
CA ASP B 71 -4.03 62.32 -57.42
C ASP B 71 -2.81 61.62 -58.02
N LEU B 72 -2.55 60.39 -57.60
CA LEU B 72 -1.36 59.67 -58.06
C LEU B 72 -1.60 58.98 -59.39
N CYS B 73 -0.52 58.82 -60.15
CA CYS B 73 -0.53 58.13 -61.42
C CYS B 73 0.41 56.93 -61.35
N PHE B 74 -0.04 55.79 -61.88
CA PHE B 74 0.76 54.58 -61.90
C PHE B 74 0.86 54.03 -63.31
N THR B 75 1.92 53.23 -63.53
CA THR B 75 2.07 52.58 -64.83
C THR B 75 1.00 51.53 -65.05
N ASN B 76 0.85 50.60 -64.11
CA ASN B 76 -0.13 49.54 -64.21
C ASN B 76 -0.79 49.33 -62.85
N VAL B 77 -2.02 48.83 -62.88
CA VAL B 77 -2.77 48.50 -61.67
C VAL B 77 -3.24 47.05 -61.80
N TYR B 78 -2.97 46.25 -60.79
CA TYR B 78 -3.30 44.83 -60.80
C TYR B 78 -4.38 44.54 -59.78
N ALA B 79 -5.47 43.93 -60.23
CA ALA B 79 -6.60 43.56 -59.38
C ALA B 79 -6.65 42.05 -59.26
N ASP B 80 -6.35 41.53 -58.08
CA ASP B 80 -6.37 40.10 -57.81
C ASP B 80 -7.64 39.74 -57.05
N SER B 81 -8.34 38.70 -57.51
CA SER B 81 -9.64 38.32 -56.95
C SER B 81 -9.63 36.84 -56.57
N PHE B 82 -10.23 36.54 -55.42
CA PHE B 82 -10.35 35.17 -54.95
C PHE B 82 -11.40 35.13 -53.84
N VAL B 83 -11.67 33.93 -53.34
CA VAL B 83 -12.66 33.71 -52.28
C VAL B 83 -12.01 32.90 -51.17
N ILE B 84 -12.19 33.36 -49.92
CA ILE B 84 -11.68 32.65 -48.75
C ILE B 84 -12.75 32.63 -47.67
N ARG B 85 -12.39 32.18 -46.47
CA ARG B 85 -13.29 32.17 -45.33
C ARG B 85 -13.28 33.52 -44.63
N GLY B 86 -14.24 33.70 -43.73
CA GLY B 86 -14.36 34.97 -43.02
C GLY B 86 -13.18 35.25 -42.10
N ASP B 87 -12.72 34.23 -41.38
CA ASP B 87 -11.60 34.38 -40.46
C ASP B 87 -10.24 34.37 -41.16
N GLU B 88 -10.21 34.32 -42.48
CA GLU B 88 -8.96 34.34 -43.24
C GLU B 88 -8.70 35.67 -43.92
N VAL B 89 -9.62 36.63 -43.82
CA VAL B 89 -9.41 37.94 -44.45
C VAL B 89 -8.27 38.69 -43.76
N ARG B 90 -8.03 38.39 -42.48
CA ARG B 90 -6.92 39.04 -41.77
C ARG B 90 -5.57 38.65 -42.36
N GLN B 91 -5.46 37.45 -42.93
CA GLN B 91 -4.20 37.00 -43.49
C GLN B 91 -3.89 37.64 -44.84
N ILE B 92 -4.88 38.26 -45.49
CA ILE B 92 -4.64 39.02 -46.71
C ILE B 92 -4.15 40.40 -46.29
N ALA B 93 -2.89 40.47 -45.88
CA ALA B 93 -2.30 41.68 -45.35
C ALA B 93 -0.79 41.49 -45.29
N PRO B 94 -0.03 42.58 -45.33
CA PRO B 94 1.43 42.46 -45.27
C PRO B 94 1.90 41.88 -43.94
N GLY B 95 2.92 41.03 -44.01
CA GLY B 95 3.53 40.48 -42.81
C GLY B 95 2.66 39.53 -42.03
N GLN B 96 1.70 38.89 -42.68
CA GLN B 96 0.81 37.93 -42.02
C GLN B 96 1.19 36.51 -42.40
N THR B 97 0.93 35.58 -41.48
CA THR B 97 1.19 34.17 -41.68
C THR B 97 -0.10 33.38 -41.50
N GLY B 98 -0.13 32.21 -42.12
CA GLY B 98 -1.31 31.37 -42.08
C GLY B 98 -1.39 30.50 -43.32
N LYS B 99 -2.35 29.57 -43.30
CA LYS B 99 -2.50 28.62 -44.39
C LYS B 99 -2.74 29.32 -45.72
N ILE B 100 -3.42 30.46 -45.70
CA ILE B 100 -3.67 31.19 -46.94
C ILE B 100 -2.47 32.03 -47.35
N ALA B 101 -1.85 32.72 -46.38
CA ALA B 101 -0.74 33.60 -46.72
C ALA B 101 0.49 32.82 -47.16
N ASP B 102 0.77 31.69 -46.52
CA ASP B 102 1.99 30.96 -46.84
C ASP B 102 1.84 30.08 -48.08
N TYR B 103 0.65 29.55 -48.33
CA TYR B 103 0.47 28.54 -49.38
C TYR B 103 -0.47 28.94 -50.50
N ASN B 104 -1.18 30.06 -50.39
CA ASN B 104 -2.18 30.40 -51.40
C ASN B 104 -1.95 31.79 -51.99
N TYR B 105 -2.00 32.83 -51.15
CA TYR B 105 -1.83 34.20 -51.60
C TYR B 105 -1.00 34.95 -50.56
N LYS B 106 0.24 35.29 -50.91
CA LYS B 106 1.15 36.00 -50.02
C LYS B 106 1.22 37.46 -50.44
N LEU B 107 1.01 38.36 -49.49
CA LEU B 107 1.17 39.77 -49.77
C LEU B 107 2.56 40.22 -49.35
N PRO B 108 3.28 40.96 -50.20
CA PRO B 108 4.62 41.40 -49.82
C PRO B 108 4.59 42.39 -48.67
N ASP B 109 5.69 42.43 -47.92
CA ASP B 109 5.81 43.41 -46.84
C ASP B 109 5.83 44.83 -47.39
N ASP B 110 6.38 45.02 -48.59
CA ASP B 110 6.39 46.32 -49.26
C ASP B 110 5.17 46.50 -50.16
N PHE B 111 3.99 46.24 -49.60
CA PHE B 111 2.76 46.28 -50.37
C PHE B 111 2.26 47.72 -50.51
N THR B 112 2.03 48.14 -51.74
CA THR B 112 1.49 49.47 -52.06
C THR B 112 0.18 49.25 -52.82
N GLY B 113 -0.90 49.11 -52.07
CA GLY B 113 -2.19 48.89 -52.69
C GLY B 113 -3.30 48.83 -51.66
N CYS B 114 -4.41 48.22 -52.05
CA CYS B 114 -5.59 48.13 -51.20
C CYS B 114 -6.14 46.72 -51.24
N VAL B 115 -6.76 46.30 -50.13
CA VAL B 115 -7.39 45.00 -50.00
C VAL B 115 -8.87 45.23 -49.72
N ILE B 116 -9.73 44.71 -50.61
CA ILE B 116 -11.16 44.93 -50.53
C ILE B 116 -11.85 43.57 -50.46
N ALA B 117 -12.78 43.41 -49.51
CA ALA B 117 -13.47 42.16 -49.31
C ALA B 117 -14.92 42.42 -48.91
N TRP B 118 -15.76 41.41 -49.14
CA TRP B 118 -17.17 41.49 -48.75
C TRP B 118 -17.70 40.08 -48.57
N ASN B 119 -18.79 39.98 -47.80
CA ASN B 119 -19.40 38.68 -47.52
C ASN B 119 -20.14 38.17 -48.75
N SER B 120 -20.00 36.86 -49.01
CA SER B 120 -20.53 36.25 -50.23
C SER B 120 -21.41 35.05 -49.90
N ASN B 121 -22.14 35.10 -48.79
CA ASN B 121 -22.94 33.95 -48.40
C ASN B 121 -24.13 33.74 -49.34
N ASN B 122 -24.71 34.83 -49.83
CA ASN B 122 -25.86 34.72 -50.72
C ASN B 122 -25.47 34.18 -52.09
N LEU B 123 -24.21 34.34 -52.50
CA LEU B 123 -23.76 33.99 -53.84
C LEU B 123 -22.88 32.75 -53.87
N ASP B 124 -21.85 32.69 -53.03
CA ASP B 124 -20.83 31.66 -53.10
C ASP B 124 -21.08 30.50 -52.13
N SER B 125 -22.21 30.49 -51.44
CA SER B 125 -22.58 29.39 -50.56
C SER B 125 -23.90 28.80 -51.05
N LYS B 126 -23.99 27.47 -51.02
CA LYS B 126 -25.17 26.77 -51.50
C LYS B 126 -25.64 25.76 -50.46
N VAL B 127 -26.96 25.55 -50.42
CA VAL B 127 -27.51 24.54 -49.52
C VAL B 127 -27.02 23.17 -49.94
N GLY B 128 -26.52 22.39 -48.98
CA GLY B 128 -25.85 21.14 -49.26
C GLY B 128 -24.35 21.25 -49.36
N GLY B 129 -23.82 22.43 -49.65
CA GLY B 129 -22.38 22.64 -49.67
C GLY B 129 -21.81 22.95 -51.03
N ASN B 130 -21.19 24.12 -51.18
CA ASN B 130 -20.47 24.48 -52.39
C ASN B 130 -19.00 24.12 -52.19
N TYR B 131 -18.61 22.94 -52.70
CA TYR B 131 -17.25 22.45 -52.54
C TYR B 131 -16.37 22.79 -53.74
N ASN B 132 -16.79 23.73 -54.58
CA ASN B 132 -16.01 24.09 -55.76
C ASN B 132 -14.86 25.04 -55.45
N TYR B 133 -14.86 25.68 -54.28
CA TYR B 133 -13.77 26.57 -53.88
C TYR B 133 -12.72 25.77 -53.12
N LEU B 134 -11.47 25.90 -53.54
CA LEU B 134 -10.37 25.13 -52.98
C LEU B 134 -9.28 26.04 -52.43
N TYR B 135 -8.39 25.44 -51.66
CA TYR B 135 -7.23 26.14 -51.11
C TYR B 135 -6.09 25.14 -51.00
N ARG B 136 -4.88 25.67 -50.78
CA ARG B 136 -3.69 24.84 -50.61
C ARG B 136 -3.47 24.62 -49.11
N LEU B 137 -3.60 23.37 -48.68
CA LEU B 137 -3.39 22.99 -47.28
C LEU B 137 -1.93 22.69 -46.98
N PHE B 138 -1.21 22.09 -47.93
CA PHE B 138 0.16 21.64 -47.72
C PHE B 138 1.05 22.14 -48.84
N ARG B 139 2.24 22.62 -48.48
CA ARG B 139 3.24 22.99 -49.46
C ARG B 139 4.62 22.87 -48.82
N LYS B 140 5.60 22.45 -49.62
CA LYS B 140 6.93 22.20 -49.10
C LYS B 140 7.59 23.49 -48.63
N SER B 141 7.37 24.60 -49.34
CA SER B 141 7.94 25.88 -49.00
C SER B 141 6.85 26.94 -49.01
N ASN B 142 7.13 28.07 -48.36
CA ASN B 142 6.20 29.18 -48.33
C ASN B 142 6.20 29.92 -49.67
N LEU B 143 5.06 30.51 -50.01
CA LEU B 143 4.94 31.21 -51.27
C LEU B 143 5.71 32.53 -51.23
N LYS B 144 6.39 32.83 -52.33
CA LYS B 144 6.98 34.13 -52.49
C LYS B 144 5.88 35.18 -52.69
N PRO B 145 6.16 36.44 -52.40
CA PRO B 145 5.14 37.49 -52.57
C PRO B 145 4.62 37.54 -54.00
N PHE B 146 3.30 37.62 -54.12
CA PHE B 146 2.61 37.71 -55.42
C PHE B 146 2.91 36.51 -56.31
N GLU B 147 3.06 35.34 -55.69
CA GLU B 147 3.28 34.09 -56.42
C GLU B 147 2.03 33.23 -56.36
N ARG B 148 1.84 32.42 -57.39
CA ARG B 148 0.70 31.53 -57.52
C ARG B 148 1.20 30.10 -57.72
N ASP B 149 0.56 29.16 -57.04
CA ASP B 149 0.92 27.75 -57.13
C ASP B 149 -0.29 26.96 -57.59
N ILE B 150 -0.20 26.39 -58.80
CA ILE B 150 -1.29 25.62 -59.38
C ILE B 150 -0.91 24.14 -59.51
N SER B 151 0.10 23.70 -58.77
CA SER B 151 0.55 22.32 -58.85
C SER B 151 -0.41 21.39 -58.12
N THR B 152 -0.64 20.21 -58.71
CA THR B 152 -1.48 19.19 -58.12
C THR B 152 -0.68 17.95 -57.71
N GLU B 153 0.63 18.11 -57.49
CA GLU B 153 1.48 16.99 -57.12
C GLU B 153 1.24 16.59 -55.67
N ILE B 154 1.21 15.28 -55.42
CA ILE B 154 0.94 14.79 -54.08
C ILE B 154 2.01 15.26 -53.12
N TYR B 155 1.58 15.77 -51.96
CA TYR B 155 2.52 16.28 -50.96
C TYR B 155 3.13 15.12 -50.19
N GLN B 156 4.45 15.03 -50.21
CA GLN B 156 5.19 14.00 -49.50
C GLN B 156 5.62 14.55 -48.15
N ALA B 157 5.02 14.04 -47.08
CA ALA B 157 5.36 14.43 -45.73
C ALA B 157 6.34 13.48 -45.05
N GLY B 158 6.52 12.28 -45.61
CA GLY B 158 7.47 11.33 -45.04
C GLY B 158 8.58 10.97 -45.99
N SER B 159 9.27 9.86 -45.73
CA SER B 159 10.36 9.41 -46.58
C SER B 159 9.91 8.48 -47.69
N THR B 160 8.77 7.80 -47.52
CA THR B 160 8.30 6.88 -48.53
C THR B 160 7.86 7.64 -49.78
N PRO B 161 8.16 7.12 -50.97
CA PRO B 161 7.80 7.85 -52.19
C PRO B 161 6.30 7.78 -52.46
N CYS B 162 5.73 8.92 -52.85
CA CYS B 162 4.30 8.99 -53.08
C CYS B 162 3.91 8.30 -54.38
N ASN B 163 4.72 8.46 -55.43
CA ASN B 163 4.46 7.86 -56.74
C ASN B 163 3.10 8.28 -57.29
N GLY B 164 2.71 9.52 -57.01
CA GLY B 164 1.47 10.07 -57.54
C GLY B 164 0.20 9.49 -56.97
N VAL B 165 0.27 8.72 -55.89
CA VAL B 165 -0.89 8.09 -55.29
C VAL B 165 -1.05 8.62 -53.87
N GLU B 166 -2.25 9.10 -53.55
CA GLU B 166 -2.55 9.56 -52.21
C GLU B 166 -2.63 8.38 -51.25
N GLY B 167 -1.97 8.51 -50.09
CA GLY B 167 -1.97 7.44 -49.11
C GLY B 167 -1.39 7.84 -47.77
N PHE B 168 -0.75 6.90 -47.09
CA PHE B 168 -0.14 7.19 -45.80
C PHE B 168 1.06 8.11 -45.99
N ASN B 169 1.07 9.23 -45.28
CA ASN B 169 2.08 10.27 -45.39
C ASN B 169 2.18 10.83 -46.81
N CYS B 170 1.12 10.67 -47.60
CA CYS B 170 1.03 11.19 -48.95
C CYS B 170 -0.34 11.83 -49.10
N TYR B 171 -0.40 13.16 -49.14
CA TYR B 171 -1.65 13.90 -49.10
C TYR B 171 -1.79 14.79 -50.32
N PHE B 172 -3.03 14.97 -50.76
CA PHE B 172 -3.29 15.88 -51.86
C PHE B 172 -3.22 17.32 -51.36
N PRO B 173 -2.48 18.20 -52.05
CA PRO B 173 -2.25 19.54 -51.51
C PRO B 173 -3.49 20.42 -51.49
N LEU B 174 -4.46 20.18 -52.36
CA LEU B 174 -5.63 21.03 -52.48
C LEU B 174 -6.83 20.40 -51.78
N GLN B 175 -7.44 21.14 -50.86
CA GLN B 175 -8.63 20.71 -50.18
C GLN B 175 -9.78 21.68 -50.47
N SER B 176 -11.00 21.20 -50.30
CA SER B 176 -12.19 21.91 -50.73
C SER B 176 -12.80 22.70 -49.58
N TYR B 177 -12.97 24.00 -49.77
CA TYR B 177 -13.84 24.78 -48.91
C TYR B 177 -15.24 24.18 -48.94
N GLY B 178 -15.86 24.06 -47.77
CA GLY B 178 -17.23 23.62 -47.70
C GLY B 178 -18.15 24.74 -47.24
N PHE B 179 -18.62 25.54 -48.19
CA PHE B 179 -19.40 26.73 -47.87
C PHE B 179 -20.89 26.38 -47.82
N GLN B 180 -21.49 26.50 -46.64
CA GLN B 180 -22.90 26.28 -46.43
C GLN B 180 -23.56 27.51 -45.83
N PRO B 181 -24.80 27.80 -46.19
CA PRO B 181 -25.43 29.05 -45.74
C PRO B 181 -25.58 29.16 -44.23
N THR B 182 -25.72 28.05 -43.52
CA THR B 182 -25.93 28.07 -42.08
C THR B 182 -24.64 28.21 -41.29
N ASN B 183 -23.49 28.30 -41.95
CA ASN B 183 -22.23 28.44 -41.25
C ASN B 183 -22.13 29.80 -40.57
N GLY B 184 -21.23 29.89 -39.61
CA GLY B 184 -20.93 31.16 -38.98
C GLY B 184 -20.15 32.07 -39.91
N VAL B 185 -20.03 33.33 -39.49
CA VAL B 185 -19.31 34.31 -40.29
C VAL B 185 -17.86 33.91 -40.49
N GLY B 186 -17.28 33.22 -39.49
CA GLY B 186 -15.90 32.78 -39.62
C GLY B 186 -15.68 31.75 -40.70
N TYR B 187 -16.69 30.92 -40.97
CA TYR B 187 -16.59 29.87 -41.98
C TYR B 187 -17.38 30.20 -43.24
N GLN B 188 -17.87 31.44 -43.38
CA GLN B 188 -18.63 31.88 -44.54
C GLN B 188 -17.70 32.37 -45.64
N PRO B 189 -18.11 32.24 -46.90
CA PRO B 189 -17.25 32.68 -48.01
C PRO B 189 -17.19 34.20 -48.09
N TYR B 190 -16.01 34.72 -48.43
CA TYR B 190 -15.77 36.14 -48.60
C TYR B 190 -15.01 36.37 -49.90
N ARG B 191 -15.52 37.27 -50.74
CA ARG B 191 -14.85 37.62 -51.99
C ARG B 191 -13.87 38.76 -51.72
N VAL B 192 -12.62 38.56 -52.11
CA VAL B 192 -11.55 39.52 -51.84
C VAL B 192 -11.01 40.04 -53.17
N VAL B 193 -10.73 41.33 -53.23
CA VAL B 193 -10.11 41.96 -54.40
C VAL B 193 -8.90 42.73 -53.90
N VAL B 194 -7.71 42.38 -54.40
CA VAL B 194 -6.46 43.00 -53.99
C VAL B 194 -5.99 43.90 -55.13
N LEU B 195 -6.12 45.20 -54.94
CA LEU B 195 -5.70 46.19 -55.93
C LEU B 195 -4.23 46.53 -55.69
N SER B 196 -3.38 46.23 -56.65
CA SER B 196 -1.95 46.51 -56.58
C SER B 196 -1.61 47.67 -57.50
N PHE B 197 -0.90 48.67 -56.98
CA PHE B 197 -0.44 49.80 -57.77
C PHE B 197 1.04 49.64 -58.05
N GLU B 198 1.42 49.72 -59.32
CA GLU B 198 2.77 49.47 -59.76
C GLU B 198 3.29 50.67 -60.55
N LEU B 199 4.50 51.10 -60.22
CA LEU B 199 5.19 52.15 -60.95
C LEU B 199 6.42 51.52 -61.60
N LEU B 200 6.51 51.65 -62.92
CA LEU B 200 7.57 51.01 -63.69
C LEU B 200 8.31 52.05 -64.51
N HIS B 201 9.25 51.58 -65.35
CA HIS B 201 10.02 52.48 -66.18
C HIS B 201 9.19 53.13 -67.29
N ALA B 202 8.04 52.55 -67.61
CA ALA B 202 7.17 53.08 -68.65
C ALA B 202 6.40 54.30 -68.15
N PRO B 203 5.87 55.12 -69.05
CA PRO B 203 5.03 56.25 -68.63
C PRO B 203 3.76 55.77 -67.93
N ALA B 204 3.17 56.67 -67.16
CA ALA B 204 1.99 56.35 -66.37
C ALA B 204 0.76 56.26 -67.25
N THR B 205 -0.03 55.21 -67.06
CA THR B 205 -1.26 55.01 -67.81
C THR B 205 -2.52 55.06 -66.95
N VAL B 206 -2.43 54.75 -65.67
CA VAL B 206 -3.57 54.80 -64.76
C VAL B 206 -3.42 56.06 -63.91
N CYS B 207 -4.44 56.92 -63.96
CA CYS B 207 -4.40 58.19 -63.25
C CYS B 207 -5.75 58.44 -62.60
N GLY B 208 -5.78 59.43 -61.71
CA GLY B 208 -7.00 59.81 -61.04
C GLY B 208 -7.76 60.87 -61.82
N PRO B 209 -8.97 61.20 -61.36
CA PRO B 209 -9.77 62.20 -62.05
C PRO B 209 -9.12 63.58 -61.98
N LYS B 210 -9.67 64.50 -62.78
CA LYS B 210 -9.14 65.86 -62.84
C LYS B 210 -10.28 66.88 -62.77
N SER C 2 12.56 -4.38 35.28
CA SER C 2 13.34 -4.00 34.09
C SER C 2 13.20 -5.06 33.00
N THR C 3 13.98 -4.91 31.94
CA THR C 3 14.02 -5.87 30.86
C THR C 3 15.22 -6.80 31.01
N THR C 4 15.16 -7.93 30.32
CA THR C 4 16.25 -8.90 30.40
C THR C 4 17.52 -8.40 29.74
N GLU C 5 17.43 -7.36 28.90
CA GLU C 5 18.64 -6.78 28.33
C GLU C 5 19.40 -5.97 29.38
N ASP C 6 18.67 -5.24 30.23
CA ASP C 6 19.33 -4.47 31.28
C ASP C 6 19.98 -5.38 32.32
N ARG C 7 19.31 -6.49 32.66
CA ARG C 7 19.93 -7.46 33.55
C ARG C 7 21.13 -8.13 32.90
N ALA C 8 21.13 -8.23 31.57
CA ALA C 8 22.29 -8.79 30.87
C ALA C 8 23.44 -7.79 30.82
N LYS C 9 23.12 -6.48 30.74
CA LYS C 9 24.16 -5.47 30.82
C LYS C 9 24.89 -5.54 32.14
N ILE C 10 24.15 -5.75 33.24
CA ILE C 10 24.76 -5.83 34.55
C ILE C 10 25.55 -7.13 34.69
N PHE C 11 25.03 -8.23 34.13
CA PHE C 11 25.77 -9.49 34.17
C PHE C 11 27.08 -9.40 33.41
N LEU C 12 27.06 -8.75 32.23
CA LEU C 12 28.28 -8.61 31.46
C LEU C 12 29.24 -7.62 32.08
N ASP C 13 28.71 -6.62 32.80
CA ASP C 13 29.58 -5.71 33.54
C ASP C 13 30.35 -6.44 34.62
N ASN C 14 29.66 -7.30 35.38
CA ASN C 14 30.32 -8.09 36.41
C ASN C 14 31.24 -9.14 35.80
N PHE C 15 30.89 -9.66 34.63
CA PHE C 15 31.75 -10.66 33.98
C PHE C 15 33.05 -10.05 33.51
N ASN C 16 32.98 -8.91 32.79
CA ASN C 16 34.18 -8.30 32.25
C ASN C 16 35.14 -7.86 33.33
N ARG C 17 34.63 -7.54 34.53
CA ARG C 17 35.50 -7.09 35.61
C ARG C 17 36.32 -8.25 36.17
N GLU C 18 35.65 -9.36 36.51
CA GLU C 18 36.37 -10.50 37.06
C GLU C 18 37.15 -11.25 36.00
N ALA C 19 36.68 -11.24 34.74
CA ALA C 19 37.41 -11.93 33.68
C ALA C 19 38.71 -11.22 33.35
N GLU C 20 38.70 -9.89 33.38
CA GLU C 20 39.92 -9.13 33.10
C GLU C 20 41.03 -9.47 34.08
N GLU C 21 40.67 -9.70 35.35
CA GLU C 21 41.68 -10.03 36.35
C GLU C 21 42.12 -11.48 36.24
N LEU C 22 41.17 -12.41 36.05
CA LEU C 22 41.54 -13.82 36.01
C LEU C 22 42.27 -14.18 34.71
N SER C 23 41.92 -13.53 33.61
CA SER C 23 42.65 -13.77 32.37
C SER C 23 44.07 -13.19 32.43
N TYR C 24 44.25 -12.09 33.15
CA TYR C 24 45.58 -11.53 33.32
C TYR C 24 46.48 -12.47 34.11
N GLN C 25 45.96 -13.06 35.19
CA GLN C 25 46.76 -13.98 35.99
C GLN C 25 47.08 -15.26 35.23
N SER C 26 46.18 -15.72 34.37
CA SER C 26 46.49 -16.86 33.51
C SER C 26 47.55 -16.50 32.49
N SER C 27 47.49 -15.28 31.95
CA SER C 27 48.51 -14.84 30.99
C SER C 27 49.84 -14.60 31.68
N LEU C 28 49.83 -14.13 32.92
CA LEU C 28 51.08 -13.90 33.65
C LEU C 28 51.80 -15.20 33.92
N ALA C 29 51.06 -16.26 34.22
CA ALA C 29 51.69 -17.55 34.49
C ALA C 29 52.23 -18.19 33.22
N SER C 30 51.54 -18.00 32.10
CA SER C 30 52.03 -18.53 30.83
C SER C 30 53.29 -17.80 30.36
N TRP C 31 53.39 -16.50 30.65
CA TRP C 31 54.58 -15.75 30.27
C TRP C 31 55.80 -16.24 31.06
N GLU C 32 55.62 -16.55 32.34
CA GLU C 32 56.73 -16.99 33.16
C GLU C 32 57.30 -18.32 32.67
N TYR C 33 56.42 -19.22 32.21
CA TYR C 33 56.89 -20.50 31.69
C TYR C 33 57.62 -20.35 30.37
N ASN C 34 57.09 -19.52 29.47
CA ASN C 34 57.72 -19.33 28.16
C ASN C 34 59.05 -18.61 28.28
N THR C 35 59.24 -17.79 29.31
CA THR C 35 60.49 -17.11 29.56
C THR C 35 61.32 -17.77 30.66
N ASN C 36 60.84 -18.88 31.23
CA ASN C 36 61.58 -19.59 32.28
C ASN C 36 60.97 -20.98 32.40
N ILE C 37 61.47 -21.92 31.61
CA ILE C 37 60.95 -23.28 31.62
C ILE C 37 61.40 -23.98 32.90
N SER C 38 60.43 -24.39 33.71
CA SER C 38 60.71 -25.12 34.93
C SER C 38 59.44 -25.86 35.34
N ASP C 39 59.62 -27.01 36.00
CA ASP C 39 58.47 -27.83 36.38
C ASP C 39 57.50 -27.06 37.27
N GLU C 40 58.00 -26.15 38.11
CA GLU C 40 57.11 -25.33 38.92
C GLU C 40 56.27 -24.41 38.05
N ASN C 41 56.88 -23.80 37.04
CA ASN C 41 56.16 -22.84 36.20
C ASN C 41 55.10 -23.51 35.34
N VAL C 42 55.28 -24.78 35.00
CA VAL C 42 54.23 -25.51 34.29
C VAL C 42 53.01 -25.67 35.19
N GLN C 43 53.22 -26.04 36.45
CA GLN C 43 52.10 -26.24 37.36
C GLN C 43 51.39 -24.92 37.66
N LYS C 44 52.15 -23.85 37.90
CA LYS C 44 51.55 -22.55 38.13
C LYS C 44 50.76 -22.07 36.91
N MET C 45 51.20 -22.44 35.71
CA MET C 45 50.46 -22.08 34.50
C MET C 45 49.19 -22.90 34.37
N ASP C 46 49.26 -24.19 34.71
CA ASP C 46 48.07 -25.04 34.65
C ASP C 46 47.06 -24.69 35.74
N GLU C 47 47.54 -24.28 36.92
CA GLU C 47 46.64 -23.89 37.99
C GLU C 47 45.91 -22.59 37.65
N ALA C 48 46.63 -21.61 37.08
CA ALA C 48 46.00 -20.34 36.74
C ALA C 48 44.98 -20.51 35.62
N GLY C 49 45.22 -21.44 34.69
CA GLY C 49 44.25 -21.71 33.64
C GLY C 49 43.04 -22.47 34.14
N ALA C 50 43.21 -23.27 35.19
CA ALA C 50 42.09 -24.02 35.74
C ALA C 50 41.10 -23.10 36.45
N LYS C 51 41.60 -22.11 37.19
CA LYS C 51 40.72 -21.16 37.85
C LYS C 51 40.01 -20.28 36.83
N TRP C 52 40.71 -19.92 35.74
CA TRP C 52 40.06 -19.17 34.67
C TRP C 52 39.03 -20.01 33.95
N SER C 53 39.28 -21.31 33.81
CA SER C 53 38.31 -22.19 33.17
C SER C 53 37.10 -22.41 34.06
N ALA C 54 37.30 -22.51 35.37
CA ALA C 54 36.18 -22.69 36.29
C ALA C 54 35.29 -21.46 36.32
N PHE C 55 35.89 -20.27 36.19
CA PHE C 55 35.09 -19.04 36.11
C PHE C 55 34.29 -18.98 34.82
N TYR C 56 34.91 -19.36 33.70
CA TYR C 56 34.25 -19.27 32.41
C TYR C 56 33.11 -20.29 32.31
N GLU C 57 33.31 -21.49 32.86
CA GLU C 57 32.30 -22.53 32.75
C GLU C 57 31.02 -22.14 33.49
N GLU C 58 31.16 -21.69 34.74
CA GLU C 58 29.97 -21.38 35.54
C GLU C 58 29.28 -20.13 35.02
N GLN C 59 30.04 -19.09 34.67
CA GLN C 59 29.43 -17.89 34.11
C GLN C 59 28.86 -18.12 32.73
N SER C 60 29.28 -19.19 32.05
CA SER C 60 28.64 -19.57 30.79
C SER C 60 27.24 -20.12 31.03
N LYS C 61 27.09 -20.98 32.03
CA LYS C 61 25.77 -21.50 32.36
C LYS C 61 24.83 -20.39 32.83
N LEU C 62 25.36 -19.43 33.59
CA LEU C 62 24.54 -18.34 34.10
C LEU C 62 24.05 -17.44 32.97
N ALA C 63 24.80 -17.36 31.87
CA ALA C 63 24.41 -16.52 30.75
C ALA C 63 23.23 -17.08 29.99
N LYS C 64 23.01 -18.40 30.06
CA LYS C 64 21.85 -18.99 29.38
C LYS C 64 20.54 -18.50 29.97
N ASN C 65 20.54 -18.13 31.25
CA ASN C 65 19.34 -17.58 31.88
C ASN C 65 18.91 -16.26 31.24
N TYR C 66 19.79 -15.62 30.47
CA TYR C 66 19.45 -14.39 29.78
C TYR C 66 19.18 -14.72 28.32
N PRO C 67 17.94 -14.68 27.85
CA PRO C 67 17.62 -15.16 26.50
C PRO C 67 18.20 -14.24 25.43
N LEU C 68 18.84 -14.84 24.42
CA LEU C 68 19.37 -14.07 23.31
C LEU C 68 18.27 -13.49 22.44
N GLU C 69 17.10 -14.13 22.42
CA GLU C 69 16.01 -13.68 21.55
C GLU C 69 15.49 -12.30 21.95
N GLU C 70 15.79 -11.84 23.16
CA GLU C 70 15.27 -10.58 23.68
C GLU C 70 16.33 -9.49 23.77
N ILE C 71 17.47 -9.68 23.12
CA ILE C 71 18.55 -8.69 23.12
C ILE C 71 18.60 -8.06 21.73
N GLN C 72 18.48 -6.73 21.68
CA GLN C 72 18.45 -6.00 20.43
C GLN C 72 19.66 -5.11 20.21
N THR C 73 20.69 -5.25 21.03
CA THR C 73 21.96 -4.56 20.84
C THR C 73 23.02 -5.58 20.47
N VAL C 74 23.70 -5.35 19.35
CA VAL C 74 24.61 -6.34 18.77
C VAL C 74 25.86 -6.58 19.64
N PRO C 75 26.40 -5.59 20.41
CA PRO C 75 27.53 -5.94 21.28
C PRO C 75 27.15 -6.90 22.38
N VAL C 76 26.04 -6.62 23.07
CA VAL C 76 25.62 -7.44 24.20
C VAL C 76 25.24 -8.85 23.72
N LYS C 77 24.57 -8.94 22.56
CA LYS C 77 24.20 -10.24 22.02
C LYS C 77 25.43 -11.07 21.68
N LEU C 78 26.46 -10.43 21.12
CA LEU C 78 27.64 -11.18 20.67
C LEU C 78 28.44 -11.71 21.85
N GLN C 79 28.54 -10.93 22.93
CA GLN C 79 29.23 -11.42 24.12
C GLN C 79 28.48 -12.59 24.75
N LEU C 80 27.15 -12.50 24.81
CA LEU C 80 26.36 -13.59 25.37
C LEU C 80 26.44 -14.83 24.49
N GLN C 81 26.48 -14.65 23.17
CA GLN C 81 26.57 -15.78 22.26
C GLN C 81 27.86 -16.56 22.47
N ILE C 82 28.97 -15.85 22.70
CA ILE C 82 30.24 -16.51 22.99
C ILE C 82 30.16 -17.24 24.32
N LEU C 83 29.47 -16.64 25.30
CA LEU C 83 29.39 -17.24 26.63
C LEU C 83 28.42 -18.41 26.68
N GLN C 84 27.30 -18.32 25.96
CA GLN C 84 26.26 -19.34 26.06
C GLN C 84 26.70 -20.69 25.52
N GLN C 85 27.74 -20.74 24.68
CA GLN C 85 28.09 -21.99 24.03
C GLN C 85 28.82 -22.94 24.97
N SER C 86 29.66 -22.41 25.87
CA SER C 86 30.61 -23.25 26.56
C SER C 86 30.00 -24.01 27.74
N GLY C 87 29.00 -23.44 28.41
CA GLY C 87 28.51 -24.01 29.65
C GLY C 87 27.45 -25.08 29.51
N SER C 88 27.82 -26.25 28.98
CA SER C 88 26.90 -27.37 28.87
C SER C 88 27.67 -28.65 28.57
N PRO C 89 27.28 -29.78 29.14
CA PRO C 89 27.96 -31.06 28.84
C PRO C 89 27.78 -31.44 27.38
N VAL C 90 28.89 -31.49 26.66
CA VAL C 90 28.88 -31.92 25.26
C VAL C 90 29.35 -33.36 25.08
N LEU C 91 29.99 -33.94 26.09
CA LEU C 91 30.51 -35.29 25.99
C LEU C 91 30.49 -35.94 27.36
N SER C 92 30.33 -37.26 27.37
CA SER C 92 30.36 -38.00 28.63
C SER C 92 31.75 -37.96 29.24
N GLU C 93 31.82 -38.20 30.56
CA GLU C 93 33.09 -38.12 31.27
C GLU C 93 34.09 -39.14 30.73
N ASP C 94 33.63 -40.36 30.45
CA ASP C 94 34.52 -41.37 29.88
C ASP C 94 34.93 -41.01 28.47
N LYS C 95 34.01 -40.42 27.70
CA LYS C 95 34.38 -39.95 26.36
C LYS C 95 35.25 -38.70 26.44
N SER C 96 34.97 -37.81 27.40
CA SER C 96 35.76 -36.60 27.54
C SER C 96 37.18 -36.92 27.96
N LYS C 97 37.36 -37.86 28.89
CA LYS C 97 38.71 -38.25 29.30
C LYS C 97 39.42 -39.02 28.21
N ARG C 98 38.68 -39.81 27.43
CA ARG C 98 39.31 -40.57 26.34
C ARG C 98 39.80 -39.64 25.24
N LEU C 99 39.04 -38.57 24.95
CA LEU C 99 39.47 -37.63 23.92
C LEU C 99 40.75 -36.91 24.33
N ASN C 100 40.86 -36.51 25.60
CA ASN C 100 42.07 -35.85 26.07
C ASN C 100 43.27 -36.78 26.03
N SER C 101 43.07 -38.05 26.39
CA SER C 101 44.16 -39.02 26.28
C SER C 101 44.56 -39.24 24.83
N ILE C 102 43.61 -39.13 23.91
CA ILE C 102 43.93 -39.29 22.49
C ILE C 102 44.67 -38.07 21.96
N LEU C 103 44.23 -36.87 22.35
CA LEU C 103 44.89 -35.65 21.90
C LEU C 103 46.31 -35.56 22.45
N ASN C 104 46.50 -35.96 23.72
CA ASN C 104 47.84 -35.89 24.31
C ASN C 104 48.77 -36.93 23.69
N ALA C 105 48.23 -38.12 23.36
CA ALA C 105 49.06 -39.15 22.77
C ALA C 105 49.52 -38.78 21.37
N MET C 106 48.71 -38.04 20.62
CA MET C 106 49.07 -37.67 19.26
C MET C 106 50.20 -36.64 19.25
N SER C 107 50.13 -35.66 20.16
CA SER C 107 51.21 -34.67 20.24
C SER C 107 52.50 -35.30 20.75
N THR C 108 52.40 -36.32 21.61
CA THR C 108 53.60 -37.00 22.08
C THR C 108 54.25 -37.81 20.96
N ILE C 109 53.46 -38.53 20.17
CA ILE C 109 53.99 -39.28 19.04
C ILE C 109 54.62 -38.33 18.03
N TYR C 110 54.02 -37.15 17.85
CA TYR C 110 54.59 -36.16 16.94
C TYR C 110 55.88 -35.56 17.50
N SER C 111 55.90 -35.27 18.81
CA SER C 111 57.07 -34.60 19.39
C SER C 111 58.24 -35.56 19.56
N THR C 112 57.97 -36.83 19.83
CA THR C 112 59.02 -37.81 20.10
C THR C 112 59.25 -38.76 18.93
N GLY C 113 58.59 -38.54 17.80
CA GLY C 113 58.76 -39.42 16.65
C GLY C 113 60.15 -39.31 16.07
N LYS C 114 60.81 -40.45 15.88
CA LYS C 114 62.17 -40.50 15.37
C LYS C 114 62.23 -41.41 14.15
N VAL C 115 63.16 -41.09 13.25
CA VAL C 115 63.41 -41.87 12.05
C VAL C 115 64.90 -42.23 12.03
N CYS C 116 65.19 -43.52 11.93
CA CYS C 116 66.55 -44.03 11.99
C CYS C 116 67.08 -44.34 10.60
N LYS C 117 68.39 -44.22 10.45
CA LYS C 117 69.02 -44.48 9.16
C LYS C 117 68.92 -45.96 8.81
N PRO C 118 68.87 -46.30 7.51
CA PRO C 118 68.66 -47.71 7.13
C PRO C 118 69.78 -48.64 7.57
N ASN C 119 71.03 -48.17 7.59
CA ASN C 119 72.16 -49.02 7.92
C ASN C 119 72.77 -48.70 9.28
N ASN C 120 72.14 -47.83 10.07
CA ASN C 120 72.59 -47.54 11.43
C ASN C 120 71.35 -47.38 12.30
N PRO C 121 70.91 -48.46 12.95
CA PRO C 121 69.66 -48.40 13.72
C PRO C 121 69.69 -47.44 14.90
N GLN C 122 70.88 -47.03 15.35
CA GLN C 122 70.99 -46.06 16.43
C GLN C 122 71.22 -44.64 15.96
N GLU C 123 71.46 -44.43 14.66
CA GLU C 123 71.52 -43.08 14.08
C GLU C 123 70.11 -42.69 13.69
N CYS C 124 69.38 -42.11 14.63
CA CYS C 124 67.98 -41.74 14.44
C CYS C 124 67.83 -40.24 14.52
N PHE C 125 67.02 -39.69 13.62
CA PHE C 125 66.79 -38.26 13.52
C PHE C 125 65.35 -37.93 13.91
N LEU C 126 65.19 -36.77 14.56
CA LEU C 126 63.89 -36.25 14.95
C LEU C 126 63.52 -35.09 14.03
N LEU C 127 62.22 -34.84 13.89
CA LEU C 127 61.75 -33.84 12.94
C LEU C 127 62.36 -32.47 13.20
N GLU C 128 62.56 -32.12 14.47
CA GLU C 128 63.18 -30.85 14.84
C GLU C 128 64.44 -31.11 15.62
N PRO C 129 65.63 -30.70 15.13
CA PRO C 129 65.80 -30.04 13.84
C PRO C 129 66.33 -30.97 12.75
N GLY C 130 66.41 -32.26 13.06
CA GLY C 130 67.04 -33.23 12.18
C GLY C 130 66.42 -33.38 10.81
N LEU C 131 65.20 -33.90 10.75
CA LEU C 131 64.57 -34.19 9.47
C LEU C 131 64.14 -32.93 8.72
N ASP C 132 63.89 -31.83 9.44
CA ASP C 132 63.58 -30.58 8.76
C ASP C 132 64.79 -30.03 8.01
N ASN C 133 65.99 -30.24 8.55
CA ASN C 133 67.19 -29.77 7.87
C ASN C 133 67.45 -30.57 6.60
N ILE C 134 67.19 -31.88 6.63
CA ILE C 134 67.42 -32.71 5.45
C ILE C 134 66.45 -32.33 4.34
N MET C 135 65.16 -32.20 4.68
CA MET C 135 64.15 -31.88 3.68
C MET C 135 64.25 -30.45 3.17
N GLY C 136 65.09 -29.61 3.76
CA GLY C 136 65.20 -28.23 3.34
C GLY C 136 66.49 -27.90 2.62
N THR C 137 67.47 -28.78 2.66
CA THR C 137 68.78 -28.51 2.08
C THR C 137 69.24 -29.58 1.11
N SER C 138 68.81 -30.82 1.32
CA SER C 138 69.34 -31.93 0.54
C SER C 138 68.83 -31.91 -0.91
N LYS C 139 69.67 -32.42 -1.81
CA LYS C 139 69.30 -32.58 -3.22
C LYS C 139 69.41 -34.04 -3.66
N ASP C 140 69.41 -34.97 -2.72
CA ASP C 140 69.52 -36.39 -3.02
C ASP C 140 68.13 -37.01 -3.00
N TYR C 141 67.75 -37.66 -4.10
CA TYR C 141 66.43 -38.28 -4.20
C TYR C 141 66.23 -39.35 -3.13
N ASN C 142 67.24 -40.20 -2.94
CA ASN C 142 67.09 -41.32 -2.02
C ASN C 142 67.11 -40.87 -0.56
N GLU C 143 67.85 -39.80 -0.25
CA GLU C 143 67.88 -39.32 1.13
C GLU C 143 66.55 -38.69 1.52
N ARG C 144 66.00 -37.84 0.64
CA ARG C 144 64.70 -37.26 0.91
C ARG C 144 63.60 -38.32 0.89
N LEU C 145 63.76 -39.36 0.08
CA LEU C 145 62.80 -40.46 0.10
C LEU C 145 62.83 -41.20 1.42
N TRP C 146 64.03 -41.39 1.98
CA TRP C 146 64.16 -42.07 3.28
C TRP C 146 63.51 -41.25 4.39
N ALA C 147 63.68 -39.93 4.36
CA ALA C 147 63.10 -39.09 5.40
C ALA C 147 61.60 -38.94 5.22
N TRP C 148 61.13 -38.87 3.97
CA TRP C 148 59.70 -38.73 3.72
C TRP C 148 58.96 -40.00 4.11
N GLU C 149 59.40 -41.15 3.60
CA GLU C 149 58.75 -42.40 3.97
C GLU C 149 58.97 -42.73 5.44
N GLY C 150 60.12 -42.36 6.01
CA GLY C 150 60.39 -42.69 7.39
C GLY C 150 59.43 -42.03 8.36
N TRP C 151 59.17 -40.74 8.15
CA TRP C 151 58.27 -40.00 9.05
C TRP C 151 56.85 -40.56 8.96
N ARG C 152 56.39 -40.87 7.74
CA ARG C 152 55.04 -41.39 7.55
C ARG C 152 54.90 -42.85 7.98
N ALA C 153 56.00 -43.59 8.06
CA ALA C 153 55.96 -44.99 8.48
C ALA C 153 56.09 -45.17 9.98
N GLU C 154 56.80 -44.27 10.66
CA GLU C 154 56.95 -44.35 12.11
C GLU C 154 55.90 -43.52 12.84
N VAL C 155 55.72 -42.26 12.43
CA VAL C 155 54.78 -41.38 13.10
C VAL C 155 53.36 -41.58 12.56
N GLY C 156 53.23 -41.69 11.23
CA GLY C 156 51.90 -41.76 10.64
C GLY C 156 51.16 -43.04 11.00
N LYS C 157 51.86 -44.18 10.90
CA LYS C 157 51.22 -45.46 11.18
C LYS C 157 50.76 -45.56 12.63
N GLN C 158 51.44 -44.87 13.55
CA GLN C 158 51.03 -44.89 14.95
C GLN C 158 49.79 -44.05 15.18
N LEU C 159 49.61 -42.98 14.40
CA LEU C 159 48.54 -42.02 14.64
C LEU C 159 47.21 -42.42 14.01
N ARG C 160 47.20 -43.39 13.09
CA ARG C 160 45.95 -43.74 12.42
C ARG C 160 44.90 -44.31 13.37
N PRO C 161 45.20 -45.28 14.24
CA PRO C 161 44.18 -45.73 15.20
C PRO C 161 43.73 -44.62 16.13
N LEU C 162 44.62 -43.67 16.45
CA LEU C 162 44.25 -42.55 17.31
C LEU C 162 43.36 -41.56 16.56
N TYR C 163 43.67 -41.30 15.29
CA TYR C 163 42.88 -40.35 14.52
C TYR C 163 41.48 -40.89 14.22
N GLU C 164 41.34 -42.21 14.08
CA GLU C 164 40.03 -42.78 13.80
C GLU C 164 39.08 -42.60 14.98
N GLU C 165 39.58 -42.76 16.21
CA GLU C 165 38.78 -42.41 17.37
C GLU C 165 38.62 -40.91 17.50
N TYR C 166 39.62 -40.15 17.05
CA TYR C 166 39.60 -38.70 17.24
C TYR C 166 38.48 -38.05 16.42
N VAL C 167 38.25 -38.54 15.20
CA VAL C 167 37.19 -37.97 14.38
C VAL C 167 35.81 -38.36 14.92
N VAL C 168 35.68 -39.56 15.49
CA VAL C 168 34.40 -39.99 16.03
C VAL C 168 34.02 -39.19 17.25
N LEU C 169 34.98 -39.00 18.18
CA LEU C 169 34.69 -38.25 19.39
C LEU C 169 34.55 -36.76 19.12
N LYS C 170 35.33 -36.22 18.18
CA LYS C 170 35.20 -34.82 17.85
C LYS C 170 33.87 -34.51 17.17
N ASN C 171 33.36 -35.45 16.37
CA ASN C 171 32.06 -35.26 15.73
C ASN C 171 30.93 -35.33 16.76
N GLU C 172 31.04 -36.23 17.73
CA GLU C 172 30.05 -36.29 18.79
C GLU C 172 30.05 -35.00 19.60
N MET C 173 31.24 -34.43 19.84
CA MET C 173 31.31 -33.16 20.55
C MET C 173 30.64 -32.04 19.76
N ALA C 174 30.92 -31.99 18.45
CA ALA C 174 30.32 -30.96 17.61
C ALA C 174 28.80 -31.08 17.58
N ARG C 175 28.29 -32.30 17.48
CA ARG C 175 26.85 -32.52 17.57
C ARG C 175 26.31 -32.12 18.93
N GLY C 176 27.15 -32.16 19.96
CA GLY C 176 26.75 -31.67 21.26
C GLY C 176 26.52 -30.17 21.26
N TYR C 177 27.38 -29.42 20.56
CA TYR C 177 27.19 -27.99 20.36
C TYR C 177 26.14 -27.70 19.30
N HIS C 178 25.38 -28.70 18.85
CA HIS C 178 24.35 -28.54 17.82
C HIS C 178 24.97 -28.06 16.50
N TYR C 179 26.05 -28.72 16.09
CA TYR C 179 26.70 -28.48 14.82
C TYR C 179 26.67 -29.76 13.99
N GLU C 180 26.85 -29.60 12.67
CA GLU C 180 26.76 -30.73 11.77
C GLU C 180 27.89 -31.73 12.00
N ASP C 181 29.14 -31.25 12.00
CA ASP C 181 30.30 -32.09 12.23
C ASP C 181 31.41 -31.22 12.80
N TYR C 182 32.56 -31.84 13.09
CA TYR C 182 33.68 -31.09 13.62
C TYR C 182 34.18 -30.06 12.61
N GLY C 183 34.07 -30.35 11.32
CA GLY C 183 34.38 -29.35 10.31
C GLY C 183 33.40 -28.18 10.37
N ASP C 184 32.12 -28.47 10.63
CA ASP C 184 31.15 -27.40 10.81
C ASP C 184 31.48 -26.56 12.04
N TYR C 185 32.03 -27.18 13.08
CA TYR C 185 32.42 -26.43 14.27
C TYR C 185 33.57 -25.47 13.96
N TRP C 186 34.49 -25.88 13.09
CA TRP C 186 35.63 -25.02 12.76
C TRP C 186 35.21 -23.81 11.92
N ARG C 187 34.18 -23.97 11.10
CA ARG C 187 33.71 -22.88 10.23
C ARG C 187 32.78 -21.91 10.93
N ARG C 188 32.50 -22.11 12.23
CA ARG C 188 31.67 -21.16 12.96
C ARG C 188 32.34 -19.79 13.10
N ASP C 189 33.66 -19.72 12.92
CA ASP C 189 34.38 -18.47 13.07
C ASP C 189 33.98 -17.46 11.99
N TYR C 190 33.61 -17.95 10.81
CA TYR C 190 33.26 -17.07 9.69
C TYR C 190 31.77 -16.75 9.64
N GLU C 191 30.95 -17.35 10.49
CA GLU C 191 29.51 -17.14 10.43
C GLU C 191 29.16 -15.74 10.93
N THR C 192 28.79 -14.86 9.99
CA THR C 192 28.29 -13.53 10.34
C THR C 192 26.77 -13.61 10.52
N GLU C 193 26.38 -14.30 11.59
CA GLU C 193 24.97 -14.42 11.93
C GLU C 193 24.32 -13.07 12.16
N GLU C 194 25.11 -12.05 12.49
CA GLU C 194 24.57 -10.75 12.84
C GLU C 194 23.99 -10.02 11.64
N SER C 195 24.37 -10.39 10.42
CA SER C 195 23.88 -9.70 9.23
C SER C 195 22.38 -9.89 9.08
N SER C 196 21.66 -8.79 8.87
CA SER C 196 20.21 -8.84 8.83
C SER C 196 19.69 -9.61 7.61
N GLY C 197 20.35 -9.43 6.46
CA GLY C 197 19.87 -10.02 5.23
C GLY C 197 20.63 -11.24 4.76
N SER C 198 21.94 -11.09 4.60
CA SER C 198 22.78 -12.13 4.00
C SER C 198 23.85 -12.55 5.00
N GLY C 199 23.43 -13.25 6.04
CA GLY C 199 24.37 -13.77 7.02
C GLY C 199 25.31 -14.78 6.41
N TYR C 200 26.62 -14.56 6.55
CA TYR C 200 27.60 -15.50 6.03
C TYR C 200 27.45 -16.84 6.75
N SER C 201 27.22 -17.90 5.99
CA SER C 201 26.96 -19.22 6.55
C SER C 201 28.23 -20.06 6.55
N ARG C 202 28.23 -21.07 7.43
CA ARG C 202 29.36 -21.99 7.50
C ARG C 202 29.54 -22.76 6.20
N ASP C 203 28.45 -22.95 5.45
CA ASP C 203 28.56 -23.60 4.15
C ASP C 203 29.06 -22.65 3.07
N GLN C 204 28.84 -21.34 3.24
CA GLN C 204 29.34 -20.38 2.27
C GLN C 204 30.86 -20.34 2.23
N LEU C 205 31.52 -20.64 3.35
CA LEU C 205 32.97 -20.66 3.38
C LEU C 205 33.52 -21.70 2.41
N MET C 206 32.90 -22.88 2.36
CA MET C 206 33.33 -23.90 1.42
C MET C 206 33.16 -23.42 -0.02
N LYS C 207 32.05 -22.74 -0.31
CA LYS C 207 31.82 -22.27 -1.67
C LYS C 207 32.83 -21.19 -2.06
N ASP C 208 33.11 -20.25 -1.16
CA ASP C 208 34.05 -19.18 -1.46
C ASP C 208 35.48 -19.73 -1.61
N VAL C 209 35.84 -20.70 -0.76
CA VAL C 209 37.20 -21.23 -0.81
C VAL C 209 37.39 -22.11 -2.05
N ASP C 210 36.37 -22.89 -2.41
CA ASP C 210 36.45 -23.67 -3.64
C ASP C 210 36.57 -22.76 -4.86
N ARG C 211 35.81 -21.68 -4.89
CA ARG C 211 35.85 -20.75 -6.02
C ARG C 211 37.25 -20.15 -6.19
N ILE C 212 37.86 -19.72 -5.09
CA ILE C 212 39.17 -19.08 -5.18
C ILE C 212 40.22 -20.07 -5.66
N PHE C 213 40.06 -21.36 -5.33
CA PHE C 213 40.95 -22.38 -5.90
C PHE C 213 40.88 -22.42 -7.41
N THR C 214 39.66 -22.34 -7.97
CA THR C 214 39.51 -22.35 -9.42
C THR C 214 40.17 -21.14 -10.07
N GLU C 215 40.15 -19.99 -9.40
CA GLU C 215 40.78 -18.79 -9.94
C GLU C 215 42.29 -18.77 -9.73
N ILE C 216 42.79 -19.56 -8.78
CA ILE C 216 44.23 -19.61 -8.53
C ILE C 216 44.94 -20.58 -9.48
N LYS C 217 44.21 -21.56 -10.02
CA LYS C 217 44.80 -22.58 -10.89
C LYS C 217 45.67 -22.01 -12.02
N PRO C 218 45.31 -20.94 -12.72
CA PRO C 218 46.22 -20.42 -13.77
C PRO C 218 47.61 -20.10 -13.24
N LEU C 219 47.71 -19.33 -12.16
CA LEU C 219 49.01 -18.96 -11.63
C LEU C 219 49.73 -20.17 -11.06
N TYR C 220 49.02 -21.06 -10.38
CA TYR C 220 49.65 -22.21 -9.76
C TYR C 220 50.16 -23.20 -10.80
N GLU C 221 49.34 -23.50 -11.81
CA GLU C 221 49.74 -24.47 -12.83
C GLU C 221 50.94 -23.98 -13.63
N HIS C 222 51.07 -22.68 -13.84
CA HIS C 222 52.24 -22.15 -14.51
C HIS C 222 53.45 -22.18 -13.58
N LEU C 223 53.24 -21.90 -12.30
CA LEU C 223 54.32 -22.07 -11.32
C LEU C 223 54.70 -23.54 -11.17
N HIS C 224 53.69 -24.42 -11.19
CA HIS C 224 53.97 -25.85 -11.15
C HIS C 224 54.79 -26.29 -12.37
N ALA C 225 54.45 -25.75 -13.54
CA ALA C 225 55.19 -26.11 -14.75
C ALA C 225 56.62 -25.58 -14.71
N TYR C 226 56.81 -24.38 -14.15
CA TYR C 226 58.15 -23.82 -14.07
C TYR C 226 59.00 -24.54 -13.04
N VAL C 227 58.40 -24.93 -11.91
CA VAL C 227 59.14 -25.69 -10.90
C VAL C 227 59.50 -27.07 -11.44
N ARG C 228 58.61 -27.66 -12.25
CA ARG C 228 58.85 -29.00 -12.77
C ARG C 228 60.04 -29.04 -13.72
N THR C 229 60.13 -28.06 -14.64
CA THR C 229 61.22 -28.07 -15.61
C THR C 229 62.55 -27.77 -14.94
N LYS C 230 62.55 -26.89 -13.94
CA LYS C 230 63.79 -26.61 -13.21
C LYS C 230 64.17 -27.75 -12.29
N LEU C 231 63.18 -28.49 -11.77
CA LEU C 231 63.47 -29.66 -10.94
C LEU C 231 64.06 -30.81 -11.74
N MET C 232 63.85 -30.82 -13.07
CA MET C 232 64.36 -31.91 -13.88
C MET C 232 65.87 -31.83 -14.08
N ASP C 233 66.48 -30.66 -13.82
CA ASP C 233 67.93 -30.56 -13.92
C ASP C 233 68.61 -31.22 -12.73
N THR C 234 68.02 -31.12 -11.54
CA THR C 234 68.62 -31.68 -10.35
C THR C 234 68.31 -33.17 -10.21
N TYR C 235 67.06 -33.56 -10.46
CA TYR C 235 66.64 -34.95 -10.44
C TYR C 235 66.26 -35.35 -11.86
N PRO C 236 67.21 -35.80 -12.68
CA PRO C 236 66.93 -36.00 -14.11
C PRO C 236 66.02 -37.18 -14.41
N PHE C 237 66.34 -38.34 -13.86
CA PHE C 237 65.66 -39.58 -14.22
C PHE C 237 64.52 -39.93 -13.28
N HIS C 238 63.95 -38.95 -12.57
CA HIS C 238 62.93 -39.23 -11.58
C HIS C 238 61.68 -38.35 -11.69
N ILE C 239 61.68 -37.34 -12.56
CA ILE C 239 60.55 -36.43 -12.70
C ILE C 239 60.08 -36.46 -14.15
N SER C 240 58.78 -36.70 -14.35
CA SER C 240 58.18 -36.76 -15.67
C SER C 240 57.75 -35.36 -16.12
N PRO C 241 58.00 -35.02 -17.39
CA PRO C 241 57.59 -33.68 -17.88
C PRO C 241 56.09 -33.49 -17.93
N THR C 242 55.30 -34.57 -17.88
CA THR C 242 53.85 -34.47 -17.91
C THR C 242 53.20 -34.97 -16.62
N GLY C 243 53.96 -35.49 -15.66
CA GLY C 243 53.42 -36.03 -14.44
C GLY C 243 53.47 -35.05 -13.28
N CYS C 244 52.97 -35.52 -12.14
CA CYS C 244 52.96 -34.72 -10.93
C CYS C 244 54.36 -34.63 -10.33
N LEU C 245 54.50 -33.79 -9.30
CA LEU C 245 55.78 -33.63 -8.62
C LEU C 245 55.85 -34.56 -7.42
N PRO C 246 56.92 -35.35 -7.29
CA PRO C 246 57.07 -36.19 -6.09
C PRO C 246 57.04 -35.36 -4.82
N ALA C 247 56.39 -35.92 -3.78
CA ALA C 247 56.14 -35.16 -2.57
C ALA C 247 57.42 -34.87 -1.79
N HIS C 248 58.41 -35.75 -1.87
CA HIS C 248 59.62 -35.61 -1.08
C HIS C 248 60.65 -34.68 -1.71
N LEU C 249 60.29 -33.94 -2.76
CA LEU C 249 61.19 -33.03 -3.43
C LEU C 249 60.67 -31.60 -3.46
N LEU C 250 59.77 -31.25 -2.54
CA LEU C 250 59.06 -29.98 -2.60
C LEU C 250 59.60 -28.94 -1.62
N GLY C 251 60.77 -29.18 -1.02
CA GLY C 251 61.41 -28.20 -0.17
C GLY C 251 61.19 -28.39 1.32
N ASP C 252 60.31 -29.32 1.72
CA ASP C 252 60.10 -29.63 3.13
C ASP C 252 59.43 -30.99 3.22
N MET C 253 59.08 -31.39 4.45
CA MET C 253 58.57 -32.74 4.68
C MET C 253 57.22 -32.97 4.02
N TRP C 254 56.39 -31.94 3.91
CA TRP C 254 55.04 -32.09 3.40
C TRP C 254 54.81 -31.37 2.08
N GLY C 255 55.71 -30.46 1.68
CA GLY C 255 55.45 -29.61 0.54
C GLY C 255 54.56 -28.44 0.84
N ARG C 256 54.46 -28.04 2.12
CA ARG C 256 53.62 -26.92 2.49
C ARG C 256 54.12 -25.63 1.86
N PHE C 257 55.43 -25.43 1.82
CA PHE C 257 56.03 -24.27 1.20
C PHE C 257 57.11 -24.71 0.21
N TRP C 258 57.11 -24.10 -0.96
CA TRP C 258 58.11 -24.36 -1.98
C TRP C 258 59.29 -23.39 -1.91
N THR C 259 59.45 -22.69 -0.78
CA THR C 259 60.45 -21.64 -0.68
C THR C 259 61.86 -22.20 -0.76
N ASN C 260 62.09 -23.37 -0.17
CA ASN C 260 63.42 -23.97 -0.18
C ASN C 260 63.86 -24.44 -1.55
N LEU C 261 62.97 -24.41 -2.55
CA LEU C 261 63.34 -24.71 -3.92
C LEU C 261 63.86 -23.49 -4.67
N TYR C 262 63.98 -22.34 -4.00
CA TYR C 262 64.43 -21.13 -4.68
C TYR C 262 65.85 -21.22 -5.24
N PRO C 263 66.85 -21.78 -4.53
CA PRO C 263 68.17 -21.93 -5.16
C PRO C 263 68.15 -22.75 -6.44
N LEU C 264 67.18 -23.65 -6.59
CA LEU C 264 67.09 -24.50 -7.76
C LEU C 264 66.21 -23.91 -8.86
N THR C 265 65.30 -22.98 -8.52
CA THR C 265 64.35 -22.43 -9.46
C THR C 265 64.49 -20.93 -9.63
N VAL C 266 65.63 -20.34 -9.22
CA VAL C 266 65.80 -18.90 -9.35
C VAL C 266 65.80 -18.51 -10.83
N PRO C 267 64.99 -17.53 -11.26
CA PRO C 267 64.95 -17.16 -12.67
C PRO C 267 66.27 -16.62 -13.18
N PHE C 268 66.79 -15.57 -12.54
CA PHE C 268 68.02 -14.91 -12.96
C PHE C 268 69.01 -15.02 -11.81
N GLY C 269 69.95 -15.95 -11.94
CA GLY C 269 70.81 -16.29 -10.81
C GLY C 269 71.86 -15.25 -10.50
N GLN C 270 72.54 -14.72 -11.53
CA GLN C 270 73.68 -13.84 -11.30
C GLN C 270 73.21 -12.42 -11.00
N LYS C 271 72.29 -12.29 -10.04
CA LYS C 271 71.78 -11.02 -9.56
C LYS C 271 71.82 -11.05 -8.04
N PRO C 272 72.08 -9.91 -7.38
CA PRO C 272 72.18 -9.92 -5.93
C PRO C 272 70.83 -10.10 -5.26
N ASN C 273 70.82 -10.89 -4.18
CA ASN C 273 69.66 -10.98 -3.32
C ASN C 273 69.75 -9.87 -2.28
N ILE C 274 68.59 -9.30 -1.93
CA ILE C 274 68.56 -8.09 -1.11
C ILE C 274 68.54 -8.55 0.34
N ASP C 275 69.74 -8.84 0.86
CA ASP C 275 69.94 -9.27 2.24
C ASP C 275 70.76 -8.19 2.94
N VAL C 276 70.15 -7.54 3.94
CA VAL C 276 70.77 -6.41 4.62
C VAL C 276 71.36 -6.81 5.97
N THR C 277 71.53 -8.12 6.22
CA THR C 277 72.03 -8.56 7.52
C THR C 277 73.39 -7.96 7.83
N ASP C 278 74.34 -8.09 6.91
CA ASP C 278 75.69 -7.60 7.15
C ASP C 278 75.73 -6.08 7.25
N ALA C 279 74.82 -5.39 6.55
CA ALA C 279 74.75 -3.93 6.67
C ALA C 279 74.29 -3.52 8.07
N MET C 280 73.30 -4.21 8.61
CA MET C 280 72.85 -3.93 9.97
C MET C 280 73.97 -4.17 10.97
N VAL C 281 74.71 -5.27 10.81
CA VAL C 281 75.83 -5.56 11.69
C VAL C 281 76.89 -4.47 11.60
N ASN C 282 77.15 -3.99 10.38
CA ASN C 282 78.20 -2.99 10.19
C ASN C 282 77.78 -1.63 10.73
N GLN C 283 76.51 -1.28 10.61
CA GLN C 283 76.01 0.01 11.07
C GLN C 283 75.67 0.02 12.57
N GLY C 284 76.12 -0.98 13.32
CA GLY C 284 75.88 -1.00 14.74
C GLY C 284 74.44 -1.25 15.15
N TRP C 285 73.71 -2.03 14.37
CA TRP C 285 72.32 -2.34 14.70
C TRP C 285 72.26 -3.43 15.76
N ASP C 286 71.35 -3.27 16.71
CA ASP C 286 71.10 -4.25 17.75
C ASP C 286 69.62 -4.59 17.75
N ALA C 287 69.25 -5.54 18.61
CA ALA C 287 67.86 -5.98 18.68
C ALA C 287 66.92 -4.82 19.02
N ASN C 288 67.38 -3.92 19.90
CA ASN C 288 66.55 -2.78 20.26
C ASN C 288 66.32 -1.86 19.07
N ARG C 289 67.35 -1.67 18.23
CA ARG C 289 67.20 -0.84 17.05
C ARG C 289 66.15 -1.41 16.10
N ILE C 290 66.10 -2.74 15.97
CA ILE C 290 65.13 -3.36 15.07
C ILE C 290 63.71 -2.99 15.49
N PHE C 291 63.41 -3.10 16.79
CA PHE C 291 62.08 -2.80 17.29
C PHE C 291 61.82 -1.31 17.40
N LYS C 292 62.86 -0.49 17.53
CA LYS C 292 62.65 0.95 17.50
C LYS C 292 62.39 1.44 16.08
N GLU C 293 63.09 0.87 15.10
CA GLU C 293 62.78 1.17 13.71
C GLU C 293 61.42 0.61 13.33
N ALA C 294 61.07 -0.58 13.85
CA ALA C 294 59.74 -1.12 13.62
C ALA C 294 58.66 -0.22 14.22
N GLU C 295 58.94 0.32 15.42
CA GLU C 295 58.01 1.26 16.03
C GLU C 295 57.85 2.51 15.17
N LYS C 296 58.96 3.03 14.64
CA LYS C 296 58.89 4.21 13.78
C LYS C 296 58.06 3.95 12.53
N PHE C 297 58.08 2.72 12.03
CA PHE C 297 57.30 2.39 10.84
C PHE C 297 55.81 2.61 11.08
N PHE C 298 55.31 2.18 12.25
CA PHE C 298 53.90 2.36 12.56
C PHE C 298 53.58 3.79 13.00
N VAL C 299 54.57 4.54 13.49
CA VAL C 299 54.35 5.95 13.75
C VAL C 299 54.28 6.72 12.45
N SER C 300 54.96 6.22 11.40
CA SER C 300 54.93 6.90 10.11
C SER C 300 53.53 6.88 9.50
N VAL C 301 52.81 5.76 9.66
CA VAL C 301 51.44 5.68 9.16
C VAL C 301 50.43 6.32 10.10
N GLY C 302 50.87 6.81 11.25
CA GLY C 302 49.99 7.46 12.20
C GLY C 302 49.53 6.59 13.36
N LEU C 303 49.88 5.31 13.36
CA LEU C 303 49.46 4.42 14.45
C LEU C 303 50.16 4.81 15.74
N PRO C 304 49.56 4.47 16.89
CA PRO C 304 50.12 4.92 18.17
C PRO C 304 51.50 4.32 18.44
N ASN C 305 52.23 5.00 19.31
CA ASN C 305 53.55 4.54 19.73
C ASN C 305 53.42 3.34 20.67
N MET C 306 54.55 2.67 20.90
CA MET C 306 54.56 1.52 21.79
C MET C 306 54.54 1.97 23.25
N THR C 307 53.83 1.21 24.08
CA THR C 307 53.76 1.50 25.50
C THR C 307 55.11 1.22 26.17
N GLU C 308 55.31 1.85 27.33
CA GLU C 308 56.55 1.62 28.07
C GLU C 308 56.64 0.20 28.60
N GLY C 309 55.50 -0.41 28.93
CA GLY C 309 55.51 -1.80 29.35
C GLY C 309 56.01 -2.73 28.26
N PHE C 310 55.77 -2.38 27.00
CA PHE C 310 56.33 -3.15 25.89
C PHE C 310 57.85 -3.14 25.93
N TRP C 311 58.44 -2.01 26.29
CA TRP C 311 59.90 -1.89 26.31
C TRP C 311 60.51 -2.48 27.57
N ASN C 312 59.76 -2.52 28.66
CA ASN C 312 60.29 -2.95 29.95
C ASN C 312 59.93 -4.37 30.33
N ASN C 313 58.79 -4.88 29.87
CA ASN C 313 58.30 -6.17 30.31
C ASN C 313 58.45 -7.29 29.28
N SER C 314 58.81 -6.97 28.04
CA SER C 314 58.86 -7.96 26.98
C SER C 314 60.27 -8.54 26.83
N MET C 315 60.34 -9.73 26.26
CA MET C 315 61.59 -10.44 25.99
C MET C 315 61.94 -10.24 24.52
N LEU C 316 62.64 -9.14 24.24
CA LEU C 316 63.04 -8.81 22.88
C LEU C 316 64.32 -9.49 22.44
N THR C 317 64.99 -10.20 23.34
CA THR C 317 66.21 -10.91 23.01
C THR C 317 66.34 -12.12 23.93
N GLU C 318 67.14 -13.10 23.50
CA GLU C 318 67.38 -14.29 24.29
C GLU C 318 67.91 -13.89 25.67
N PRO C 319 67.29 -14.33 26.76
CA PRO C 319 67.76 -13.89 28.09
C PRO C 319 69.19 -14.27 28.37
N GLY C 320 69.55 -15.54 28.18
CA GLY C 320 70.94 -15.95 28.30
C GLY C 320 71.54 -15.79 29.67
N ASP C 321 70.71 -15.78 30.71
CA ASP C 321 71.17 -15.75 32.09
C ASP C 321 70.93 -17.09 32.76
N GLY C 322 71.00 -18.17 31.98
CA GLY C 322 70.60 -19.49 32.42
C GLY C 322 69.12 -19.76 32.31
N ARG C 323 68.32 -18.74 32.00
CA ARG C 323 66.88 -18.90 31.87
C ARG C 323 66.57 -19.61 30.55
N LYS C 324 65.93 -20.78 30.64
CA LYS C 324 65.59 -21.55 29.46
C LYS C 324 64.28 -21.05 28.86
N VAL C 325 64.25 -20.89 27.54
CA VAL C 325 63.14 -20.25 26.86
C VAL C 325 62.74 -21.04 25.62
N VAL C 326 61.44 -21.11 25.37
CA VAL C 326 60.92 -21.52 24.06
C VAL C 326 60.62 -20.26 23.26
N CYS C 327 61.66 -19.69 22.67
CA CYS C 327 61.55 -18.36 22.03
C CYS C 327 61.25 -18.52 20.55
N HIS C 328 59.95 -18.66 20.27
CA HIS C 328 59.39 -18.61 18.93
C HIS C 328 58.57 -17.33 18.80
N PRO C 329 58.75 -16.56 17.72
CA PRO C 329 58.17 -15.21 17.67
C PRO C 329 56.69 -15.13 17.99
N THR C 330 56.35 -14.39 19.05
CA THR C 330 54.97 -14.30 19.52
C THR C 330 54.71 -12.88 20.02
N ALA C 331 53.50 -12.39 19.74
CA ALA C 331 53.02 -11.12 20.26
C ALA C 331 51.95 -11.40 21.30
N TRP C 332 52.07 -10.74 22.45
CA TRP C 332 51.27 -11.06 23.63
C TRP C 332 50.30 -9.93 23.96
N ASP C 333 49.04 -10.28 24.15
CA ASP C 333 48.03 -9.38 24.68
C ASP C 333 47.59 -9.95 26.03
N LEU C 334 48.45 -9.76 27.04
CA LEU C 334 48.18 -10.31 28.36
C LEU C 334 46.93 -9.70 28.98
N GLY C 335 46.58 -8.48 28.58
CA GLY C 335 45.43 -7.78 29.12
C GLY C 335 45.85 -6.64 30.04
N LYS C 336 44.88 -5.77 30.32
CA LYS C 336 45.08 -4.63 31.22
C LYS C 336 46.25 -3.76 30.78
N GLY C 337 46.41 -3.60 29.47
CA GLY C 337 47.45 -2.75 28.91
C GLY C 337 48.81 -3.39 28.78
N ASP C 338 48.95 -4.67 29.11
CA ASP C 338 50.24 -5.35 29.06
C ASP C 338 50.44 -5.97 27.68
N PHE C 339 51.32 -5.36 26.89
CA PHE C 339 51.64 -5.83 25.55
C PHE C 339 53.12 -6.18 25.48
N ARG C 340 53.43 -7.39 25.00
CA ARG C 340 54.79 -7.88 25.00
C ARG C 340 55.06 -8.65 23.72
N ILE C 341 56.35 -8.81 23.42
CA ILE C 341 56.81 -9.64 22.31
C ILE C 341 57.92 -10.55 22.81
N LYS C 342 57.80 -11.85 22.53
CA LYS C 342 58.79 -12.85 22.92
C LYS C 342 59.53 -13.28 21.66
N MET C 343 60.77 -12.81 21.51
CA MET C 343 61.58 -13.09 20.33
C MET C 343 63.03 -13.29 20.73
N CYS C 344 63.65 -14.34 20.19
CA CYS C 344 65.11 -14.51 20.24
C CYS C 344 65.71 -13.73 19.07
N THR C 345 65.54 -12.41 19.15
CA THR C 345 65.91 -11.54 18.04
C THR C 345 67.41 -11.60 17.76
N LYS C 346 67.75 -11.72 16.49
CA LYS C 346 69.12 -11.60 16.02
C LYS C 346 69.21 -10.43 15.06
N VAL C 347 70.41 -9.90 14.89
CA VAL C 347 70.62 -8.78 13.98
C VAL C 347 70.66 -9.30 12.55
N THR C 348 69.50 -9.74 12.06
CA THR C 348 69.37 -10.28 10.71
C THR C 348 68.15 -9.66 10.04
N MET C 349 68.08 -9.81 8.72
CA MET C 349 66.96 -9.23 7.97
C MET C 349 65.66 -9.99 8.24
N GLU C 350 65.74 -11.31 8.40
CA GLU C 350 64.54 -12.10 8.68
C GLU C 350 63.88 -11.64 9.98
N ASP C 351 64.69 -11.42 11.02
CA ASP C 351 64.14 -10.94 12.29
C ASP C 351 63.73 -9.48 12.19
N PHE C 352 64.35 -8.72 11.29
CA PHE C 352 63.92 -7.34 11.04
C PHE C 352 62.49 -7.32 10.51
N LEU C 353 62.16 -8.22 9.59
CA LEU C 353 60.80 -8.30 9.07
C LEU C 353 59.86 -8.97 10.07
N THR C 354 60.37 -9.91 10.87
CA THR C 354 59.54 -10.54 11.90
C THR C 354 59.07 -9.51 12.92
N ALA C 355 59.97 -8.58 13.31
CA ALA C 355 59.60 -7.55 14.28
C ALA C 355 58.44 -6.70 13.77
N HIS C 356 58.43 -6.38 12.47
CA HIS C 356 57.31 -5.64 11.91
C HIS C 356 56.06 -6.51 11.84
N HIS C 357 56.22 -7.83 11.66
CA HIS C 357 55.07 -8.73 11.64
C HIS C 357 54.44 -8.83 13.02
N GLU C 358 55.27 -8.99 14.06
CA GLU C 358 54.74 -9.18 15.41
C GLU C 358 54.24 -7.87 16.00
N MET C 359 54.91 -6.75 15.72
CA MET C 359 54.39 -5.46 16.16
C MET C 359 53.06 -5.15 15.50
N GLY C 360 52.82 -5.69 14.30
CA GLY C 360 51.52 -5.55 13.68
C GLY C 360 50.42 -6.20 14.50
N HIS C 361 50.71 -7.38 15.07
CA HIS C 361 49.78 -8.01 15.99
C HIS C 361 49.52 -7.12 17.19
N ILE C 362 50.58 -6.53 17.74
CA ILE C 362 50.44 -5.70 18.94
C ILE C 362 49.59 -4.48 18.64
N GLN C 363 49.79 -3.87 17.47
CA GLN C 363 49.00 -2.69 17.10
C GLN C 363 47.53 -3.06 16.93
N TYR C 364 47.25 -4.23 16.38
CA TYR C 364 45.89 -4.75 16.35
C TYR C 364 45.33 -4.88 17.76
N ASP C 365 46.11 -5.48 18.66
CA ASP C 365 45.62 -5.74 20.01
C ASP C 365 45.35 -4.44 20.76
N MET C 366 46.23 -3.44 20.59
CA MET C 366 46.04 -2.17 21.27
C MET C 366 44.79 -1.45 20.81
N ALA C 367 44.37 -1.68 19.56
CA ALA C 367 43.23 -0.96 19.02
C ALA C 367 41.90 -1.54 19.49
N TYR C 368 41.78 -2.87 19.55
CA TYR C 368 40.55 -3.50 19.97
C TYR C 368 40.48 -3.72 21.48
N ALA C 369 41.40 -3.13 22.24
CA ALA C 369 41.32 -3.20 23.69
C ALA C 369 40.15 -2.38 24.26
N THR C 370 39.67 -1.39 23.50
CA THR C 370 38.55 -0.59 23.96
C THR C 370 37.25 -1.39 23.98
N GLN C 371 37.15 -2.42 23.15
CA GLN C 371 35.96 -3.25 23.10
C GLN C 371 35.91 -4.20 24.29
N PRO C 372 34.74 -4.76 24.60
CA PRO C 372 34.64 -5.70 25.72
C PRO C 372 35.57 -6.88 25.57
N TYR C 373 35.83 -7.54 26.71
CA TYR C 373 36.80 -8.63 26.75
C TYR C 373 36.49 -9.73 25.72
N LEU C 374 35.24 -10.19 25.70
CA LEU C 374 34.89 -11.29 24.81
C LEU C 374 34.99 -10.90 23.34
N LEU C 375 34.91 -9.61 23.03
CA LEU C 375 35.01 -9.12 21.65
C LEU C 375 36.43 -8.67 21.30
N ARG C 376 37.42 -9.02 22.13
CA ARG C 376 38.80 -8.60 21.91
C ARG C 376 39.54 -9.66 21.11
N ASN C 377 39.31 -9.64 19.80
CA ASN C 377 39.95 -10.58 18.89
C ASN C 377 39.75 -10.06 17.47
N GLY C 378 40.47 -10.66 16.53
CA GLY C 378 40.30 -10.30 15.14
C GLY C 378 38.91 -10.61 14.63
N ALA C 379 38.57 -10.01 13.49
CA ALA C 379 37.24 -10.21 12.92
C ALA C 379 37.00 -11.69 12.60
N ASN C 380 37.99 -12.36 12.03
CA ASN C 380 37.95 -13.80 11.86
C ASN C 380 39.37 -14.33 12.03
N GLU C 381 39.51 -15.67 11.97
CA GLU C 381 40.79 -16.29 12.26
C GLU C 381 41.86 -15.85 11.27
N GLY C 382 41.48 -15.56 10.03
CA GLY C 382 42.45 -15.16 9.03
C GLY C 382 42.87 -13.70 9.09
N PHE C 383 42.09 -12.86 9.77
CA PHE C 383 42.36 -11.43 9.78
C PHE C 383 43.66 -11.10 10.51
N HIS C 384 43.92 -11.76 11.64
CA HIS C 384 45.00 -11.31 12.52
C HIS C 384 46.37 -11.44 11.86
N GLU C 385 46.72 -12.66 11.42
CA GLU C 385 48.02 -12.81 10.77
C GLU C 385 48.08 -12.05 9.45
N ALA C 386 46.92 -11.81 8.83
CA ALA C 386 46.90 -11.01 7.61
C ALA C 386 47.40 -9.60 7.87
N VAL C 387 46.89 -8.98 8.95
CA VAL C 387 47.35 -7.63 9.31
C VAL C 387 48.85 -7.63 9.58
N GLY C 388 49.34 -8.67 10.25
CA GLY C 388 50.77 -8.77 10.48
C GLY C 388 51.57 -8.98 9.21
N GLU C 389 50.96 -9.60 8.19
CA GLU C 389 51.69 -9.90 6.97
C GLU C 389 51.69 -8.73 5.99
N VAL C 390 50.63 -7.91 5.99
CA VAL C 390 50.62 -6.77 5.08
C VAL C 390 51.66 -5.73 5.47
N MET C 391 51.97 -5.63 6.77
CA MET C 391 53.01 -4.70 7.19
C MET C 391 54.38 -5.20 6.77
N SER C 392 54.59 -6.51 6.76
CA SER C 392 55.88 -7.05 6.34
C SER C 392 56.09 -6.87 4.83
N LEU C 393 55.01 -6.75 4.07
CA LEU C 393 55.14 -6.58 2.62
C LEU C 393 55.78 -5.23 2.28
N SER C 394 55.28 -4.15 2.88
CA SER C 394 55.77 -2.82 2.55
C SER C 394 57.17 -2.58 3.08
N VAL C 395 57.54 -3.23 4.18
CA VAL C 395 58.85 -2.97 4.77
C VAL C 395 59.96 -3.71 4.01
N ALA C 396 59.65 -4.87 3.43
CA ALA C 396 60.67 -5.65 2.73
C ALA C 396 60.94 -5.14 1.32
N THR C 397 60.20 -4.13 0.84
CA THR C 397 60.43 -3.61 -0.50
C THR C 397 61.78 -2.89 -0.56
N PRO C 398 62.44 -2.91 -1.71
CA PRO C 398 63.71 -2.18 -1.84
C PRO C 398 63.58 -0.69 -1.55
N LYS C 399 62.39 -0.11 -1.75
CA LYS C 399 62.20 1.30 -1.46
C LYS C 399 62.45 1.61 0.00
N HIS C 400 61.88 0.80 0.90
CA HIS C 400 62.04 1.05 2.34
C HIS C 400 63.47 0.86 2.78
N LEU C 401 64.09 -0.27 2.41
CA LEU C 401 65.44 -0.57 2.86
C LEU C 401 66.45 0.45 2.36
N LYS C 402 66.16 1.11 1.23
CA LYS C 402 67.06 2.14 0.74
C LYS C 402 67.01 3.39 1.61
N THR C 403 65.81 3.80 2.02
CA THR C 403 65.71 4.97 2.91
C THR C 403 66.21 4.66 4.31
N MET C 404 66.16 3.39 4.72
CA MET C 404 66.68 2.99 6.02
C MET C 404 68.20 2.91 6.05
N GLY C 405 68.87 3.21 4.94
CA GLY C 405 70.31 3.14 4.87
C GLY C 405 70.87 1.73 4.75
N LEU C 406 70.02 0.70 4.77
CA LEU C 406 70.48 -0.68 4.68
C LEU C 406 70.91 -1.06 3.28
N LEU C 407 70.39 -0.38 2.26
CA LEU C 407 70.76 -0.61 0.87
C LEU C 407 71.40 0.65 0.30
N SER C 408 72.38 0.47 -0.57
CA SER C 408 72.99 1.61 -1.23
C SER C 408 71.94 2.32 -2.09
N PRO C 409 71.89 3.65 -2.08
CA PRO C 409 70.80 4.36 -2.76
C PRO C 409 70.71 4.08 -4.25
N ASP C 410 71.80 3.67 -4.89
CA ASP C 410 71.80 3.36 -6.31
C ASP C 410 71.92 1.86 -6.57
N PHE C 411 71.39 1.05 -5.67
CA PHE C 411 71.36 -0.39 -5.87
C PHE C 411 70.44 -0.73 -7.02
N LEU C 412 70.79 -1.80 -7.75
CA LEU C 412 70.06 -2.16 -8.96
C LEU C 412 68.64 -2.61 -8.63
N GLU C 413 67.67 -2.05 -9.36
CA GLU C 413 66.27 -2.43 -9.23
C GLU C 413 65.73 -2.77 -10.62
N ASP C 414 66.37 -3.76 -11.25
CA ASP C 414 66.01 -4.17 -12.60
C ASP C 414 64.68 -4.91 -12.61
N ASN C 415 64.13 -5.09 -13.82
CA ASN C 415 63.00 -5.99 -13.99
C ASN C 415 63.40 -7.43 -13.74
N GLU C 416 64.68 -7.77 -13.99
CA GLU C 416 65.18 -9.10 -13.66
C GLU C 416 65.16 -9.34 -12.16
N THR C 417 65.48 -8.31 -11.37
CA THR C 417 65.48 -8.47 -9.92
C THR C 417 64.07 -8.58 -9.36
N GLU C 418 63.11 -7.89 -9.98
CA GLU C 418 61.73 -7.96 -9.50
C GLU C 418 61.09 -9.30 -9.80
N ILE C 419 61.50 -9.96 -10.90
CA ILE C 419 61.01 -11.30 -11.19
C ILE C 419 61.54 -12.29 -10.18
N ASN C 420 62.81 -12.15 -9.79
CA ASN C 420 63.38 -13.04 -8.78
C ASN C 420 62.65 -12.88 -7.44
N PHE C 421 62.30 -11.65 -7.07
CA PHE C 421 61.60 -11.43 -5.82
C PHE C 421 60.18 -11.99 -5.88
N LEU C 422 59.51 -11.82 -7.02
CA LEU C 422 58.13 -12.29 -7.13
C LEU C 422 58.05 -13.81 -7.16
N LEU C 423 59.06 -14.48 -7.69
CA LEU C 423 59.06 -15.94 -7.67
C LEU C 423 59.30 -16.48 -6.26
N LYS C 424 60.21 -15.83 -5.52
CA LYS C 424 60.44 -16.22 -4.13
C LYS C 424 59.14 -16.14 -3.33
N GLN C 425 58.36 -15.09 -3.53
CA GLN C 425 57.09 -14.96 -2.84
C GLN C 425 56.09 -15.99 -3.32
N ALA C 426 56.10 -16.30 -4.62
CA ALA C 426 55.17 -17.28 -5.17
C ALA C 426 55.45 -18.68 -4.63
N LEU C 427 56.71 -19.00 -4.36
CA LEU C 427 57.04 -20.31 -3.80
C LEU C 427 56.48 -20.45 -2.39
N ASN C 428 56.30 -19.34 -1.67
CA ASN C 428 55.73 -19.35 -0.33
C ASN C 428 54.23 -19.10 -0.34
N ILE C 429 53.79 -18.04 -1.01
CA ILE C 429 52.40 -17.62 -0.95
C ILE C 429 51.53 -18.48 -1.87
N VAL C 430 51.91 -18.60 -3.13
CA VAL C 430 51.07 -19.29 -4.10
C VAL C 430 51.16 -20.80 -3.94
N GLY C 431 52.35 -21.32 -3.68
CA GLY C 431 52.53 -22.76 -3.60
C GLY C 431 51.79 -23.41 -2.45
N THR C 432 51.52 -22.64 -1.38
CA THR C 432 50.87 -23.20 -0.21
C THR C 432 49.35 -23.21 -0.32
N LEU C 433 48.76 -22.42 -1.22
CA LEU C 433 47.30 -22.32 -1.27
C LEU C 433 46.66 -23.64 -1.71
N PRO C 434 47.11 -24.31 -2.77
CA PRO C 434 46.53 -25.64 -3.07
C PRO C 434 46.80 -26.65 -1.97
N PHE C 435 47.99 -26.63 -1.37
CA PHE C 435 48.29 -27.55 -0.28
C PHE C 435 47.39 -27.30 0.92
N THR C 436 47.15 -26.03 1.25
CA THR C 436 46.26 -25.71 2.36
C THR C 436 44.81 -26.05 2.01
N TYR C 437 44.39 -25.75 0.78
CA TYR C 437 43.03 -26.06 0.36
C TYR C 437 42.77 -27.57 0.40
N MET C 438 43.72 -28.36 -0.11
CA MET C 438 43.52 -29.80 -0.18
C MET C 438 43.50 -30.43 1.21
N LEU C 439 44.37 -29.95 2.11
CA LEU C 439 44.45 -30.55 3.43
C LEU C 439 43.17 -30.35 4.22
N GLU C 440 42.63 -29.13 4.20
CA GLU C 440 41.40 -28.87 4.94
C GLU C 440 40.19 -29.52 4.28
N LYS C 441 40.19 -29.62 2.95
CA LYS C 441 39.08 -30.27 2.25
C LYS C 441 39.00 -31.75 2.58
N TRP C 442 40.16 -32.41 2.69
CA TRP C 442 40.17 -33.80 3.11
C TRP C 442 39.64 -33.96 4.53
N ARG C 443 40.08 -33.09 5.44
CA ARG C 443 39.61 -33.16 6.82
C ARG C 443 38.14 -32.78 6.91
N TRP C 444 37.71 -31.79 6.11
CA TRP C 444 36.29 -31.42 6.10
C TRP C 444 35.43 -32.59 5.67
N MET C 445 35.86 -33.31 4.63
CA MET C 445 35.07 -34.43 4.12
C MET C 445 35.12 -35.62 5.07
N VAL C 446 36.25 -35.83 5.75
CA VAL C 446 36.35 -36.93 6.70
C VAL C 446 35.39 -36.73 7.86
N PHE C 447 35.31 -35.52 8.38
CA PHE C 447 34.34 -35.22 9.44
C PHE C 447 32.92 -35.36 8.92
N ARG C 448 32.69 -35.00 7.66
CA ARG C 448 31.35 -35.13 7.07
C ARG C 448 30.98 -36.58 6.81
N GLY C 449 31.95 -37.49 6.77
CA GLY C 449 31.68 -38.87 6.43
C GLY C 449 31.71 -39.18 4.95
N GLU C 450 32.10 -38.22 4.11
CA GLU C 450 32.14 -38.45 2.67
C GLU C 450 33.29 -39.37 2.27
N ILE C 451 34.31 -39.49 3.12
CA ILE C 451 35.44 -40.39 2.89
C ILE C 451 35.37 -41.49 3.93
N PRO C 452 35.16 -42.75 3.53
CA PRO C 452 35.14 -43.84 4.51
C PRO C 452 36.55 -44.19 4.97
N LYS C 453 36.61 -44.86 6.12
CA LYS C 453 37.89 -45.21 6.72
C LYS C 453 38.72 -46.07 5.76
N GLU C 454 38.06 -46.95 5.01
CA GLU C 454 38.76 -47.84 4.09
C GLU C 454 39.29 -47.11 2.86
N GLU C 455 38.88 -45.87 2.63
CA GLU C 455 39.32 -45.09 1.49
C GLU C 455 40.04 -43.81 1.92
N TRP C 456 40.59 -43.79 3.13
CA TRP C 456 41.20 -42.57 3.67
C TRP C 456 42.43 -42.16 2.87
N MET C 457 43.41 -43.06 2.76
CA MET C 457 44.65 -42.71 2.07
C MET C 457 44.48 -42.68 0.55
N LYS C 458 43.54 -43.47 0.02
CA LYS C 458 43.29 -43.42 -1.42
C LYS C 458 42.79 -42.05 -1.84
N LYS C 459 41.78 -41.52 -1.15
CA LYS C 459 41.24 -40.21 -1.50
C LYS C 459 42.22 -39.09 -1.16
N TRP C 460 43.09 -39.31 -0.17
CA TRP C 460 44.04 -38.27 0.21
C TRP C 460 45.06 -38.03 -0.90
N TRP C 461 45.55 -39.09 -1.52
CA TRP C 461 46.55 -38.95 -2.57
C TRP C 461 45.94 -38.72 -3.94
N GLU C 462 44.71 -39.19 -4.17
CA GLU C 462 43.99 -38.79 -5.37
C GLU C 462 43.71 -37.29 -5.36
N MET C 463 43.48 -36.72 -4.18
CA MET C 463 43.27 -35.28 -4.07
C MET C 463 44.57 -34.52 -4.25
N LYS C 464 45.68 -35.09 -3.76
CA LYS C 464 46.98 -34.44 -3.94
C LYS C 464 47.36 -34.39 -5.41
N ARG C 465 47.00 -35.42 -6.18
CA ARG C 465 47.30 -35.44 -7.60
C ARG C 465 46.36 -34.53 -8.39
N ASP C 466 45.09 -34.46 -7.98
CA ASP C 466 44.11 -33.68 -8.72
C ASP C 466 44.19 -32.21 -8.38
N LEU C 467 44.27 -31.88 -7.09
CA LEU C 467 44.19 -30.49 -6.65
C LEU C 467 45.55 -29.83 -6.52
N VAL C 468 46.56 -30.55 -6.01
CA VAL C 468 47.87 -29.96 -5.77
C VAL C 468 48.87 -30.30 -6.88
N GLY C 469 48.67 -31.40 -7.61
CA GLY C 469 49.64 -31.83 -8.59
C GLY C 469 50.86 -32.49 -7.99
N VAL C 470 50.69 -33.17 -6.85
CA VAL C 470 51.78 -33.80 -6.14
C VAL C 470 51.47 -35.29 -6.02
N VAL C 471 52.46 -36.13 -6.33
CA VAL C 471 52.30 -37.58 -6.33
C VAL C 471 53.16 -38.17 -5.22
N GLU C 472 52.63 -39.20 -4.56
CA GLU C 472 53.40 -39.89 -3.55
C GLU C 472 54.53 -40.69 -4.20
N PRO C 473 55.74 -40.68 -3.62
CA PRO C 473 56.83 -41.46 -4.21
C PRO C 473 56.70 -42.96 -3.98
N VAL C 474 55.98 -43.38 -2.94
CA VAL C 474 55.80 -44.79 -2.64
C VAL C 474 54.33 -45.06 -2.35
N PRO C 475 53.79 -46.22 -2.72
CA PRO C 475 52.38 -46.51 -2.45
C PRO C 475 52.14 -46.66 -0.96
N HIS C 476 51.05 -46.07 -0.48
CA HIS C 476 50.71 -46.05 0.93
C HIS C 476 49.38 -46.76 1.14
N ASP C 477 49.39 -47.79 1.98
CA ASP C 477 48.18 -48.56 2.28
C ASP C 477 47.32 -47.79 3.27
N GLU C 478 46.28 -48.43 3.80
CA GLU C 478 45.44 -47.84 4.82
C GLU C 478 46.02 -47.98 6.22
N THR C 479 47.26 -48.48 6.34
CA THR C 479 47.97 -48.45 7.61
C THR C 479 48.64 -47.10 7.87
N TYR C 480 48.73 -46.24 6.86
CA TYR C 480 49.31 -44.92 7.00
C TYR C 480 48.25 -43.90 7.41
N CYS C 481 48.72 -42.72 7.80
CA CYS C 481 47.88 -41.57 8.10
C CYS C 481 48.71 -40.33 7.81
N ASP C 482 48.97 -40.11 6.52
CA ASP C 482 49.87 -39.03 6.11
C ASP C 482 49.37 -37.64 6.48
N PRO C 483 48.07 -37.32 6.44
CA PRO C 483 47.63 -36.02 6.99
C PRO C 483 48.11 -35.77 8.40
N ALA C 484 48.01 -36.77 9.28
CA ALA C 484 48.45 -36.61 10.66
C ALA C 484 49.95 -36.38 10.80
N SER C 485 50.73 -36.58 9.73
CA SER C 485 52.15 -36.31 9.79
C SER C 485 52.45 -34.82 9.88
N LEU C 486 51.47 -33.97 9.60
CA LEU C 486 51.61 -32.53 9.78
C LEU C 486 51.22 -32.15 11.20
N PHE C 487 51.89 -31.12 11.72
CA PHE C 487 51.68 -30.71 13.11
C PHE C 487 50.23 -30.35 13.38
N HIS C 488 49.62 -29.56 12.49
CA HIS C 488 48.28 -29.04 12.75
C HIS C 488 47.23 -30.14 12.75
N VAL C 489 47.41 -31.18 11.93
CA VAL C 489 46.44 -32.26 11.89
C VAL C 489 46.53 -33.10 13.17
N ALA C 490 47.75 -33.39 13.62
CA ALA C 490 47.95 -34.20 14.82
C ALA C 490 47.72 -33.41 16.10
N ASN C 491 47.68 -32.08 16.03
CA ASN C 491 47.50 -31.25 17.21
C ASN C 491 46.18 -30.50 17.22
N ASP C 492 45.22 -30.93 16.40
CA ASP C 492 43.85 -30.44 16.44
C ASP C 492 43.77 -28.93 16.19
N TYR C 493 44.30 -28.52 15.04
CA TYR C 493 44.29 -27.13 14.64
C TYR C 493 43.68 -26.97 13.25
N SER C 494 42.90 -25.92 13.08
CA SER C 494 42.35 -25.59 11.77
C SER C 494 43.45 -25.15 10.82
N PHE C 495 43.27 -25.46 9.53
CA PHE C 495 44.25 -25.09 8.52
C PHE C 495 43.75 -24.07 7.51
N ILE C 496 42.43 -23.95 7.32
CA ILE C 496 41.90 -22.96 6.38
C ILE C 496 42.19 -21.53 6.80
N ARG C 497 42.62 -21.33 8.05
CA ARG C 497 43.00 -19.99 8.50
C ARG C 497 44.18 -19.46 7.69
N TYR C 498 45.14 -20.33 7.36
CA TYR C 498 46.24 -19.92 6.50
C TYR C 498 45.78 -19.59 5.10
N TYR C 499 44.72 -20.25 4.62
CA TYR C 499 44.20 -19.98 3.29
C TYR C 499 43.52 -18.61 3.23
N THR C 500 42.65 -18.32 4.19
CA THR C 500 41.91 -17.07 4.17
C THR C 500 42.80 -15.88 4.50
N ARG C 501 43.81 -16.08 5.34
CA ARG C 501 44.73 -14.99 5.68
C ARG C 501 45.40 -14.44 4.43
N THR C 502 45.82 -15.32 3.52
CA THR C 502 46.54 -14.88 2.33
C THR C 502 45.64 -14.01 1.45
N ILE C 503 44.37 -14.37 1.30
CA ILE C 503 43.45 -13.57 0.50
C ILE C 503 43.20 -12.23 1.17
N PHE C 504 42.93 -12.23 2.48
CA PHE C 504 42.74 -10.98 3.20
C PHE C 504 43.99 -10.11 3.17
N GLU C 505 45.17 -10.74 3.10
CA GLU C 505 46.42 -9.99 3.10
C GLU C 505 46.50 -9.06 1.89
N PHE C 506 46.44 -9.63 0.69
CA PHE C 506 46.59 -8.82 -0.52
C PHE C 506 45.37 -7.95 -0.79
N GLN C 507 44.21 -8.31 -0.25
CA GLN C 507 43.07 -7.39 -0.30
C GLN C 507 43.36 -6.15 0.54
N PHE C 508 43.94 -6.33 1.72
CA PHE C 508 44.36 -5.19 2.52
C PHE C 508 45.44 -4.39 1.82
N HIS C 509 46.44 -5.07 1.26
CA HIS C 509 47.57 -4.38 0.65
C HIS C 509 47.12 -3.54 -0.54
N GLU C 510 46.24 -4.09 -1.39
CA GLU C 510 45.79 -3.34 -2.55
C GLU C 510 44.99 -2.10 -2.14
N ALA C 511 44.16 -2.23 -1.10
CA ALA C 511 43.34 -1.10 -0.68
C ALA C 511 44.17 -0.01 -0.02
N LEU C 512 45.10 -0.39 0.86
CA LEU C 512 45.90 0.60 1.56
C LEU C 512 46.84 1.35 0.61
N CYS C 513 47.35 0.68 -0.42
CA CYS C 513 48.25 1.35 -1.36
C CYS C 513 47.50 2.37 -2.22
N ARG C 514 46.23 2.11 -2.53
CA ARG C 514 45.43 3.11 -3.23
C ARG C 514 45.28 4.37 -2.38
N ILE C 515 45.01 4.19 -1.09
CA ILE C 515 44.92 5.34 -0.19
C ILE C 515 46.27 6.05 -0.07
N ALA C 516 47.36 5.29 -0.16
CA ALA C 516 48.70 5.86 -0.15
C ALA C 516 49.11 6.45 -1.49
N GLN C 517 48.22 6.41 -2.49
CA GLN C 517 48.49 6.98 -3.81
C GLN C 517 49.76 6.39 -4.43
N HIS C 518 49.93 5.08 -4.32
CA HIS C 518 51.09 4.39 -4.86
C HIS C 518 50.93 4.24 -6.37
N ASP C 519 51.88 4.77 -7.12
CA ASP C 519 51.89 4.68 -8.58
C ASP C 519 52.87 3.61 -9.01
N GLY C 520 52.37 2.57 -9.70
CA GLY C 520 53.20 1.51 -10.19
C GLY C 520 52.73 0.14 -9.74
N PRO C 521 53.60 -0.85 -9.87
CA PRO C 521 53.24 -2.22 -9.49
C PRO C 521 52.95 -2.35 -8.00
N LEU C 522 52.18 -3.39 -7.67
CA LEU C 522 51.79 -3.58 -6.28
C LEU C 522 52.94 -4.10 -5.42
N HIS C 523 53.83 -4.92 -6.01
CA HIS C 523 54.93 -5.48 -5.22
C HIS C 523 56.01 -4.45 -4.91
N LYS C 524 55.87 -3.21 -5.38
CA LYS C 524 56.79 -2.13 -5.05
C LYS C 524 56.16 -1.10 -4.13
N CYS C 525 55.09 -1.45 -3.44
CA CYS C 525 54.36 -0.49 -2.62
C CYS C 525 55.01 -0.32 -1.26
N ASP C 526 55.07 0.93 -0.80
CA ASP C 526 55.57 1.27 0.53
C ASP C 526 54.50 2.08 1.25
N ILE C 527 53.88 1.47 2.27
CA ILE C 527 52.78 2.12 2.97
C ILE C 527 53.25 3.16 3.97
N SER C 528 54.55 3.26 4.20
CA SER C 528 55.08 4.14 5.23
C SER C 528 54.84 5.61 4.89
N ASN C 529 54.79 6.44 5.93
CA ASN C 529 54.65 7.89 5.83
C ASN C 529 53.34 8.32 5.19
N SER C 530 52.33 7.46 5.20
CA SER C 530 51.00 7.78 4.65
C SER C 530 49.99 7.76 5.78
N THR C 531 49.65 8.94 6.31
CA THR C 531 48.69 9.02 7.40
C THR C 531 47.29 8.62 6.96
N ASP C 532 46.95 8.86 5.69
CA ASP C 532 45.63 8.50 5.20
C ASP C 532 45.40 6.99 5.25
N ALA C 533 46.46 6.22 4.98
CA ALA C 533 46.32 4.77 5.00
C ALA C 533 46.26 4.22 6.43
N GLY C 534 46.97 4.86 7.36
CA GLY C 534 46.94 4.40 8.73
C GLY C 534 45.60 4.59 9.41
N LYS C 535 44.88 5.66 9.05
CA LYS C 535 43.56 5.88 9.64
C LYS C 535 42.57 4.80 9.23
N LYS C 536 42.58 4.42 7.95
CA LYS C 536 41.69 3.36 7.49
C LYS C 536 42.05 2.03 8.14
N LEU C 537 43.35 1.75 8.31
CA LEU C 537 43.77 0.52 8.96
C LEU C 537 43.37 0.51 10.43
N HIS C 538 43.51 1.63 11.12
CA HIS C 538 43.15 1.70 12.53
C HIS C 538 41.66 1.48 12.74
N GLN C 539 40.82 1.94 11.80
CA GLN C 539 39.39 1.69 11.91
C GLN C 539 39.09 0.20 11.82
N MET C 540 39.85 -0.52 10.99
CA MET C 540 39.64 -1.97 10.87
C MET C 540 40.11 -2.70 12.12
N LEU C 541 41.19 -2.22 12.74
CA LEU C 541 41.72 -2.88 13.94
C LEU C 541 40.88 -2.58 15.18
N SER C 542 40.25 -1.41 15.23
CA SER C 542 39.56 -0.99 16.45
C SER C 542 38.29 -1.79 16.69
N VAL C 543 37.59 -2.21 15.64
CA VAL C 543 36.31 -2.89 15.80
C VAL C 543 36.51 -4.31 16.34
N GLY C 544 37.55 -4.99 15.86
CA GLY C 544 37.80 -6.34 16.34
C GLY C 544 36.71 -7.29 15.88
N LYS C 545 36.16 -8.06 16.82
CA LYS C 545 35.05 -8.97 16.55
C LYS C 545 33.71 -8.43 17.04
N SER C 546 33.62 -7.13 17.34
CA SER C 546 32.36 -6.53 17.73
C SER C 546 31.36 -6.46 16.57
N GLN C 547 31.84 -6.49 15.34
CA GLN C 547 31.02 -6.43 14.15
C GLN C 547 31.29 -7.64 13.27
N PRO C 548 30.36 -7.99 12.37
CA PRO C 548 30.64 -9.06 11.41
C PRO C 548 31.84 -8.72 10.54
N TRP C 549 32.64 -9.74 10.22
CA TRP C 549 33.84 -9.52 9.42
C TRP C 549 33.52 -9.06 8.01
N THR C 550 32.31 -9.34 7.52
CA THR C 550 31.93 -8.86 6.20
C THR C 550 31.81 -7.34 6.17
N VAL C 551 31.20 -6.76 7.21
CA VAL C 551 31.09 -5.30 7.27
C VAL C 551 32.46 -4.68 7.50
N THR C 552 33.29 -5.32 8.33
CA THR C 552 34.63 -4.80 8.60
C THR C 552 35.47 -4.77 7.32
N LEU C 553 35.35 -5.81 6.48
CA LEU C 553 36.08 -5.84 5.23
C LEU C 553 35.54 -4.82 4.23
N LYS C 554 34.22 -4.58 4.26
CA LYS C 554 33.63 -3.60 3.35
C LYS C 554 34.14 -2.19 3.63
N ASP C 555 34.52 -1.91 4.87
CA ASP C 555 34.94 -0.57 5.24
C ASP C 555 36.38 -0.26 4.86
N ILE C 556 37.19 -1.27 4.56
CA ILE C 556 38.61 -1.09 4.29
C ILE C 556 38.94 -1.33 2.83
N VAL C 557 38.35 -2.35 2.21
CA VAL C 557 38.64 -2.70 0.83
C VAL C 557 37.45 -2.47 -0.09
N ASP C 558 36.35 -1.91 0.42
CA ASP C 558 35.15 -1.60 -0.37
C ASP C 558 34.56 -2.85 -0.99
N SER C 559 34.74 -4.00 -0.36
CA SER C 559 34.14 -5.26 -0.81
C SER C 559 33.71 -6.05 0.40
N ARG C 560 32.49 -6.59 0.34
CA ARG C 560 31.92 -7.34 1.46
C ARG C 560 32.24 -8.83 1.40
N ASN C 561 33.02 -9.28 0.41
CA ASN C 561 33.26 -10.69 0.19
C ASN C 561 34.75 -10.93 0.00
N MET C 562 35.11 -12.22 -0.03
CA MET C 562 36.49 -12.61 -0.30
C MET C 562 36.78 -12.44 -1.78
N ASP C 563 37.98 -11.93 -2.09
CA ASP C 563 38.38 -11.69 -3.47
C ASP C 563 39.86 -12.03 -3.63
N VAL C 564 40.16 -13.02 -4.48
CA VAL C 564 41.54 -13.38 -4.78
C VAL C 564 42.15 -12.50 -5.86
N GLY C 565 41.38 -11.58 -6.42
CA GLY C 565 41.85 -10.67 -7.45
C GLY C 565 43.11 -9.91 -7.09
N PRO C 566 43.10 -9.20 -5.95
CA PRO C 566 44.30 -8.44 -5.56
C PRO C 566 45.57 -9.26 -5.48
N LEU C 567 45.49 -10.54 -5.10
CA LEU C 567 46.67 -11.39 -5.13
C LEU C 567 47.14 -11.63 -6.56
N LEU C 568 46.20 -11.93 -7.46
CA LEU C 568 46.58 -12.22 -8.84
C LEU C 568 47.15 -10.99 -9.53
N ARG C 569 46.72 -9.79 -9.13
CA ARG C 569 47.33 -8.57 -9.66
C ARG C 569 48.70 -8.34 -9.06
N TYR C 570 48.90 -8.73 -7.80
CA TYR C 570 50.22 -8.62 -7.18
C TYR C 570 51.25 -9.45 -7.92
N PHE C 571 50.87 -10.65 -8.35
CA PHE C 571 51.76 -11.55 -9.06
C PHE C 571 51.62 -11.46 -10.57
N GLU C 572 50.92 -10.44 -11.07
CA GLU C 572 50.75 -10.30 -12.51
C GLU C 572 52.07 -10.16 -13.27
N PRO C 573 53.07 -9.39 -12.81
CA PRO C 573 54.36 -9.39 -13.52
C PRO C 573 54.99 -10.78 -13.59
N LEU C 574 54.81 -11.61 -12.58
CA LEU C 574 55.33 -12.97 -12.63
C LEU C 574 54.45 -13.87 -13.49
N TYR C 575 53.13 -13.65 -13.48
CA TYR C 575 52.23 -14.50 -14.26
C TYR C 575 52.51 -14.39 -15.75
N THR C 576 52.67 -13.16 -16.25
CA THR C 576 52.99 -12.97 -17.66
C THR C 576 54.39 -13.48 -17.99
N TRP C 577 55.30 -13.46 -17.01
CA TRP C 577 56.63 -14.01 -17.24
C TRP C 577 56.60 -15.53 -17.30
N LEU C 578 55.83 -16.18 -16.42
CA LEU C 578 55.75 -17.63 -16.41
C LEU C 578 55.11 -18.15 -17.69
N GLN C 579 54.11 -17.44 -18.21
CA GLN C 579 53.48 -17.86 -19.46
C GLN C 579 54.45 -17.76 -20.63
N GLU C 580 55.35 -16.78 -20.62
CA GLU C 580 56.35 -16.67 -21.66
C GLU C 580 57.40 -17.78 -21.56
N GLN C 581 57.75 -18.18 -20.34
CA GLN C 581 58.79 -19.19 -20.15
C GLN C 581 58.25 -20.60 -20.29
N ASN C 582 57.01 -20.85 -19.91
CA ASN C 582 56.37 -22.14 -20.09
C ASN C 582 55.85 -22.34 -21.51
N ARG C 583 56.30 -21.51 -22.45
CA ARG C 583 55.92 -21.66 -23.85
C ARG C 583 56.33 -23.02 -24.38
N LYS C 584 57.59 -23.40 -24.17
CA LYS C 584 58.16 -24.62 -24.70
C LYS C 584 58.04 -25.79 -23.73
N SER C 585 57.25 -25.65 -22.67
CA SER C 585 57.14 -26.68 -21.65
C SER C 585 55.68 -27.06 -21.46
N TYR C 586 55.47 -28.28 -20.95
CA TYR C 586 54.14 -28.79 -20.68
C TYR C 586 53.59 -28.15 -19.41
N VAL C 587 52.38 -27.60 -19.49
CA VAL C 587 51.71 -27.00 -18.35
C VAL C 587 50.49 -27.86 -18.01
N GLY C 588 50.40 -28.28 -16.76
CA GLY C 588 49.43 -29.26 -16.32
C GLY C 588 50.11 -30.53 -15.87
N TRP C 589 49.30 -31.47 -15.38
CA TRP C 589 49.85 -32.72 -14.86
C TRP C 589 48.87 -33.86 -15.13
N ASN C 590 49.42 -35.06 -15.24
CA ASN C 590 48.65 -36.28 -15.39
C ASN C 590 48.59 -37.01 -14.06
N THR C 591 47.39 -37.45 -13.67
CA THR C 591 47.21 -38.06 -12.36
C THR C 591 47.85 -39.44 -12.29
N ASP C 592 47.93 -40.15 -13.41
CA ASP C 592 48.31 -41.56 -13.39
C ASP C 592 49.80 -41.79 -13.17
N TRP C 593 50.66 -40.84 -13.50
CA TRP C 593 52.09 -41.08 -13.38
C TRP C 593 52.51 -41.07 -11.91
N SER C 594 53.35 -42.03 -11.55
CA SER C 594 53.90 -42.16 -10.22
C SER C 594 55.36 -42.57 -10.32
N PRO C 595 56.20 -42.20 -9.36
CA PRO C 595 57.58 -42.70 -9.35
C PRO C 595 57.64 -44.22 -9.24
N TYR C 596 56.64 -44.84 -8.63
CA TYR C 596 56.53 -46.29 -8.56
C TYR C 596 55.63 -46.87 -9.64
N SER C 597 54.93 -46.03 -10.40
CA SER C 597 54.02 -46.46 -11.46
C SER C 597 52.98 -47.46 -10.95
N ASN D 16 52.69 30.03 58.83
CA ASN D 16 51.23 29.93 58.81
C ASN D 16 50.74 29.46 57.46
N LEU D 17 51.52 28.61 56.80
CA LEU D 17 51.16 28.11 55.48
C LEU D 17 50.14 26.98 55.58
N CYS D 18 49.32 26.86 54.55
CA CYS D 18 48.27 25.86 54.56
C CYS D 18 48.84 24.46 54.44
N PRO D 19 48.32 23.49 55.18
CA PRO D 19 48.87 22.13 55.12
C PRO D 19 48.48 21.38 53.84
N PHE D 20 48.77 21.99 52.68
CA PHE D 20 48.57 21.29 51.43
C PHE D 20 49.52 20.11 51.29
N GLY D 21 50.66 20.13 51.99
CA GLY D 21 51.58 19.01 51.92
C GLY D 21 51.04 17.75 52.54
N GLU D 22 50.11 17.88 53.50
CA GLU D 22 49.56 16.69 54.15
C GLU D 22 48.64 15.92 53.21
N VAL D 23 47.88 16.63 52.38
CA VAL D 23 46.92 15.96 51.49
C VAL D 23 47.63 15.34 50.31
N PHE D 24 48.48 16.11 49.63
CA PHE D 24 49.15 15.61 48.42
C PHE D 24 50.19 14.56 48.78
N ASN D 25 50.96 14.77 49.84
CA ASN D 25 52.00 13.84 50.27
C ASN D 25 51.40 12.99 51.39
N ALA D 26 51.04 11.75 51.06
CA ALA D 26 50.43 10.86 52.04
C ALA D 26 50.75 9.42 51.69
N THR D 27 51.08 8.63 52.72
CA THR D 27 51.36 7.21 52.52
C THR D 27 50.09 6.39 52.35
N ARG D 28 48.94 6.88 52.82
CA ARG D 28 47.67 6.20 52.66
C ARG D 28 46.69 7.12 51.96
N PHE D 29 46.13 6.65 50.86
CA PHE D 29 45.07 7.34 50.15
C PHE D 29 43.79 6.52 50.21
N ALA D 30 42.65 7.20 50.17
CA ALA D 30 41.37 6.53 50.34
C ALA D 30 40.88 5.95 49.02
N SER D 31 39.97 4.98 49.14
CA SER D 31 39.28 4.46 47.97
C SER D 31 38.27 5.49 47.46
N VAL D 32 37.99 5.43 46.16
CA VAL D 32 37.16 6.45 45.53
C VAL D 32 35.74 6.43 46.11
N TYR D 33 35.24 5.25 46.46
CA TYR D 33 33.91 5.17 47.05
C TYR D 33 33.90 5.75 48.47
N ALA D 34 35.05 5.74 49.14
CA ALA D 34 35.15 6.33 50.47
C ALA D 34 36.15 7.48 50.45
N TRP D 35 35.93 8.45 49.57
CA TRP D 35 36.91 9.50 49.33
C TRP D 35 37.06 10.40 50.57
N ASN D 36 38.31 10.68 50.94
CA ASN D 36 38.62 11.46 52.12
C ASN D 36 38.57 12.94 51.80
N ARG D 37 38.06 13.72 52.76
CA ARG D 37 37.88 15.16 52.58
C ARG D 37 38.52 15.89 53.76
N LYS D 38 39.39 16.84 53.46
CA LYS D 38 40.03 17.69 54.46
C LYS D 38 39.72 19.14 54.17
N ARG D 39 39.19 19.85 55.16
CA ARG D 39 38.94 21.28 55.04
C ARG D 39 40.21 22.04 55.44
N ILE D 40 40.78 22.77 54.49
CA ILE D 40 41.98 23.57 54.73
C ILE D 40 41.53 24.98 55.06
N SER D 41 41.81 25.43 56.28
CA SER D 41 41.35 26.73 56.74
C SER D 41 42.34 27.32 57.72
N ASN D 42 42.21 28.63 57.94
CA ASN D 42 43.01 29.37 58.92
C ASN D 42 44.51 29.30 58.59
N CYS D 43 44.85 29.67 57.36
CA CYS D 43 46.23 29.57 56.91
C CYS D 43 46.40 30.37 55.62
N VAL D 44 47.66 30.54 55.24
CA VAL D 44 48.04 31.14 53.96
C VAL D 44 48.33 30.04 52.97
N ALA D 45 47.80 30.16 51.76
CA ALA D 45 47.87 29.11 50.75
C ALA D 45 48.85 29.49 49.65
N ASP D 46 49.79 28.59 49.36
CA ASP D 46 50.76 28.76 48.28
C ASP D 46 50.36 27.82 47.14
N TYR D 47 49.51 28.32 46.23
CA TYR D 47 49.15 27.55 45.04
C TYR D 47 50.28 27.51 44.02
N SER D 48 51.28 28.39 44.15
CA SER D 48 52.37 28.43 43.17
C SER D 48 53.27 27.21 43.30
N VAL D 49 53.63 26.84 44.53
CA VAL D 49 54.51 25.69 44.74
C VAL D 49 53.84 24.39 44.33
N LEU D 50 52.50 24.34 44.34
CA LEU D 50 51.80 23.12 43.96
C LEU D 50 51.98 22.80 42.48
N TYR D 51 51.76 23.78 41.61
CA TYR D 51 51.88 23.52 40.17
C TYR D 51 53.33 23.31 39.76
N ASN D 52 54.28 23.91 40.48
CA ASN D 52 55.69 23.75 40.12
C ASN D 52 56.16 22.31 40.30
N SER D 53 55.51 21.54 41.17
CA SER D 53 55.85 20.14 41.35
C SER D 53 55.44 19.36 40.10
N ALA D 54 56.42 18.96 39.30
CA ALA D 54 56.17 18.27 38.04
C ALA D 54 55.75 16.81 38.22
N SER D 55 55.49 16.39 39.46
CA SER D 55 55.06 15.01 39.70
C SER D 55 53.64 14.75 39.20
N PHE D 56 52.87 15.80 38.94
CA PHE D 56 51.47 15.67 38.59
C PHE D 56 51.29 15.48 37.09
N SER D 57 50.54 14.45 36.72
CA SER D 57 50.23 14.22 35.30
C SER D 57 49.02 15.03 34.86
N THR D 58 48.13 15.37 35.78
CA THR D 58 46.95 16.18 35.48
C THR D 58 46.86 17.30 36.50
N PHE D 59 46.81 18.55 36.03
CA PHE D 59 46.66 19.72 36.88
C PHE D 59 45.83 20.74 36.09
N LYS D 60 44.54 20.44 35.95
CA LYS D 60 43.61 21.28 35.21
C LYS D 60 42.69 21.98 36.21
N CYS D 61 42.63 23.31 36.14
CA CYS D 61 41.84 24.12 37.05
C CYS D 61 40.59 24.60 36.33
N TYR D 62 39.43 24.30 36.90
CA TYR D 62 38.14 24.62 36.30
C TYR D 62 37.51 25.79 37.04
N GLY D 63 37.06 26.79 36.28
CA GLY D 63 36.35 27.92 36.84
C GLY D 63 37.22 29.05 37.34
N VAL D 64 38.48 28.78 37.69
CA VAL D 64 39.39 29.80 38.20
C VAL D 64 40.71 29.68 37.47
N SER D 65 41.41 30.81 37.38
CA SER D 65 42.72 30.82 36.73
C SER D 65 43.79 30.37 37.73
N PRO D 66 44.60 29.36 37.40
CA PRO D 66 45.60 28.89 38.36
C PRO D 66 46.67 29.93 38.69
N THR D 67 47.04 30.78 37.72
CA THR D 67 48.06 31.78 37.99
C THR D 67 47.52 32.90 38.86
N LYS D 68 46.26 33.27 38.67
CA LYS D 68 45.64 34.37 39.41
C LYS D 68 44.95 33.90 40.69
N LEU D 69 45.16 32.65 41.11
CA LEU D 69 44.53 32.15 42.32
C LEU D 69 45.21 32.67 43.59
N ASN D 70 46.49 33.01 43.49
CA ASN D 70 47.24 33.47 44.67
C ASN D 70 46.83 34.87 45.12
N ASP D 71 46.11 35.61 44.28
CA ASP D 71 45.61 36.93 44.64
C ASP D 71 44.15 36.91 45.04
N LEU D 72 43.57 35.72 45.19
CA LEU D 72 42.19 35.54 45.60
C LEU D 72 42.16 34.86 46.96
N CYS D 73 41.20 35.25 47.81
CA CYS D 73 41.07 34.69 49.15
C CYS D 73 39.67 34.12 49.31
N PHE D 74 39.57 32.90 49.85
CA PHE D 74 38.30 32.19 49.96
C PHE D 74 37.98 31.85 51.41
N THR D 75 36.69 31.63 51.68
CA THR D 75 36.27 31.33 53.05
C THR D 75 36.83 29.98 53.52
N ASN D 76 36.57 28.92 52.76
CA ASN D 76 37.10 27.60 53.06
C ASN D 76 37.55 26.93 51.77
N VAL D 77 38.55 26.06 51.89
CA VAL D 77 39.06 25.27 50.77
C VAL D 77 38.99 23.81 51.17
N TYR D 78 38.37 22.99 50.32
CA TYR D 78 38.15 21.58 50.59
C TYR D 78 39.02 20.75 49.67
N ALA D 79 39.79 19.82 50.25
CA ALA D 79 40.69 18.97 49.49
C ALA D 79 40.22 17.53 49.63
N ASP D 80 39.78 16.94 48.52
CA ASP D 80 39.27 15.57 48.52
C ASP D 80 40.29 14.66 47.86
N SER D 81 40.67 13.58 48.54
CA SER D 81 41.70 12.66 48.07
C SER D 81 41.12 11.27 47.89
N PHE D 82 41.50 10.62 46.78
CA PHE D 82 41.06 9.25 46.49
C PHE D 82 41.98 8.66 45.44
N VAL D 83 41.82 7.35 45.20
CA VAL D 83 42.62 6.59 44.23
C VAL D 83 41.67 5.98 43.20
N ILE D 84 41.96 6.19 41.92
CA ILE D 84 41.15 5.68 40.81
C ILE D 84 42.09 5.08 39.76
N ARG D 85 41.49 4.46 38.74
CA ARG D 85 42.28 3.93 37.63
C ARG D 85 42.64 5.04 36.65
N GLY D 86 43.65 4.78 35.83
CA GLY D 86 44.15 5.81 34.94
C GLY D 86 43.11 6.29 33.95
N ASP D 87 42.41 5.36 33.32
CA ASP D 87 41.38 5.69 32.34
C ASP D 87 40.16 6.36 32.97
N GLU D 88 40.08 6.39 34.30
CA GLU D 88 38.94 6.94 34.98
C GLU D 88 39.18 8.35 35.52
N VAL D 89 40.38 8.90 35.29
CA VAL D 89 40.65 10.28 35.70
C VAL D 89 39.75 11.25 34.93
N ARG D 90 39.41 10.90 33.68
CA ARG D 90 38.53 11.75 32.87
C ARG D 90 37.21 12.02 33.58
N GLN D 91 36.62 10.99 34.18
CA GLN D 91 35.30 11.11 34.78
C GLN D 91 35.28 12.03 36.00
N ILE D 92 36.43 12.25 36.64
CA ILE D 92 36.49 13.16 37.78
C ILE D 92 36.20 14.59 37.35
N ALA D 93 36.60 14.95 36.13
CA ALA D 93 36.33 16.28 35.59
C ALA D 93 34.83 16.55 35.49
N PRO D 94 34.43 17.82 35.51
CA PRO D 94 33.00 18.17 35.47
C PRO D 94 32.29 17.64 34.23
N GLY D 95 30.98 17.42 34.37
CA GLY D 95 30.13 17.05 33.26
C GLY D 95 30.54 15.78 32.53
N GLN D 96 30.93 14.75 33.27
CA GLN D 96 31.37 13.50 32.67
C GLN D 96 30.57 12.34 33.23
N THR D 97 30.42 11.28 32.43
CA THR D 97 29.62 10.12 32.80
C THR D 97 30.51 8.88 32.86
N GLY D 98 30.40 8.13 33.96
CA GLY D 98 31.15 6.89 34.11
C GLY D 98 30.77 6.26 35.43
N LYS D 99 31.19 5.01 35.61
CA LYS D 99 30.86 4.32 36.86
C LYS D 99 31.50 4.98 38.07
N ILE D 100 32.65 5.64 37.88
CA ILE D 100 33.25 6.41 38.98
C ILE D 100 32.49 7.70 39.19
N ALA D 101 32.17 8.41 38.11
CA ALA D 101 31.47 9.68 38.25
C ALA D 101 30.04 9.48 38.71
N ASP D 102 29.34 8.50 38.13
CA ASP D 102 27.91 8.33 38.42
C ASP D 102 27.69 7.71 39.80
N TYR D 103 28.56 6.78 40.22
CA TYR D 103 28.32 6.03 41.43
C TYR D 103 29.34 6.25 42.54
N ASN D 104 30.47 6.91 42.27
CA ASN D 104 31.51 7.03 43.29
C ASN D 104 31.86 8.46 43.64
N TYR D 105 32.16 9.30 42.66
CA TYR D 105 32.55 10.69 42.94
C TYR D 105 32.15 11.56 41.76
N LYS D 106 31.30 12.54 42.00
CA LYS D 106 30.79 13.42 40.96
C LYS D 106 31.14 14.87 41.29
N LEU D 107 31.54 15.63 40.26
CA LEU D 107 31.84 17.05 40.38
C LEU D 107 30.76 17.87 39.68
N PRO D 108 30.30 18.96 40.30
CA PRO D 108 29.23 19.75 39.68
C PRO D 108 29.69 20.39 38.38
N ASP D 109 28.72 20.70 37.52
CA ASP D 109 29.04 21.45 36.30
C ASP D 109 29.48 22.86 36.63
N ASP D 110 28.98 23.42 37.72
CA ASP D 110 29.41 24.73 38.22
C ASP D 110 30.56 24.57 39.22
N PHE D 111 31.64 23.94 38.75
CA PHE D 111 32.75 23.59 39.63
C PHE D 111 33.84 24.64 39.53
N THR D 112 34.13 25.32 40.65
CA THR D 112 35.23 26.26 40.76
C THR D 112 36.31 25.59 41.61
N GLY D 113 37.38 25.13 40.96
CA GLY D 113 38.44 24.45 41.67
C GLY D 113 39.45 23.85 40.73
N CYS D 114 40.29 22.95 41.26
CA CYS D 114 41.36 22.33 40.50
C CYS D 114 41.37 20.84 40.76
N VAL D 115 41.76 20.07 39.75
CA VAL D 115 41.85 18.62 39.83
C VAL D 115 43.30 18.23 39.58
N ILE D 116 43.89 17.47 40.50
CA ILE D 116 45.30 17.13 40.45
C ILE D 116 45.44 15.62 40.57
N ALA D 117 46.25 15.03 39.70
CA ALA D 117 46.42 13.58 39.68
C ALA D 117 47.86 13.23 39.35
N TRP D 118 48.32 12.09 39.86
CA TRP D 118 49.66 11.60 39.56
C TRP D 118 49.67 10.08 39.57
N ASN D 119 50.61 9.50 38.79
CA ASN D 119 50.75 8.05 38.74
C ASN D 119 51.27 7.51 40.06
N SER D 120 50.78 6.33 40.45
CA SER D 120 51.10 5.77 41.76
C SER D 120 51.46 4.29 41.66
N ASN D 121 51.98 3.85 40.52
CA ASN D 121 52.28 2.43 40.34
C ASN D 121 53.34 1.96 41.32
N ASN D 122 54.25 2.85 41.73
CA ASN D 122 55.29 2.47 42.66
C ASN D 122 54.72 2.12 44.02
N LEU D 123 53.88 3.01 44.57
CA LEU D 123 53.35 2.83 45.93
C LEU D 123 52.13 1.92 45.96
N ASP D 124 51.18 2.11 45.04
CA ASP D 124 49.87 1.50 45.15
C ASP D 124 49.69 0.25 44.30
N SER D 125 50.76 -0.30 43.74
CA SER D 125 50.69 -1.56 43.00
C SER D 125 51.76 -2.51 43.51
N LYS D 126 51.49 -3.80 43.37
CA LYS D 126 52.40 -4.81 43.91
C LYS D 126 52.28 -6.10 43.10
N VAL D 127 53.34 -6.91 43.15
CA VAL D 127 53.33 -8.21 42.49
C VAL D 127 52.28 -9.08 43.16
N GLY D 128 51.43 -9.70 42.35
CA GLY D 128 50.26 -10.41 42.83
C GLY D 128 49.02 -9.54 42.94
N GLY D 129 49.16 -8.23 42.90
CA GLY D 129 48.02 -7.34 42.90
C GLY D 129 47.67 -6.72 44.24
N ASN D 130 47.28 -5.44 44.23
CA ASN D 130 46.76 -4.76 45.41
C ASN D 130 45.25 -4.62 45.22
N TYR D 131 44.51 -5.53 45.81
CA TYR D 131 43.05 -5.54 45.71
C TYR D 131 42.41 -4.76 46.85
N ASN D 132 43.19 -3.99 47.60
CA ASN D 132 42.69 -3.24 48.75
C ASN D 132 42.07 -1.91 48.35
N TYR D 133 41.90 -1.65 47.06
CA TYR D 133 41.23 -0.46 46.57
C TYR D 133 39.93 -0.91 45.90
N LEU D 134 38.82 -0.22 46.20
CA LEU D 134 37.52 -0.67 45.74
C LEU D 134 36.76 0.45 45.04
N TYR D 135 35.85 0.05 44.15
CA TYR D 135 34.94 0.93 43.44
C TYR D 135 33.53 0.37 43.58
N ARG D 136 32.54 1.18 43.23
CA ARG D 136 31.14 0.72 43.16
C ARG D 136 30.80 0.38 41.72
N LEU D 137 30.60 -0.91 41.44
CA LEU D 137 30.20 -1.33 40.11
C LEU D 137 28.76 -0.94 39.81
N PHE D 138 27.87 -1.10 40.79
CA PHE D 138 26.44 -0.88 40.60
C PHE D 138 25.88 -0.03 41.73
N ARG D 139 25.02 0.93 41.37
CA ARG D 139 24.24 1.67 42.36
C ARG D 139 22.88 1.97 41.74
N LYS D 140 21.85 1.99 42.59
CA LYS D 140 20.49 2.19 42.12
C LYS D 140 20.33 3.53 41.40
N SER D 141 20.85 4.60 41.98
CA SER D 141 20.67 5.94 41.44
C SER D 141 22.01 6.62 41.23
N ASN D 142 22.05 7.55 40.28
CA ASN D 142 23.27 8.32 40.06
C ASN D 142 23.55 9.24 41.24
N LEU D 143 24.82 9.41 41.56
CA LEU D 143 25.23 10.15 42.75
C LEU D 143 25.03 11.65 42.54
N LYS D 144 24.87 12.37 43.66
CA LYS D 144 24.78 13.81 43.67
C LYS D 144 26.16 14.42 43.89
N PRO D 145 26.34 15.69 43.52
CA PRO D 145 27.64 16.34 43.70
C PRO D 145 28.14 16.27 45.14
N PHE D 146 29.39 15.82 45.30
CA PHE D 146 30.06 15.72 46.60
C PHE D 146 29.27 14.84 47.57
N GLU D 147 28.66 13.80 47.05
CA GLU D 147 28.01 12.78 47.87
C GLU D 147 28.94 11.58 48.00
N ARG D 148 28.74 10.81 49.07
CA ARG D 148 29.53 9.63 49.35
C ARG D 148 28.61 8.52 49.83
N ASP D 149 28.84 7.29 49.37
CA ASP D 149 28.05 6.14 49.81
C ASP D 149 28.98 5.05 50.32
N ILE D 150 28.83 4.71 51.60
CA ILE D 150 29.57 3.61 52.20
C ILE D 150 28.70 2.35 52.25
N SER D 151 27.61 2.32 51.49
CA SER D 151 26.65 1.22 51.57
C SER D 151 27.31 -0.11 51.22
N THR D 152 26.87 -1.16 51.91
CA THR D 152 27.41 -2.50 51.74
C THR D 152 26.27 -3.49 51.52
N GLU D 153 25.25 -3.08 50.80
CA GLU D 153 24.04 -3.89 50.60
C GLU D 153 24.02 -4.45 49.18
N ILE D 154 23.64 -5.72 49.06
CA ILE D 154 23.70 -6.40 47.77
C ILE D 154 22.78 -5.72 46.76
N TYR D 155 23.29 -5.55 45.55
CA TYR D 155 22.51 -4.91 44.48
C TYR D 155 21.43 -5.85 43.97
N GLN D 156 20.26 -5.28 43.67
CA GLN D 156 19.13 -6.05 43.19
C GLN D 156 18.86 -5.67 41.73
N ALA D 157 18.95 -6.66 40.85
CA ALA D 157 18.53 -6.52 39.45
C ALA D 157 17.23 -7.30 39.28
N GLY D 158 16.25 -6.68 38.63
CA GLY D 158 14.94 -7.31 38.54
C GLY D 158 14.18 -7.16 39.85
N SER D 159 13.22 -8.07 40.06
CA SER D 159 12.36 -8.00 41.23
C SER D 159 12.66 -9.05 42.29
N THR D 160 13.41 -10.09 41.94
CA THR D 160 13.69 -11.15 42.92
C THR D 160 14.49 -10.57 44.08
N PRO D 161 14.04 -10.77 45.33
CA PRO D 161 14.76 -10.20 46.48
C PRO D 161 16.08 -10.89 46.71
N CYS D 162 17.11 -10.10 47.04
CA CYS D 162 18.45 -10.64 47.24
C CYS D 162 18.60 -11.33 48.59
N ASN D 163 17.89 -10.88 49.62
CA ASN D 163 17.84 -11.53 50.92
C ASN D 163 19.22 -11.63 51.56
N GLY D 164 20.00 -10.55 51.41
CA GLY D 164 21.32 -10.48 52.01
C GLY D 164 22.28 -11.56 51.56
N VAL D 165 22.09 -12.11 50.36
CA VAL D 165 23.01 -13.10 49.81
C VAL D 165 23.27 -12.75 48.36
N GLU D 166 24.41 -13.20 47.85
CA GLU D 166 24.79 -12.99 46.47
C GLU D 166 24.28 -14.15 45.62
N GLY D 167 23.75 -13.83 44.43
CA GLY D 167 23.21 -14.85 43.54
C GLY D 167 22.69 -14.32 42.22
N PHE D 168 21.65 -14.96 41.66
CA PHE D 168 21.12 -14.54 40.38
C PHE D 168 20.59 -13.12 40.47
N ASN D 169 21.14 -12.22 39.64
CA ASN D 169 20.80 -10.81 39.63
C ASN D 169 21.06 -10.15 40.98
N CYS D 170 21.91 -10.76 41.80
CA CYS D 170 22.29 -10.24 43.10
C CYS D 170 23.81 -10.16 43.16
N TYR D 171 24.34 -8.95 43.19
CA TYR D 171 25.77 -8.73 43.09
C TYR D 171 26.21 -7.76 44.18
N PHE D 172 27.35 -8.05 44.79
CA PHE D 172 27.89 -7.13 45.78
C PHE D 172 28.32 -5.84 45.08
N PRO D 173 27.85 -4.67 45.51
CA PRO D 173 28.11 -3.44 44.74
C PRO D 173 29.57 -3.05 44.67
N LEU D 174 30.34 -3.27 45.74
CA LEU D 174 31.72 -2.83 45.78
C LEU D 174 32.63 -3.96 45.30
N GLN D 175 33.44 -3.68 44.28
CA GLN D 175 34.36 -4.66 43.73
C GLN D 175 35.78 -4.10 43.80
N SER D 176 36.77 -4.98 43.64
CA SER D 176 38.16 -4.66 43.98
C SER D 176 38.97 -4.26 42.76
N TYR D 177 39.52 -3.04 42.77
CA TYR D 177 40.56 -2.65 41.82
C TYR D 177 41.72 -3.63 41.90
N GLY D 178 42.16 -4.12 40.75
CA GLY D 178 43.31 -4.99 40.70
C GLY D 178 44.50 -4.30 40.06
N PHE D 179 45.44 -3.83 40.88
CA PHE D 179 46.58 -3.05 40.41
C PHE D 179 47.83 -3.92 40.48
N GLN D 180 48.45 -4.15 39.32
CA GLN D 180 49.69 -4.90 39.20
C GLN D 180 50.75 -4.01 38.57
N PRO D 181 52.02 -4.22 38.91
CA PRO D 181 53.08 -3.36 38.34
C PRO D 181 53.18 -3.44 36.84
N THR D 182 52.95 -4.63 36.27
CA THR D 182 53.06 -4.81 34.83
C THR D 182 51.90 -4.20 34.06
N ASN D 183 50.90 -3.66 34.76
CA ASN D 183 49.72 -3.15 34.09
C ASN D 183 50.05 -1.90 33.28
N GLY D 184 49.14 -1.54 32.37
CA GLY D 184 49.29 -0.33 31.58
C GLY D 184 48.75 0.88 32.30
N VAL D 185 49.01 2.05 31.70
CA VAL D 185 48.68 3.32 32.35
C VAL D 185 47.18 3.41 32.64
N GLY D 186 46.34 2.96 31.71
CA GLY D 186 44.90 3.01 31.94
C GLY D 186 44.48 2.15 33.10
N TYR D 187 45.14 1.02 33.31
CA TYR D 187 44.84 0.10 34.39
C TYR D 187 45.81 0.26 35.56
N GLN D 188 46.47 1.43 35.66
CA GLN D 188 47.50 1.66 36.65
C GLN D 188 46.98 2.59 37.74
N PRO D 189 47.50 2.46 38.97
CA PRO D 189 47.06 3.33 40.07
C PRO D 189 47.31 4.80 39.76
N TYR D 190 46.30 5.63 39.97
CA TYR D 190 46.45 7.07 39.89
C TYR D 190 45.80 7.71 41.11
N ARG D 191 46.53 8.60 41.78
CA ARG D 191 46.05 9.27 42.98
C ARG D 191 45.54 10.66 42.61
N VAL D 192 44.32 10.99 43.04
CA VAL D 192 43.66 12.24 42.64
C VAL D 192 43.34 13.06 43.88
N VAL D 193 43.66 14.36 43.83
CA VAL D 193 43.26 15.33 44.84
C VAL D 193 42.47 16.42 44.16
N VAL D 194 41.26 16.69 44.66
CA VAL D 194 40.37 17.70 44.09
C VAL D 194 40.28 18.86 45.08
N LEU D 195 40.67 20.05 44.63
CA LEU D 195 40.60 21.25 45.46
C LEU D 195 39.30 21.98 45.14
N SER D 196 38.44 22.11 46.14
CA SER D 196 37.17 22.81 46.01
C SER D 196 37.28 24.15 46.72
N PHE D 197 36.95 25.23 46.02
CA PHE D 197 37.11 26.59 46.54
C PHE D 197 35.75 27.15 46.90
N GLU D 198 35.56 27.51 48.17
CA GLU D 198 34.27 27.98 48.67
C GLU D 198 34.37 29.46 49.04
N LEU D 199 33.52 30.28 48.42
CA LEU D 199 33.34 31.67 48.81
C LEU D 199 31.96 31.79 49.46
N LEU D 200 31.93 32.15 50.74
CA LEU D 200 30.71 32.17 51.53
C LEU D 200 30.51 33.55 52.13
N HIS D 201 29.28 33.82 52.58
CA HIS D 201 28.98 35.08 53.27
C HIS D 201 29.42 34.94 54.72
N ALA D 202 30.74 34.99 54.92
CA ALA D 202 31.40 34.74 56.21
C ALA D 202 32.84 35.24 56.15
N PRO D 203 33.54 35.41 57.29
CA PRO D 203 34.96 35.78 57.22
C PRO D 203 35.78 34.70 56.51
N ALA D 204 36.73 35.14 55.69
CA ALA D 204 37.59 34.26 54.91
C ALA D 204 38.95 34.13 55.58
N THR D 205 39.36 32.90 55.89
CA THR D 205 40.59 32.65 56.61
C THR D 205 41.65 31.94 55.77
N VAL D 206 41.41 31.77 54.47
CA VAL D 206 42.37 31.17 53.55
C VAL D 206 42.58 32.16 52.40
N CYS D 207 43.75 32.79 52.37
CA CYS D 207 44.09 33.72 51.30
C CYS D 207 45.48 33.35 50.76
N GLY D 208 45.89 34.06 49.72
CA GLY D 208 47.18 33.82 49.10
C GLY D 208 48.24 34.80 49.54
N PRO D 209 49.49 34.56 49.15
CA PRO D 209 50.58 35.46 49.57
C PRO D 209 50.46 36.83 48.94
N LYS D 210 50.82 37.85 49.71
CA LYS D 210 50.80 39.22 49.22
C LYS D 210 52.01 40.01 49.74
N SER E 2 -45.06 10.43 44.84
CA SER E 2 -45.89 11.57 44.46
C SER E 2 -45.87 12.64 45.54
N THR E 3 -44.98 12.46 46.53
CA THR E 3 -44.90 13.41 47.63
C THR E 3 -44.33 14.74 47.16
N THR E 4 -44.49 15.76 48.01
CA THR E 4 -44.01 17.09 47.67
C THR E 4 -42.49 17.12 47.51
N GLU E 5 -41.78 16.35 48.34
CA GLU E 5 -40.33 16.31 48.23
C GLU E 5 -39.89 15.72 46.89
N ASP E 6 -40.57 14.66 46.44
CA ASP E 6 -40.30 14.12 45.12
C ASP E 6 -40.66 15.13 44.03
N ARG E 7 -41.68 15.94 44.26
CA ARG E 7 -42.08 16.96 43.29
C ARG E 7 -41.14 18.15 43.28
N ALA E 8 -40.44 18.43 44.37
CA ALA E 8 -39.46 19.51 44.39
C ALA E 8 -38.14 19.09 43.77
N LYS E 9 -37.75 17.83 43.92
CA LYS E 9 -36.53 17.35 43.28
C LYS E 9 -36.65 17.36 41.77
N ILE E 10 -37.83 16.97 41.24
CA ILE E 10 -38.06 17.06 39.80
C ILE E 10 -38.04 18.51 39.36
N PHE E 11 -38.59 19.41 40.18
CA PHE E 11 -38.54 20.84 39.89
C PHE E 11 -37.10 21.34 39.87
N LEU E 12 -36.32 21.01 40.91
CA LEU E 12 -34.96 21.52 41.03
C LEU E 12 -34.06 20.95 39.94
N ASP E 13 -34.26 19.67 39.58
CA ASP E 13 -33.48 19.10 38.50
C ASP E 13 -33.75 19.82 37.19
N ASN E 14 -35.01 20.12 36.89
CA ASN E 14 -35.33 20.96 35.75
C ASN E 14 -34.81 22.37 35.93
N PHE E 15 -34.73 22.85 37.17
CA PHE E 15 -34.20 24.18 37.44
C PHE E 15 -32.69 24.21 37.30
N ASN E 16 -31.99 23.24 37.90
CA ASN E 16 -30.54 23.29 37.95
C ASN E 16 -29.91 23.24 36.55
N ARG E 17 -30.50 22.46 35.65
CA ARG E 17 -29.90 22.31 34.33
C ARG E 17 -30.10 23.57 33.48
N GLU E 18 -31.29 24.16 33.53
CA GLU E 18 -31.52 25.40 32.79
C GLU E 18 -30.77 26.57 33.44
N ALA E 19 -30.66 26.57 34.77
CA ALA E 19 -29.96 27.65 35.45
C ALA E 19 -28.46 27.61 35.16
N GLU E 20 -27.89 26.41 35.05
CA GLU E 20 -26.45 26.27 34.82
C GLU E 20 -26.04 26.93 33.51
N GLU E 21 -26.82 26.71 32.43
CA GLU E 21 -26.45 27.27 31.14
C GLU E 21 -26.72 28.77 31.07
N LEU E 22 -27.88 29.21 31.56
CA LEU E 22 -28.20 30.63 31.53
C LEU E 22 -27.26 31.44 32.42
N SER E 23 -26.85 30.88 33.55
CA SER E 23 -25.85 31.55 34.38
C SER E 23 -24.49 31.52 33.72
N TYR E 24 -24.18 30.47 32.95
CA TYR E 24 -22.90 30.41 32.26
C TYR E 24 -22.83 31.44 31.15
N GLN E 25 -23.93 31.63 30.40
CA GLN E 25 -23.96 32.70 29.40
C GLN E 25 -23.80 34.07 30.05
N SER E 26 -24.38 34.24 31.24
CA SER E 26 -24.25 35.52 31.94
C SER E 26 -22.81 35.73 32.42
N SER E 27 -22.15 34.66 32.86
CA SER E 27 -20.78 34.79 33.33
C SER E 27 -19.78 34.88 32.19
N LEU E 28 -20.06 34.26 31.04
CA LEU E 28 -19.20 34.42 29.88
C LEU E 28 -19.26 35.85 29.34
N ALA E 29 -20.46 36.44 29.33
CA ALA E 29 -20.59 37.83 28.88
C ALA E 29 -19.87 38.78 29.82
N SER E 30 -19.94 38.53 31.14
CA SER E 30 -19.20 39.34 32.08
C SER E 30 -17.70 39.17 31.92
N TRP E 31 -17.25 37.98 31.54
CA TRP E 31 -15.82 37.76 31.29
C TRP E 31 -15.35 38.55 30.08
N GLU E 32 -16.16 38.60 29.03
CA GLU E 32 -15.77 39.33 27.82
C GLU E 32 -15.65 40.82 28.09
N TYR E 33 -16.53 41.37 28.94
CA TYR E 33 -16.44 42.79 29.27
C TYR E 33 -15.19 43.07 30.10
N ASN E 34 -14.86 42.18 31.04
CA ASN E 34 -13.73 42.44 31.94
C ASN E 34 -12.40 42.25 31.23
N THR E 35 -12.36 41.42 30.18
CA THR E 35 -11.15 41.22 29.38
C THR E 35 -11.22 41.94 28.04
N ASN E 36 -12.27 42.70 27.78
CA ASN E 36 -12.39 43.49 26.56
C ASN E 36 -13.48 44.54 26.74
N ILE E 37 -13.13 45.67 27.37
CA ILE E 37 -14.11 46.72 27.64
C ILE E 37 -14.59 47.29 26.31
N SER E 38 -15.90 47.22 26.08
CA SER E 38 -16.50 47.76 24.86
C SER E 38 -17.97 48.00 25.13
N ASP E 39 -18.50 49.07 24.52
CA ASP E 39 -19.91 49.38 24.67
C ASP E 39 -20.82 48.31 24.08
N GLU E 40 -20.32 47.53 23.12
CA GLU E 40 -21.07 46.36 22.66
C GLU E 40 -21.06 45.26 23.72
N ASN E 41 -19.93 45.07 24.39
CA ASN E 41 -19.82 44.03 25.40
C ASN E 41 -20.61 44.37 26.65
N VAL E 42 -20.78 45.66 26.95
CA VAL E 42 -21.58 46.02 28.12
C VAL E 42 -23.06 45.80 27.84
N GLN E 43 -23.49 45.96 26.58
CA GLN E 43 -24.86 45.63 26.23
C GLN E 43 -25.08 44.13 26.16
N LYS E 44 -24.10 43.40 25.61
CA LYS E 44 -24.17 41.94 25.63
C LYS E 44 -24.19 41.42 27.06
N MET E 45 -23.48 42.09 27.96
CA MET E 45 -23.45 41.67 29.37
C MET E 45 -24.76 42.02 30.06
N ASP E 46 -25.38 43.15 29.70
CA ASP E 46 -26.66 43.52 30.28
C ASP E 46 -27.77 42.58 29.80
N GLU E 47 -27.72 42.16 28.54
CA GLU E 47 -28.77 41.32 28.00
C GLU E 47 -28.73 39.91 28.56
N ALA E 48 -27.53 39.34 28.70
CA ALA E 48 -27.41 37.99 29.26
C ALA E 48 -27.79 37.97 30.74
N GLY E 49 -27.49 39.04 31.47
CA GLY E 49 -27.90 39.11 32.86
C GLY E 49 -29.39 39.29 33.04
N ALA E 50 -30.05 39.96 32.08
CA ALA E 50 -31.49 40.13 32.16
C ALA E 50 -32.23 38.84 31.86
N LYS E 51 -31.71 38.03 30.93
CA LYS E 51 -32.30 36.73 30.67
C LYS E 51 -32.18 35.81 31.88
N TRP E 52 -31.04 35.87 32.58
CA TRP E 52 -30.87 35.08 33.80
C TRP E 52 -31.76 35.61 34.92
N SER E 53 -31.93 36.93 35.00
CA SER E 53 -32.76 37.50 36.05
C SER E 53 -34.24 37.19 35.81
N ALA E 54 -34.67 37.22 34.54
CA ALA E 54 -36.06 36.89 34.24
C ALA E 54 -36.34 35.41 34.48
N PHE E 55 -35.36 34.55 34.17
CA PHE E 55 -35.51 33.12 34.44
C PHE E 55 -35.54 32.83 35.93
N TYR E 56 -34.66 33.47 36.69
CA TYR E 56 -34.58 33.19 38.12
C TYR E 56 -35.84 33.65 38.86
N GLU E 57 -36.35 34.84 38.51
CA GLU E 57 -37.54 35.35 39.20
C GLU E 57 -38.77 34.50 38.90
N GLU E 58 -38.88 33.96 37.68
CA GLU E 58 -40.01 33.11 37.37
C GLU E 58 -39.93 31.79 38.11
N GLN E 59 -38.73 31.20 38.21
CA GLN E 59 -38.56 29.99 39.00
C GLN E 59 -38.65 30.26 40.50
N SER E 60 -38.52 31.53 40.91
CA SER E 60 -38.72 31.85 42.32
C SER E 60 -40.19 31.74 42.70
N LYS E 61 -41.09 32.15 41.81
CA LYS E 61 -42.51 32.03 42.08
C LYS E 61 -42.95 30.57 42.11
N LEU E 62 -42.38 29.74 41.23
CA LEU E 62 -42.78 28.35 41.17
C LEU E 62 -42.32 27.55 42.39
N ALA E 63 -41.19 27.94 42.99
CA ALA E 63 -40.70 27.26 44.18
C ALA E 63 -41.61 27.47 45.39
N LYS E 64 -42.39 28.54 45.40
CA LYS E 64 -43.32 28.77 46.51
C LYS E 64 -44.45 27.76 46.54
N ASN E 65 -44.66 27.02 45.44
CA ASN E 65 -45.69 26.00 45.41
C ASN E 65 -45.35 24.80 46.28
N TYR E 66 -44.05 24.58 46.53
CA TYR E 66 -43.61 23.47 47.36
C TYR E 66 -43.20 23.99 48.72
N PRO E 67 -43.94 23.70 49.79
CA PRO E 67 -43.62 24.28 51.10
C PRO E 67 -42.38 23.64 51.71
N LEU E 68 -41.65 24.45 52.48
CA LEU E 68 -40.42 23.96 53.12
C LEU E 68 -40.74 23.01 54.26
N GLU E 69 -41.87 23.20 54.94
CA GLU E 69 -42.21 22.38 56.08
C GLU E 69 -42.46 20.92 55.72
N GLU E 70 -42.80 20.64 54.46
CA GLU E 70 -43.04 19.28 54.01
C GLU E 70 -41.81 18.61 53.41
N ILE E 71 -40.66 19.27 53.45
CA ILE E 71 -39.43 18.75 52.86
C ILE E 71 -38.50 18.34 53.99
N GLN E 72 -38.01 17.10 53.93
CA GLN E 72 -37.19 16.53 54.99
C GLN E 72 -35.69 16.65 54.72
N THR E 73 -35.27 16.61 53.46
CA THR E 73 -33.85 16.72 53.13
C THR E 73 -33.43 18.19 53.16
N VAL E 74 -32.46 18.51 54.01
CA VAL E 74 -32.00 19.90 54.16
C VAL E 74 -31.42 20.46 52.87
N PRO E 75 -30.58 19.74 52.10
CA PRO E 75 -30.15 20.28 50.80
C PRO E 75 -31.30 20.67 49.89
N VAL E 76 -32.37 19.88 49.84
CA VAL E 76 -33.53 20.25 49.06
C VAL E 76 -34.23 21.46 49.68
N LYS E 77 -34.47 21.43 50.99
CA LYS E 77 -35.15 22.53 51.66
C LYS E 77 -34.40 23.85 51.46
N LEU E 78 -33.07 23.81 51.62
CA LEU E 78 -32.28 25.04 51.46
C LEU E 78 -32.34 25.56 50.02
N GLN E 79 -32.42 24.66 49.04
CA GLN E 79 -32.47 25.10 47.65
C GLN E 79 -33.75 25.87 47.35
N LEU E 80 -34.89 25.35 47.82
CA LEU E 80 -36.15 26.07 47.62
C LEU E 80 -36.25 27.31 48.49
N GLN E 81 -35.65 27.29 49.69
CA GLN E 81 -35.76 28.42 50.60
C GLN E 81 -35.10 29.66 50.01
N ILE E 82 -33.86 29.52 49.51
CA ILE E 82 -33.20 30.66 48.89
C ILE E 82 -33.84 31.00 47.55
N LEU E 83 -34.45 30.02 46.89
CA LEU E 83 -35.11 30.30 45.62
C LEU E 83 -36.42 31.06 45.84
N GLN E 84 -37.17 30.71 46.88
CA GLN E 84 -38.40 31.42 47.18
C GLN E 84 -38.11 32.84 47.67
N GLN E 85 -37.10 32.98 48.52
CA GLN E 85 -36.85 34.26 49.18
C GLN E 85 -36.39 35.33 48.20
N SER E 86 -35.70 34.93 47.13
CA SER E 86 -35.12 35.90 46.20
C SER E 86 -36.15 36.40 45.19
N GLY E 87 -37.29 36.89 45.67
CA GLY E 87 -38.26 37.49 44.79
C GLY E 87 -37.87 38.87 44.34
N SER E 88 -38.58 39.36 43.33
CA SER E 88 -38.34 40.71 42.83
C SER E 88 -38.61 41.73 43.92
N PRO E 89 -37.88 42.87 43.92
CA PRO E 89 -38.10 43.89 44.94
C PRO E 89 -39.56 44.29 45.09
N VAL E 90 -40.13 44.03 46.27
CA VAL E 90 -41.52 44.36 46.54
C VAL E 90 -41.61 45.86 46.79
N LEU E 91 -41.51 46.64 45.71
CA LEU E 91 -41.46 48.09 45.82
C LEU E 91 -42.16 48.70 44.61
N SER E 92 -42.71 49.90 44.82
CA SER E 92 -43.42 50.59 43.75
C SER E 92 -42.50 50.80 42.56
N GLU E 93 -43.09 50.78 41.36
CA GLU E 93 -42.31 50.93 40.14
C GLU E 93 -41.55 52.25 40.13
N ASP E 94 -42.16 53.32 40.63
CA ASP E 94 -41.46 54.59 40.71
C ASP E 94 -40.40 54.57 41.81
N LYS E 95 -40.72 53.99 42.97
CA LYS E 95 -39.75 53.93 44.06
C LYS E 95 -38.57 53.03 43.70
N SER E 96 -38.83 51.94 42.98
CA SER E 96 -37.73 51.09 42.52
C SER E 96 -36.83 51.83 41.56
N LYS E 97 -37.41 52.59 40.63
CA LYS E 97 -36.61 53.40 39.73
C LYS E 97 -35.89 54.52 40.47
N ARG E 98 -36.55 55.10 41.48
CA ARG E 98 -35.90 56.12 42.29
C ARG E 98 -34.72 55.55 43.06
N LEU E 99 -34.83 54.29 43.49
CA LEU E 99 -33.70 53.66 44.19
C LEU E 99 -32.53 53.42 43.23
N ASN E 100 -32.82 52.94 42.02
CA ASN E 100 -31.75 52.78 41.03
C ASN E 100 -31.18 54.12 40.60
N SER E 101 -32.04 55.12 40.42
CA SER E 101 -31.56 56.45 40.03
C SER E 101 -30.65 57.05 41.10
N ILE E 102 -30.95 56.77 42.37
CA ILE E 102 -30.08 57.25 43.44
C ILE E 102 -28.78 56.45 43.47
N LEU E 103 -28.88 55.13 43.30
CA LEU E 103 -27.68 54.28 43.39
C LEU E 103 -26.69 54.63 42.28
N ASN E 104 -27.16 54.83 41.05
CA ASN E 104 -26.27 55.23 39.97
C ASN E 104 -25.71 56.63 40.20
N ALA E 105 -26.51 57.52 40.81
CA ALA E 105 -26.03 58.86 41.11
C ALA E 105 -24.89 58.81 42.13
N MET E 106 -25.08 58.07 43.22
CA MET E 106 -24.06 57.98 44.26
C MET E 106 -22.76 57.39 43.72
N SER E 107 -22.87 56.38 42.84
CA SER E 107 -21.67 55.81 42.23
C SER E 107 -21.01 56.77 41.26
N THR E 108 -21.75 57.74 40.72
CA THR E 108 -21.17 58.71 39.81
C THR E 108 -20.41 59.80 40.56
N ILE E 109 -20.98 60.32 41.64
CA ILE E 109 -20.31 61.35 42.43
C ILE E 109 -19.02 60.81 43.03
N TYR E 110 -18.97 59.51 43.36
CA TYR E 110 -17.75 58.94 43.90
C TYR E 110 -16.65 58.86 42.84
N SER E 111 -17.01 58.46 41.62
CA SER E 111 -16.02 58.31 40.56
C SER E 111 -15.59 59.64 39.97
N THR E 112 -16.49 60.62 39.93
CA THR E 112 -16.22 61.90 39.27
C THR E 112 -15.92 63.03 40.25
N GLY E 113 -15.99 62.76 41.56
CA GLY E 113 -15.72 63.81 42.54
C GLY E 113 -14.26 64.22 42.49
N LYS E 114 -14.02 65.53 42.38
CA LYS E 114 -12.68 66.08 42.29
C LYS E 114 -12.49 67.17 43.34
N VAL E 115 -11.25 67.31 43.81
CA VAL E 115 -10.87 68.33 44.77
C VAL E 115 -9.82 69.22 44.14
N CYS E 116 -10.03 70.53 44.22
CA CYS E 116 -9.13 71.51 43.63
C CYS E 116 -8.26 72.14 44.71
N LYS E 117 -6.99 72.36 44.37
CA LYS E 117 -6.10 73.03 45.29
C LYS E 117 -6.50 74.49 45.48
N PRO E 118 -6.30 75.04 46.68
CA PRO E 118 -6.77 76.40 46.95
C PRO E 118 -6.13 77.42 46.02
N ASN E 119 -6.97 78.30 45.47
CA ASN E 119 -6.56 79.38 44.56
C ASN E 119 -5.93 78.85 43.27
N ASN E 120 -6.13 77.57 42.97
CA ASN E 120 -5.69 76.96 41.71
C ASN E 120 -6.85 76.19 41.12
N PRO E 121 -7.81 76.88 40.50
CA PRO E 121 -8.99 76.18 39.95
C PRO E 121 -8.67 75.23 38.81
N GLN E 122 -7.45 75.29 38.25
CA GLN E 122 -7.06 74.38 37.18
C GLN E 122 -6.24 73.19 37.66
N GLU E 123 -5.71 73.23 38.89
CA GLU E 123 -5.01 72.10 39.48
C GLU E 123 -5.99 71.34 40.37
N CYS E 124 -6.81 70.51 39.73
CA CYS E 124 -7.80 69.68 40.40
C CYS E 124 -7.49 68.22 40.09
N PHE E 125 -7.56 67.36 41.10
CA PHE E 125 -7.28 65.95 40.88
C PHE E 125 -8.29 65.09 41.64
N LEU E 126 -8.38 63.83 41.23
CA LEU E 126 -9.36 62.89 41.74
C LEU E 126 -8.74 62.01 42.83
N LEU E 127 -9.32 60.84 43.05
CA LEU E 127 -8.83 59.87 44.02
C LEU E 127 -8.01 58.77 43.35
N GLU E 128 -7.81 58.85 42.03
CA GLU E 128 -7.03 57.85 41.29
C GLU E 128 -6.07 58.49 40.30
N PRO E 129 -4.75 58.34 40.49
CA PRO E 129 -4.13 57.83 41.72
C PRO E 129 -4.33 58.89 42.81
N GLY E 130 -3.90 60.11 42.49
CA GLY E 130 -4.33 61.34 43.14
C GLY E 130 -4.32 61.35 44.65
N LEU E 131 -5.47 61.74 45.22
CA LEU E 131 -5.58 61.97 46.66
C LEU E 131 -5.17 60.75 47.46
N ASP E 132 -5.25 59.56 46.87
CA ASP E 132 -4.80 58.36 47.55
C ASP E 132 -3.32 58.44 47.89
N ASN E 133 -2.49 58.96 46.98
CA ASN E 133 -1.07 59.12 47.26
C ASN E 133 -0.82 60.34 48.13
N ILE E 134 -1.57 61.42 47.92
CA ILE E 134 -1.49 62.58 48.80
C ILE E 134 -1.81 62.19 50.23
N MET E 135 -2.81 61.34 50.42
CA MET E 135 -3.20 60.90 51.75
C MET E 135 -2.51 59.61 52.17
N GLY E 136 -1.65 59.06 51.33
CA GLY E 136 -0.98 57.81 51.65
C GLY E 136 0.53 57.94 51.78
N THR E 137 1.10 59.05 51.30
CA THR E 137 2.54 59.21 51.29
C THR E 137 2.98 60.53 51.93
N SER E 138 2.13 61.55 51.88
CA SER E 138 2.54 62.88 52.33
C SER E 138 2.68 62.92 53.85
N LYS E 139 3.63 63.75 54.30
CA LYS E 139 3.88 63.97 55.72
C LYS E 139 3.61 65.41 56.13
N ASP E 140 2.84 66.14 55.33
CA ASP E 140 2.49 67.53 55.61
C ASP E 140 1.09 67.58 56.21
N TYR E 141 0.97 68.23 57.37
CA TYR E 141 -0.31 68.30 58.06
C TYR E 141 -1.33 69.07 57.24
N ASN E 142 -0.92 70.21 56.66
CA ASN E 142 -1.86 71.07 55.96
C ASN E 142 -2.21 70.54 54.58
N GLU E 143 -1.32 69.77 53.94
CA GLU E 143 -1.65 69.15 52.67
C GLU E 143 -2.69 68.05 52.85
N ARG E 144 -2.50 67.21 53.86
CA ARG E 144 -3.46 66.15 54.13
C ARG E 144 -4.80 66.72 54.58
N LEU E 145 -4.79 67.84 55.30
CA LEU E 145 -6.05 68.44 55.75
C LEU E 145 -6.86 68.96 54.57
N TRP E 146 -6.20 69.50 53.55
CA TRP E 146 -6.92 69.98 52.37
C TRP E 146 -7.56 68.83 51.60
N ALA E 147 -6.84 67.72 51.47
CA ALA E 147 -7.39 66.58 50.73
C ALA E 147 -8.46 65.87 51.55
N TRP E 148 -8.29 65.81 52.87
CA TRP E 148 -9.29 65.18 53.72
C TRP E 148 -10.59 66.00 53.74
N GLU E 149 -10.48 67.29 54.03
CA GLU E 149 -11.67 68.14 54.07
C GLU E 149 -12.26 68.32 52.67
N GLY E 150 -11.40 68.40 51.65
CA GLY E 150 -11.90 68.63 50.31
C GLY E 150 -12.72 67.46 49.77
N TRP E 151 -12.26 66.23 50.02
CA TRP E 151 -13.04 65.07 49.61
C TRP E 151 -14.36 64.99 50.36
N ARG E 152 -14.35 65.35 51.64
CA ARG E 152 -15.58 65.32 52.44
C ARG E 152 -16.53 66.43 52.03
N ALA E 153 -16.01 67.55 51.55
CA ALA E 153 -16.87 68.69 51.23
C ALA E 153 -17.46 68.59 49.83
N GLU E 154 -16.70 68.07 48.87
CA GLU E 154 -17.20 67.98 47.51
C GLU E 154 -18.02 66.70 47.30
N VAL E 155 -17.49 65.56 47.72
CA VAL E 155 -18.18 64.31 47.47
C VAL E 155 -19.20 64.02 48.57
N GLY E 156 -18.83 64.27 49.83
CA GLY E 156 -19.71 63.91 50.92
C GLY E 156 -20.95 64.78 51.00
N LYS E 157 -20.78 66.09 50.87
CA LYS E 157 -21.92 67.00 51.01
C LYS E 157 -22.94 66.80 49.89
N GLN E 158 -22.49 66.42 48.69
CA GLN E 158 -23.43 66.12 47.62
C GLN E 158 -24.17 64.82 47.89
N LEU E 159 -23.50 63.85 48.50
CA LEU E 159 -24.12 62.56 48.79
C LEU E 159 -25.08 62.61 49.97
N ARG E 160 -25.05 63.69 50.76
CA ARG E 160 -25.87 63.75 51.98
C ARG E 160 -27.36 63.70 51.70
N PRO E 161 -27.94 64.50 50.80
CA PRO E 161 -29.39 64.39 50.58
C PRO E 161 -29.79 63.11 49.87
N LEU E 162 -28.90 62.51 49.09
CA LEU E 162 -29.23 61.25 48.42
C LEU E 162 -29.20 60.07 49.39
N TYR E 163 -28.25 60.08 50.34
CA TYR E 163 -28.19 58.99 51.31
C TYR E 163 -29.40 59.01 52.25
N GLU E 164 -29.91 60.20 52.57
CA GLU E 164 -31.12 60.29 53.38
C GLU E 164 -32.30 59.64 52.67
N GLU E 165 -32.41 59.86 51.35
CA GLU E 165 -33.43 59.17 50.57
C GLU E 165 -33.09 57.70 50.36
N TYR E 166 -31.80 57.36 50.42
CA TYR E 166 -31.37 55.99 50.15
C TYR E 166 -31.71 55.06 51.30
N VAL E 167 -31.64 55.55 52.54
CA VAL E 167 -31.93 54.70 53.69
C VAL E 167 -33.44 54.47 53.82
N VAL E 168 -34.25 55.44 53.42
CA VAL E 168 -35.70 55.30 53.54
C VAL E 168 -36.22 54.28 52.53
N LEU E 169 -35.75 54.37 51.28
CA LEU E 169 -36.20 53.44 50.25
C LEU E 169 -35.64 52.04 50.49
N LYS E 170 -34.41 51.95 50.99
CA LYS E 170 -33.82 50.63 51.24
C LYS E 170 -34.47 49.97 52.45
N ASN E 171 -34.82 50.74 53.48
CA ASN E 171 -35.54 50.18 54.61
C ASN E 171 -36.92 49.70 54.18
N GLU E 172 -37.62 50.52 53.39
CA GLU E 172 -38.94 50.11 52.89
C GLU E 172 -38.86 48.81 52.09
N MET E 173 -37.77 48.64 51.32
CA MET E 173 -37.58 47.39 50.60
C MET E 173 -37.36 46.22 51.56
N ALA E 174 -36.58 46.45 52.62
CA ALA E 174 -36.28 45.37 53.57
C ALA E 174 -37.54 44.93 54.31
N ARG E 175 -38.38 45.87 54.73
CA ARG E 175 -39.66 45.51 55.33
C ARG E 175 -40.59 44.82 54.34
N GLY E 176 -40.34 44.98 53.04
CA GLY E 176 -41.09 44.22 52.05
C GLY E 176 -40.74 42.75 52.09
N TYR E 177 -39.46 42.43 52.32
CA TYR E 177 -39.02 41.06 52.51
C TYR E 177 -39.29 40.55 53.93
N HIS E 178 -40.09 41.27 54.71
CA HIS E 178 -40.40 40.92 56.09
C HIS E 178 -39.14 40.89 56.96
N TYR E 179 -38.32 41.94 56.82
CA TYR E 179 -37.17 42.17 57.66
C TYR E 179 -37.36 43.47 58.43
N GLU E 180 -36.63 43.61 59.54
CA GLU E 180 -36.77 44.79 60.38
C GLU E 180 -36.32 46.05 59.64
N ASP E 181 -35.14 46.00 59.05
CA ASP E 181 -34.58 47.13 58.32
C ASP E 181 -33.53 46.61 57.34
N TYR E 182 -32.90 47.53 56.62
CA TYR E 182 -31.87 47.14 55.67
C TYR E 182 -30.67 46.52 56.37
N GLY E 183 -30.43 46.90 57.63
CA GLY E 183 -29.35 46.28 58.37
C GLY E 183 -29.62 44.83 58.71
N ASP E 184 -30.87 44.52 59.09
CA ASP E 184 -31.24 43.13 59.32
C ASP E 184 -31.15 42.31 58.04
N TYR E 185 -31.52 42.93 56.91
CA TYR E 185 -31.43 42.24 55.63
C TYR E 185 -29.99 41.87 55.30
N TRP E 186 -29.03 42.70 55.69
CA TRP E 186 -27.63 42.40 55.45
C TRP E 186 -27.13 41.26 56.33
N ARG E 187 -27.65 41.15 57.55
CA ARG E 187 -27.22 40.14 58.51
C ARG E 187 -27.89 38.79 58.28
N ARG E 188 -28.68 38.64 57.22
CA ARG E 188 -29.30 37.35 56.92
C ARG E 188 -28.30 36.35 56.37
N ASP E 189 -27.12 36.81 55.95
CA ASP E 189 -26.10 35.90 55.44
C ASP E 189 -25.65 34.90 56.50
N TYR E 190 -25.66 35.31 57.76
CA TYR E 190 -25.19 34.47 58.86
C TYR E 190 -26.31 33.69 59.53
N GLU E 191 -27.54 33.80 59.04
CA GLU E 191 -28.66 33.11 59.67
C GLU E 191 -28.52 31.60 59.48
N THR E 192 -28.62 30.86 60.58
CA THR E 192 -28.40 29.43 60.61
C THR E 192 -29.62 28.75 61.25
N GLU E 193 -30.81 29.33 61.03
CA GLU E 193 -32.03 28.85 61.67
C GLU E 193 -32.34 27.39 61.36
N GLU E 194 -31.58 26.76 60.46
CA GLU E 194 -31.79 25.34 60.18
C GLU E 194 -31.56 24.49 61.43
N SER E 195 -30.62 24.89 62.28
CA SER E 195 -30.28 24.10 63.46
C SER E 195 -31.49 23.97 64.39
N SER E 196 -31.62 22.81 65.02
CA SER E 196 -32.77 22.49 65.87
C SER E 196 -32.69 23.34 67.15
N GLY E 197 -33.22 24.55 67.06
CA GLY E 197 -33.18 25.49 68.15
C GLY E 197 -31.83 26.13 68.41
N SER E 198 -30.77 25.65 67.78
CA SER E 198 -29.43 26.20 67.93
C SER E 198 -29.03 27.07 66.75
N GLY E 199 -30.01 27.66 66.06
CA GLY E 199 -29.72 28.43 64.86
C GLY E 199 -29.09 29.77 65.19
N TYR E 200 -28.11 30.16 64.37
CA TYR E 200 -27.51 31.47 64.51
C TYR E 200 -28.50 32.55 64.10
N SER E 201 -28.74 33.49 65.00
CA SER E 201 -29.70 34.56 64.75
C SER E 201 -29.02 35.75 64.10
N ARG E 202 -29.82 36.49 63.30
CA ARG E 202 -29.32 37.74 62.74
C ARG E 202 -28.96 38.74 63.83
N ASP E 203 -29.68 38.69 64.96
CA ASP E 203 -29.36 39.54 66.09
C ASP E 203 -28.16 39.01 66.89
N GLN E 204 -27.86 37.72 66.78
CA GLN E 204 -26.70 37.16 67.48
C GLN E 204 -25.39 37.65 66.86
N LEU E 205 -25.39 37.95 65.56
CA LEU E 205 -24.19 38.51 64.94
C LEU E 205 -23.80 39.82 65.61
N MET E 206 -24.77 40.68 65.88
CA MET E 206 -24.48 41.94 66.56
C MET E 206 -23.89 41.69 67.95
N LYS E 207 -24.39 40.68 68.66
CA LYS E 207 -23.88 40.38 69.98
C LYS E 207 -22.47 39.81 69.92
N ASP E 208 -22.21 38.91 68.96
CA ASP E 208 -20.87 38.32 68.85
C ASP E 208 -19.85 39.33 68.35
N VAL E 209 -20.26 40.20 67.41
CA VAL E 209 -19.33 41.20 66.88
C VAL E 209 -19.02 42.25 67.94
N ASP E 210 -20.00 42.59 68.77
CA ASP E 210 -19.74 43.53 69.87
C ASP E 210 -18.76 42.95 70.87
N ARG E 211 -18.91 41.66 71.19
CA ARG E 211 -18.01 41.02 72.15
C ARG E 211 -16.57 41.00 71.63
N ILE E 212 -16.40 40.64 70.35
CA ILE E 212 -15.07 40.55 69.76
C ILE E 212 -14.38 41.90 69.79
N PHE E 213 -15.14 43.00 69.72
CA PHE E 213 -14.56 44.32 69.83
C PHE E 213 -13.89 44.54 71.19
N THR E 214 -14.57 44.13 72.27
CA THR E 214 -14.00 44.31 73.60
C THR E 214 -12.79 43.41 73.82
N GLU E 215 -12.70 42.30 73.08
CA GLU E 215 -11.53 41.43 73.18
C GLU E 215 -10.34 42.01 72.44
N ILE E 216 -10.58 42.75 71.35
CA ILE E 216 -9.48 43.32 70.58
C ILE E 216 -8.99 44.63 71.21
N LYS E 217 -9.87 45.35 71.92
CA LYS E 217 -9.53 46.67 72.44
C LYS E 217 -8.20 46.75 73.18
N PRO E 218 -7.81 45.78 74.02
CA PRO E 218 -6.47 45.87 74.63
C PRO E 218 -5.34 45.93 73.61
N LEU E 219 -5.34 45.03 72.63
CA LEU E 219 -4.29 45.05 71.61
C LEU E 219 -4.38 46.29 70.74
N TYR E 220 -5.62 46.73 70.44
CA TYR E 220 -5.78 47.92 69.60
C TYR E 220 -5.37 49.19 70.33
N GLU E 221 -5.71 49.29 71.62
CA GLU E 221 -5.37 50.49 72.37
C GLU E 221 -3.86 50.64 72.56
N HIS E 222 -3.14 49.53 72.69
CA HIS E 222 -1.68 49.61 72.78
C HIS E 222 -1.07 49.95 71.43
N LEU E 223 -1.64 49.41 70.34
CA LEU E 223 -1.20 49.81 69.01
C LEU E 223 -1.57 51.27 68.73
N HIS E 224 -2.72 51.70 69.22
CA HIS E 224 -3.11 53.11 69.10
C HIS E 224 -2.13 54.01 69.84
N ALA E 225 -1.69 53.59 71.03
CA ALA E 225 -0.76 54.40 71.80
C ALA E 225 0.62 54.41 71.16
N TYR E 226 1.08 53.26 70.65
CA TYR E 226 2.42 53.19 70.05
C TYR E 226 2.50 54.06 68.80
N VAL E 227 1.47 54.00 67.94
CA VAL E 227 1.44 54.83 66.75
C VAL E 227 1.39 56.31 67.12
N ARG E 228 0.72 56.64 68.22
CA ARG E 228 0.58 58.04 68.61
C ARG E 228 1.93 58.66 68.98
N THR E 229 2.77 57.92 69.73
CA THR E 229 4.07 58.45 70.10
C THR E 229 4.98 58.60 68.89
N LYS E 230 4.91 57.66 67.94
CA LYS E 230 5.72 57.77 66.74
C LYS E 230 5.23 58.90 65.83
N LEU E 231 3.92 59.13 65.78
CA LEU E 231 3.38 60.20 64.95
C LEU E 231 3.75 61.57 65.49
N MET E 232 3.99 61.68 66.79
CA MET E 232 4.35 62.98 67.38
C MET E 232 5.69 63.49 66.88
N ASP E 233 6.58 62.60 66.42
CA ASP E 233 7.85 63.04 65.87
C ASP E 233 7.65 63.75 64.53
N THR E 234 6.63 63.36 63.77
CA THR E 234 6.37 63.95 62.46
C THR E 234 5.46 65.18 62.54
N TYR E 235 4.45 65.14 63.41
CA TYR E 235 3.50 66.23 63.60
C TYR E 235 3.58 66.67 65.05
N PRO E 236 4.53 67.55 65.39
CA PRO E 236 4.79 67.88 66.79
C PRO E 236 3.65 68.63 67.47
N PHE E 237 3.21 69.74 66.87
CA PHE E 237 2.29 70.66 67.51
C PHE E 237 0.83 70.39 67.17
N HIS E 238 0.49 69.18 66.72
CA HIS E 238 -0.87 68.86 66.33
C HIS E 238 -1.42 67.59 66.97
N ILE E 239 -0.62 66.86 67.73
CA ILE E 239 -1.03 65.60 68.34
C ILE E 239 -0.87 65.73 69.85
N SER E 240 -1.91 65.36 70.60
CA SER E 240 -1.96 65.41 72.05
C SER E 240 -1.49 64.09 72.65
N PRO E 241 -0.79 64.14 73.78
CA PRO E 241 -0.36 62.89 74.43
C PRO E 241 -1.51 62.06 74.96
N THR E 242 -2.68 62.65 75.18
CA THR E 242 -3.83 61.93 75.71
C THR E 242 -5.04 61.97 74.79
N GLY E 243 -4.93 62.60 73.62
CA GLY E 243 -6.05 62.74 72.72
C GLY E 243 -6.08 61.69 71.62
N CYS E 244 -7.13 61.77 70.80
CA CYS E 244 -7.31 60.87 69.68
C CYS E 244 -6.37 61.24 68.54
N LEU E 245 -6.35 60.39 67.52
CA LEU E 245 -5.52 60.61 66.35
C LEU E 245 -6.29 61.43 65.31
N PRO E 246 -5.71 62.51 64.77
CA PRO E 246 -6.40 63.26 63.72
C PRO E 246 -6.68 62.37 62.51
N ALA E 247 -7.81 62.66 61.85
CA ALA E 247 -8.34 61.73 60.85
C ALA E 247 -7.55 61.70 59.55
N HIS E 248 -6.77 62.74 59.24
CA HIS E 248 -6.05 62.79 57.99
C HIS E 248 -4.63 62.26 58.08
N LEU E 249 -4.27 61.58 59.17
CA LEU E 249 -2.89 61.16 59.40
C LEU E 249 -2.74 59.66 59.60
N LEU E 250 -3.71 58.85 59.16
CA LEU E 250 -3.68 57.41 59.41
C LEU E 250 -3.37 56.60 58.15
N GLY E 251 -2.82 57.23 57.11
CA GLY E 251 -2.29 56.50 55.98
C GLY E 251 -3.14 56.50 54.73
N ASP E 252 -4.40 56.91 54.82
CA ASP E 252 -5.25 57.02 53.63
C ASP E 252 -6.41 57.98 53.96
N MET E 253 -7.35 58.08 53.03
CA MET E 253 -8.38 59.12 53.12
C MET E 253 -9.29 58.93 54.33
N TRP E 254 -9.50 57.68 54.75
CA TRP E 254 -10.48 57.38 55.80
C TRP E 254 -9.87 56.76 57.05
N GLY E 255 -8.61 56.35 57.02
CA GLY E 255 -8.04 55.61 58.12
C GLY E 255 -8.41 54.15 58.16
N ARG E 256 -8.83 53.59 57.03
CA ARG E 256 -9.23 52.18 56.99
C ARG E 256 -8.08 51.26 57.35
N PHE E 257 -6.88 51.57 56.84
CA PHE E 257 -5.70 50.78 57.12
C PHE E 257 -4.57 51.70 57.56
N TRP E 258 -3.80 51.27 58.56
CA TRP E 258 -2.65 52.00 59.05
C TRP E 258 -1.35 51.51 58.42
N THR E 259 -1.45 50.76 57.31
CA THR E 259 -0.26 50.13 56.73
C THR E 259 0.70 51.19 56.17
N ASN E 260 0.17 52.27 55.60
CA ASN E 260 1.02 53.32 55.07
C ASN E 260 1.73 54.12 56.15
N LEU E 261 1.37 53.92 57.42
CA LEU E 261 2.08 54.52 58.54
C LEU E 261 3.29 53.70 58.98
N TYR E 262 3.58 52.60 58.28
CA TYR E 262 4.71 51.75 58.67
C TYR E 262 6.05 52.45 58.55
N PRO E 263 6.35 53.22 57.50
CA PRO E 263 7.64 53.95 57.48
C PRO E 263 7.81 54.92 58.63
N LEU E 264 6.72 55.44 59.18
CA LEU E 264 6.79 56.36 60.31
C LEU E 264 6.82 55.67 61.66
N THR E 265 6.33 54.43 61.74
CA THR E 265 6.20 53.73 63.01
C THR E 265 6.99 52.42 63.04
N VAL E 266 7.99 52.27 62.17
CA VAL E 266 8.75 51.02 62.12
C VAL E 266 9.47 50.81 63.45
N PRO E 267 9.37 49.64 64.09
CA PRO E 267 10.02 49.48 65.40
C PRO E 267 11.54 49.55 65.32
N PHE E 268 12.14 48.77 64.45
CA PHE E 268 13.60 48.70 64.29
C PHE E 268 13.91 49.03 62.84
N GLY E 269 14.33 50.28 62.58
CA GLY E 269 14.42 50.75 61.22
C GLY E 269 15.56 50.12 60.43
N GLN E 270 16.72 49.95 61.08
CA GLN E 270 17.90 49.46 60.36
C GLN E 270 17.71 48.03 59.87
N LYS E 271 16.89 47.24 60.56
CA LYS E 271 16.70 45.85 60.18
C LYS E 271 16.08 45.76 58.79
N PRO E 272 16.59 44.90 57.92
CA PRO E 272 16.14 44.89 56.52
C PRO E 272 14.71 44.39 56.38
N ASN E 273 14.01 44.95 55.39
CA ASN E 273 12.69 44.47 55.03
C ASN E 273 12.80 43.32 54.04
N ILE E 274 11.77 42.48 54.04
CA ILE E 274 11.79 41.22 53.30
C ILE E 274 11.13 41.44 51.95
N ASP E 275 11.95 41.58 50.91
CA ASP E 275 11.47 41.75 49.54
C ASP E 275 12.03 40.65 48.66
N VAL E 276 11.15 40.08 47.83
CA VAL E 276 11.54 39.03 46.91
C VAL E 276 11.41 39.46 45.44
N THR E 277 10.68 40.54 45.15
CA THR E 277 10.48 40.98 43.77
C THR E 277 11.79 41.15 43.02
N ASP E 278 12.84 41.64 43.70
CA ASP E 278 14.15 41.73 43.03
C ASP E 278 14.76 40.35 42.81
N ALA E 279 14.49 39.40 43.70
CA ALA E 279 14.99 38.04 43.50
C ALA E 279 14.25 37.37 42.35
N MET E 280 12.95 37.61 42.21
CA MET E 280 12.19 37.04 41.11
C MET E 280 12.66 37.57 39.77
N VAL E 281 12.99 38.86 39.70
CA VAL E 281 13.45 39.46 38.46
C VAL E 281 14.77 38.83 38.03
N ASN E 282 15.69 38.64 38.97
CA ASN E 282 17.01 38.11 38.63
C ASN E 282 16.94 36.62 38.30
N GLN E 283 16.02 35.88 38.92
CA GLN E 283 15.92 34.44 38.71
C GLN E 283 15.10 34.07 37.49
N GLY E 284 14.74 35.03 36.64
CA GLY E 284 14.07 34.73 35.39
C GLY E 284 12.62 34.32 35.53
N TRP E 285 11.91 34.88 36.51
CA TRP E 285 10.52 34.53 36.74
C TRP E 285 9.60 35.31 35.81
N ASP E 286 8.53 34.67 35.39
CA ASP E 286 7.48 35.30 34.60
C ASP E 286 6.14 35.04 35.27
N ALA E 287 5.07 35.53 34.64
CA ALA E 287 3.74 35.38 35.22
C ALA E 287 3.34 33.91 35.31
N ASN E 288 3.74 33.10 34.34
CA ASN E 288 3.41 31.68 34.36
C ASN E 288 4.06 30.98 35.55
N ARG E 289 5.32 31.31 35.83
CA ARG E 289 6.02 30.68 36.95
C ARG E 289 5.40 31.07 38.28
N ILE E 290 4.88 32.30 38.40
CA ILE E 290 4.21 32.72 39.63
C ILE E 290 3.02 31.81 39.92
N PHE E 291 2.17 31.60 38.92
CA PHE E 291 0.97 30.78 39.12
C PHE E 291 1.29 29.30 39.12
N LYS E 292 2.37 28.88 38.46
CA LYS E 292 2.77 27.48 38.52
C LYS E 292 3.34 27.13 39.88
N GLU E 293 4.11 28.04 40.49
CA GLU E 293 4.60 27.81 41.84
C GLU E 293 3.49 27.90 42.87
N ALA E 294 2.50 28.77 42.63
CA ALA E 294 1.32 28.79 43.51
C ALA E 294 0.54 27.50 43.39
N GLU E 295 0.44 26.95 42.18
CA GLU E 295 -0.19 25.65 42.00
C GLU E 295 0.56 24.56 42.73
N LYS E 296 1.90 24.64 42.75
CA LYS E 296 2.70 23.65 43.46
C LYS E 296 2.46 23.71 44.96
N PHE E 297 2.15 24.88 45.49
CA PHE E 297 1.88 25.02 46.92
C PHE E 297 0.64 24.22 47.32
N PHE E 298 -0.38 24.23 46.47
CA PHE E 298 -1.62 23.52 46.79
C PHE E 298 -1.49 22.01 46.57
N VAL E 299 -0.66 21.59 45.60
CA VAL E 299 -0.49 20.16 45.35
C VAL E 299 0.21 19.49 46.53
N SER E 300 1.22 20.15 47.10
CA SER E 300 1.85 19.63 48.31
C SER E 300 0.88 19.52 49.46
N VAL E 301 -0.07 20.45 49.55
CA VAL E 301 -1.11 20.41 50.57
C VAL E 301 -2.08 19.26 50.31
N GLY E 302 -2.15 18.76 49.08
CA GLY E 302 -3.04 17.68 48.71
C GLY E 302 -4.20 18.11 47.86
N LEU E 303 -4.39 19.41 47.65
CA LEU E 303 -5.48 19.91 46.85
C LEU E 303 -5.23 19.62 45.37
N PRO E 304 -6.29 19.54 44.57
CA PRO E 304 -6.11 19.18 43.15
C PRO E 304 -5.34 20.23 42.38
N ASN E 305 -4.84 19.80 41.22
CA ASN E 305 -4.15 20.71 40.31
C ASN E 305 -5.14 21.67 39.68
N MET E 306 -4.60 22.65 38.96
CA MET E 306 -5.44 23.62 38.27
C MET E 306 -6.00 23.01 36.99
N THR E 307 -7.20 23.46 36.62
CA THR E 307 -7.85 22.96 35.43
C THR E 307 -7.04 23.29 34.18
N GLU E 308 -7.12 22.40 33.18
CA GLU E 308 -6.52 22.71 31.89
C GLU E 308 -7.14 23.94 31.27
N GLY E 309 -8.44 24.14 31.47
CA GLY E 309 -9.09 25.36 31.02
C GLY E 309 -8.65 26.60 31.74
N PHE E 310 -8.17 26.46 32.98
CA PHE E 310 -7.67 27.62 33.73
C PHE E 310 -6.44 28.22 33.06
N TRP E 311 -5.59 27.38 32.47
CA TRP E 311 -4.34 27.88 31.90
C TRP E 311 -4.54 28.53 30.53
N ASN E 312 -5.54 28.11 29.78
CA ASN E 312 -5.74 28.62 28.42
C ASN E 312 -6.81 29.70 28.32
N ASN E 313 -7.81 29.69 29.20
CA ASN E 313 -8.93 30.62 29.09
C ASN E 313 -8.83 31.83 30.01
N SER E 314 -7.94 31.80 31.01
CA SER E 314 -7.87 32.88 31.98
C SER E 314 -6.84 33.92 31.56
N MET E 315 -7.06 35.16 32.00
CA MET E 315 -6.19 36.28 31.70
C MET E 315 -5.26 36.48 32.89
N LEU E 316 -4.03 35.98 32.77
CA LEU E 316 -3.03 36.11 33.82
C LEU E 316 -2.08 37.27 33.59
N THR E 317 -2.17 37.94 32.45
CA THR E 317 -1.33 39.08 32.14
C THR E 317 -2.14 40.07 31.32
N GLU E 318 -1.77 41.35 31.41
CA GLU E 318 -2.39 42.34 30.54
C GLU E 318 -2.19 41.94 29.09
N PRO E 319 -3.25 41.88 28.28
CA PRO E 319 -3.12 41.28 26.94
C PRO E 319 -2.11 41.99 26.04
N GLY E 320 -2.04 43.31 26.10
CA GLY E 320 -1.18 44.02 25.17
C GLY E 320 -1.62 43.92 23.73
N ASP E 321 -2.87 43.51 23.49
CA ASP E 321 -3.42 43.37 22.15
C ASP E 321 -4.29 44.56 21.76
N GLY E 322 -4.23 45.65 22.53
CA GLY E 322 -5.13 46.76 22.34
C GLY E 322 -6.43 46.66 23.10
N ARG E 323 -6.67 45.55 23.79
CA ARG E 323 -7.91 45.36 24.54
C ARG E 323 -7.82 46.09 25.88
N LYS E 324 -8.83 46.91 26.16
CA LYS E 324 -8.91 47.58 27.45
C LYS E 324 -9.57 46.64 28.45
N VAL E 325 -8.99 46.56 29.65
CA VAL E 325 -9.38 45.52 30.61
C VAL E 325 -9.55 46.14 31.99
N VAL E 326 -10.21 45.39 32.87
CA VAL E 326 -10.38 45.73 34.27
C VAL E 326 -9.35 44.91 35.05
N CYS E 327 -8.25 45.54 35.45
CA CYS E 327 -7.08 44.84 35.97
C CYS E 327 -7.16 44.45 37.45
N HIS E 328 -8.22 44.81 38.17
CA HIS E 328 -8.27 44.45 39.58
C HIS E 328 -8.34 42.93 39.74
N PRO E 329 -7.59 42.38 40.68
CA PRO E 329 -7.48 40.91 40.81
C PRO E 329 -8.82 40.29 41.15
N THR E 330 -9.20 39.26 40.40
CA THR E 330 -10.46 38.55 40.61
C THR E 330 -10.26 37.07 40.35
N ALA E 331 -11.12 36.25 40.93
CA ALA E 331 -11.20 34.83 40.65
C ALA E 331 -12.60 34.51 40.17
N TRP E 332 -12.72 33.73 39.11
CA TRP E 332 -14.00 33.54 38.43
C TRP E 332 -14.44 32.08 38.51
N ASP E 333 -15.67 31.85 38.96
CA ASP E 333 -16.32 30.55 38.86
C ASP E 333 -17.50 30.74 37.91
N LEU E 334 -17.18 30.74 36.62
CA LEU E 334 -18.19 30.97 35.60
C LEU E 334 -19.24 29.86 35.62
N GLY E 335 -18.81 28.64 35.89
CA GLY E 335 -19.68 27.47 35.90
C GLY E 335 -19.29 26.48 34.83
N LYS E 336 -19.86 25.28 34.95
CA LYS E 336 -19.66 24.21 33.98
C LYS E 336 -18.18 23.88 33.81
N GLY E 337 -17.46 23.86 34.93
CA GLY E 337 -16.06 23.49 34.94
C GLY E 337 -15.09 24.58 34.54
N ASP E 338 -15.57 25.81 34.33
CA ASP E 338 -14.74 26.91 33.89
C ASP E 338 -14.28 27.70 35.11
N PHE E 339 -13.01 27.53 35.48
CA PHE E 339 -12.40 28.27 36.57
C PHE E 339 -11.28 29.11 36.00
N ARG E 340 -11.32 30.42 36.27
CA ARG E 340 -10.42 31.39 35.66
C ARG E 340 -10.00 32.42 36.70
N ILE E 341 -8.86 33.07 36.46
CA ILE E 341 -8.40 34.21 37.25
C ILE E 341 -8.07 35.34 36.29
N LYS E 342 -8.63 36.53 36.55
CA LYS E 342 -8.32 37.74 35.80
C LYS E 342 -7.41 38.59 36.67
N MET E 343 -6.11 38.55 36.41
CA MET E 343 -5.15 39.35 37.16
C MET E 343 -4.11 39.88 36.19
N CYS E 344 -3.88 41.20 36.22
CA CYS E 344 -2.81 41.79 35.44
C CYS E 344 -1.51 41.59 36.22
N THR E 345 -1.07 40.34 36.25
CA THR E 345 0.06 39.95 37.10
C THR E 345 1.33 40.68 36.70
N LYS E 346 2.08 41.12 37.71
CA LYS E 346 3.38 41.74 37.54
C LYS E 346 4.38 40.95 38.36
N VAL E 347 5.63 40.90 37.88
CA VAL E 347 6.66 40.14 38.59
C VAL E 347 7.00 40.86 39.89
N THR E 348 6.19 40.66 40.92
CA THR E 348 6.35 41.33 42.21
C THR E 348 5.99 40.32 43.31
N MET E 349 6.53 40.54 44.52
CA MET E 349 6.11 39.74 45.65
C MET E 349 4.65 40.03 46.00
N GLU E 350 4.24 41.28 45.82
CA GLU E 350 2.84 41.66 46.00
C GLU E 350 1.91 40.75 45.21
N ASP E 351 2.13 40.66 43.90
CA ASP E 351 1.30 39.80 43.06
C ASP E 351 1.67 38.32 43.19
N PHE E 352 2.87 38.01 43.70
CA PHE E 352 3.19 36.62 43.99
C PHE E 352 2.31 36.09 45.12
N LEU E 353 2.07 36.90 46.14
CA LEU E 353 1.22 36.48 47.26
C LEU E 353 -0.25 36.56 46.88
N THR E 354 -0.64 37.59 46.12
CA THR E 354 -2.02 37.72 45.69
C THR E 354 -2.44 36.54 44.81
N ALA E 355 -1.50 35.96 44.06
CA ALA E 355 -1.81 34.78 43.25
C ALA E 355 -2.20 33.61 44.14
N HIS E 356 -1.45 33.37 45.21
CA HIS E 356 -1.82 32.33 46.17
C HIS E 356 -3.18 32.61 46.79
N HIS E 357 -3.45 33.89 47.08
CA HIS E 357 -4.72 34.28 47.66
C HIS E 357 -5.88 34.04 46.70
N GLU E 358 -5.71 34.39 45.42
CA GLU E 358 -6.79 34.20 44.46
C GLU E 358 -6.89 32.76 43.98
N MET E 359 -5.77 32.03 43.92
CA MET E 359 -5.86 30.60 43.62
C MET E 359 -6.57 29.84 44.73
N GLY E 360 -6.46 30.32 45.97
CA GLY E 360 -7.25 29.75 47.04
C GLY E 360 -8.74 29.95 46.83
N HIS E 361 -9.12 31.10 46.29
CA HIS E 361 -10.51 31.30 45.87
C HIS E 361 -10.93 30.27 44.85
N ILE E 362 -10.02 29.90 43.93
CA ILE E 362 -10.38 28.95 42.88
C ILE E 362 -10.54 27.55 43.46
N GLN E 363 -9.63 27.14 44.35
CA GLN E 363 -9.74 25.80 44.93
C GLN E 363 -10.97 25.66 45.79
N TYR E 364 -11.39 26.73 46.45
CA TYR E 364 -12.69 26.75 47.12
C TYR E 364 -13.81 26.55 46.09
N ASP E 365 -13.73 27.28 44.97
CA ASP E 365 -14.76 27.18 43.95
C ASP E 365 -14.83 25.78 43.35
N MET E 366 -13.67 25.16 43.10
CA MET E 366 -13.64 23.82 42.53
C MET E 366 -14.20 22.78 43.48
N ALA E 367 -14.12 23.04 44.79
CA ALA E 367 -14.49 22.01 45.76
C ALA E 367 -16.00 21.84 45.85
N TYR E 368 -16.74 22.94 45.93
CA TYR E 368 -18.20 22.86 46.05
C TYR E 368 -18.90 22.77 44.70
N ALA E 369 -18.17 22.45 43.62
CA ALA E 369 -18.81 22.25 42.34
C ALA E 369 -19.69 21.01 42.33
N THR E 370 -19.38 20.03 43.19
CA THR E 370 -20.20 18.83 43.27
C THR E 370 -21.55 19.12 43.89
N GLN E 371 -21.64 20.14 44.76
CA GLN E 371 -22.90 20.50 45.37
C GLN E 371 -23.84 21.08 44.31
N PRO E 372 -25.15 21.03 44.58
CA PRO E 372 -26.11 21.65 43.65
C PRO E 372 -25.78 23.11 43.39
N TYR E 373 -26.27 23.62 42.26
CA TYR E 373 -25.93 24.97 41.83
C TYR E 373 -26.26 26.00 42.91
N LEU E 374 -27.45 25.89 43.53
CA LEU E 374 -27.87 26.88 44.50
C LEU E 374 -27.01 26.89 45.76
N LEU E 375 -26.35 25.77 46.05
CA LEU E 375 -25.47 25.66 47.21
C LEU E 375 -24.01 25.93 46.88
N ARG E 376 -23.72 26.41 45.68
CA ARG E 376 -22.34 26.61 45.22
C ARG E 376 -21.90 28.02 45.61
N ASN E 377 -21.41 28.14 46.84
CA ASN E 377 -20.95 29.41 47.38
C ASN E 377 -20.25 29.13 48.70
N GLY E 378 -19.63 30.17 49.25
CA GLY E 378 -19.03 30.06 50.56
C GLY E 378 -20.07 29.88 51.66
N ALA E 379 -19.59 29.47 52.83
CA ALA E 379 -20.49 29.27 53.96
C ALA E 379 -21.16 30.59 54.36
N ASN E 380 -20.37 31.64 54.52
CA ASN E 380 -20.90 32.98 54.75
C ASN E 380 -19.92 33.98 54.11
N GLU E 381 -20.18 35.27 54.36
CA GLU E 381 -19.41 36.32 53.69
C GLU E 381 -17.92 36.23 54.00
N GLY E 382 -17.56 35.80 55.22
CA GLY E 382 -16.17 35.82 55.62
C GLY E 382 -15.37 34.62 55.20
N PHE E 383 -16.01 33.47 54.96
CA PHE E 383 -15.27 32.23 54.72
C PHE E 383 -14.44 32.31 53.44
N HIS E 384 -14.98 32.93 52.39
CA HIS E 384 -14.31 32.87 51.10
C HIS E 384 -13.02 33.67 51.10
N GLU E 385 -13.09 34.93 51.55
CA GLU E 385 -11.89 35.76 51.63
C GLU E 385 -10.89 35.20 52.64
N ALA E 386 -11.37 34.62 53.73
CA ALA E 386 -10.48 34.08 54.74
C ALA E 386 -9.65 32.92 54.18
N VAL E 387 -10.28 32.06 53.38
CA VAL E 387 -9.57 30.92 52.81
C VAL E 387 -8.40 31.38 51.96
N GLY E 388 -8.59 32.45 51.19
CA GLY E 388 -7.50 32.97 50.39
C GLY E 388 -6.42 33.67 51.20
N GLU E 389 -6.81 34.30 52.32
CA GLU E 389 -5.83 35.00 53.13
C GLU E 389 -5.01 34.05 54.00
N VAL E 390 -5.60 32.94 54.44
CA VAL E 390 -4.82 31.92 55.14
C VAL E 390 -3.76 31.33 54.21
N MET E 391 -4.11 31.17 52.94
CA MET E 391 -3.13 30.70 51.96
C MET E 391 -2.01 31.71 51.78
N SER E 392 -2.34 33.00 51.86
CA SER E 392 -1.33 34.04 51.68
C SER E 392 -0.41 34.14 52.89
N LEU E 393 -0.92 33.85 54.09
CA LEU E 393 -0.09 33.95 55.28
C LEU E 393 0.99 32.88 55.32
N SER E 394 0.64 31.65 54.92
CA SER E 394 1.58 30.54 55.05
C SER E 394 2.70 30.62 54.00
N VAL E 395 2.42 31.20 52.83
CA VAL E 395 3.44 31.23 51.78
C VAL E 395 4.41 32.39 51.95
N ALA E 396 4.02 33.43 52.68
CA ALA E 396 4.87 34.60 52.87
C ALA E 396 5.88 34.44 54.00
N THR E 397 5.81 33.35 54.76
CA THR E 397 6.74 33.14 55.86
C THR E 397 8.16 32.96 55.31
N PRO E 398 9.18 33.36 56.09
CA PRO E 398 10.56 33.20 55.62
C PRO E 398 10.94 31.76 55.29
N LYS E 399 10.35 30.78 55.98
CA LYS E 399 10.70 29.39 55.73
C LYS E 399 10.37 28.98 54.30
N HIS E 400 9.22 29.40 53.78
CA HIS E 400 8.81 28.99 52.43
C HIS E 400 9.66 29.68 51.38
N LEU E 401 10.08 30.93 51.62
CA LEU E 401 10.85 31.66 50.62
C LEU E 401 12.27 31.13 50.49
N LYS E 402 12.85 30.65 51.59
CA LYS E 402 14.21 30.12 51.54
C LYS E 402 14.25 28.81 50.75
N THR E 403 13.33 27.89 51.04
CA THR E 403 13.33 26.60 50.37
C THR E 403 12.93 26.71 48.90
N MET E 404 12.21 27.76 48.52
CA MET E 404 11.90 28.01 47.12
C MET E 404 13.05 28.65 46.36
N GLY E 405 14.15 28.98 47.03
CA GLY E 405 15.26 29.67 46.40
C GLY E 405 15.04 31.14 46.17
N LEU E 406 13.91 31.70 46.60
CA LEU E 406 13.63 33.11 46.40
C LEU E 406 14.27 33.99 47.47
N LEU E 407 14.62 33.43 48.62
CA LEU E 407 15.26 34.17 49.69
C LEU E 407 16.63 33.59 49.98
N SER E 408 17.60 34.45 50.23
CA SER E 408 18.95 34.00 50.55
C SER E 408 18.94 33.34 51.93
N PRO E 409 19.57 32.16 52.09
CA PRO E 409 19.57 31.50 53.40
C PRO E 409 20.28 32.28 54.49
N ASP E 410 21.05 33.31 54.14
CA ASP E 410 21.78 34.11 55.12
C ASP E 410 20.93 35.23 55.72
N PHE E 411 19.64 35.29 55.39
CA PHE E 411 18.76 36.27 56.02
C PHE E 411 18.56 35.93 57.49
N LEU E 412 18.67 36.94 58.35
CA LEU E 412 18.59 36.73 59.79
C LEU E 412 17.14 36.87 60.24
N GLU E 413 16.68 35.88 61.01
CA GLU E 413 15.35 35.89 61.61
C GLU E 413 15.52 36.07 63.12
N ASP E 414 15.78 37.31 63.53
CA ASP E 414 15.91 37.66 64.93
C ASP E 414 14.62 38.30 65.43
N ASN E 415 14.57 38.52 66.76
CA ASN E 415 13.35 39.03 67.38
C ASN E 415 12.96 40.39 66.83
N GLU E 416 13.94 41.21 66.42
CA GLU E 416 13.62 42.53 65.87
C GLU E 416 12.88 42.42 64.55
N THR E 417 13.24 41.43 63.73
CA THR E 417 12.56 41.25 62.45
C THR E 417 11.15 40.72 62.63
N GLU E 418 10.92 39.88 63.65
CA GLU E 418 9.58 39.36 63.90
C GLU E 418 8.64 40.44 64.42
N ILE E 419 9.17 41.38 65.21
CA ILE E 419 8.35 42.49 65.68
C ILE E 419 7.99 43.43 64.53
N ASN E 420 8.94 43.64 63.61
CA ASN E 420 8.66 44.47 62.44
C ASN E 420 7.58 43.84 61.56
N PHE E 421 7.62 42.52 61.40
CA PHE E 421 6.60 41.84 60.62
C PHE E 421 5.23 41.94 61.27
N LEU E 422 5.15 41.66 62.57
CA LEU E 422 3.87 41.66 63.26
C LEU E 422 3.26 43.06 63.32
N LEU E 423 4.09 44.09 63.44
CA LEU E 423 3.55 45.46 63.42
C LEU E 423 3.02 45.82 62.04
N LYS E 424 3.75 45.44 60.99
CA LYS E 424 3.27 45.64 59.63
C LYS E 424 1.91 44.97 59.44
N GLN E 425 1.76 43.75 59.97
CA GLN E 425 0.47 43.07 59.91
C GLN E 425 -0.57 43.78 60.77
N ALA E 426 -0.16 44.24 61.96
CA ALA E 426 -1.10 44.86 62.88
C ALA E 426 -1.67 46.16 62.32
N LEU E 427 -0.86 46.92 61.59
CA LEU E 427 -1.36 48.16 61.00
C LEU E 427 -2.43 47.89 59.97
N ASN E 428 -2.41 46.71 59.35
CA ASN E 428 -3.42 46.31 58.38
C ASN E 428 -4.53 45.48 59.03
N ILE E 429 -4.16 44.43 59.75
CA ILE E 429 -5.15 43.50 60.29
C ILE E 429 -5.85 44.09 61.50
N VAL E 430 -5.07 44.59 62.47
CA VAL E 430 -5.66 45.05 63.73
C VAL E 430 -6.26 46.44 63.58
N GLY E 431 -5.57 47.32 62.84
CA GLY E 431 -6.04 48.70 62.75
C GLY E 431 -7.38 48.84 62.05
N THR E 432 -7.71 47.90 61.16
CA THR E 432 -8.96 48.00 60.40
C THR E 432 -10.15 47.44 61.16
N LEU E 433 -9.92 46.68 62.23
CA LEU E 433 -11.05 46.01 62.89
C LEU E 433 -11.95 46.99 63.62
N PRO E 434 -11.44 47.96 64.41
CA PRO E 434 -12.37 48.94 64.99
C PRO E 434 -12.99 49.87 63.95
N PHE E 435 -12.22 50.26 62.92
CA PHE E 435 -12.78 51.12 61.88
C PHE E 435 -13.91 50.42 61.13
N THR E 436 -13.73 49.13 60.83
CA THR E 436 -14.79 48.39 60.16
C THR E 436 -15.98 48.17 61.09
N TYR E 437 -15.72 47.91 62.37
CA TYR E 437 -16.80 47.67 63.32
C TYR E 437 -17.69 48.90 63.48
N MET E 438 -17.07 50.07 63.68
CA MET E 438 -17.85 51.29 63.90
C MET E 438 -18.62 51.71 62.66
N LEU E 439 -18.07 51.46 61.47
CA LEU E 439 -18.75 51.89 60.25
C LEU E 439 -20.03 51.10 60.04
N GLU E 440 -19.96 49.77 60.20
CA GLU E 440 -21.17 48.97 60.09
C GLU E 440 -22.10 49.19 61.27
N LYS E 441 -21.54 49.48 62.45
CA LYS E 441 -22.38 49.79 63.60
C LYS E 441 -23.17 51.07 63.37
N TRP E 442 -22.54 52.08 62.79
CA TRP E 442 -23.23 53.33 62.49
C TRP E 442 -24.35 53.11 61.48
N ARG E 443 -24.07 52.34 60.42
CA ARG E 443 -25.08 52.10 59.39
C ARG E 443 -26.25 51.28 59.95
N TRP E 444 -25.96 50.30 60.80
CA TRP E 444 -27.03 49.49 61.38
C TRP E 444 -27.96 50.34 62.24
N MET E 445 -27.40 51.24 63.05
CA MET E 445 -28.24 52.10 63.88
C MET E 445 -28.97 53.15 63.05
N VAL E 446 -28.41 53.54 61.90
CA VAL E 446 -29.12 54.45 61.01
C VAL E 446 -30.34 53.75 60.41
N PHE E 447 -30.18 52.49 60.01
CA PHE E 447 -31.31 51.73 59.46
C PHE E 447 -32.34 51.43 60.53
N ARG E 448 -31.90 51.22 61.78
CA ARG E 448 -32.83 50.95 62.87
C ARG E 448 -33.63 52.19 63.26
N GLY E 449 -33.17 53.38 62.87
CA GLY E 449 -33.79 54.61 63.30
C GLY E 449 -33.25 55.17 64.60
N GLU E 450 -32.17 54.59 65.14
CA GLU E 450 -31.61 55.03 66.41
C GLU E 450 -30.82 56.32 66.29
N ILE E 451 -30.43 56.70 65.09
CA ILE E 451 -29.70 57.94 64.84
C ILE E 451 -30.57 58.82 63.94
N PRO E 452 -31.03 59.98 64.42
CA PRO E 452 -31.85 60.85 63.57
C PRO E 452 -30.99 61.55 62.52
N LYS E 453 -31.67 62.08 61.50
CA LYS E 453 -30.98 62.82 60.45
C LYS E 453 -30.24 64.04 61.01
N GLU E 454 -30.78 64.65 62.07
CA GLU E 454 -30.17 65.83 62.67
C GLU E 454 -28.93 65.50 63.49
N GLU E 455 -28.65 64.23 63.75
CA GLU E 455 -27.49 63.81 64.53
C GLU E 455 -26.64 62.80 63.78
N TRP E 456 -26.73 62.76 62.45
CA TRP E 456 -25.98 61.79 61.68
C TRP E 456 -24.47 61.97 61.85
N MET E 457 -23.98 63.17 61.56
CA MET E 457 -22.55 63.42 61.63
C MET E 457 -22.07 63.58 63.07
N LYS E 458 -22.95 64.01 63.98
CA LYS E 458 -22.57 64.09 65.39
C LYS E 458 -22.23 62.71 65.93
N LYS E 459 -23.10 61.73 65.69
CA LYS E 459 -22.88 60.38 66.20
C LYS E 459 -21.76 59.67 65.44
N TRP E 460 -21.54 60.04 64.18
CA TRP E 460 -20.47 59.43 63.41
C TRP E 460 -19.10 59.70 64.05
N TRP E 461 -18.86 60.94 64.46
CA TRP E 461 -17.59 61.29 65.07
C TRP E 461 -17.53 60.99 66.55
N GLU E 462 -18.69 60.92 67.22
CA GLU E 462 -18.70 60.46 68.61
C GLU E 462 -18.28 58.99 68.70
N MET E 463 -18.71 58.18 67.72
CA MET E 463 -18.27 56.79 67.67
C MET E 463 -16.83 56.68 67.19
N LYS E 464 -16.40 57.59 66.32
CA LYS E 464 -15.01 57.58 65.86
C LYS E 464 -14.04 57.85 67.00
N ARG E 465 -14.43 58.72 67.92
CA ARG E 465 -13.59 59.01 69.08
C ARG E 465 -13.66 57.88 70.10
N ASP E 466 -14.84 57.30 70.30
CA ASP E 466 -15.03 56.29 71.33
C ASP E 466 -14.45 54.94 70.92
N LEU E 467 -14.74 54.49 69.71
CA LEU E 467 -14.42 53.14 69.27
C LEU E 467 -13.10 53.03 68.51
N VAL E 468 -12.77 54.01 67.68
CA VAL E 468 -11.56 53.95 66.86
C VAL E 468 -10.46 54.77 67.50
N GLY E 469 -10.84 55.81 68.23
CA GLY E 469 -9.87 56.73 68.77
C GLY E 469 -9.36 57.72 67.75
N VAL E 470 -10.23 58.16 66.85
CA VAL E 470 -9.88 59.10 65.79
C VAL E 470 -10.79 60.30 65.90
N VAL E 471 -10.21 61.49 65.88
CA VAL E 471 -10.94 62.75 66.08
C VAL E 471 -10.97 63.52 64.77
N GLU E 472 -12.10 64.17 64.51
CA GLU E 472 -12.24 64.94 63.28
C GLU E 472 -11.33 66.16 63.32
N PRO E 473 -10.63 66.45 62.23
CA PRO E 473 -9.76 67.65 62.22
C PRO E 473 -10.54 68.95 62.12
N VAL E 474 -11.71 68.93 61.47
CA VAL E 474 -12.53 70.12 61.28
C VAL E 474 -13.95 69.78 61.72
N PRO E 475 -14.64 70.66 62.44
CA PRO E 475 -16.03 70.38 62.81
C PRO E 475 -16.91 70.21 61.58
N HIS E 476 -17.60 69.07 61.53
CA HIS E 476 -18.44 68.71 60.39
C HIS E 476 -19.90 68.75 60.82
N ASP E 477 -20.68 69.64 60.23
CA ASP E 477 -22.10 69.77 60.54
C ASP E 477 -22.89 68.71 59.76
N GLU E 478 -24.21 68.84 59.77
CA GLU E 478 -25.08 67.83 59.15
C GLU E 478 -25.26 68.02 57.65
N THR E 479 -24.53 68.95 57.04
CA THR E 479 -24.49 69.00 55.58
C THR E 479 -23.46 68.03 55.00
N TYR E 480 -22.65 67.42 55.85
CA TYR E 480 -21.63 66.47 55.42
C TYR E 480 -22.18 65.04 55.44
N CYS E 481 -21.45 64.14 54.81
CA CYS E 481 -21.73 62.71 54.83
C CYS E 481 -20.39 61.98 54.78
N ASP E 482 -19.63 62.11 55.86
CA ASP E 482 -18.30 61.50 55.92
C ASP E 482 -18.32 59.98 55.72
N PRO E 483 -19.28 59.22 56.27
CA PRO E 483 -19.32 57.79 55.92
C PRO E 483 -19.46 57.55 54.43
N ALA E 484 -20.21 58.40 53.73
CA ALA E 484 -20.40 58.23 52.28
C ALA E 484 -19.13 58.48 51.48
N SER E 485 -18.07 59.00 52.12
CA SER E 485 -16.82 59.23 51.40
C SER E 485 -16.11 57.93 51.03
N LEU E 486 -16.49 56.81 51.65
CA LEU E 486 -15.88 55.53 51.34
C LEU E 486 -16.68 54.82 50.25
N PHE E 487 -15.96 54.04 49.43
CA PHE E 487 -16.59 53.37 48.29
C PHE E 487 -17.70 52.43 48.73
N HIS E 488 -17.44 51.61 49.75
CA HIS E 488 -18.42 50.60 50.16
C HIS E 488 -19.71 51.23 50.65
N VAL E 489 -19.63 52.40 51.29
CA VAL E 489 -20.84 53.03 51.80
C VAL E 489 -21.63 53.69 50.68
N ALA E 490 -20.93 54.41 49.80
CA ALA E 490 -21.62 55.12 48.73
C ALA E 490 -22.09 54.19 47.61
N ASN E 491 -21.57 52.95 47.55
CA ASN E 491 -21.94 52.00 46.51
C ASN E 491 -22.77 50.83 47.05
N ASP E 492 -23.36 50.99 48.24
CA ASP E 492 -24.32 50.03 48.78
C ASP E 492 -23.71 48.63 48.89
N TYR E 493 -22.68 48.53 49.73
CA TYR E 493 -21.99 47.27 49.99
C TYR E 493 -21.86 47.05 51.49
N SER E 494 -22.07 45.81 51.91
CA SER E 494 -21.89 45.47 53.31
C SER E 494 -20.41 45.48 53.67
N PHE E 495 -20.11 45.89 54.91
CA PHE E 495 -18.74 46.05 55.34
C PHE E 495 -18.31 45.07 56.43
N ILE E 496 -19.26 44.46 57.16
CA ILE E 496 -18.90 43.53 58.22
C ILE E 496 -18.25 42.26 57.69
N ARG E 497 -18.31 42.04 56.37
CA ARG E 497 -17.58 40.94 55.76
C ARG E 497 -16.09 41.02 56.08
N TYR E 498 -15.52 42.22 56.00
CA TYR E 498 -14.09 42.39 56.27
C TYR E 498 -13.77 42.17 57.73
N TYR E 499 -14.74 42.41 58.62
CA TYR E 499 -14.56 42.10 60.04
C TYR E 499 -14.50 40.60 60.27
N THR E 500 -15.57 39.89 59.89
CA THR E 500 -15.68 38.47 60.21
C THR E 500 -14.62 37.63 59.50
N ARG E 501 -14.19 38.04 58.31
CA ARG E 501 -13.19 37.25 57.59
C ARG E 501 -11.86 37.24 58.31
N THR E 502 -11.55 38.28 59.07
CA THR E 502 -10.28 38.32 59.81
C THR E 502 -10.29 37.31 60.95
N ILE E 503 -11.38 37.26 61.73
CA ILE E 503 -11.50 36.29 62.81
C ILE E 503 -11.44 34.87 62.24
N PHE E 504 -12.21 34.61 61.19
CA PHE E 504 -12.23 33.28 60.60
C PHE E 504 -10.87 32.90 60.02
N GLU E 505 -10.16 33.88 59.43
CA GLU E 505 -8.88 33.60 58.80
C GLU E 505 -7.89 33.03 59.80
N PHE E 506 -7.64 33.78 60.89
CA PHE E 506 -6.70 33.30 61.90
C PHE E 506 -7.26 32.12 62.68
N GLN E 507 -8.58 31.97 62.73
CA GLN E 507 -9.16 30.75 63.29
C GLN E 507 -8.81 29.53 62.44
N PHE E 508 -8.92 29.67 61.11
CA PHE E 508 -8.50 28.58 60.22
C PHE E 508 -7.02 28.30 60.36
N HIS E 509 -6.21 29.36 60.47
CA HIS E 509 -4.76 29.19 60.49
C HIS E 509 -4.32 28.39 61.72
N GLU E 510 -4.82 28.77 62.90
CA GLU E 510 -4.47 28.05 64.12
C GLU E 510 -4.89 26.60 64.05
N ALA E 511 -6.08 26.33 63.50
CA ALA E 511 -6.55 24.96 63.41
C ALA E 511 -5.75 24.17 62.38
N LEU E 512 -5.51 24.75 61.21
CA LEU E 512 -4.77 24.04 60.17
C LEU E 512 -3.31 23.84 60.57
N CYS E 513 -2.72 24.79 61.29
CA CYS E 513 -1.33 24.64 61.72
C CYS E 513 -1.19 23.58 62.81
N ARG E 514 -2.23 23.39 63.62
CA ARG E 514 -2.19 22.34 64.64
C ARG E 514 -2.15 20.96 64.01
N ILE E 515 -2.89 20.77 62.92
CA ILE E 515 -2.87 19.48 62.24
C ILE E 515 -1.52 19.24 61.59
N ALA E 516 -0.81 20.30 61.21
CA ALA E 516 0.53 20.18 60.66
C ALA E 516 1.60 20.00 61.74
N GLN E 517 1.21 20.00 63.01
CA GLN E 517 2.13 19.84 64.14
C GLN E 517 3.23 20.91 64.10
N HIS E 518 2.79 22.16 64.09
CA HIS E 518 3.72 23.28 64.04
C HIS E 518 4.42 23.45 65.39
N ASP E 519 5.75 23.51 65.35
CA ASP E 519 6.57 23.62 66.56
C ASP E 519 7.12 25.03 66.68
N GLY E 520 6.26 25.98 67.02
CA GLY E 520 6.67 27.34 67.22
C GLY E 520 5.55 28.34 67.20
N PRO E 521 5.88 29.61 66.95
CA PRO E 521 4.86 30.66 66.94
C PRO E 521 3.93 30.54 65.74
N LEU E 522 2.78 31.20 65.85
CA LEU E 522 1.77 31.08 64.81
C LEU E 522 2.15 31.84 63.55
N HIS E 523 2.78 33.00 63.69
CA HIS E 523 3.09 33.83 62.53
C HIS E 523 4.23 33.27 61.68
N LYS E 524 4.84 32.16 62.09
CA LYS E 524 5.88 31.50 61.30
C LYS E 524 5.43 30.13 60.78
N CYS E 525 4.12 29.95 60.63
CA CYS E 525 3.57 28.65 60.24
C CYS E 525 3.46 28.57 58.73
N ASP E 526 3.92 27.44 58.17
CA ASP E 526 3.82 27.15 56.74
C ASP E 526 3.22 25.76 56.60
N ILE E 527 1.96 25.69 56.18
CA ILE E 527 1.24 24.42 56.11
C ILE E 527 1.59 23.58 54.90
N SER E 528 2.57 24.00 54.10
CA SER E 528 2.89 23.29 52.87
C SER E 528 3.43 21.89 53.18
N ASN E 529 3.22 20.98 52.23
CA ASN E 529 3.71 19.60 52.29
C ASN E 529 3.08 18.80 53.43
N SER E 530 1.92 19.23 53.93
CA SER E 530 1.20 18.51 54.96
C SER E 530 -0.16 18.12 54.40
N THR E 531 -0.26 16.87 53.91
CA THR E 531 -1.49 16.41 53.29
C THR E 531 -2.62 16.28 54.31
N ASP E 532 -2.29 16.04 55.58
CA ASP E 532 -3.31 15.92 56.61
C ASP E 532 -4.04 17.25 56.83
N ALA E 533 -3.30 18.35 56.86
CA ALA E 533 -3.92 19.66 57.01
C ALA E 533 -4.72 20.05 55.78
N GLY E 534 -4.35 19.51 54.61
CA GLY E 534 -5.10 19.79 53.41
C GLY E 534 -6.42 19.06 53.33
N LYS E 535 -6.49 17.87 53.91
CA LYS E 535 -7.75 17.14 53.95
C LYS E 535 -8.80 17.90 54.77
N LYS E 536 -8.38 18.47 55.91
CA LYS E 536 -9.32 19.24 56.72
C LYS E 536 -9.77 20.50 55.99
N LEU E 537 -8.88 21.12 55.22
CA LEU E 537 -9.29 22.26 54.40
C LEU E 537 -10.24 21.83 53.29
N HIS E 538 -9.94 20.70 52.65
CA HIS E 538 -10.79 20.24 51.55
C HIS E 538 -12.18 19.84 52.03
N GLN E 539 -12.29 19.30 53.24
CA GLN E 539 -13.60 18.98 53.79
C GLN E 539 -14.43 20.25 53.99
N MET E 540 -13.78 21.34 54.40
CA MET E 540 -14.49 22.59 54.61
C MET E 540 -14.86 23.26 53.29
N LEU E 541 -13.96 23.18 52.31
CA LEU E 541 -14.24 23.82 51.02
C LEU E 541 -15.30 23.06 50.24
N SER E 542 -15.39 21.74 50.42
CA SER E 542 -16.29 20.93 49.60
C SER E 542 -17.74 21.14 49.99
N VAL E 543 -18.03 21.40 51.27
CA VAL E 543 -19.42 21.50 51.71
C VAL E 543 -20.07 22.77 51.20
N GLY E 544 -19.28 23.84 51.04
CA GLY E 544 -19.85 25.10 50.56
C GLY E 544 -20.90 25.64 51.51
N LYS E 545 -22.09 25.89 50.98
CA LYS E 545 -23.22 26.36 51.77
C LYS E 545 -24.28 25.28 51.96
N SER E 546 -23.97 24.03 51.65
CA SER E 546 -24.94 22.96 51.85
C SER E 546 -25.25 22.76 53.32
N GLN E 547 -24.26 22.93 54.18
CA GLN E 547 -24.46 22.86 55.62
C GLN E 547 -24.51 24.26 56.21
N PRO E 548 -25.13 24.41 57.38
CA PRO E 548 -24.95 25.64 58.16
C PRO E 548 -23.48 25.94 58.38
N TRP E 549 -23.13 27.23 58.36
CA TRP E 549 -21.74 27.63 58.56
C TRP E 549 -21.24 27.31 59.95
N THR E 550 -22.15 27.20 60.93
CA THR E 550 -21.72 26.87 62.29
C THR E 550 -21.14 25.47 62.36
N VAL E 551 -21.85 24.48 61.81
CA VAL E 551 -21.36 23.11 61.85
C VAL E 551 -20.17 22.93 60.91
N THR E 552 -20.08 23.75 59.86
CA THR E 552 -18.92 23.70 58.98
C THR E 552 -17.67 24.18 59.71
N LEU E 553 -17.80 25.25 60.49
CA LEU E 553 -16.67 25.74 61.28
C LEU E 553 -16.31 24.75 62.37
N LYS E 554 -17.31 24.11 62.98
CA LYS E 554 -17.04 23.15 64.06
C LYS E 554 -16.26 21.94 63.56
N ASP E 555 -16.44 21.55 62.30
CA ASP E 555 -15.76 20.38 61.76
C ASP E 555 -14.30 20.64 61.42
N ILE E 556 -13.86 21.90 61.37
CA ILE E 556 -12.50 22.23 61.01
C ILE E 556 -11.72 22.81 62.19
N VAL E 557 -12.34 23.68 62.98
CA VAL E 557 -11.66 24.32 64.10
C VAL E 557 -12.17 23.85 65.44
N ASP E 558 -13.14 22.92 65.47
CA ASP E 558 -13.69 22.36 66.70
C ASP E 558 -14.38 23.42 67.57
N SER E 559 -14.91 24.46 66.94
CA SER E 559 -15.71 25.47 67.64
C SER E 559 -16.85 25.92 66.74
N ARG E 560 -18.03 26.02 67.33
CA ARG E 560 -19.23 26.41 66.58
C ARG E 560 -19.44 27.92 66.52
N ASN E 561 -18.57 28.71 67.15
CA ASN E 561 -18.74 30.14 67.24
C ASN E 561 -17.48 30.84 66.74
N MET E 562 -17.61 32.15 66.53
CA MET E 562 -16.45 32.96 66.18
C MET E 562 -15.57 33.14 67.40
N ASP E 563 -14.26 32.96 67.21
CA ASP E 563 -13.29 33.10 68.30
C ASP E 563 -12.15 34.00 67.83
N VAL E 564 -12.02 35.16 68.48
CA VAL E 564 -10.92 36.08 68.18
C VAL E 564 -9.62 35.66 68.86
N GLY E 565 -9.67 34.62 69.69
CA GLY E 565 -8.50 34.11 70.37
C GLY E 565 -7.33 33.78 69.44
N PRO E 566 -7.57 32.96 68.41
CA PRO E 566 -6.49 32.68 67.45
C PRO E 566 -5.84 33.93 66.87
N LEU E 567 -6.61 34.99 66.61
CA LEU E 567 -6.00 36.24 66.14
C LEU E 567 -5.16 36.88 67.24
N LEU E 568 -5.65 36.85 68.49
CA LEU E 568 -4.89 37.42 69.59
C LEU E 568 -3.61 36.65 69.86
N ARG E 569 -3.62 35.34 69.62
CA ARG E 569 -2.40 34.55 69.79
C ARG E 569 -1.41 34.81 68.65
N TYR E 570 -1.92 35.11 67.46
CA TYR E 570 -1.05 35.45 66.34
C TYR E 570 -0.21 36.69 66.65
N PHE E 571 -0.80 37.67 67.30
CA PHE E 571 -0.12 38.92 67.63
C PHE E 571 0.34 38.98 69.08
N GLU E 572 0.30 37.86 69.79
CA GLU E 572 0.76 37.85 71.19
C GLU E 572 2.23 38.23 71.34
N PRO E 573 3.16 37.78 70.49
CA PRO E 573 4.53 38.31 70.60
C PRO E 573 4.61 39.82 70.43
N LEU E 574 3.72 40.41 69.63
CA LEU E 574 3.66 41.86 69.53
C LEU E 574 2.99 42.48 70.74
N TYR E 575 2.03 41.78 71.36
CA TYR E 575 1.33 42.34 72.51
C TYR E 575 2.26 42.50 73.70
N THR E 576 3.06 41.47 74.00
CA THR E 576 4.03 41.58 75.09
C THR E 576 5.08 42.64 74.78
N TRP E 577 5.45 42.79 73.50
CA TRP E 577 6.38 43.85 73.12
C TRP E 577 5.72 45.21 73.17
N LEU E 578 4.46 45.30 72.75
CA LEU E 578 3.74 46.57 72.80
C LEU E 578 3.52 47.03 74.23
N GLN E 579 3.31 46.10 75.15
CA GLN E 579 3.10 46.46 76.55
C GLN E 579 4.39 46.96 77.19
N GLU E 580 5.52 46.37 76.81
CA GLU E 580 6.80 46.81 77.36
C GLU E 580 7.24 48.15 76.77
N GLN E 581 6.93 48.40 75.50
CA GLN E 581 7.33 49.66 74.88
C GLN E 581 6.39 50.80 75.23
N ASN E 582 5.12 50.50 75.54
CA ASN E 582 4.19 51.55 75.93
C ASN E 582 4.33 51.94 77.40
N ARG E 583 5.29 51.38 78.12
CA ARG E 583 5.71 51.98 79.37
C ARG E 583 6.25 53.37 79.10
N LYS E 584 6.15 54.24 80.11
CA LYS E 584 6.48 55.66 80.01
C LYS E 584 5.58 56.40 79.01
N SER E 585 4.57 55.72 78.45
CA SER E 585 3.70 56.29 77.44
C SER E 585 2.25 56.15 77.87
N TYR E 586 1.43 57.12 77.48
CA TYR E 586 0.02 57.12 77.82
C TYR E 586 -0.74 56.18 76.89
N VAL E 587 -1.55 55.30 77.47
CA VAL E 587 -2.36 54.35 76.72
C VAL E 587 -3.82 54.71 76.92
N GLY E 588 -4.56 54.84 75.83
CA GLY E 588 -5.93 55.31 75.85
C GLY E 588 -6.07 56.63 75.12
N TRP E 589 -7.30 57.13 75.11
CA TRP E 589 -7.58 58.40 74.44
C TRP E 589 -8.69 59.13 75.17
N ASN E 590 -8.66 60.46 75.07
CA ASN E 590 -9.68 61.32 75.63
C ASN E 590 -10.59 61.79 74.50
N THR E 591 -11.91 61.65 74.70
CA THR E 591 -12.84 61.85 73.60
C THR E 591 -13.02 63.33 73.25
N ASP E 592 -12.82 64.24 74.21
CA ASP E 592 -13.17 65.63 74.00
C ASP E 592 -12.06 66.45 73.36
N TRP E 593 -10.83 65.94 73.28
CA TRP E 593 -9.76 66.72 72.66
C TRP E 593 -9.96 66.77 71.14
N SER E 594 -9.68 67.94 70.57
CA SER E 594 -9.83 68.16 69.14
C SER E 594 -8.62 68.93 68.62
N PRO E 595 -8.16 68.64 67.40
CA PRO E 595 -7.12 69.48 66.80
C PRO E 595 -7.58 70.91 66.54
N TYR E 596 -8.89 71.12 66.43
CA TYR E 596 -9.46 72.45 66.21
C TYR E 596 -9.93 73.11 67.51
N SER E 597 -9.72 72.46 68.65
CA SER E 597 -10.18 72.99 69.93
C SER E 597 -9.52 74.33 70.27
N ASN F 16 -11.67 -9.20 4.16
CA ASN F 16 -12.94 -8.76 4.73
C ASN F 16 -12.72 -7.85 5.94
N LEU F 17 -12.58 -6.56 5.68
CA LEU F 17 -12.39 -5.57 6.74
C LEU F 17 -13.71 -5.27 7.42
N CYS F 18 -13.74 -5.37 8.74
CA CYS F 18 -14.96 -5.06 9.49
C CYS F 18 -15.17 -3.56 9.48
N PRO F 19 -16.39 -3.07 9.21
CA PRO F 19 -16.54 -1.62 9.05
C PRO F 19 -16.57 -0.91 10.39
N PHE F 20 -15.56 -1.12 11.23
CA PHE F 20 -15.44 -0.35 12.46
C PHE F 20 -15.07 1.10 12.19
N GLY F 21 -14.52 1.38 11.01
CA GLY F 21 -14.12 2.75 10.70
C GLY F 21 -15.30 3.69 10.63
N GLU F 22 -16.42 3.23 10.06
CA GLU F 22 -17.59 4.09 9.96
C GLU F 22 -18.26 4.32 11.32
N VAL F 23 -18.04 3.43 12.28
CA VAL F 23 -18.61 3.61 13.60
C VAL F 23 -17.77 4.58 14.43
N PHE F 24 -16.46 4.36 14.49
CA PHE F 24 -15.59 5.22 15.28
C PHE F 24 -15.30 6.54 14.57
N ASN F 25 -14.99 6.49 13.28
CA ASN F 25 -14.57 7.67 12.53
C ASN F 25 -15.75 8.20 11.72
N ALA F 26 -16.71 8.78 12.43
CA ALA F 26 -17.91 9.34 11.84
C ALA F 26 -18.04 10.81 12.20
N THR F 27 -18.44 11.63 11.22
CA THR F 27 -18.58 13.06 11.45
C THR F 27 -19.82 13.40 12.26
N ARG F 28 -20.86 12.56 12.18
CA ARG F 28 -22.10 12.77 12.92
C ARG F 28 -22.32 11.61 13.88
N PHE F 29 -22.53 11.94 15.15
CA PHE F 29 -22.89 10.97 16.17
C PHE F 29 -24.29 11.27 16.69
N ALA F 30 -24.96 10.23 17.18
CA ALA F 30 -26.33 10.39 17.62
C ALA F 30 -26.39 10.88 19.06
N SER F 31 -27.51 11.47 19.43
CA SER F 31 -27.76 11.82 20.82
C SER F 31 -27.94 10.55 21.64
N VAL F 32 -27.71 10.67 22.95
CA VAL F 32 -27.70 9.49 23.80
C VAL F 32 -29.09 8.84 23.88
N TYR F 33 -30.15 9.64 23.84
CA TYR F 33 -31.50 9.08 23.89
C TYR F 33 -31.83 8.33 22.61
N ALA F 34 -31.25 8.73 21.48
CA ALA F 34 -31.50 8.06 20.22
C ALA F 34 -30.23 7.37 19.73
N TRP F 35 -29.67 6.50 20.57
CA TRP F 35 -28.39 5.88 20.26
C TRP F 35 -28.49 4.98 19.03
N ASN F 36 -27.50 5.09 18.15
CA ASN F 36 -27.49 4.36 16.89
C ASN F 36 -26.79 3.02 17.07
N ARG F 37 -27.28 2.01 16.34
CA ARG F 37 -26.71 0.67 16.37
C ARG F 37 -26.34 0.22 14.98
N LYS F 38 -25.13 -0.29 14.83
CA LYS F 38 -24.65 -0.91 13.60
C LYS F 38 -24.33 -2.37 13.89
N ARG F 39 -24.91 -3.27 13.11
CA ARG F 39 -24.61 -4.70 13.25
C ARG F 39 -23.43 -5.03 12.34
N ILE F 40 -22.32 -5.44 12.95
CA ILE F 40 -21.11 -5.81 12.22
C ILE F 40 -21.05 -7.32 12.12
N SER F 41 -21.04 -7.83 10.89
CA SER F 41 -21.10 -9.26 10.65
C SER F 41 -20.39 -9.58 9.34
N ASN F 42 -20.07 -10.87 9.16
CA ASN F 42 -19.46 -11.38 7.93
C ASN F 42 -18.19 -10.61 7.59
N CYS F 43 -17.29 -10.49 8.56
CA CYS F 43 -16.03 -9.79 8.36
C CYS F 43 -15.06 -10.21 9.44
N VAL F 44 -13.78 -9.92 9.20
CA VAL F 44 -12.70 -10.20 10.14
C VAL F 44 -12.39 -8.94 10.92
N ALA F 45 -12.32 -9.06 12.25
CA ALA F 45 -12.13 -7.91 13.13
C ALA F 45 -10.81 -8.04 13.88
N ASP F 46 -9.98 -7.01 13.79
CA ASP F 46 -8.73 -6.92 14.53
C ASP F 46 -8.93 -5.89 15.63
N TYR F 47 -9.29 -6.37 16.82
CA TYR F 47 -9.53 -5.47 17.95
C TYR F 47 -8.23 -4.89 18.51
N SER F 48 -7.09 -5.47 18.17
CA SER F 48 -5.82 -4.98 18.69
C SER F 48 -5.47 -3.61 18.11
N VAL F 49 -5.78 -3.39 16.83
CA VAL F 49 -5.48 -2.10 16.22
C VAL F 49 -6.38 -1.00 16.75
N LEU F 50 -7.54 -1.36 17.32
CA LEU F 50 -8.42 -0.36 17.92
C LEU F 50 -7.87 0.14 19.25
N TYR F 51 -7.31 -0.78 20.04
CA TYR F 51 -6.80 -0.41 21.37
C TYR F 51 -5.60 0.51 21.29
N ASN F 52 -4.86 0.48 20.18
CA ASN F 52 -3.59 1.20 20.11
C ASN F 52 -3.79 2.71 20.08
N SER F 53 -4.94 3.18 19.60
CA SER F 53 -5.18 4.61 19.45
C SER F 53 -5.28 5.25 20.82
N ALA F 54 -4.31 6.11 21.16
CA ALA F 54 -4.33 6.84 22.43
C ALA F 54 -5.40 7.93 22.45
N SER F 55 -6.15 8.11 21.36
CA SER F 55 -7.23 9.07 21.36
C SER F 55 -8.37 8.67 22.29
N PHE F 56 -8.46 7.39 22.63
CA PHE F 56 -9.53 6.90 23.50
C PHE F 56 -9.16 7.12 24.96
N SER F 57 -9.96 7.92 25.67
CA SER F 57 -9.77 8.07 27.10
C SER F 57 -10.29 6.87 27.88
N THR F 58 -11.29 6.18 27.35
CA THR F 58 -11.88 5.02 27.98
C THR F 58 -11.92 3.88 26.98
N PHE F 59 -11.30 2.75 27.32
CA PHE F 59 -11.32 1.54 26.52
C PHE F 59 -11.32 0.36 27.50
N LYS F 60 -12.40 0.24 28.26
CA LYS F 60 -12.54 -0.77 29.29
C LYS F 60 -13.50 -1.85 28.79
N CYS F 61 -13.01 -3.08 28.67
CA CYS F 61 -13.81 -4.20 28.19
C CYS F 61 -14.32 -4.98 29.39
N TYR F 62 -15.65 -5.14 29.47
CA TYR F 62 -16.28 -5.84 30.57
C TYR F 62 -16.68 -7.24 30.12
N GLY F 63 -16.30 -8.25 30.92
CA GLY F 63 -16.64 -9.63 30.63
C GLY F 63 -15.72 -10.32 29.65
N VAL F 64 -14.82 -9.60 28.99
CA VAL F 64 -13.90 -10.20 28.03
C VAL F 64 -12.56 -9.47 28.09
N SER F 65 -11.49 -10.20 27.78
CA SER F 65 -10.17 -9.61 27.79
C SER F 65 -9.92 -8.90 26.45
N PRO F 66 -9.48 -7.64 26.48
CA PRO F 66 -9.37 -6.88 25.21
C PRO F 66 -8.26 -7.40 24.31
N THR F 67 -7.16 -7.88 24.86
CA THR F 67 -6.03 -8.29 24.03
C THR F 67 -6.25 -9.66 23.39
N LYS F 68 -6.87 -10.59 24.11
CA LYS F 68 -7.04 -11.95 23.64
C LYS F 68 -8.41 -12.18 23.00
N LEU F 69 -9.10 -11.12 22.59
CA LEU F 69 -10.41 -11.26 21.97
C LEU F 69 -10.31 -11.80 20.54
N ASN F 70 -9.16 -11.63 19.88
CA ASN F 70 -9.00 -12.07 18.50
C ASN F 70 -9.03 -13.58 18.35
N ASP F 71 -9.00 -14.33 19.45
CA ASP F 71 -9.08 -15.79 19.41
C ASP F 71 -10.47 -16.31 19.72
N LEU F 72 -11.49 -15.45 19.69
CA LEU F 72 -12.87 -15.84 19.90
C LEU F 72 -13.70 -15.47 18.69
N CYS F 73 -14.75 -16.25 18.44
CA CYS F 73 -15.65 -16.04 17.32
C CYS F 73 -17.06 -15.77 17.81
N PHE F 74 -17.74 -14.83 17.17
CA PHE F 74 -19.10 -14.45 17.52
C PHE F 74 -19.96 -14.44 16.27
N THR F 75 -21.27 -14.54 16.47
CA THR F 75 -22.20 -14.51 15.35
C THR F 75 -22.41 -13.09 14.84
N ASN F 76 -22.72 -12.16 15.75
CA ASN F 76 -22.93 -10.76 15.39
C ASN F 76 -22.20 -9.87 16.39
N VAL F 77 -21.87 -8.66 15.95
CA VAL F 77 -21.25 -7.66 16.80
C VAL F 77 -22.07 -6.39 16.71
N TYR F 78 -22.47 -5.85 17.86
CA TYR F 78 -23.33 -4.68 17.95
C TYR F 78 -22.52 -3.49 18.42
N ALA F 79 -22.53 -2.41 17.64
CA ALA F 79 -21.82 -1.18 17.97
C ALA F 79 -22.84 -0.08 18.22
N ASP F 80 -22.94 0.36 19.47
CA ASP F 80 -23.82 1.45 19.85
C ASP F 80 -23.01 2.73 20.01
N SER F 81 -23.46 3.80 19.37
CA SER F 81 -22.75 5.07 19.36
C SER F 81 -23.68 6.20 19.79
N PHE F 82 -23.14 7.10 20.61
CA PHE F 82 -23.88 8.26 21.12
C PHE F 82 -22.88 9.22 21.71
N VAL F 83 -23.39 10.33 22.27
CA VAL F 83 -22.57 11.40 22.83
C VAL F 83 -23.13 11.79 24.18
N ILE F 84 -22.28 11.81 25.21
CA ILE F 84 -22.67 12.23 26.55
C ILE F 84 -21.63 13.19 27.11
N ARG F 85 -21.75 13.52 28.39
CA ARG F 85 -20.78 14.36 29.06
C ARG F 85 -19.63 13.52 29.60
N GLY F 86 -18.56 14.21 30.01
CA GLY F 86 -17.39 13.50 30.52
C GLY F 86 -17.68 12.77 31.83
N ASP F 87 -18.33 13.46 32.76
CA ASP F 87 -18.66 12.86 34.05
C ASP F 87 -19.78 11.82 33.94
N GLU F 88 -20.36 11.64 32.76
CA GLU F 88 -21.41 10.65 32.55
C GLU F 88 -20.92 9.38 31.90
N VAL F 89 -19.62 9.30 31.56
CA VAL F 89 -19.05 8.07 31.05
C VAL F 89 -18.96 7.02 32.16
N ARG F 90 -18.99 7.45 33.43
CA ARG F 90 -19.05 6.49 34.53
C ARG F 90 -20.33 5.67 34.48
N GLN F 91 -21.47 6.34 34.21
CA GLN F 91 -22.75 5.67 34.19
C GLN F 91 -22.91 4.69 33.04
N ILE F 92 -22.03 4.72 32.04
CA ILE F 92 -22.17 3.88 30.86
C ILE F 92 -21.48 2.55 31.12
N ALA F 93 -21.04 2.34 32.35
CA ALA F 93 -20.47 1.09 32.83
C ALA F 93 -21.55 0.19 33.40
N PRO F 94 -21.32 -1.13 33.45
CA PRO F 94 -22.36 -2.03 33.94
C PRO F 94 -22.69 -1.78 35.41
N GLY F 95 -23.97 -1.96 35.75
CA GLY F 95 -24.40 -1.92 37.13
C GLY F 95 -24.39 -0.56 37.79
N GLN F 96 -24.31 0.52 37.01
CA GLN F 96 -24.30 1.86 37.56
C GLN F 96 -25.60 2.57 37.24
N THR F 97 -25.93 3.55 38.08
CA THR F 97 -27.19 4.29 37.98
C THR F 97 -26.93 5.77 37.75
N GLY F 98 -27.92 6.43 37.19
CA GLY F 98 -27.81 7.84 36.85
C GLY F 98 -28.79 8.19 35.76
N LYS F 99 -28.90 9.50 35.50
CA LYS F 99 -29.86 9.98 34.52
C LYS F 99 -29.62 9.38 33.14
N ILE F 100 -28.36 9.09 32.80
CA ILE F 100 -28.06 8.49 31.50
C ILE F 100 -28.27 6.98 31.54
N ALA F 101 -27.81 6.33 32.60
CA ALA F 101 -27.95 4.88 32.69
C ALA F 101 -29.41 4.48 32.87
N ASP F 102 -30.17 5.26 33.63
CA ASP F 102 -31.55 4.89 33.94
C ASP F 102 -32.50 5.18 32.78
N TYR F 103 -32.33 6.31 32.11
CA TYR F 103 -33.33 6.79 31.16
C TYR F 103 -32.85 6.86 29.71
N ASN F 104 -31.57 6.62 29.44
CA ASN F 104 -31.04 6.85 28.09
C ASN F 104 -30.39 5.60 27.50
N TYR F 105 -29.35 5.06 28.13
CA TYR F 105 -28.69 3.85 27.63
C TYR F 105 -28.27 3.01 28.83
N LYS F 106 -28.87 1.84 28.97
CA LYS F 106 -28.58 0.94 30.08
C LYS F 106 -27.89 -0.32 29.56
N LEU F 107 -26.75 -0.66 30.16
CA LEU F 107 -25.98 -1.87 29.91
C LEU F 107 -26.36 -2.94 30.93
N PRO F 108 -26.39 -4.20 30.54
CA PRO F 108 -26.76 -5.26 31.50
C PRO F 108 -25.64 -5.51 32.51
N ASP F 109 -26.04 -6.05 33.66
CA ASP F 109 -25.05 -6.40 34.67
C ASP F 109 -24.15 -7.53 34.21
N ASP F 110 -24.65 -8.42 33.37
CA ASP F 110 -23.87 -9.50 32.77
C ASP F 110 -23.39 -9.12 31.38
N PHE F 111 -22.75 -7.95 31.28
CA PHE F 111 -22.32 -7.43 29.99
C PHE F 111 -21.05 -8.14 29.53
N THR F 112 -21.05 -8.60 28.28
CA THR F 112 -19.89 -9.21 27.64
C THR F 112 -19.55 -8.36 26.41
N GLY F 113 -18.77 -7.32 26.63
CA GLY F 113 -18.40 -6.45 25.54
C GLY F 113 -17.40 -5.40 25.97
N CYS F 114 -17.30 -4.34 25.19
CA CYS F 114 -16.35 -3.27 25.44
C CYS F 114 -17.04 -1.92 25.33
N VAL F 115 -16.55 -0.96 26.10
CA VAL F 115 -17.03 0.42 26.08
C VAL F 115 -15.85 1.32 25.73
N ILE F 116 -15.96 2.03 24.61
CA ILE F 116 -14.91 2.91 24.12
C ILE F 116 -15.45 4.33 24.09
N ALA F 117 -14.67 5.26 24.63
CA ALA F 117 -15.05 6.67 24.66
C ALA F 117 -13.82 7.53 24.43
N TRP F 118 -14.05 8.75 23.95
CA TRP F 118 -12.97 9.69 23.71
C TRP F 118 -13.52 11.11 23.76
N ASN F 119 -12.65 12.06 24.07
CA ASN F 119 -13.05 13.46 24.17
C ASN F 119 -13.33 14.02 22.78
N SER F 120 -14.46 14.71 22.65
CA SER F 120 -14.91 15.27 21.38
C SER F 120 -15.24 16.75 21.53
N ASN F 121 -14.45 17.47 22.32
CA ASN F 121 -14.64 18.91 22.45
C ASN F 121 -14.31 19.63 21.14
N ASN F 122 -13.40 19.06 20.34
CA ASN F 122 -13.02 19.68 19.08
C ASN F 122 -14.13 19.57 18.03
N LEU F 123 -15.00 18.57 18.15
CA LEU F 123 -16.04 18.31 17.16
C LEU F 123 -17.42 18.80 17.60
N ASP F 124 -17.84 18.44 18.81
CA ASP F 124 -19.22 18.60 19.22
C ASP F 124 -19.45 19.79 20.15
N SER F 125 -18.46 20.66 20.30
CA SER F 125 -18.60 21.88 21.09
C SER F 125 -18.40 23.09 20.19
N LYS F 126 -19.22 24.12 20.40
CA LYS F 126 -19.20 25.30 19.55
C LYS F 126 -19.29 26.56 20.42
N VAL F 127 -18.66 27.63 19.93
CA VAL F 127 -18.78 28.93 20.60
C VAL F 127 -20.23 29.38 20.54
N GLY F 128 -20.76 29.80 21.69
CA GLY F 128 -22.16 30.12 21.82
C GLY F 128 -23.03 28.95 22.24
N GLY F 129 -22.59 27.72 22.03
CA GLY F 129 -23.31 26.56 22.48
C GLY F 129 -23.83 25.66 21.38
N ASN F 130 -23.46 24.38 21.43
CA ASN F 130 -24.01 23.36 20.54
C ASN F 130 -25.10 22.62 21.31
N TYR F 131 -26.32 23.13 21.21
CA TYR F 131 -27.47 22.56 21.91
C TYR F 131 -28.18 21.49 21.09
N ASN F 132 -27.51 20.94 20.08
CA ASN F 132 -28.12 19.94 19.22
C ASN F 132 -28.09 18.53 19.81
N TYR F 133 -27.31 18.30 20.85
CA TYR F 133 -27.27 17.01 21.53
C TYR F 133 -28.24 17.02 22.70
N LEU F 134 -29.06 15.99 22.80
CA LEU F 134 -30.13 15.94 23.78
C LEU F 134 -30.05 14.66 24.61
N TYR F 135 -30.78 14.68 25.73
CA TYR F 135 -30.82 13.54 26.63
C TYR F 135 -32.17 13.53 27.33
N ARG F 136 -32.49 12.40 27.96
CA ARG F 136 -33.76 12.22 28.68
C ARG F 136 -33.53 12.51 30.15
N LEU F 137 -34.15 13.57 30.66
CA LEU F 137 -33.99 13.97 32.05
C LEU F 137 -34.96 13.24 32.97
N PHE F 138 -36.21 13.06 32.53
CA PHE F 138 -37.24 12.44 33.35
C PHE F 138 -37.86 11.25 32.62
N ARG F 139 -38.06 10.16 33.36
CA ARG F 139 -38.80 9.01 32.86
C ARG F 139 -39.40 8.28 34.05
N LYS F 140 -40.59 7.71 33.85
CA LYS F 140 -41.29 7.07 34.95
C LYS F 140 -40.65 5.73 35.33
N SER F 141 -40.09 5.02 34.36
CA SER F 141 -39.45 3.74 34.60
C SER F 141 -38.00 3.78 34.16
N ASN F 142 -37.17 2.96 34.78
CA ASN F 142 -35.79 2.81 34.35
C ASN F 142 -35.73 1.94 33.11
N LEU F 143 -34.79 2.25 32.22
CA LEU F 143 -34.68 1.54 30.96
C LEU F 143 -34.18 0.11 31.19
N LYS F 144 -34.75 -0.82 30.42
CA LYS F 144 -34.23 -2.18 30.39
C LYS F 144 -32.95 -2.22 29.57
N PRO F 145 -32.15 -3.28 29.72
CA PRO F 145 -30.89 -3.36 28.96
C PRO F 145 -31.13 -3.29 27.46
N PHE F 146 -30.32 -2.45 26.80
CA PHE F 146 -30.35 -2.28 25.34
C PHE F 146 -31.72 -1.78 24.85
N GLU F 147 -32.40 -0.98 25.67
CA GLU F 147 -33.68 -0.40 25.30
C GLU F 147 -33.51 1.07 24.96
N ARG F 148 -34.32 1.54 24.02
CA ARG F 148 -34.27 2.92 23.56
C ARG F 148 -35.64 3.55 23.67
N ASP F 149 -35.67 4.78 24.18
CA ASP F 149 -36.91 5.56 24.33
C ASP F 149 -36.81 6.81 23.48
N ILE F 150 -37.66 6.90 22.47
CA ILE F 150 -37.71 8.05 21.57
C ILE F 150 -39.00 8.85 21.78
N SER F 151 -39.77 8.51 22.81
CA SER F 151 -41.05 9.18 23.05
C SER F 151 -40.83 10.64 23.45
N THR F 152 -41.77 11.49 23.03
CA THR F 152 -41.76 12.91 23.34
C THR F 152 -42.97 13.30 24.19
N GLU F 153 -43.50 12.36 24.96
CA GLU F 153 -44.66 12.62 25.78
C GLU F 153 -44.25 13.35 27.06
N ILE F 154 -45.03 14.35 27.44
CA ILE F 154 -44.67 15.22 28.55
C ILE F 154 -44.74 14.44 29.86
N TYR F 155 -43.71 14.62 30.70
CA TYR F 155 -43.59 13.87 31.94
C TYR F 155 -44.48 14.48 33.02
N GLN F 156 -45.30 13.64 33.65
CA GLN F 156 -46.18 14.08 34.73
C GLN F 156 -45.51 13.85 36.08
N ALA F 157 -45.24 14.92 36.81
CA ALA F 157 -44.69 14.85 38.15
C ALA F 157 -45.76 14.97 39.23
N GLY F 158 -47.02 14.99 38.87
CA GLY F 158 -48.09 15.16 39.83
C GLY F 158 -49.41 14.65 39.33
N SER F 159 -50.48 15.10 39.98
CA SER F 159 -51.82 14.61 39.67
C SER F 159 -52.44 15.31 38.47
N THR F 160 -52.09 16.58 38.24
CA THR F 160 -52.72 17.34 37.17
C THR F 160 -52.34 16.76 35.81
N PRO F 161 -53.29 16.62 34.90
CA PRO F 161 -52.97 16.14 33.55
C PRO F 161 -52.22 17.19 32.75
N CYS F 162 -51.21 16.74 32.00
CA CYS F 162 -50.38 17.68 31.26
C CYS F 162 -51.04 18.15 29.96
N ASN F 163 -51.80 17.28 29.31
CA ASN F 163 -52.51 17.61 28.07
C ASN F 163 -51.55 18.07 26.98
N GLY F 164 -50.35 17.47 26.97
CA GLY F 164 -49.35 17.78 25.96
C GLY F 164 -48.74 19.16 26.05
N VAL F 165 -48.99 19.89 27.13
CA VAL F 165 -48.48 21.24 27.32
C VAL F 165 -47.63 21.27 28.58
N GLU F 166 -46.47 21.92 28.50
CA GLU F 166 -45.64 22.11 29.68
C GLU F 166 -46.36 23.00 30.69
N GLY F 167 -46.25 22.63 31.95
CA GLY F 167 -46.92 23.39 32.99
C GLY F 167 -46.40 23.04 34.36
N PHE F 168 -47.23 23.29 35.37
CA PHE F 168 -46.87 23.01 36.75
C PHE F 168 -46.75 21.50 36.94
N ASN F 169 -45.56 21.05 37.32
CA ASN F 169 -45.25 19.62 37.48
C ASN F 169 -45.44 18.85 36.17
N CYS F 170 -45.33 19.55 35.05
CA CYS F 170 -45.42 18.95 33.72
C CYS F 170 -44.22 19.45 32.91
N TYR F 171 -43.23 18.59 32.72
CA TYR F 171 -41.99 18.98 32.08
C TYR F 171 -41.76 18.15 30.83
N PHE F 172 -41.04 18.73 29.87
CA PHE F 172 -40.68 17.99 28.67
C PHE F 172 -39.56 17.01 28.99
N PRO F 173 -39.64 15.76 28.54
CA PRO F 173 -38.67 14.75 28.98
C PRO F 173 -37.26 14.97 28.42
N LEU F 174 -37.13 15.63 27.27
CA LEU F 174 -35.85 15.78 26.59
C LEU F 174 -35.33 17.20 26.78
N GLN F 175 -34.09 17.32 27.28
CA GLN F 175 -33.40 18.58 27.38
C GLN F 175 -32.08 18.50 26.61
N SER F 176 -31.54 19.66 26.27
CA SER F 176 -30.39 19.75 25.37
C SER F 176 -29.09 19.89 26.15
N TYR F 177 -28.12 19.02 25.84
CA TYR F 177 -26.75 19.23 26.30
C TYR F 177 -26.24 20.59 25.86
N GLY F 178 -25.60 21.30 26.77
CA GLY F 178 -24.95 22.55 26.42
C GLY F 178 -23.46 22.39 26.29
N PHE F 179 -23.00 22.02 25.10
CA PHE F 179 -21.58 21.73 24.87
C PHE F 179 -20.89 22.97 24.32
N GLN F 180 -19.90 23.45 25.07
CA GLN F 180 -19.22 24.70 24.78
C GLN F 180 -17.73 24.52 25.00
N PRO F 181 -16.88 25.19 24.22
CA PRO F 181 -15.44 24.88 24.26
C PRO F 181 -14.78 25.26 25.56
N THR F 182 -15.25 26.29 26.24
CA THR F 182 -14.64 26.73 27.50
C THR F 182 -15.06 25.88 28.68
N ASN F 183 -15.85 24.83 28.46
CA ASN F 183 -16.33 23.98 29.54
C ASN F 183 -15.17 23.18 30.14
N GLY F 184 -15.38 22.70 31.37
CA GLY F 184 -14.46 21.77 31.96
C GLY F 184 -14.60 20.38 31.35
N VAL F 185 -13.62 19.54 31.65
CA VAL F 185 -13.61 18.19 31.09
C VAL F 185 -14.85 17.41 31.48
N GLY F 186 -15.41 17.69 32.66
CA GLY F 186 -16.61 17.00 33.09
C GLY F 186 -17.84 17.36 32.27
N TYR F 187 -17.99 18.64 31.94
CA TYR F 187 -19.13 19.11 31.17
C TYR F 187 -18.89 19.08 29.66
N GLN F 188 -17.73 18.58 29.22
CA GLN F 188 -17.32 18.53 27.81
C GLN F 188 -17.92 17.32 27.12
N PRO F 189 -18.13 17.40 25.80
CA PRO F 189 -18.72 16.27 25.07
C PRO F 189 -17.73 15.12 24.93
N TYR F 190 -18.26 13.89 25.02
CA TYR F 190 -17.48 12.68 24.83
C TYR F 190 -18.24 11.75 23.92
N ARG F 191 -17.55 11.20 22.91
CA ARG F 191 -18.16 10.27 21.98
C ARG F 191 -17.90 8.84 22.45
N VAL F 192 -18.97 8.07 22.63
CA VAL F 192 -18.90 6.73 23.19
C VAL F 192 -19.33 5.71 22.13
N VAL F 193 -18.57 4.63 22.02
CA VAL F 193 -18.92 3.51 21.15
C VAL F 193 -18.93 2.26 22.01
N VAL F 194 -20.08 1.58 22.07
CA VAL F 194 -20.26 0.40 22.90
C VAL F 194 -20.32 -0.80 21.99
N LEU F 195 -19.28 -1.63 22.03
CA LEU F 195 -19.22 -2.85 21.23
C LEU F 195 -19.83 -4.00 22.02
N SER F 196 -20.92 -4.56 21.49
CA SER F 196 -21.57 -5.72 22.08
C SER F 196 -21.26 -6.95 21.26
N PHE F 197 -20.77 -8.00 21.92
CA PHE F 197 -20.40 -9.24 21.25
C PHE F 197 -21.46 -10.29 21.54
N GLU F 198 -22.12 -10.78 20.50
CA GLU F 198 -23.25 -11.69 20.62
C GLU F 198 -22.85 -13.08 20.17
N LEU F 199 -23.10 -14.07 21.02
CA LEU F 199 -22.93 -15.48 20.69
C LEU F 199 -24.28 -16.16 20.71
N LEU F 200 -24.74 -16.61 19.55
CA LEU F 200 -26.01 -17.30 19.41
C LEU F 200 -25.76 -18.68 18.78
N HIS F 201 -26.77 -19.54 18.88
CA HIS F 201 -26.65 -20.89 18.35
C HIS F 201 -26.87 -20.91 16.84
N ALA F 202 -26.11 -20.07 16.13
CA ALA F 202 -26.10 -19.99 14.69
C ALA F 202 -24.64 -19.97 14.24
N PRO F 203 -24.37 -20.26 12.96
CA PRO F 203 -22.98 -20.18 12.48
C PRO F 203 -22.40 -18.79 12.68
N ALA F 204 -21.18 -18.75 13.19
CA ALA F 204 -20.52 -17.49 13.48
C ALA F 204 -20.02 -16.84 12.20
N THR F 205 -20.21 -15.52 12.09
CA THR F 205 -19.85 -14.77 10.90
C THR F 205 -18.71 -13.78 11.12
N VAL F 206 -18.55 -13.25 12.32
CA VAL F 206 -17.47 -12.33 12.64
C VAL F 206 -16.45 -13.06 13.49
N CYS F 207 -15.16 -12.88 13.17
CA CYS F 207 -14.10 -13.60 13.85
C CYS F 207 -12.85 -12.74 13.85
N GLY F 208 -11.90 -13.10 14.71
CA GLY F 208 -10.63 -12.42 14.77
C GLY F 208 -9.59 -13.11 13.92
N PRO F 209 -8.45 -12.45 13.69
CA PRO F 209 -7.39 -13.05 12.89
C PRO F 209 -6.60 -14.08 13.70
N LYS F 210 -6.26 -15.17 13.03
CA LYS F 210 -5.50 -16.24 13.67
C LYS F 210 -4.45 -16.81 12.73
N SER G 2 14.03 -70.68 -32.68
CA SER G 2 12.79 -70.56 -33.44
C SER G 2 12.97 -69.63 -34.63
N THR G 3 11.95 -69.56 -35.49
CA THR G 3 12.00 -68.70 -36.65
C THR G 3 11.99 -67.23 -36.23
N THR G 4 12.51 -66.38 -37.10
CA THR G 4 12.47 -64.94 -36.86
C THR G 4 11.05 -64.40 -36.92
N GLU G 5 10.12 -65.13 -37.51
CA GLU G 5 8.71 -64.75 -37.46
C GLU G 5 8.19 -64.79 -36.02
N ASP G 6 8.46 -65.90 -35.32
CA ASP G 6 8.08 -65.97 -33.91
C ASP G 6 8.88 -64.97 -33.08
N ARG G 7 10.15 -64.74 -33.45
CA ARG G 7 10.94 -63.74 -32.75
C ARG G 7 10.42 -62.33 -33.01
N ALA G 8 9.84 -62.09 -34.18
CA ALA G 8 9.28 -60.78 -34.48
C ALA G 8 7.96 -60.56 -33.75
N LYS G 9 7.13 -61.59 -33.65
CA LYS G 9 5.85 -61.47 -32.95
C LYS G 9 6.05 -61.00 -31.51
N ILE G 10 7.13 -61.46 -30.87
CA ILE G 10 7.44 -61.01 -29.52
C ILE G 10 7.80 -59.53 -29.51
N PHE G 11 8.52 -59.07 -30.53
CA PHE G 11 8.92 -57.68 -30.61
C PHE G 11 7.71 -56.77 -30.82
N LEU G 12 6.76 -57.21 -31.66
CA LEU G 12 5.56 -56.40 -31.88
C LEU G 12 4.61 -56.45 -30.68
N ASP G 13 4.60 -57.55 -29.93
CA ASP G 13 3.80 -57.61 -28.71
C ASP G 13 4.28 -56.57 -27.70
N ASN G 14 5.61 -56.49 -27.50
CA ASN G 14 6.14 -55.49 -26.59
C ASN G 14 5.92 -54.08 -27.10
N PHE G 15 5.92 -53.89 -28.42
CA PHE G 15 5.68 -52.56 -28.97
C PHE G 15 4.25 -52.13 -28.75
N ASN G 16 3.29 -53.00 -29.13
CA ASN G 16 1.88 -52.64 -29.02
C ASN G 16 1.49 -52.32 -27.57
N ARG G 17 2.10 -53.01 -26.61
CA ARG G 17 1.78 -52.74 -25.20
C ARG G 17 2.40 -51.43 -24.75
N GLU G 18 3.68 -51.21 -25.07
CA GLU G 18 4.35 -49.98 -24.63
C GLU G 18 3.90 -48.77 -25.44
N ALA G 19 3.60 -48.95 -26.73
CA ALA G 19 3.19 -47.83 -27.55
C ALA G 19 1.82 -47.30 -27.13
N GLU G 20 0.92 -48.19 -26.70
CA GLU G 20 -0.42 -47.77 -26.33
C GLU G 20 -0.41 -46.86 -25.11
N GLU G 21 0.53 -47.09 -24.17
CA GLU G 21 0.62 -46.23 -23.00
C GLU G 21 1.28 -44.90 -23.33
N LEU G 22 2.33 -44.92 -24.16
CA LEU G 22 3.01 -43.67 -24.50
C LEU G 22 2.17 -42.82 -25.44
N SER G 23 1.42 -43.45 -26.34
CA SER G 23 0.52 -42.70 -27.21
C SER G 23 -0.67 -42.15 -26.44
N TYR G 24 -1.15 -42.90 -25.44
CA TYR G 24 -2.25 -42.40 -24.60
C TYR G 24 -1.81 -41.18 -23.81
N GLN G 25 -0.55 -41.16 -23.36
CA GLN G 25 -0.04 -40.02 -22.61
C GLN G 25 0.03 -38.78 -23.51
N SER G 26 0.50 -38.95 -24.75
CA SER G 26 0.56 -37.82 -25.68
C SER G 26 -0.84 -37.37 -26.09
N SER G 27 -1.77 -38.32 -26.23
CA SER G 27 -3.14 -37.97 -26.63
C SER G 27 -3.87 -37.27 -25.48
N LEU G 28 -3.65 -37.72 -24.24
CA LEU G 28 -4.25 -37.03 -23.10
C LEU G 28 -3.62 -35.66 -22.88
N ALA G 29 -2.32 -35.53 -23.15
CA ALA G 29 -1.66 -34.24 -22.99
C ALA G 29 -2.07 -33.25 -24.08
N SER G 30 -2.14 -33.72 -25.33
CA SER G 30 -2.56 -32.85 -26.42
C SER G 30 -4.02 -32.45 -26.27
N TRP G 31 -4.86 -33.33 -25.70
CA TRP G 31 -6.24 -32.96 -25.43
C TRP G 31 -6.32 -31.85 -24.40
N GLU G 32 -5.43 -31.87 -23.41
CA GLU G 32 -5.45 -30.83 -22.39
C GLU G 32 -5.05 -29.47 -22.96
N TYR G 33 -4.05 -29.44 -23.84
CA TYR G 33 -3.69 -28.18 -24.48
C TYR G 33 -4.80 -27.68 -25.39
N ASN G 34 -5.44 -28.58 -26.14
CA ASN G 34 -6.49 -28.17 -27.06
C ASN G 34 -7.76 -27.76 -26.31
N THR G 35 -7.98 -28.31 -25.12
CA THR G 35 -9.14 -27.97 -24.30
C THR G 35 -8.79 -27.03 -23.15
N ASN G 36 -7.53 -26.64 -23.01
CA ASN G 36 -7.09 -25.69 -22.01
C ASN G 36 -5.74 -25.10 -22.39
N ILE G 37 -5.76 -24.07 -23.24
CA ILE G 37 -4.53 -23.50 -23.77
C ILE G 37 -3.73 -22.87 -22.63
N SER G 38 -2.50 -23.33 -22.44
CA SER G 38 -1.64 -22.82 -21.40
C SER G 38 -0.20 -23.14 -21.75
N ASP G 39 0.71 -22.25 -21.33
CA ASP G 39 2.13 -22.49 -21.56
C ASP G 39 2.61 -23.71 -20.78
N GLU G 40 2.01 -23.99 -19.62
CA GLU G 40 2.35 -25.19 -18.87
C GLU G 40 1.90 -26.45 -19.63
N ASN G 41 0.65 -26.45 -20.10
CA ASN G 41 0.13 -27.61 -20.82
C ASN G 41 0.86 -27.82 -22.14
N VAL G 42 1.43 -26.75 -22.72
CA VAL G 42 2.23 -26.90 -23.92
C VAL G 42 3.49 -27.71 -23.62
N GLN G 43 4.11 -27.46 -22.47
CA GLN G 43 5.31 -28.21 -22.10
C GLN G 43 4.99 -29.69 -21.88
N LYS G 44 3.87 -29.97 -21.21
CA LYS G 44 3.47 -31.36 -20.99
C LYS G 44 3.17 -32.06 -22.32
N MET G 45 2.60 -31.33 -23.27
CA MET G 45 2.29 -31.92 -24.58
C MET G 45 3.56 -32.18 -25.38
N ASP G 46 4.52 -31.26 -25.33
CA ASP G 46 5.77 -31.45 -26.06
C ASP G 46 6.61 -32.55 -25.43
N GLU G 47 6.60 -32.66 -24.10
CA GLU G 47 7.40 -33.68 -23.45
C GLU G 47 6.80 -35.07 -23.66
N ALA G 48 5.48 -35.19 -23.57
CA ALA G 48 4.83 -36.48 -23.80
C ALA G 48 4.98 -36.90 -25.27
N GLY G 49 4.94 -35.94 -26.19
CA GLY G 49 5.14 -36.27 -27.59
C GLY G 49 6.57 -36.65 -27.93
N ALA G 50 7.54 -36.10 -27.19
CA ALA G 50 8.93 -36.46 -27.43
C ALA G 50 9.20 -37.89 -26.97
N LYS G 51 8.56 -38.33 -25.88
CA LYS G 51 8.72 -39.69 -25.42
C LYS G 51 8.16 -40.68 -26.43
N TRP G 52 7.02 -40.34 -27.07
CA TRP G 52 6.42 -41.23 -28.04
C TRP G 52 7.26 -41.29 -29.32
N SER G 53 7.82 -40.16 -29.75
CA SER G 53 8.61 -40.14 -30.98
C SER G 53 9.95 -40.85 -30.79
N ALA G 54 10.60 -40.63 -29.64
CA ALA G 54 11.88 -41.29 -29.38
C ALA G 54 11.72 -42.80 -29.29
N PHE G 55 10.66 -43.26 -28.61
CA PHE G 55 10.39 -44.68 -28.53
C PHE G 55 10.02 -45.24 -29.91
N TYR G 56 9.27 -44.47 -30.70
CA TYR G 56 8.90 -44.91 -32.04
C TYR G 56 10.13 -45.04 -32.93
N GLU G 57 11.01 -44.05 -32.89
CA GLU G 57 12.19 -44.08 -33.76
C GLU G 57 13.21 -45.11 -33.30
N GLU G 58 13.27 -45.41 -32.00
CA GLU G 58 14.15 -46.46 -31.52
C GLU G 58 13.67 -47.83 -31.98
N GLN G 59 12.38 -48.10 -31.81
CA GLN G 59 11.82 -49.39 -32.21
C GLN G 59 11.76 -49.55 -33.72
N SER G 60 11.78 -48.44 -34.47
CA SER G 60 11.87 -48.54 -35.92
C SER G 60 13.22 -49.08 -36.35
N LYS G 61 14.29 -48.70 -35.64
CA LYS G 61 15.60 -49.26 -35.91
C LYS G 61 15.67 -50.74 -35.54
N LEU G 62 15.03 -51.11 -34.43
CA LEU G 62 15.03 -52.51 -34.01
C LEU G 62 14.21 -53.38 -34.95
N ALA G 63 13.21 -52.79 -35.62
CA ALA G 63 12.40 -53.57 -36.56
C ALA G 63 13.19 -53.94 -37.81
N LYS G 64 14.20 -53.14 -38.17
CA LYS G 64 15.02 -53.46 -39.33
C LYS G 64 15.81 -54.75 -39.15
N ASN G 65 16.07 -55.14 -37.90
CA ASN G 65 16.81 -56.37 -37.64
C ASN G 65 16.02 -57.61 -38.05
N TYR G 66 14.69 -57.50 -38.16
CA TYR G 66 13.87 -58.63 -38.59
C TYR G 66 13.65 -58.52 -40.09
N PRO G 67 14.21 -59.42 -40.90
CA PRO G 67 14.03 -59.32 -42.36
C PRO G 67 12.57 -59.55 -42.74
N LEU G 68 12.05 -58.67 -43.60
CA LEU G 68 10.66 -58.78 -44.02
C LEU G 68 10.40 -60.00 -44.87
N GLU G 69 11.43 -60.46 -45.60
CA GLU G 69 11.25 -61.61 -46.49
C GLU G 69 10.96 -62.89 -45.70
N GLU G 70 11.40 -62.96 -44.46
CA GLU G 70 11.27 -64.17 -43.66
C GLU G 70 9.99 -64.20 -42.83
N ILE G 71 9.17 -63.16 -42.89
CA ILE G 71 7.91 -63.12 -42.15
C ILE G 71 6.80 -63.62 -43.06
N GLN G 72 6.03 -64.59 -42.58
CA GLN G 72 5.00 -65.24 -43.39
C GLN G 72 3.58 -64.83 -43.02
N THR G 73 3.33 -64.42 -41.77
CA THR G 73 2.01 -63.95 -41.38
C THR G 73 1.80 -62.51 -41.86
N VAL G 74 0.63 -62.25 -42.40
CA VAL G 74 0.35 -60.98 -43.09
C VAL G 74 0.14 -59.81 -42.13
N PRO G 75 -0.38 -59.99 -40.89
CA PRO G 75 -0.44 -58.83 -39.98
C PRO G 75 0.93 -58.31 -39.57
N VAL G 76 1.83 -59.22 -39.19
CA VAL G 76 3.13 -58.81 -38.67
C VAL G 76 3.97 -58.16 -39.76
N LYS G 77 3.86 -58.66 -41.00
CA LYS G 77 4.61 -58.07 -42.10
C LYS G 77 4.27 -56.60 -42.28
N LEU G 78 2.98 -56.26 -42.24
CA LEU G 78 2.58 -54.86 -42.38
C LEU G 78 3.11 -54.01 -41.24
N GLN G 79 3.06 -54.54 -40.01
CA GLN G 79 3.52 -53.78 -38.85
C GLN G 79 5.02 -53.52 -38.92
N LEU G 80 5.80 -54.56 -39.25
CA LEU G 80 7.23 -54.38 -39.42
C LEU G 80 7.53 -53.43 -40.57
N GLN G 81 6.82 -53.59 -41.69
CA GLN G 81 7.03 -52.72 -42.84
C GLN G 81 6.67 -51.27 -42.53
N ILE G 82 5.53 -51.06 -41.85
CA ILE G 82 5.12 -49.71 -41.50
C ILE G 82 6.13 -49.08 -40.55
N LEU G 83 6.64 -49.86 -39.60
CA LEU G 83 7.56 -49.32 -38.60
C LEU G 83 8.91 -48.98 -39.22
N GLN G 84 9.42 -49.86 -40.10
CA GLN G 84 10.74 -49.63 -40.68
C GLN G 84 10.77 -48.40 -41.57
N GLN G 85 9.71 -48.19 -42.36
CA GLN G 85 9.72 -47.15 -43.38
C GLN G 85 9.31 -45.79 -42.81
N SER G 86 8.51 -45.76 -41.76
CA SER G 86 7.94 -44.50 -41.28
C SER G 86 8.98 -43.63 -40.59
N GLY G 87 9.75 -44.22 -39.67
CA GLY G 87 10.73 -43.44 -38.92
C GLY G 87 12.16 -43.67 -39.37
N SER G 88 13.10 -43.43 -38.44
CA SER G 88 14.53 -43.63 -38.65
C SER G 88 15.02 -42.96 -39.93
N PRO G 89 15.12 -41.63 -39.96
CA PRO G 89 15.71 -40.96 -41.14
C PRO G 89 17.16 -41.39 -41.32
N VAL G 90 17.44 -42.05 -42.45
CA VAL G 90 18.80 -42.44 -42.79
C VAL G 90 19.68 -41.24 -43.15
N LEU G 91 19.11 -40.04 -43.22
CA LEU G 91 19.89 -38.85 -43.58
C LEU G 91 20.94 -38.54 -42.51
N SER G 92 21.91 -37.72 -42.89
CA SER G 92 23.02 -37.38 -42.00
C SER G 92 22.53 -36.59 -40.80
N GLU G 93 23.40 -36.50 -39.78
CA GLU G 93 23.05 -35.74 -38.58
C GLU G 93 22.78 -34.28 -38.89
N ASP G 94 23.66 -33.66 -39.68
CA ASP G 94 23.48 -32.26 -40.02
C ASP G 94 22.29 -32.06 -40.95
N LYS G 95 22.09 -32.97 -41.90
CA LYS G 95 20.98 -32.83 -42.83
C LYS G 95 19.64 -33.00 -42.13
N SER G 96 19.55 -33.92 -41.18
CA SER G 96 18.29 -34.14 -40.48
C SER G 96 17.88 -32.90 -39.70
N LYS G 97 18.84 -32.21 -39.09
CA LYS G 97 18.54 -30.95 -38.43
C LYS G 97 18.29 -29.84 -39.45
N ARG G 98 18.97 -29.89 -40.59
CA ARG G 98 18.70 -28.93 -41.66
C ARG G 98 17.31 -29.11 -42.22
N LEU G 99 16.84 -30.36 -42.33
CA LEU G 99 15.47 -30.61 -42.78
C LEU G 99 14.47 -30.07 -41.78
N ASN G 100 14.70 -30.30 -40.48
CA ASN G 100 13.82 -29.77 -39.45
C ASN G 100 13.85 -28.25 -39.44
N SER G 101 15.02 -27.65 -39.69
CA SER G 101 15.10 -26.19 -39.76
C SER G 101 14.30 -25.66 -40.93
N ILE G 102 14.34 -26.35 -42.08
CA ILE G 102 13.57 -25.91 -43.24
C ILE G 102 12.09 -26.22 -43.04
N LEU G 103 11.78 -27.40 -42.48
CA LEU G 103 10.38 -27.77 -42.27
C LEU G 103 9.71 -26.86 -41.26
N ASN G 104 10.41 -26.55 -40.16
CA ASN G 104 9.82 -25.68 -39.14
C ASN G 104 9.71 -24.24 -39.63
N ALA G 105 10.64 -23.80 -40.46
CA ALA G 105 10.61 -22.42 -40.94
C ALA G 105 9.43 -22.19 -41.87
N MET G 106 9.09 -23.19 -42.69
CA MET G 106 8.00 -23.03 -43.64
C MET G 106 6.67 -22.79 -42.93
N SER G 107 6.41 -23.54 -41.85
CA SER G 107 5.15 -23.38 -41.13
C SER G 107 5.08 -22.02 -40.44
N THR G 108 6.21 -21.45 -40.04
CA THR G 108 6.20 -20.13 -39.40
C THR G 108 5.96 -19.03 -40.43
N ILE G 109 6.59 -19.12 -41.60
CA ILE G 109 6.35 -18.13 -42.64
C ILE G 109 4.90 -18.21 -43.14
N TYR G 110 4.33 -19.41 -43.15
CA TYR G 110 2.94 -19.55 -43.59
C TYR G 110 1.97 -19.06 -42.52
N SER G 111 2.23 -19.38 -41.26
CA SER G 111 1.30 -19.04 -40.19
C SER G 111 1.38 -17.57 -39.81
N THR G 112 2.58 -16.99 -39.86
CA THR G 112 2.78 -15.61 -39.44
C THR G 112 2.97 -14.64 -40.60
N GLY G 113 3.02 -15.14 -41.83
CA GLY G 113 3.20 -14.27 -42.99
C GLY G 113 1.97 -13.43 -43.24
N LYS G 114 2.12 -12.11 -43.26
CA LYS G 114 1.01 -11.19 -43.47
C LYS G 114 1.29 -10.28 -44.65
N VAL G 115 0.21 -9.81 -45.27
CA VAL G 115 0.29 -8.91 -46.42
C VAL G 115 -0.29 -7.56 -46.00
N CYS G 116 0.46 -6.49 -46.28
CA CYS G 116 0.07 -5.15 -45.87
C CYS G 116 -0.56 -4.40 -47.04
N LYS G 117 -1.57 -3.60 -46.74
CA LYS G 117 -2.26 -2.84 -47.77
C LYS G 117 -1.36 -1.73 -48.31
N PRO G 118 -1.48 -1.42 -49.60
CA PRO G 118 -0.89 -0.18 -50.10
C PRO G 118 -1.61 1.02 -49.51
N ASN G 119 -0.88 2.14 -49.42
CA ASN G 119 -1.32 3.38 -48.81
C ASN G 119 -1.58 3.25 -47.32
N ASN G 120 -1.28 2.10 -46.72
CA ASN G 120 -1.34 1.92 -45.27
C ASN G 120 -0.38 0.81 -44.90
N PRO G 121 0.92 1.11 -44.79
CA PRO G 121 1.91 0.06 -44.58
C PRO G 121 1.76 -0.70 -43.28
N GLN G 122 1.00 -0.18 -42.32
CA GLN G 122 0.83 -0.85 -41.03
C GLN G 122 -0.50 -1.56 -40.88
N GLU G 123 -1.44 -1.35 -41.81
CA GLU G 123 -2.68 -2.14 -41.84
C GLU G 123 -2.38 -3.41 -42.63
N CYS G 124 -1.90 -4.43 -41.93
CA CYS G 124 -1.54 -5.70 -42.53
C CYS G 124 -2.52 -6.77 -42.09
N PHE G 125 -2.89 -7.65 -43.01
CA PHE G 125 -3.88 -8.67 -42.77
C PHE G 125 -3.27 -10.06 -42.86
N LEU G 126 -3.79 -10.98 -42.05
CA LEU G 126 -3.33 -12.36 -42.02
C LEU G 126 -4.27 -13.25 -42.82
N LEU G 127 -3.81 -14.47 -43.09
CA LEU G 127 -4.62 -15.39 -43.89
C LEU G 127 -5.91 -15.78 -43.17
N GLU G 128 -5.84 -15.97 -41.86
CA GLU G 128 -7.02 -16.29 -41.06
C GLU G 128 -7.16 -15.27 -39.94
N PRO G 129 -8.29 -14.56 -39.83
CA PRO G 129 -9.42 -14.67 -40.76
C PRO G 129 -9.43 -13.58 -41.82
N GLY G 130 -8.38 -12.77 -41.86
CA GLY G 130 -8.33 -11.60 -42.72
C GLY G 130 -8.37 -11.89 -44.20
N LEU G 131 -7.28 -12.44 -44.74
CA LEU G 131 -7.17 -12.64 -46.18
C LEU G 131 -8.14 -13.68 -46.70
N ASP G 132 -8.60 -14.61 -45.85
CA ASP G 132 -9.55 -15.62 -46.32
C ASP G 132 -10.93 -15.01 -46.54
N ASN G 133 -11.34 -14.08 -45.67
CA ASN G 133 -12.65 -13.44 -45.84
C ASN G 133 -12.66 -12.55 -47.07
N ILE G 134 -11.55 -11.87 -47.35
CA ILE G 134 -11.48 -11.04 -48.55
C ILE G 134 -11.55 -11.90 -49.80
N MET G 135 -10.80 -13.01 -49.82
CA MET G 135 -10.75 -13.87 -50.98
C MET G 135 -11.99 -14.73 -51.16
N GLY G 136 -12.90 -14.74 -50.18
CA GLY G 136 -14.09 -15.56 -50.28
C GLY G 136 -15.37 -14.77 -50.42
N THR G 137 -15.30 -13.46 -50.18
CA THR G 137 -16.48 -12.61 -50.19
C THR G 137 -16.39 -11.42 -51.13
N SER G 138 -15.20 -10.90 -51.40
CA SER G 138 -15.08 -9.69 -52.19
C SER G 138 -15.42 -9.95 -53.66
N LYS G 139 -15.94 -8.91 -54.32
CA LYS G 139 -16.24 -8.95 -55.75
C LYS G 139 -15.46 -7.88 -56.52
N ASP G 140 -14.35 -7.41 -55.97
CA ASP G 140 -13.53 -6.38 -56.61
C ASP G 140 -12.29 -7.02 -57.19
N TYR G 141 -12.04 -6.78 -58.48
CA TYR G 141 -10.91 -7.38 -59.16
C TYR G 141 -9.59 -6.96 -58.52
N ASN G 142 -9.40 -5.65 -58.32
CA ASN G 142 -8.11 -5.15 -57.88
C ASN G 142 -7.84 -5.47 -56.41
N GLU G 143 -8.89 -5.54 -55.58
CA GLU G 143 -8.72 -5.97 -54.20
C GLU G 143 -8.19 -7.40 -54.15
N ARG G 144 -8.83 -8.31 -54.89
CA ARG G 144 -8.45 -9.71 -54.84
C ARG G 144 -7.07 -9.93 -55.45
N LEU G 145 -6.73 -9.16 -56.50
CA LEU G 145 -5.41 -9.27 -57.09
C LEU G 145 -4.31 -8.85 -56.12
N TRP G 146 -4.59 -7.82 -55.31
CA TRP G 146 -3.64 -7.43 -54.27
C TRP G 146 -3.42 -8.57 -53.28
N ALA G 147 -4.51 -9.15 -52.78
CA ALA G 147 -4.39 -10.26 -51.83
C ALA G 147 -3.78 -11.49 -52.49
N TRP G 148 -4.02 -11.68 -53.78
CA TRP G 148 -3.46 -12.83 -54.48
C TRP G 148 -1.96 -12.69 -54.65
N GLU G 149 -1.52 -11.57 -55.25
CA GLU G 149 -0.10 -11.37 -55.50
C GLU G 149 0.66 -11.12 -54.20
N GLY G 150 0.05 -10.40 -53.26
CA GLY G 150 0.71 -10.12 -52.00
C GLY G 150 1.04 -11.38 -51.23
N TRP G 151 0.07 -12.30 -51.14
CA TRP G 151 0.33 -13.59 -50.50
C TRP G 151 1.36 -14.39 -51.27
N ARG G 152 1.33 -14.30 -52.60
CA ARG G 152 2.28 -15.06 -53.43
C ARG G 152 3.69 -14.53 -53.29
N ALA G 153 3.85 -13.21 -53.09
CA ALA G 153 5.18 -12.60 -53.08
C ALA G 153 5.80 -12.57 -51.69
N GLU G 154 4.99 -12.30 -50.65
CA GLU G 154 5.55 -12.23 -49.30
C GLU G 154 5.84 -13.61 -48.74
N VAL G 155 4.88 -14.52 -48.85
CA VAL G 155 5.04 -15.86 -48.31
C VAL G 155 5.73 -16.79 -49.30
N GLY G 156 5.40 -16.68 -50.59
CA GLY G 156 5.94 -17.61 -51.56
C GLY G 156 7.42 -17.41 -51.83
N LYS G 157 7.83 -16.16 -52.07
CA LYS G 157 9.22 -15.88 -52.43
C LYS G 157 10.17 -16.31 -51.33
N GLN G 158 9.76 -16.14 -50.06
CA GLN G 158 10.59 -16.58 -48.95
C GLN G 158 10.71 -18.10 -48.91
N LEU G 159 9.65 -18.81 -49.30
CA LEU G 159 9.64 -20.26 -49.28
C LEU G 159 10.35 -20.88 -50.47
N ARG G 160 10.68 -20.09 -51.49
CA ARG G 160 11.29 -20.65 -52.69
C ARG G 160 12.66 -21.25 -52.44
N PRO G 161 13.64 -20.55 -51.85
CA PRO G 161 14.94 -21.20 -51.61
C PRO G 161 14.85 -22.35 -50.63
N LEU G 162 13.90 -22.31 -49.70
CA LEU G 162 13.73 -23.41 -48.76
C LEU G 162 13.16 -24.64 -49.45
N TYR G 163 12.21 -24.43 -50.38
CA TYR G 163 11.59 -25.57 -51.05
C TYR G 163 12.55 -26.30 -51.96
N GLU G 164 13.49 -25.58 -52.59
CA GLU G 164 14.49 -26.26 -53.40
C GLU G 164 15.40 -27.13 -52.56
N GLU G 165 15.74 -26.67 -51.34
CA GLU G 165 16.48 -27.51 -50.41
C GLU G 165 15.58 -28.58 -49.79
N TYR G 166 14.27 -28.32 -49.74
CA TYR G 166 13.35 -29.29 -49.16
C TYR G 166 13.15 -30.49 -50.06
N VAL G 167 13.25 -30.30 -51.38
CA VAL G 167 13.03 -31.40 -52.31
C VAL G 167 14.22 -32.36 -52.31
N VAL G 168 15.44 -31.82 -52.30
CA VAL G 168 16.63 -32.66 -52.36
C VAL G 168 16.80 -33.44 -51.05
N LEU G 169 16.46 -32.82 -49.93
CA LEU G 169 16.58 -33.51 -48.64
C LEU G 169 15.52 -34.58 -48.49
N LYS G 170 14.30 -34.33 -49.01
CA LYS G 170 13.25 -35.32 -48.93
C LYS G 170 13.52 -36.50 -49.85
N ASN G 171 14.13 -36.23 -51.01
CA ASN G 171 14.47 -37.30 -51.94
C ASN G 171 15.56 -38.20 -51.36
N GLU G 172 16.55 -37.61 -50.69
CA GLU G 172 17.60 -38.41 -50.06
C GLU G 172 17.02 -39.27 -48.93
N MET G 173 16.03 -38.74 -48.22
CA MET G 173 15.37 -39.53 -47.17
C MET G 173 14.60 -40.70 -47.77
N ALA G 174 13.83 -40.45 -48.84
CA ALA G 174 13.04 -41.50 -49.46
C ALA G 174 13.94 -42.56 -50.09
N ARG G 175 15.08 -42.14 -50.65
CA ARG G 175 15.99 -43.09 -51.28
C ARG G 175 16.61 -44.06 -50.27
N GLY G 176 16.58 -43.72 -48.98
CA GLY G 176 17.05 -44.65 -47.97
C GLY G 176 16.10 -45.79 -47.69
N TYR G 177 14.80 -45.57 -47.88
CA TYR G 177 13.80 -46.61 -47.70
C TYR G 177 13.57 -47.43 -48.96
N HIS G 178 14.54 -47.43 -49.88
CA HIS G 178 14.45 -48.20 -51.13
C HIS G 178 13.25 -47.76 -51.96
N TYR G 179 13.07 -46.44 -52.08
CA TYR G 179 12.06 -45.84 -52.93
C TYR G 179 12.72 -44.91 -53.94
N GLU G 180 12.00 -44.64 -55.03
CA GLU G 180 12.59 -43.84 -56.11
C GLU G 180 12.76 -42.39 -55.69
N ASP G 181 11.69 -41.75 -55.23
CA ASP G 181 11.75 -40.36 -54.78
C ASP G 181 10.72 -40.16 -53.68
N TYR G 182 10.62 -38.91 -53.20
CA TYR G 182 9.67 -38.62 -52.13
C TYR G 182 8.23 -38.80 -52.57
N GLY G 183 7.96 -38.62 -53.86
CA GLY G 183 6.62 -38.91 -54.37
C GLY G 183 6.29 -40.39 -54.30
N ASP G 184 7.26 -41.25 -54.62
CA ASP G 184 7.06 -42.68 -54.49
C ASP G 184 6.86 -43.07 -53.02
N TYR G 185 7.60 -42.41 -52.12
CA TYR G 185 7.44 -42.66 -50.70
C TYR G 185 6.04 -42.28 -50.22
N TRP G 186 5.48 -41.21 -50.80
CA TRP G 186 4.13 -40.79 -50.44
C TRP G 186 3.07 -41.72 -51.01
N ARG G 187 3.36 -42.34 -52.15
CA ARG G 187 2.38 -43.18 -52.83
C ARG G 187 2.33 -44.60 -52.30
N ARG G 188 3.07 -44.92 -51.24
CA ARG G 188 3.06 -46.28 -50.70
C ARG G 188 1.80 -46.60 -49.92
N ASP G 189 1.00 -45.59 -49.56
CA ASP G 189 -0.24 -45.85 -48.84
C ASP G 189 -1.19 -46.70 -49.66
N TYR G 190 -1.24 -46.47 -50.97
CA TYR G 190 -2.11 -47.23 -51.85
C TYR G 190 -1.46 -48.52 -52.36
N GLU G 191 -0.19 -48.75 -52.04
CA GLU G 191 0.51 -49.94 -52.51
C GLU G 191 -0.05 -51.17 -51.80
N THR G 192 -0.92 -51.91 -52.48
CA THR G 192 -1.20 -53.29 -52.11
C THR G 192 -0.02 -54.11 -52.64
N GLU G 193 1.09 -54.00 -51.94
CA GLU G 193 2.32 -54.62 -52.42
C GLU G 193 2.22 -56.14 -52.36
N GLU G 194 1.61 -56.66 -51.29
CA GLU G 194 1.59 -58.10 -51.05
C GLU G 194 0.26 -58.67 -51.51
N SER G 195 0.29 -59.33 -52.65
CA SER G 195 -0.79 -60.17 -53.15
C SER G 195 -0.15 -61.20 -54.07
N SER G 196 -0.89 -62.28 -54.35
CA SER G 196 -0.38 -63.36 -55.20
C SER G 196 0.17 -62.77 -56.49
N GLY G 197 -0.73 -62.27 -57.33
CA GLY G 197 -0.37 -61.30 -58.35
C GLY G 197 -1.15 -60.03 -58.05
N SER G 198 -1.41 -59.22 -59.07
CA SER G 198 -2.37 -58.11 -58.97
C SER G 198 -2.03 -57.18 -57.81
N GLY G 199 -0.75 -57.08 -57.47
CA GLY G 199 -0.34 -56.19 -56.40
C GLY G 199 -0.43 -54.74 -56.86
N TYR G 200 -1.26 -53.94 -56.18
CA TYR G 200 -1.45 -52.56 -56.60
C TYR G 200 -0.14 -51.79 -56.50
N SER G 201 0.31 -51.26 -57.63
CA SER G 201 1.61 -50.62 -57.70
C SER G 201 1.54 -49.16 -57.31
N ARG G 202 2.63 -48.65 -56.74
CA ARG G 202 2.74 -47.23 -56.47
C ARG G 202 2.66 -46.41 -57.74
N ASP G 203 3.18 -46.95 -58.84
CA ASP G 203 3.07 -46.27 -60.13
C ASP G 203 1.67 -46.38 -60.70
N GLN G 204 0.93 -47.43 -60.33
CA GLN G 204 -0.42 -47.60 -60.84
C GLN G 204 -1.37 -46.52 -60.32
N LEU G 205 -1.12 -46.01 -59.11
CA LEU G 205 -1.95 -44.92 -58.60
C LEU G 205 -1.91 -43.71 -59.52
N MET G 206 -0.73 -43.41 -60.05
CA MET G 206 -0.62 -42.32 -61.03
C MET G 206 -1.43 -42.61 -62.28
N LYS G 207 -1.38 -43.85 -62.76
CA LYS G 207 -2.11 -44.22 -63.97
C LYS G 207 -3.61 -44.11 -63.76
N ASP G 208 -4.12 -44.70 -62.67
CA ASP G 208 -5.55 -44.66 -62.40
C ASP G 208 -6.03 -43.23 -62.19
N VAL G 209 -5.24 -42.42 -61.49
CA VAL G 209 -5.62 -41.02 -61.26
C VAL G 209 -5.60 -40.25 -62.58
N ASP G 210 -4.62 -40.54 -63.45
CA ASP G 210 -4.60 -39.94 -64.77
C ASP G 210 -5.87 -40.27 -65.55
N ARG G 211 -6.29 -41.55 -65.51
CA ARG G 211 -7.53 -41.95 -66.17
C ARG G 211 -8.72 -41.18 -65.63
N ILE G 212 -8.75 -40.95 -64.31
CA ILE G 212 -9.88 -40.28 -63.69
C ILE G 212 -10.05 -38.87 -64.26
N PHE G 213 -8.93 -38.15 -64.44
CA PHE G 213 -9.02 -36.80 -64.98
C PHE G 213 -9.62 -36.79 -66.38
N THR G 214 -9.25 -37.77 -67.21
CA THR G 214 -9.83 -37.86 -68.55
C THR G 214 -11.31 -38.17 -68.49
N GLU G 215 -11.76 -38.90 -67.45
CA GLU G 215 -13.17 -39.24 -67.34
C GLU G 215 -14.00 -38.10 -66.75
N ILE G 216 -13.40 -37.27 -65.88
CA ILE G 216 -14.12 -36.15 -65.28
C ILE G 216 -14.02 -34.87 -66.08
N LYS G 217 -13.15 -34.82 -67.08
CA LYS G 217 -12.99 -33.60 -67.87
C LYS G 217 -14.29 -33.08 -68.50
N PRO G 218 -15.19 -33.92 -69.02
CA PRO G 218 -16.45 -33.36 -69.55
C PRO G 218 -17.22 -32.53 -68.53
N LEU G 219 -17.46 -33.08 -67.34
CA LEU G 219 -18.22 -32.36 -66.33
C LEU G 219 -17.49 -31.11 -65.86
N TYR G 220 -16.16 -31.18 -65.77
CA TYR G 220 -15.40 -30.01 -65.36
C TYR G 220 -15.40 -28.93 -66.44
N GLU G 221 -15.24 -29.34 -67.71
CA GLU G 221 -15.21 -28.37 -68.79
C GLU G 221 -16.54 -27.64 -68.93
N HIS G 222 -17.66 -28.31 -68.63
CA HIS G 222 -18.95 -27.65 -68.66
C HIS G 222 -19.16 -26.78 -67.42
N LEU G 223 -18.66 -27.22 -66.27
CA LEU G 223 -18.69 -26.37 -65.08
C LEU G 223 -17.79 -25.16 -65.25
N HIS G 224 -16.63 -25.34 -65.89
CA HIS G 224 -15.76 -24.21 -66.18
C HIS G 224 -16.44 -23.20 -67.10
N ALA G 225 -17.22 -23.68 -68.06
CA ALA G 225 -17.89 -22.76 -68.99
C ALA G 225 -19.05 -22.05 -68.32
N TYR G 226 -19.80 -22.76 -67.48
CA TYR G 226 -20.93 -22.12 -66.79
C TYR G 226 -20.47 -21.06 -65.81
N VAL G 227 -19.42 -21.35 -65.04
CA VAL G 227 -18.86 -20.35 -64.12
C VAL G 227 -18.34 -19.16 -64.90
N ARG G 228 -17.73 -19.42 -66.07
CA ARG G 228 -17.17 -18.34 -66.88
C ARG G 228 -18.24 -17.35 -67.30
N THR G 229 -19.35 -17.85 -67.84
CA THR G 229 -20.40 -16.96 -68.33
C THR G 229 -21.06 -16.20 -67.18
N LYS G 230 -21.19 -16.83 -66.01
CA LYS G 230 -21.74 -16.15 -64.85
C LYS G 230 -20.75 -15.17 -64.23
N LEU G 231 -19.45 -15.48 -64.29
CA LEU G 231 -18.46 -14.57 -63.73
C LEU G 231 -18.26 -13.33 -64.60
N MET G 232 -18.52 -13.44 -65.90
CA MET G 232 -18.39 -12.28 -66.78
C MET G 232 -19.40 -11.20 -66.44
N ASP G 233 -20.53 -11.57 -65.84
CA ASP G 233 -21.49 -10.57 -65.38
C ASP G 233 -20.96 -9.81 -64.18
N THR G 234 -20.19 -10.48 -63.31
CA THR G 234 -19.67 -9.83 -62.12
C THR G 234 -18.39 -9.08 -62.40
N TYR G 235 -17.46 -9.69 -63.15
CA TYR G 235 -16.22 -9.06 -63.58
C TYR G 235 -16.32 -8.83 -65.09
N PRO G 236 -16.75 -7.64 -65.54
CA PRO G 236 -17.12 -7.48 -66.94
C PRO G 236 -15.97 -7.54 -67.94
N PHE G 237 -14.92 -6.73 -67.73
CA PHE G 237 -13.92 -6.48 -68.75
C PHE G 237 -12.60 -7.19 -68.49
N HIS G 238 -12.59 -8.22 -67.65
CA HIS G 238 -11.35 -8.92 -67.31
C HIS G 238 -11.37 -10.41 -67.61
N ILE G 239 -12.49 -10.95 -68.06
CA ILE G 239 -12.62 -12.38 -68.35
C ILE G 239 -12.93 -12.56 -69.82
N SER G 240 -12.24 -13.51 -70.45
CA SER G 240 -12.38 -13.85 -71.86
C SER G 240 -13.45 -14.91 -72.06
N PRO G 241 -14.30 -14.77 -73.09
CA PRO G 241 -15.31 -15.80 -73.35
C PRO G 241 -14.73 -17.13 -73.76
N THR G 242 -13.48 -17.18 -74.20
CA THR G 242 -12.83 -18.42 -74.59
C THR G 242 -11.54 -18.70 -73.83
N GLY G 243 -11.11 -17.80 -72.95
CA GLY G 243 -9.86 -17.96 -72.24
C GLY G 243 -10.03 -18.65 -70.89
N CYS G 244 -8.90 -18.89 -70.24
CA CYS G 244 -8.89 -19.55 -68.95
C CYS G 244 -9.48 -18.63 -67.88
N LEU G 245 -9.78 -19.22 -66.72
CA LEU G 245 -10.41 -18.48 -65.63
C LEU G 245 -9.34 -17.82 -64.78
N PRO G 246 -9.47 -16.53 -64.47
CA PRO G 246 -8.50 -15.87 -63.59
C PRO G 246 -8.46 -16.54 -62.22
N ALA G 247 -7.25 -16.60 -61.66
CA ALA G 247 -7.03 -17.39 -60.46
C ALA G 247 -7.65 -16.73 -59.23
N HIS G 248 -7.49 -15.42 -59.08
CA HIS G 248 -7.88 -14.75 -57.86
C HIS G 248 -9.38 -14.58 -57.70
N LEU G 249 -10.19 -15.05 -58.65
CA LEU G 249 -11.63 -14.85 -58.63
C LEU G 249 -12.41 -16.14 -58.38
N LEU G 250 -11.75 -17.16 -57.82
CA LEU G 250 -12.34 -18.49 -57.72
C LEU G 250 -12.81 -18.83 -56.30
N GLY G 251 -13.12 -17.83 -55.49
CA GLY G 251 -13.71 -18.04 -54.19
C GLY G 251 -12.74 -18.32 -53.06
N ASP G 252 -11.47 -18.56 -53.36
CA ASP G 252 -10.45 -18.75 -52.33
C ASP G 252 -9.11 -18.37 -52.91
N MET G 253 -8.08 -18.35 -52.04
CA MET G 253 -6.79 -17.81 -52.42
C MET G 253 -6.10 -18.64 -53.50
N TRP G 254 -6.32 -19.96 -53.51
CA TRP G 254 -5.61 -20.85 -54.41
C TRP G 254 -6.49 -21.47 -55.48
N GLY G 255 -7.80 -21.18 -55.47
CA GLY G 255 -8.71 -21.85 -56.38
C GLY G 255 -9.03 -23.28 -55.98
N ARG G 256 -8.86 -23.61 -54.70
CA ARG G 256 -9.11 -24.98 -54.24
C ARG G 256 -10.59 -25.32 -54.28
N PHE G 257 -11.44 -24.38 -53.87
CA PHE G 257 -12.88 -24.59 -53.81
C PHE G 257 -13.58 -23.44 -54.51
N TRP G 258 -14.52 -23.76 -55.40
CA TRP G 258 -15.35 -22.76 -56.06
C TRP G 258 -16.66 -22.52 -55.32
N THR G 259 -16.81 -23.06 -54.11
CA THR G 259 -18.09 -23.00 -53.42
C THR G 259 -18.49 -21.57 -53.07
N ASN G 260 -17.52 -20.71 -52.75
CA ASN G 260 -17.84 -19.32 -52.42
C ASN G 260 -18.29 -18.52 -53.63
N LEU G 261 -18.18 -19.08 -54.84
CA LEU G 261 -18.72 -18.46 -56.04
C LEU G 261 -20.20 -18.76 -56.25
N TYR G 262 -20.85 -19.41 -55.28
CA TYR G 262 -22.25 -19.76 -55.43
C TYR G 262 -23.17 -18.56 -55.57
N PRO G 263 -23.01 -17.47 -54.82
CA PRO G 263 -23.84 -16.28 -55.09
C PRO G 263 -23.69 -15.74 -56.50
N LEU G 264 -22.51 -15.88 -57.10
CA LEU G 264 -22.27 -15.41 -58.45
C LEU G 264 -22.69 -16.40 -59.52
N THR G 265 -22.77 -17.70 -59.19
CA THR G 265 -23.08 -18.73 -60.17
C THR G 265 -24.36 -19.49 -59.82
N VAL G 266 -25.20 -18.94 -58.96
CA VAL G 266 -26.41 -19.66 -58.54
C VAL G 266 -27.32 -19.89 -59.75
N PRO G 267 -27.78 -21.12 -59.99
CA PRO G 267 -28.63 -21.38 -61.17
C PRO G 267 -29.98 -20.69 -61.08
N PHE G 268 -30.69 -20.88 -59.96
CA PHE G 268 -32.01 -20.30 -59.76
C PHE G 268 -32.00 -19.54 -58.44
N GLY G 269 -31.97 -18.21 -58.53
CA GLY G 269 -31.88 -17.35 -57.37
C GLY G 269 -33.15 -17.27 -56.53
N GLN G 270 -34.30 -17.16 -57.18
CA GLN G 270 -35.56 -16.98 -56.46
C GLN G 270 -35.95 -18.20 -55.64
N LYS G 271 -35.49 -19.39 -56.01
CA LYS G 271 -35.86 -20.60 -55.27
C LYS G 271 -35.22 -20.57 -53.89
N PRO G 272 -35.97 -20.88 -52.83
CA PRO G 272 -35.42 -20.73 -51.48
C PRO G 272 -34.36 -21.79 -51.18
N ASN G 273 -33.48 -21.44 -50.23
CA ASN G 273 -32.45 -22.35 -49.78
C ASN G 273 -33.05 -23.39 -48.83
N ILE G 274 -32.20 -24.30 -48.36
CA ILE G 274 -32.62 -25.39 -47.49
C ILE G 274 -32.06 -25.25 -46.07
N ASP G 275 -31.54 -24.06 -45.73
CA ASP G 275 -30.99 -23.84 -44.40
C ASP G 275 -32.05 -24.06 -43.33
N VAL G 276 -31.75 -24.96 -42.39
CA VAL G 276 -32.64 -25.27 -41.28
C VAL G 276 -32.14 -24.66 -39.98
N THR G 277 -31.17 -23.75 -40.04
CA THR G 277 -30.59 -23.18 -38.82
C THR G 277 -31.63 -22.41 -38.03
N ASP G 278 -32.44 -21.60 -38.71
CA ASP G 278 -33.46 -20.81 -38.01
C ASP G 278 -34.51 -21.71 -37.37
N ALA G 279 -34.85 -22.82 -38.02
CA ALA G 279 -35.81 -23.75 -37.44
C ALA G 279 -35.24 -24.45 -36.21
N MET G 280 -33.95 -24.80 -36.24
CA MET G 280 -33.33 -25.44 -35.09
C MET G 280 -33.30 -24.51 -33.88
N VAL G 281 -33.09 -23.23 -34.12
CA VAL G 281 -33.08 -22.26 -33.01
C VAL G 281 -34.47 -22.13 -32.41
N ASN G 282 -35.51 -22.08 -33.25
CA ASN G 282 -36.87 -21.95 -32.76
C ASN G 282 -37.31 -23.21 -32.02
N GLN G 283 -36.86 -24.38 -32.48
CA GLN G 283 -37.25 -25.65 -31.89
C GLN G 283 -36.44 -26.01 -30.65
N GLY G 284 -35.63 -25.09 -30.13
CA GLY G 284 -34.89 -25.35 -28.91
C GLY G 284 -33.79 -26.38 -29.02
N TRP G 285 -33.22 -26.55 -30.21
CA TRP G 285 -32.14 -27.51 -30.38
C TRP G 285 -30.88 -27.01 -29.69
N ASP G 286 -30.20 -27.91 -28.99
CA ASP G 286 -28.95 -27.60 -28.31
C ASP G 286 -27.85 -28.52 -28.82
N ALA G 287 -26.67 -28.39 -28.20
CA ALA G 287 -25.53 -29.22 -28.59
C ALA G 287 -25.81 -30.69 -28.37
N ASN G 288 -26.54 -31.03 -27.30
CA ASN G 288 -26.86 -32.42 -27.03
C ASN G 288 -27.73 -33.01 -28.12
N ARG G 289 -28.73 -32.26 -28.58
CA ARG G 289 -29.64 -32.75 -29.61
C ARG G 289 -28.90 -33.07 -30.91
N ILE G 290 -27.94 -32.22 -31.28
CA ILE G 290 -27.22 -32.43 -32.54
C ILE G 290 -26.45 -33.74 -32.52
N PHE G 291 -25.72 -33.99 -31.43
CA PHE G 291 -24.91 -35.21 -31.34
C PHE G 291 -25.74 -36.43 -30.99
N LYS G 292 -26.85 -36.26 -30.27
CA LYS G 292 -27.70 -37.41 -29.95
C LYS G 292 -28.53 -37.82 -31.16
N GLU G 293 -29.05 -36.86 -31.92
CA GLU G 293 -29.73 -37.20 -33.17
C GLU G 293 -28.75 -37.77 -34.18
N ALA G 294 -27.49 -37.36 -34.12
CA ALA G 294 -26.46 -38.01 -34.93
C ALA G 294 -26.23 -39.44 -34.47
N GLU G 295 -26.27 -39.67 -33.16
CA GLU G 295 -26.14 -41.03 -32.64
C GLU G 295 -27.30 -41.90 -33.12
N LYS G 296 -28.50 -41.34 -33.22
CA LYS G 296 -29.65 -42.10 -33.68
C LYS G 296 -29.48 -42.52 -35.14
N PHE G 297 -28.87 -41.66 -35.96
CA PHE G 297 -28.70 -41.98 -37.38
C PHE G 297 -27.76 -43.16 -37.55
N PHE G 298 -26.66 -43.21 -36.79
CA PHE G 298 -25.75 -44.34 -36.87
C PHE G 298 -26.34 -45.58 -36.20
N VAL G 299 -27.15 -45.39 -35.15
CA VAL G 299 -27.82 -46.52 -34.53
C VAL G 299 -28.85 -47.12 -35.48
N SER G 300 -29.46 -46.28 -36.33
CA SER G 300 -30.48 -46.76 -37.24
C SER G 300 -29.92 -47.76 -38.25
N VAL G 301 -28.69 -47.52 -38.73
CA VAL G 301 -28.07 -48.44 -39.68
C VAL G 301 -27.45 -49.65 -39.00
N GLY G 302 -27.54 -49.74 -37.68
CA GLY G 302 -26.99 -50.87 -36.93
C GLY G 302 -25.63 -50.63 -36.33
N LEU G 303 -25.04 -49.46 -36.56
CA LEU G 303 -23.73 -49.16 -36.00
C LEU G 303 -23.85 -48.96 -34.48
N PRO G 304 -22.78 -49.21 -33.73
CA PRO G 304 -22.89 -49.21 -32.26
C PRO G 304 -23.22 -47.84 -31.70
N ASN G 305 -23.76 -47.85 -30.49
CA ASN G 305 -23.96 -46.62 -29.73
C ASN G 305 -22.62 -46.03 -29.33
N MET G 306 -22.63 -44.72 -29.07
CA MET G 306 -21.41 -44.05 -28.64
C MET G 306 -21.07 -44.46 -27.20
N THR G 307 -19.78 -44.58 -26.92
CA THR G 307 -19.34 -44.88 -25.56
C THR G 307 -19.79 -43.79 -24.61
N GLU G 308 -20.09 -44.18 -23.38
CA GLU G 308 -20.50 -43.20 -22.38
C GLU G 308 -19.35 -42.25 -22.04
N GLY G 309 -18.11 -42.71 -22.19
CA GLY G 309 -16.98 -41.81 -22.04
C GLY G 309 -16.99 -40.68 -23.06
N PHE G 310 -17.47 -40.97 -24.28
CA PHE G 310 -17.61 -39.91 -25.27
C PHE G 310 -18.60 -38.84 -24.82
N TRP G 311 -19.63 -39.23 -24.07
CA TRP G 311 -20.66 -38.29 -23.66
C TRP G 311 -20.22 -37.40 -22.51
N ASN G 312 -19.24 -37.82 -21.71
CA ASN G 312 -18.81 -37.05 -20.55
C ASN G 312 -17.38 -36.53 -20.63
N ASN G 313 -16.53 -37.12 -21.46
CA ASN G 313 -15.14 -36.71 -21.55
C ASN G 313 -14.82 -35.89 -22.80
N SER G 314 -15.84 -35.51 -23.58
CA SER G 314 -15.62 -34.79 -24.82
C SER G 314 -15.99 -33.32 -24.66
N MET G 315 -15.35 -32.49 -25.48
CA MET G 315 -15.68 -31.06 -25.57
C MET G 315 -16.60 -30.89 -26.76
N LEU G 316 -17.90 -31.06 -26.51
CA LEU G 316 -18.91 -30.93 -27.57
C LEU G 316 -19.40 -29.51 -27.73
N THR G 317 -19.01 -28.59 -26.86
CA THR G 317 -19.39 -27.19 -26.96
C THR G 317 -18.23 -26.33 -26.48
N GLU G 318 -18.25 -25.06 -26.86
CA GLU G 318 -17.27 -24.14 -26.33
C GLU G 318 -17.49 -23.98 -24.83
N PRO G 319 -16.54 -24.42 -24.00
CA PRO G 319 -16.82 -24.47 -22.56
C PRO G 319 -16.97 -23.11 -21.91
N GLY G 320 -16.35 -22.08 -22.45
CA GLY G 320 -16.26 -20.83 -21.72
C GLY G 320 -15.44 -21.06 -20.48
N ASP G 321 -16.00 -20.73 -19.31
CA ASP G 321 -15.40 -21.04 -18.02
C ASP G 321 -13.96 -20.54 -17.90
N GLY G 322 -13.64 -19.48 -18.64
CA GLY G 322 -12.29 -18.94 -18.65
C GLY G 322 -11.26 -19.80 -19.33
N ARG G 323 -11.64 -20.95 -19.87
CA ARG G 323 -10.69 -21.84 -20.53
C ARG G 323 -10.55 -21.47 -22.00
N LYS G 324 -9.32 -21.27 -22.45
CA LYS G 324 -9.04 -21.01 -23.85
C LYS G 324 -8.91 -22.34 -24.58
N VAL G 325 -9.60 -22.48 -25.72
CA VAL G 325 -9.70 -23.74 -26.43
C VAL G 325 -9.40 -23.54 -27.89
N VAL G 326 -9.08 -24.65 -28.56
CA VAL G 326 -8.84 -24.66 -30.01
C VAL G 326 -10.14 -25.15 -30.65
N CYS G 327 -10.92 -24.21 -31.18
CA CYS G 327 -12.25 -24.51 -31.71
C CYS G 327 -12.14 -24.94 -33.18
N HIS G 328 -11.67 -26.18 -33.36
CA HIS G 328 -11.57 -26.77 -34.68
C HIS G 328 -12.14 -28.19 -34.61
N PRO G 329 -13.12 -28.53 -35.46
CA PRO G 329 -13.74 -29.85 -35.38
C PRO G 329 -12.74 -30.97 -35.60
N THR G 330 -12.65 -31.87 -34.62
CA THR G 330 -11.71 -32.98 -34.67
C THR G 330 -12.33 -34.21 -34.03
N ALA G 331 -11.94 -35.38 -34.53
CA ALA G 331 -12.30 -36.67 -33.95
C ALA G 331 -11.07 -37.29 -33.33
N TRP G 332 -11.18 -37.68 -32.07
CA TRP G 332 -10.04 -38.12 -31.27
C TRP G 332 -10.07 -39.63 -31.07
N ASP G 333 -9.01 -40.30 -31.50
CA ASP G 333 -8.75 -41.70 -31.17
C ASP G 333 -7.55 -41.69 -30.22
N LEU G 334 -7.84 -41.58 -28.93
CA LEU G 334 -6.78 -41.38 -27.94
C LEU G 334 -5.85 -42.60 -27.86
N GLY G 335 -6.38 -43.81 -28.03
CA GLY G 335 -5.50 -44.95 -28.15
C GLY G 335 -5.81 -46.13 -27.25
N LYS G 336 -6.73 -45.95 -26.31
CA LYS G 336 -7.11 -47.02 -25.38
C LYS G 336 -8.62 -46.97 -25.12
N GLY G 337 -9.41 -47.04 -26.19
CA GLY G 337 -10.85 -47.02 -26.08
C GLY G 337 -11.45 -45.68 -25.73
N ASP G 338 -10.65 -44.62 -25.64
CA ASP G 338 -11.13 -43.29 -25.35
C ASP G 338 -11.39 -42.56 -26.66
N PHE G 339 -12.65 -42.34 -26.99
CA PHE G 339 -13.06 -41.69 -28.22
C PHE G 339 -13.82 -40.43 -27.88
N ARG G 340 -13.31 -39.28 -28.32
CA ARG G 340 -13.88 -37.98 -28.01
C ARG G 340 -13.99 -37.16 -29.29
N ILE G 341 -14.71 -36.04 -29.19
CA ILE G 341 -14.83 -35.07 -30.28
C ILE G 341 -14.65 -33.69 -29.69
N LYS G 342 -13.69 -32.94 -30.25
CA LYS G 342 -13.43 -31.56 -29.84
C LYS G 342 -14.09 -30.65 -30.86
N MET G 343 -15.22 -30.07 -30.50
CA MET G 343 -15.98 -29.21 -31.40
C MET G 343 -16.64 -28.09 -30.62
N CYS G 344 -16.32 -26.85 -30.98
CA CYS G 344 -17.02 -25.68 -30.43
C CYS G 344 -18.31 -25.48 -31.23
N THR G 345 -19.27 -26.37 -30.98
CA THR G 345 -20.46 -26.42 -31.80
C THR G 345 -21.32 -25.18 -31.63
N LYS G 346 -22.12 -24.90 -32.66
CA LYS G 346 -23.11 -23.83 -32.65
C LYS G 346 -24.37 -24.39 -33.28
N VAL G 347 -25.51 -23.83 -32.90
CA VAL G 347 -26.77 -24.35 -33.43
C VAL G 347 -26.92 -23.92 -34.88
N THR G 348 -26.19 -24.58 -35.77
CA THR G 348 -26.23 -24.29 -37.19
C THR G 348 -26.32 -25.59 -37.98
N MET G 349 -26.82 -25.47 -39.21
CA MET G 349 -26.86 -26.63 -40.10
C MET G 349 -25.45 -27.11 -40.43
N GLU G 350 -24.51 -26.18 -40.59
CA GLU G 350 -23.11 -26.55 -40.83
C GLU G 350 -22.59 -27.46 -39.73
N ASP G 351 -22.75 -27.05 -38.47
CA ASP G 351 -22.26 -27.84 -37.35
C ASP G 351 -23.07 -29.12 -37.19
N PHE G 352 -24.36 -29.10 -37.56
CA PHE G 352 -25.15 -30.32 -37.52
C PHE G 352 -24.62 -31.34 -38.51
N LEU G 353 -24.24 -30.89 -39.71
CA LEU G 353 -23.65 -31.80 -40.69
C LEU G 353 -22.23 -32.19 -40.30
N THR G 354 -21.49 -31.24 -39.72
CA THR G 354 -20.12 -31.54 -39.28
C THR G 354 -20.11 -32.57 -38.17
N ALA G 355 -21.13 -32.56 -37.31
CA ALA G 355 -21.19 -33.54 -36.22
C ALA G 355 -21.31 -34.95 -36.76
N HIS G 356 -22.09 -35.15 -37.82
CA HIS G 356 -22.19 -36.47 -38.44
C HIS G 356 -20.88 -36.88 -39.11
N HIS G 357 -20.15 -35.91 -39.67
CA HIS G 357 -18.91 -36.23 -40.39
C HIS G 357 -17.82 -36.67 -39.42
N GLU G 358 -17.77 -36.05 -38.23
CA GLU G 358 -16.77 -36.44 -37.25
C GLU G 358 -17.19 -37.66 -36.44
N MET G 359 -18.49 -37.82 -36.18
CA MET G 359 -18.96 -39.04 -35.53
C MET G 359 -18.71 -40.26 -36.41
N GLY G 360 -18.76 -40.09 -37.73
CA GLY G 360 -18.44 -41.19 -38.62
C GLY G 360 -17.01 -41.67 -38.44
N HIS G 361 -16.09 -40.74 -38.20
CA HIS G 361 -14.71 -41.12 -37.91
C HIS G 361 -14.63 -41.92 -36.63
N ILE G 362 -15.37 -41.50 -35.60
CA ILE G 362 -15.37 -42.23 -34.34
C ILE G 362 -15.94 -43.63 -34.53
N GLN G 363 -17.01 -43.74 -35.32
CA GLN G 363 -17.57 -45.05 -35.63
C GLN G 363 -16.56 -45.89 -36.40
N TYR G 364 -15.80 -45.26 -37.29
CA TYR G 364 -14.67 -45.94 -37.92
C TYR G 364 -13.64 -46.33 -36.89
N ASP G 365 -13.26 -45.40 -36.01
CA ASP G 365 -12.25 -45.68 -34.98
C ASP G 365 -12.71 -46.76 -34.02
N MET G 366 -14.00 -46.78 -33.68
CA MET G 366 -14.52 -47.79 -32.76
C MET G 366 -14.43 -49.19 -33.37
N ALA G 367 -14.56 -49.29 -34.70
CA ALA G 367 -14.63 -50.60 -35.33
C ALA G 367 -13.24 -51.21 -35.53
N TYR G 368 -12.25 -50.41 -35.90
CA TYR G 368 -10.90 -50.94 -36.13
C TYR G 368 -10.05 -50.98 -34.87
N ALA G 369 -10.63 -50.72 -33.70
CA ALA G 369 -9.89 -50.88 -32.45
C ALA G 369 -9.54 -52.34 -32.17
N THR G 370 -10.23 -53.28 -32.82
CA THR G 370 -9.92 -54.70 -32.62
C THR G 370 -8.56 -55.06 -33.20
N GLN G 371 -8.08 -54.29 -34.18
CA GLN G 371 -6.82 -54.58 -34.84
C GLN G 371 -5.65 -54.01 -34.03
N PRO G 372 -4.42 -54.46 -34.34
CA PRO G 372 -3.26 -53.91 -33.64
C PRO G 372 -3.13 -52.40 -33.83
N TYR G 373 -2.31 -51.80 -32.96
CA TYR G 373 -2.16 -50.35 -32.95
C TYR G 373 -1.63 -49.82 -34.28
N LEU G 374 -0.64 -50.49 -34.86
CA LEU G 374 -0.06 -50.01 -36.11
C LEU G 374 -1.07 -50.09 -37.24
N LEU G 375 -1.91 -51.12 -37.24
CA LEU G 375 -2.93 -51.31 -38.26
C LEU G 375 -4.24 -50.58 -37.93
N ARG G 376 -4.22 -49.69 -36.94
CA ARG G 376 -5.41 -48.97 -36.49
C ARG G 376 -5.54 -47.65 -37.27
N ASN G 377 -5.92 -47.78 -38.53
CA ASN G 377 -6.14 -46.60 -39.37
C ASN G 377 -6.84 -47.07 -40.65
N GLY G 378 -7.26 -46.10 -41.45
CA GLY G 378 -7.92 -46.42 -42.71
C GLY G 378 -7.01 -47.21 -43.64
N ALA G 379 -7.65 -47.92 -44.57
CA ALA G 379 -6.90 -48.73 -45.52
C ALA G 379 -5.98 -47.87 -46.38
N ASN G 380 -6.48 -46.73 -46.84
CA ASN G 380 -5.66 -45.75 -47.54
C ASN G 380 -6.04 -44.36 -47.03
N GLU G 381 -5.39 -43.33 -47.59
CA GLU G 381 -5.61 -41.97 -47.11
C GLU G 381 -7.05 -41.54 -47.28
N GLY G 382 -7.69 -41.96 -48.38
CA GLY G 382 -9.02 -41.48 -48.71
C GLY G 382 -10.16 -42.16 -47.98
N PHE G 383 -9.93 -43.36 -47.43
CA PHE G 383 -11.02 -44.12 -46.82
C PHE G 383 -11.64 -43.38 -45.63
N HIS G 384 -10.80 -42.74 -44.81
CA HIS G 384 -11.28 -42.21 -43.54
C HIS G 384 -12.27 -41.07 -43.75
N GLU G 385 -11.84 -39.98 -44.37
CA GLU G 385 -12.75 -38.84 -44.53
C GLU G 385 -13.93 -39.19 -45.43
N ALA G 386 -13.75 -40.15 -46.34
CA ALA G 386 -14.84 -40.55 -47.21
C ALA G 386 -16.02 -41.07 -46.41
N VAL G 387 -15.75 -41.90 -45.39
CA VAL G 387 -16.83 -42.43 -44.55
C VAL G 387 -17.60 -41.30 -43.89
N GLY G 388 -16.89 -40.28 -43.40
CA GLY G 388 -17.56 -39.17 -42.74
C GLY G 388 -18.47 -38.39 -43.69
N GLU G 389 -18.06 -38.26 -44.95
CA GLU G 389 -18.86 -37.51 -45.91
C GLU G 389 -20.03 -38.32 -46.45
N VAL G 390 -19.86 -39.64 -46.59
CA VAL G 390 -20.96 -40.49 -47.05
C VAL G 390 -22.13 -40.41 -46.07
N MET G 391 -21.83 -40.45 -44.77
CA MET G 391 -22.88 -40.29 -43.77
C MET G 391 -23.46 -38.88 -43.82
N SER G 392 -22.62 -37.88 -44.10
CA SER G 392 -23.11 -36.50 -44.18
C SER G 392 -24.01 -36.29 -45.38
N LEU G 393 -23.83 -37.07 -46.45
CA LEU G 393 -24.67 -36.92 -47.63
C LEU G 393 -26.11 -37.32 -47.33
N SER G 394 -26.30 -38.37 -46.52
CA SER G 394 -27.65 -38.86 -46.26
C SER G 394 -28.42 -37.93 -45.34
N VAL G 395 -27.73 -37.24 -44.42
CA VAL G 395 -28.44 -36.39 -43.46
C VAL G 395 -28.83 -35.04 -44.06
N ALA G 396 -28.21 -34.63 -45.16
CA ALA G 396 -28.55 -33.37 -45.81
C ALA G 396 -29.69 -33.51 -46.81
N THR G 397 -30.14 -34.73 -47.08
CA THR G 397 -31.24 -34.92 -48.02
C THR G 397 -32.52 -34.28 -47.48
N PRO G 398 -33.39 -33.76 -48.36
CA PRO G 398 -34.62 -33.12 -47.87
C PRO G 398 -35.50 -34.04 -47.05
N LYS G 399 -35.51 -35.34 -47.35
CA LYS G 399 -36.32 -36.28 -46.57
C LYS G 399 -35.85 -36.34 -45.13
N HIS G 400 -34.54 -36.46 -44.91
CA HIS G 400 -34.02 -36.59 -43.56
C HIS G 400 -34.34 -35.36 -42.71
N LEU G 401 -34.20 -34.17 -43.29
CA LEU G 401 -34.55 -32.95 -42.57
C LEU G 401 -36.05 -32.86 -42.32
N LYS G 402 -36.86 -33.43 -43.22
CA LYS G 402 -38.30 -33.48 -42.98
C LYS G 402 -38.65 -34.49 -41.89
N THR G 403 -38.00 -35.65 -41.89
CA THR G 403 -38.28 -36.66 -40.88
C THR G 403 -37.83 -36.21 -39.49
N MET G 404 -36.71 -35.50 -39.42
CA MET G 404 -36.27 -34.95 -38.13
C MET G 404 -37.10 -33.76 -37.68
N GLY G 405 -38.06 -33.31 -38.48
CA GLY G 405 -38.89 -32.18 -38.13
C GLY G 405 -38.26 -30.82 -38.38
N LEU G 406 -37.06 -30.78 -38.95
CA LEU G 406 -36.39 -29.50 -39.16
C LEU G 406 -36.90 -28.77 -40.40
N LEU G 407 -37.35 -29.50 -41.42
CA LEU G 407 -37.83 -28.91 -42.66
C LEU G 407 -39.34 -29.08 -42.77
N SER G 408 -40.00 -28.06 -43.32
CA SER G 408 -41.45 -28.09 -43.42
C SER G 408 -41.90 -29.23 -44.33
N PRO G 409 -42.99 -29.92 -44.00
CA PRO G 409 -43.44 -31.03 -44.85
C PRO G 409 -43.84 -30.60 -46.26
N ASP G 410 -44.12 -29.31 -46.46
CA ASP G 410 -44.57 -28.80 -47.76
C ASP G 410 -43.44 -28.15 -48.55
N PHE G 411 -42.19 -28.45 -48.21
CA PHE G 411 -41.07 -27.86 -48.93
C PHE G 411 -41.07 -28.32 -50.39
N LEU G 412 -40.86 -27.36 -51.30
CA LEU G 412 -40.96 -27.63 -52.73
C LEU G 412 -39.72 -28.39 -53.19
N GLU G 413 -39.93 -29.56 -53.77
CA GLU G 413 -38.87 -30.37 -54.34
C GLU G 413 -39.01 -30.30 -55.86
N ASP G 414 -38.42 -29.27 -56.45
CA ASP G 414 -38.43 -29.05 -57.89
C ASP G 414 -37.12 -29.52 -58.50
N ASN G 415 -37.13 -29.68 -59.82
CA ASN G 415 -35.86 -29.82 -60.53
C ASN G 415 -35.02 -28.56 -60.40
N GLU G 416 -35.68 -27.42 -60.18
CA GLU G 416 -34.95 -26.18 -59.93
C GLU G 416 -34.17 -26.26 -58.63
N THR G 417 -34.74 -26.91 -57.61
CA THR G 417 -34.05 -27.04 -56.33
C THR G 417 -32.91 -28.04 -56.41
N GLU G 418 -33.03 -29.07 -57.25
CA GLU G 418 -31.97 -30.06 -57.35
C GLU G 418 -30.73 -29.46 -58.01
N ILE G 419 -30.93 -28.61 -59.01
CA ILE G 419 -29.80 -28.02 -59.74
C ILE G 419 -29.02 -27.07 -58.84
N ASN G 420 -29.72 -26.28 -58.02
CA ASN G 420 -29.05 -25.40 -57.09
C ASN G 420 -28.21 -26.20 -56.09
N PHE G 421 -28.75 -27.30 -55.58
CA PHE G 421 -27.99 -28.13 -54.65
C PHE G 421 -26.82 -28.82 -55.33
N LEU G 422 -27.04 -29.33 -56.54
CA LEU G 422 -25.99 -30.09 -57.23
C LEU G 422 -24.86 -29.17 -57.72
N LEU G 423 -25.17 -27.91 -58.04
CA LEU G 423 -24.12 -26.99 -58.43
C LEU G 423 -23.25 -26.61 -57.24
N LYS G 424 -23.86 -26.29 -56.11
CA LYS G 424 -23.11 -26.03 -54.89
C LYS G 424 -22.20 -27.20 -54.54
N GLN G 425 -22.69 -28.42 -54.74
CA GLN G 425 -21.86 -29.60 -54.50
C GLN G 425 -20.72 -29.68 -55.51
N ALA G 426 -21.02 -29.44 -56.79
CA ALA G 426 -19.98 -29.55 -57.82
C ALA G 426 -18.93 -28.45 -57.69
N LEU G 427 -19.33 -27.27 -57.18
CA LEU G 427 -18.35 -26.20 -56.99
C LEU G 427 -17.28 -26.59 -56.00
N ASN G 428 -17.60 -27.45 -55.04
CA ASN G 428 -16.66 -27.97 -54.05
C ASN G 428 -16.10 -29.33 -54.43
N ILE G 429 -16.99 -30.27 -54.78
CA ILE G 429 -16.55 -31.64 -55.03
C ILE G 429 -15.79 -31.74 -56.34
N VAL G 430 -16.35 -31.19 -57.41
CA VAL G 430 -15.75 -31.36 -58.74
C VAL G 430 -14.60 -30.36 -58.95
N GLY G 431 -14.78 -29.12 -58.53
CA GLY G 431 -13.80 -28.09 -58.84
C GLY G 431 -12.42 -28.35 -58.25
N THR G 432 -12.36 -29.07 -57.13
CA THR G 432 -11.08 -29.33 -56.48
C THR G 432 -10.28 -30.42 -57.19
N LEU G 433 -10.96 -31.33 -57.87
CA LEU G 433 -10.27 -32.48 -58.44
C LEU G 433 -9.20 -32.10 -59.46
N PRO G 434 -9.42 -31.17 -60.40
CA PRO G 434 -8.29 -30.72 -61.24
C PRO G 434 -7.22 -30.00 -60.44
N PHE G 435 -7.61 -29.13 -59.50
CA PHE G 435 -6.64 -28.47 -58.65
C PHE G 435 -5.84 -29.47 -57.84
N THR G 436 -6.50 -30.52 -57.34
CA THR G 436 -5.81 -31.57 -56.59
C THR G 436 -4.87 -32.36 -57.49
N TYR G 437 -5.38 -32.78 -58.66
CA TYR G 437 -4.55 -33.54 -59.58
C TYR G 437 -3.32 -32.73 -60.02
N MET G 438 -3.51 -31.44 -60.27
CA MET G 438 -2.41 -30.61 -60.74
C MET G 438 -1.37 -30.39 -59.65
N LEU G 439 -1.81 -30.10 -58.42
CA LEU G 439 -0.89 -29.80 -57.34
C LEU G 439 0.05 -30.98 -57.07
N GLU G 440 -0.52 -32.19 -57.01
CA GLU G 440 0.29 -33.37 -56.75
C GLU G 440 1.10 -33.79 -57.97
N LYS G 441 0.56 -33.58 -59.18
CA LYS G 441 1.31 -33.89 -60.38
C LYS G 441 2.56 -33.02 -60.48
N TRP G 442 2.44 -31.74 -60.14
CA TRP G 442 3.60 -30.86 -60.15
C TRP G 442 4.65 -31.33 -59.14
N ARG G 443 4.20 -31.61 -57.91
CA ARG G 443 5.13 -32.05 -56.88
C ARG G 443 5.75 -33.39 -57.23
N TRP G 444 4.93 -34.34 -57.68
CA TRP G 444 5.46 -35.64 -58.10
C TRP G 444 6.51 -35.47 -59.18
N MET G 445 6.22 -34.64 -60.18
CA MET G 445 7.16 -34.41 -61.27
C MET G 445 8.39 -33.65 -60.79
N VAL G 446 8.22 -32.75 -59.82
CA VAL G 446 9.38 -32.06 -59.24
C VAL G 446 10.27 -33.03 -58.50
N PHE G 447 9.68 -33.92 -57.69
CA PHE G 447 10.46 -34.91 -56.98
C PHE G 447 11.16 -35.86 -57.96
N ARG G 448 10.46 -36.25 -59.02
CA ARG G 448 11.01 -37.17 -60.01
C ARG G 448 12.09 -36.53 -60.88
N GLY G 449 12.26 -35.21 -60.81
CA GLY G 449 13.24 -34.52 -61.61
C GLY G 449 12.78 -34.15 -63.00
N GLU G 450 11.49 -34.32 -63.31
CA GLU G 450 10.99 -34.00 -64.64
C GLU G 450 10.93 -32.51 -64.89
N ILE G 451 10.85 -31.70 -63.84
CA ILE G 451 10.80 -30.24 -63.96
C ILE G 451 12.02 -29.67 -63.24
N PRO G 452 12.93 -29.00 -63.94
CA PRO G 452 14.03 -28.31 -63.25
C PRO G 452 13.52 -27.11 -62.49
N LYS G 453 14.31 -26.68 -61.51
CA LYS G 453 13.95 -25.48 -60.74
C LYS G 453 13.84 -24.26 -61.63
N GLU G 454 14.60 -24.23 -62.73
CA GLU G 454 14.54 -23.13 -63.68
C GLU G 454 13.20 -23.02 -64.37
N GLU G 455 12.42 -24.11 -64.42
CA GLU G 455 11.12 -24.13 -65.08
C GLU G 455 10.01 -24.51 -64.11
N TRP G 456 10.24 -24.38 -62.81
CA TRP G 456 9.24 -24.77 -61.82
C TRP G 456 7.94 -23.99 -62.01
N MET G 457 8.02 -22.67 -61.93
CA MET G 457 6.82 -21.85 -62.03
C MET G 457 6.23 -21.85 -63.43
N LYS G 458 7.08 -22.04 -64.46
CA LYS G 458 6.57 -22.14 -65.82
C LYS G 458 5.64 -23.34 -65.97
N LYS G 459 6.10 -24.51 -65.54
CA LYS G 459 5.26 -25.71 -65.65
C LYS G 459 4.07 -25.66 -64.71
N TRP G 460 4.20 -24.96 -63.58
CA TRP G 460 3.08 -24.81 -62.65
C TRP G 460 1.91 -24.11 -63.32
N TRP G 461 2.17 -23.03 -64.05
CA TRP G 461 1.12 -22.29 -64.73
C TRP G 461 0.80 -22.86 -66.10
N GLU G 462 1.75 -23.55 -66.74
CA GLU G 462 1.42 -24.29 -67.95
C GLU G 462 0.42 -25.40 -67.64
N MET G 463 0.58 -26.06 -66.50
CA MET G 463 -0.36 -27.09 -66.07
C MET G 463 -1.64 -26.48 -65.51
N LYS G 464 -1.54 -25.32 -64.86
CA LYS G 464 -2.73 -24.61 -64.40
C LYS G 464 -3.64 -24.29 -65.57
N ARG G 465 -3.07 -23.95 -66.72
CA ARG G 465 -3.85 -23.57 -67.88
C ARG G 465 -4.40 -24.79 -68.63
N ASP G 466 -3.60 -25.85 -68.74
CA ASP G 466 -4.02 -27.02 -69.49
C ASP G 466 -4.97 -27.89 -68.69
N LEU G 467 -4.65 -28.17 -67.43
CA LEU G 467 -5.41 -29.14 -66.65
C LEU G 467 -6.56 -28.51 -65.86
N VAL G 468 -6.34 -27.33 -65.27
CA VAL G 468 -7.34 -26.72 -64.42
C VAL G 468 -8.14 -25.64 -65.15
N GLY G 469 -7.59 -25.04 -66.20
CA GLY G 469 -8.26 -23.93 -66.84
C GLY G 469 -8.10 -22.62 -66.10
N VAL G 470 -7.02 -22.48 -65.34
CA VAL G 470 -6.78 -21.32 -64.50
C VAL G 470 -5.52 -20.61 -65.01
N VAL G 471 -5.60 -19.29 -65.16
CA VAL G 471 -4.51 -18.52 -65.73
C VAL G 471 -3.97 -17.57 -64.67
N GLU G 472 -2.65 -17.33 -64.73
CA GLU G 472 -2.02 -16.42 -63.78
C GLU G 472 -2.51 -14.99 -64.05
N PRO G 473 -2.97 -14.28 -63.02
CA PRO G 473 -3.40 -12.89 -63.24
C PRO G 473 -2.24 -11.95 -63.53
N VAL G 474 -1.07 -12.22 -62.97
CA VAL G 474 0.11 -11.38 -63.13
C VAL G 474 1.28 -12.29 -63.48
N PRO G 475 2.17 -11.92 -64.41
CA PRO G 475 3.30 -12.78 -64.74
C PRO G 475 4.17 -13.04 -63.53
N HIS G 476 4.52 -14.30 -63.31
CA HIS G 476 5.25 -14.74 -62.12
C HIS G 476 6.58 -15.34 -62.54
N ASP G 477 7.67 -14.78 -62.00
CA ASP G 477 9.01 -15.28 -62.24
C ASP G 477 9.27 -16.53 -61.42
N GLU G 478 10.47 -17.09 -61.56
CA GLU G 478 10.89 -18.22 -60.74
C GLU G 478 11.32 -17.82 -59.34
N THR G 479 11.19 -16.53 -58.99
CA THR G 479 11.37 -16.10 -57.62
C THR G 479 10.21 -16.52 -56.73
N TYR G 480 9.11 -16.99 -57.33
CA TYR G 480 7.92 -17.38 -56.59
C TYR G 480 7.93 -18.88 -56.30
N CYS G 481 7.04 -19.27 -55.38
CA CYS G 481 6.75 -20.67 -55.11
C CYS G 481 5.24 -20.79 -54.82
N ASP G 482 4.44 -20.45 -55.82
CA ASP G 482 2.99 -20.44 -55.64
C ASP G 482 2.41 -21.77 -55.19
N PRO G 483 2.91 -22.93 -55.63
CA PRO G 483 2.46 -24.19 -55.00
C PRO G 483 2.60 -24.19 -53.49
N ALA G 484 3.74 -23.71 -52.97
CA ALA G 484 3.97 -23.69 -51.53
C ALA G 484 3.07 -22.74 -50.79
N SER G 485 2.35 -21.85 -51.49
CA SER G 485 1.45 -20.92 -50.82
C SER G 485 0.24 -21.59 -50.19
N LEU G 486 0.07 -22.89 -50.39
CA LEU G 486 -1.00 -23.65 -49.74
C LEU G 486 -0.44 -24.37 -48.51
N PHE G 487 -1.29 -24.51 -47.49
CA PHE G 487 -0.86 -25.09 -46.23
C PHE G 487 -0.26 -26.48 -46.42
N HIS G 488 -0.93 -27.33 -47.20
CA HIS G 488 -0.50 -28.72 -47.32
C HIS G 488 0.86 -28.84 -47.97
N VAL G 489 1.20 -27.94 -48.87
CA VAL G 489 2.49 -28.00 -49.56
C VAL G 489 3.62 -27.52 -48.65
N ALA G 490 3.38 -26.46 -47.88
CA ALA G 490 4.41 -25.93 -47.00
C ALA G 490 4.54 -26.69 -45.69
N ASN G 491 3.59 -27.58 -45.37
CA ASN G 491 3.62 -28.33 -44.13
C ASN G 491 3.83 -29.83 -44.36
N ASP G 492 4.40 -30.21 -45.50
CA ASP G 492 4.77 -31.59 -45.81
C ASP G 492 3.58 -32.54 -45.67
N TYR G 493 2.52 -32.22 -46.42
CA TYR G 493 1.32 -33.04 -46.45
C TYR G 493 0.98 -33.38 -47.89
N SER G 494 0.58 -34.64 -48.09
CA SER G 494 0.11 -35.06 -49.41
C SER G 494 -1.25 -34.47 -49.71
N PHE G 495 -1.53 -34.27 -51.00
CA PHE G 495 -2.80 -33.72 -51.42
C PHE G 495 -3.66 -34.72 -52.18
N ILE G 496 -3.08 -35.86 -52.60
CA ILE G 496 -3.83 -36.85 -53.36
C ILE G 496 -4.89 -37.55 -52.53
N ARG G 497 -4.91 -37.34 -51.21
CA ARG G 497 -5.99 -37.89 -50.39
C ARG G 497 -7.34 -37.37 -50.86
N TYR G 498 -7.42 -36.06 -51.09
CA TYR G 498 -8.69 -35.43 -51.44
C TYR G 498 -9.17 -35.87 -52.81
N TYR G 499 -8.25 -36.23 -53.70
CA TYR G 499 -8.63 -36.84 -54.98
C TYR G 499 -9.24 -38.21 -54.75
N THR G 500 -8.55 -39.08 -54.02
CA THR G 500 -9.00 -40.45 -53.86
C THR G 500 -10.24 -40.53 -52.96
N ARG G 501 -10.31 -39.68 -51.93
CA ARG G 501 -11.46 -39.73 -51.03
C ARG G 501 -12.75 -39.38 -51.77
N THR G 502 -12.66 -38.48 -52.76
CA THR G 502 -13.85 -38.12 -53.52
C THR G 502 -14.33 -39.28 -54.39
N ILE G 503 -13.38 -40.06 -54.93
CA ILE G 503 -13.74 -41.23 -55.73
C ILE G 503 -14.37 -42.30 -54.84
N PHE G 504 -13.73 -42.62 -53.72
CA PHE G 504 -14.24 -43.67 -52.85
C PHE G 504 -15.55 -43.26 -52.17
N GLU G 505 -15.72 -41.98 -51.87
CA GLU G 505 -16.92 -41.52 -51.18
C GLU G 505 -18.18 -41.86 -51.97
N PHE G 506 -18.21 -41.48 -53.24
CA PHE G 506 -19.38 -41.76 -54.06
C PHE G 506 -19.48 -43.22 -54.45
N GLN G 507 -18.36 -43.96 -54.43
CA GLN G 507 -18.45 -45.42 -54.58
C GLN G 507 -19.16 -46.04 -53.39
N PHE G 508 -18.86 -45.58 -52.18
CA PHE G 508 -19.58 -46.06 -51.00
C PHE G 508 -21.04 -45.64 -51.06
N HIS G 509 -21.33 -44.42 -51.52
CA HIS G 509 -22.69 -43.92 -51.51
C HIS G 509 -23.59 -44.72 -52.45
N GLU G 510 -23.08 -45.05 -53.64
CA GLU G 510 -23.88 -45.86 -54.57
C GLU G 510 -24.13 -47.25 -54.01
N ALA G 511 -23.12 -47.85 -53.38
CA ALA G 511 -23.26 -49.23 -52.90
C ALA G 511 -24.24 -49.30 -51.73
N LEU G 512 -24.13 -48.38 -50.78
CA LEU G 512 -25.03 -48.39 -49.63
C LEU G 512 -26.45 -48.03 -50.03
N CYS G 513 -26.62 -47.16 -51.02
CA CYS G 513 -27.96 -46.82 -51.48
C CYS G 513 -28.55 -47.93 -52.32
N ARG G 514 -27.72 -48.69 -53.04
CA ARG G 514 -28.20 -49.89 -53.71
C ARG G 514 -28.66 -50.92 -52.69
N ILE G 515 -27.89 -51.10 -51.62
CA ILE G 515 -28.25 -52.06 -50.58
C ILE G 515 -29.52 -51.61 -49.86
N ALA G 516 -29.68 -50.30 -49.65
CA ALA G 516 -30.86 -49.76 -48.99
C ALA G 516 -32.10 -49.76 -49.88
N GLN G 517 -32.00 -50.26 -51.12
CA GLN G 517 -33.11 -50.31 -52.06
C GLN G 517 -33.71 -48.92 -52.27
N HIS G 518 -32.84 -47.94 -52.51
CA HIS G 518 -33.29 -46.58 -52.74
C HIS G 518 -33.89 -46.45 -54.13
N ASP G 519 -35.10 -45.91 -54.21
CA ASP G 519 -35.79 -45.69 -55.48
C ASP G 519 -35.69 -44.20 -55.83
N GLY G 520 -34.89 -43.90 -56.84
CA GLY G 520 -34.71 -42.53 -57.28
C GLY G 520 -33.27 -42.19 -57.55
N PRO G 521 -32.97 -40.89 -57.65
CA PRO G 521 -31.59 -40.47 -57.91
C PRO G 521 -30.71 -40.68 -56.69
N LEU G 522 -29.39 -40.68 -56.94
CA LEU G 522 -28.43 -40.88 -55.86
C LEU G 522 -28.39 -39.68 -54.91
N HIS G 523 -28.66 -38.48 -55.41
CA HIS G 523 -28.53 -37.26 -54.63
C HIS G 523 -29.66 -37.04 -53.64
N LYS G 524 -30.67 -37.90 -53.61
CA LYS G 524 -31.76 -37.81 -52.64
C LYS G 524 -31.83 -39.07 -51.78
N CYS G 525 -30.69 -39.72 -51.57
CA CYS G 525 -30.66 -40.99 -50.88
C CYS G 525 -30.42 -40.80 -49.39
N ASP G 526 -31.10 -41.61 -48.58
CA ASP G 526 -30.95 -41.61 -47.13
C ASP G 526 -30.82 -43.06 -46.67
N ILE G 527 -29.61 -43.44 -46.24
CA ILE G 527 -29.38 -44.81 -45.77
C ILE G 527 -29.93 -45.09 -44.39
N SER G 528 -30.66 -44.17 -43.78
CA SER G 528 -31.20 -44.38 -42.45
C SER G 528 -32.15 -45.57 -42.42
N ASN G 529 -32.21 -46.25 -41.28
CA ASN G 529 -33.09 -47.38 -41.02
C ASN G 529 -32.76 -48.59 -41.89
N SER G 530 -31.57 -48.64 -42.46
CA SER G 530 -31.12 -49.75 -43.30
C SER G 530 -30.02 -50.49 -42.57
N THR G 531 -30.38 -51.56 -41.86
CA THR G 531 -29.41 -52.35 -41.13
C THR G 531 -28.44 -53.07 -42.06
N ASP G 532 -28.90 -53.40 -43.27
CA ASP G 532 -28.03 -54.11 -44.22
C ASP G 532 -26.88 -53.22 -44.67
N ALA G 533 -27.14 -51.93 -44.86
CA ALA G 533 -26.09 -51.02 -45.28
C ALA G 533 -25.03 -50.87 -44.18
N GLY G 534 -25.46 -50.85 -42.92
CA GLY G 534 -24.51 -50.74 -41.83
C GLY G 534 -23.65 -51.98 -41.67
N LYS G 535 -24.18 -53.15 -42.05
CA LYS G 535 -23.39 -54.37 -41.98
C LYS G 535 -22.22 -54.31 -42.97
N LYS G 536 -22.49 -53.87 -44.20
CA LYS G 536 -21.42 -53.73 -45.18
C LYS G 536 -20.42 -52.66 -44.74
N LEU G 537 -20.91 -51.59 -44.11
CA LEU G 537 -20.02 -50.54 -43.64
C LEU G 537 -19.15 -51.03 -42.48
N HIS G 538 -19.75 -51.79 -41.55
CA HIS G 538 -18.99 -52.26 -40.39
C HIS G 538 -17.85 -53.18 -40.80
N GLN G 539 -18.09 -54.04 -41.79
CA GLN G 539 -17.04 -54.93 -42.26
C GLN G 539 -15.87 -54.16 -42.87
N MET G 540 -16.15 -53.01 -43.47
CA MET G 540 -15.09 -52.19 -44.06
C MET G 540 -14.31 -51.43 -42.98
N LEU G 541 -15.00 -50.91 -41.97
CA LEU G 541 -14.33 -50.12 -40.95
C LEU G 541 -13.47 -51.00 -40.04
N SER G 542 -13.96 -52.19 -39.69
CA SER G 542 -13.24 -53.04 -38.75
C SER G 542 -11.92 -53.54 -39.34
N VAL G 543 -11.84 -53.64 -40.68
CA VAL G 543 -10.64 -54.19 -41.30
C VAL G 543 -9.46 -53.25 -41.11
N GLY G 544 -9.65 -51.96 -41.41
CA GLY G 544 -8.56 -51.01 -41.25
C GLY G 544 -7.47 -51.26 -42.28
N LYS G 545 -6.23 -51.37 -41.80
CA LYS G 545 -5.08 -51.65 -42.64
C LYS G 545 -4.67 -53.12 -42.56
N SER G 546 -5.48 -53.96 -41.91
CA SER G 546 -5.16 -55.38 -41.83
C SER G 546 -5.21 -56.05 -43.20
N GLN G 547 -6.19 -55.67 -44.02
CA GLN G 547 -6.34 -56.21 -45.36
C GLN G 547 -5.91 -55.18 -46.39
N PRO G 548 -5.44 -55.62 -47.56
CA PRO G 548 -5.21 -54.69 -48.66
C PRO G 548 -6.48 -53.94 -49.02
N TRP G 549 -6.32 -52.66 -49.37
CA TRP G 549 -7.48 -51.83 -49.69
C TRP G 549 -8.21 -52.33 -50.93
N THR G 550 -7.52 -53.07 -51.81
CA THR G 550 -8.20 -53.65 -52.97
C THR G 550 -9.24 -54.68 -52.53
N VAL G 551 -8.88 -55.54 -51.59
CA VAL G 551 -9.82 -56.54 -51.08
C VAL G 551 -10.90 -55.87 -50.23
N THR G 552 -10.51 -54.88 -49.43
CA THR G 552 -11.47 -54.19 -48.58
C THR G 552 -12.51 -53.43 -49.40
N LEU G 553 -12.07 -52.77 -50.47
CA LEU G 553 -13.02 -52.06 -51.33
C LEU G 553 -13.93 -53.02 -52.08
N LYS G 554 -13.44 -54.20 -52.44
CA LYS G 554 -14.25 -55.16 -53.19
C LYS G 554 -15.39 -55.71 -52.34
N ASP G 555 -15.23 -55.73 -51.01
CA ASP G 555 -16.25 -56.33 -50.16
C ASP G 555 -17.50 -55.47 -50.03
N ILE G 556 -17.41 -54.17 -50.32
CA ILE G 556 -18.51 -53.25 -50.13
C ILE G 556 -19.06 -52.73 -51.46
N VAL G 557 -18.19 -52.46 -52.43
CA VAL G 557 -18.61 -51.90 -53.72
C VAL G 557 -18.36 -52.85 -54.88
N ASP G 558 -17.85 -54.06 -54.62
CA ASP G 558 -17.68 -55.10 -55.63
C ASP G 558 -16.68 -54.72 -56.70
N SER G 559 -15.68 -53.90 -56.37
CA SER G 559 -14.67 -53.50 -57.33
C SER G 559 -13.32 -53.38 -56.63
N ARG G 560 -12.27 -53.86 -57.29
CA ARG G 560 -10.91 -53.79 -56.77
C ARG G 560 -10.18 -52.52 -57.17
N ASN G 561 -10.82 -51.61 -57.89
CA ASN G 561 -10.16 -50.43 -58.42
C ASN G 561 -11.02 -49.19 -58.16
N MET G 562 -10.40 -48.03 -58.37
CA MET G 562 -11.10 -46.76 -58.25
C MET G 562 -11.96 -46.53 -59.50
N ASP G 563 -13.20 -46.11 -59.29
CA ASP G 563 -14.15 -45.91 -60.37
C ASP G 563 -14.86 -44.58 -60.18
N VAL G 564 -14.89 -43.76 -61.23
CA VAL G 564 -15.53 -42.45 -61.18
C VAL G 564 -17.00 -42.51 -61.56
N GLY G 565 -17.47 -43.65 -62.07
CA GLY G 565 -18.85 -43.85 -62.43
C GLY G 565 -19.84 -43.35 -61.39
N PRO G 566 -19.71 -43.83 -60.14
CA PRO G 566 -20.64 -43.35 -59.10
C PRO G 566 -20.62 -41.84 -58.91
N LEU G 567 -19.45 -41.20 -59.01
CA LEU G 567 -19.40 -39.75 -58.89
C LEU G 567 -20.08 -39.07 -60.08
N LEU G 568 -19.82 -39.55 -61.30
CA LEU G 568 -20.43 -38.95 -62.47
C LEU G 568 -21.93 -39.21 -62.49
N ARG G 569 -22.36 -40.41 -62.07
CA ARG G 569 -23.78 -40.70 -62.00
C ARG G 569 -24.47 -39.86 -60.92
N TYR G 570 -23.74 -39.51 -59.86
CA TYR G 570 -24.30 -38.63 -58.83
C TYR G 570 -24.61 -37.25 -59.40
N PHE G 571 -23.76 -36.77 -60.31
CA PHE G 571 -23.91 -35.44 -60.88
C PHE G 571 -24.55 -35.47 -62.27
N GLU G 572 -25.15 -36.59 -62.66
CA GLU G 572 -25.79 -36.68 -63.96
C GLU G 572 -26.94 -35.69 -64.14
N PRO G 573 -27.80 -35.45 -63.15
CA PRO G 573 -28.82 -34.38 -63.34
C PRO G 573 -28.21 -33.02 -63.63
N LEU G 574 -27.05 -32.72 -63.03
CA LEU G 574 -26.38 -31.46 -63.33
C LEU G 574 -25.67 -31.50 -64.68
N TYR G 575 -25.14 -32.66 -65.06
CA TYR G 575 -24.43 -32.76 -66.34
C TYR G 575 -25.36 -32.50 -67.51
N THR G 576 -26.56 -33.10 -67.48
CA THR G 576 -27.51 -32.85 -68.56
C THR G 576 -28.06 -31.43 -68.54
N TRP G 577 -28.17 -30.84 -67.35
CA TRP G 577 -28.60 -29.44 -67.27
C TRP G 577 -27.49 -28.50 -67.72
N LEU G 578 -26.25 -28.78 -67.32
CA LEU G 578 -25.14 -27.93 -67.72
C LEU G 578 -24.95 -27.93 -69.24
N GLN G 579 -25.29 -29.05 -69.89
CA GLN G 579 -25.07 -29.17 -71.33
C GLN G 579 -26.08 -28.36 -72.14
N GLU G 580 -27.32 -28.25 -71.68
CA GLU G 580 -28.29 -27.43 -72.40
C GLU G 580 -27.98 -25.94 -72.25
N GLN G 581 -27.53 -25.53 -71.06
CA GLN G 581 -27.21 -24.13 -70.83
C GLN G 581 -25.87 -23.73 -71.39
N ASN G 582 -24.95 -24.68 -71.56
CA ASN G 582 -23.68 -24.39 -72.22
C ASN G 582 -23.80 -24.36 -73.73
N ARG G 583 -25.01 -24.54 -74.28
CA ARG G 583 -25.28 -24.07 -75.62
C ARG G 583 -25.15 -22.55 -75.65
N LYS G 584 -24.92 -22.01 -76.84
CA LYS G 584 -24.67 -20.58 -77.05
C LYS G 584 -23.41 -20.11 -76.31
N SER G 585 -22.61 -21.02 -75.76
CA SER G 585 -21.44 -20.69 -74.97
C SER G 585 -20.27 -21.56 -75.38
N TYR G 586 -19.09 -20.97 -75.41
CA TYR G 586 -17.86 -21.71 -75.69
C TYR G 586 -17.50 -22.57 -74.48
N VAL G 587 -17.27 -23.86 -74.72
CA VAL G 587 -16.92 -24.82 -73.66
C VAL G 587 -15.50 -25.29 -73.93
N GLY G 588 -14.61 -25.06 -72.97
CA GLY G 588 -13.19 -25.23 -73.14
C GLY G 588 -12.46 -23.92 -72.91
N TRP G 589 -11.14 -23.98 -73.05
CA TRP G 589 -10.32 -22.80 -72.77
C TRP G 589 -9.11 -22.77 -73.68
N ASN G 590 -8.59 -21.57 -73.88
CA ASN G 590 -7.35 -21.34 -74.62
C ASN G 590 -6.22 -21.11 -73.65
N THR G 591 -5.13 -21.87 -73.81
CA THR G 591 -4.02 -21.79 -72.88
C THR G 591 -3.29 -20.46 -72.96
N ASP G 592 -3.34 -19.79 -74.12
CA ASP G 592 -2.47 -18.65 -74.37
C ASP G 592 -2.98 -17.35 -73.79
N TRP G 593 -4.30 -17.20 -73.59
CA TRP G 593 -4.83 -15.93 -73.11
C TRP G 593 -4.53 -15.73 -71.63
N SER G 594 -4.13 -14.52 -71.28
CA SER G 594 -3.83 -14.14 -69.91
C SER G 594 -4.38 -12.75 -69.64
N PRO G 595 -4.77 -12.47 -68.41
CA PRO G 595 -5.27 -11.11 -68.09
C PRO G 595 -4.25 -10.02 -68.30
N TYR G 596 -2.95 -10.35 -68.25
CA TYR G 596 -1.91 -9.36 -68.50
C TYR G 596 -1.47 -9.32 -69.96
N SER G 597 -1.62 -10.43 -70.70
CA SER G 597 -1.32 -10.50 -72.12
C SER G 597 0.05 -9.92 -72.47
N ASN H 16 -23.06 -72.56 10.52
CA ASN H 16 -22.04 -72.86 9.52
C ASN H 16 -22.41 -72.26 8.17
N LEU H 17 -22.31 -70.94 8.07
CA LEU H 17 -22.62 -70.22 6.85
C LEU H 17 -21.34 -69.96 6.06
N CYS H 18 -21.44 -70.02 4.73
CA CYS H 18 -20.26 -69.91 3.89
C CYS H 18 -19.79 -68.45 3.81
N PRO H 19 -18.47 -68.21 3.88
CA PRO H 19 -17.92 -66.86 3.80
C PRO H 19 -17.84 -66.31 2.38
N PHE H 20 -18.96 -66.36 1.66
CA PHE H 20 -19.01 -65.81 0.31
C PHE H 20 -18.84 -64.30 0.29
N GLY H 21 -19.07 -63.63 1.43
CA GLY H 21 -18.97 -62.18 1.45
C GLY H 21 -17.55 -61.67 1.36
N GLU H 22 -16.58 -62.44 1.87
CA GLU H 22 -15.20 -61.95 1.91
C GLU H 22 -14.57 -61.94 0.53
N VAL H 23 -14.84 -62.95 -0.29
CA VAL H 23 -14.15 -63.06 -1.57
C VAL H 23 -14.72 -62.06 -2.58
N PHE H 24 -16.04 -61.85 -2.56
CA PHE H 24 -16.65 -60.91 -3.50
C PHE H 24 -16.48 -59.47 -3.02
N ASN H 25 -16.84 -59.21 -1.77
CA ASN H 25 -16.74 -57.86 -1.20
C ASN H 25 -15.40 -57.70 -0.50
N ALA H 26 -14.34 -57.67 -1.30
CA ALA H 26 -12.98 -57.54 -0.81
C ALA H 26 -12.39 -56.20 -1.23
N THR H 27 -11.69 -55.54 -0.31
CA THR H 27 -11.07 -54.26 -0.62
C THR H 27 -9.84 -54.43 -1.50
N ARG H 28 -9.18 -55.58 -1.42
CA ARG H 28 -7.98 -55.85 -2.19
C ARG H 28 -8.19 -57.08 -3.07
N PHE H 29 -7.84 -56.95 -4.35
CA PHE H 29 -7.82 -58.07 -5.28
C PHE H 29 -6.40 -58.21 -5.83
N ALA H 30 -6.08 -59.43 -6.25
CA ALA H 30 -4.74 -59.73 -6.72
C ALA H 30 -4.63 -59.56 -8.24
N SER H 31 -3.39 -59.58 -8.72
CA SER H 31 -3.14 -59.55 -10.15
C SER H 31 -3.38 -60.92 -10.76
N VAL H 32 -3.58 -60.94 -12.09
CA VAL H 32 -3.94 -62.18 -12.75
C VAL H 32 -2.80 -63.20 -12.71
N TYR H 33 -1.54 -62.73 -12.69
CA TYR H 33 -0.43 -63.66 -12.63
C TYR H 33 -0.30 -64.27 -11.24
N ALA H 34 -0.78 -63.57 -10.21
CA ALA H 34 -0.74 -64.06 -8.85
C ALA H 34 -2.15 -64.21 -8.30
N TRP H 35 -2.99 -65.00 -8.98
CA TRP H 35 -4.37 -65.15 -8.59
C TRP H 35 -4.49 -65.87 -7.25
N ASN H 36 -5.34 -65.34 -6.38
CA ASN H 36 -5.56 -65.89 -5.04
C ASN H 36 -6.63 -66.98 -5.09
N ARG H 37 -6.38 -68.06 -4.36
CA ARG H 37 -7.34 -69.16 -4.23
C ARG H 37 -7.73 -69.31 -2.76
N LYS H 38 -9.03 -69.39 -2.51
CA LYS H 38 -9.57 -69.59 -1.17
C LYS H 38 -10.44 -70.82 -1.14
N ARG H 39 -10.26 -71.66 -0.12
CA ARG H 39 -11.09 -72.85 0.06
C ARG H 39 -12.30 -72.50 0.90
N ILE H 40 -13.49 -72.70 0.33
CA ILE H 40 -14.74 -72.58 1.04
C ILE H 40 -15.22 -73.99 1.35
N SER H 41 -15.33 -74.31 2.64
CA SER H 41 -15.68 -75.67 3.04
C SER H 41 -16.39 -75.64 4.39
N ASN H 42 -17.10 -76.72 4.67
CA ASN H 42 -17.80 -76.92 5.95
C ASN H 42 -18.79 -75.79 6.22
N CYS H 43 -19.68 -75.56 5.25
CA CYS H 43 -20.66 -74.50 5.38
C CYS H 43 -21.74 -74.68 4.33
N VAL H 44 -22.87 -73.99 4.54
CA VAL H 44 -23.98 -73.97 3.59
C VAL H 44 -23.85 -72.73 2.72
N ALA H 45 -24.09 -72.90 1.42
CA ALA H 45 -23.83 -71.85 0.44
C ALA H 45 -25.13 -71.50 -0.26
N ASP H 46 -25.49 -70.21 -0.23
CA ASP H 46 -26.66 -69.68 -0.93
C ASP H 46 -26.20 -69.08 -2.25
N TYR H 47 -26.28 -69.87 -3.32
CA TYR H 47 -25.90 -69.40 -4.64
C TYR H 47 -26.95 -68.48 -5.27
N SER H 48 -28.16 -68.43 -4.71
CA SER H 48 -29.22 -67.62 -5.31
C SER H 48 -29.00 -66.14 -5.08
N VAL H 49 -28.52 -65.77 -3.90
CA VAL H 49 -28.34 -64.35 -3.59
C VAL H 49 -27.18 -63.77 -4.40
N LEU H 50 -26.22 -64.59 -4.80
CA LEU H 50 -25.11 -64.11 -5.60
C LEU H 50 -25.53 -63.89 -7.06
N TYR H 51 -26.22 -64.86 -7.65
CA TYR H 51 -26.59 -64.76 -9.05
C TYR H 51 -27.65 -63.70 -9.29
N ASN H 52 -28.52 -63.46 -8.31
CA ASN H 52 -29.57 -62.45 -8.47
C ASN H 52 -29.02 -61.03 -8.43
N SER H 53 -27.84 -60.82 -7.85
CA SER H 53 -27.27 -59.49 -7.72
C SER H 53 -26.92 -58.95 -9.11
N ALA H 54 -27.54 -57.84 -9.49
CA ALA H 54 -27.28 -57.21 -10.79
C ALA H 54 -25.95 -56.48 -10.82
N SER H 55 -25.16 -56.52 -9.75
CA SER H 55 -23.86 -55.85 -9.74
C SER H 55 -22.84 -56.57 -10.62
N PHE H 56 -23.07 -57.84 -10.93
CA PHE H 56 -22.14 -58.63 -11.72
C PHE H 56 -22.53 -58.55 -13.20
N SER H 57 -21.59 -58.13 -14.03
CA SER H 57 -21.84 -58.08 -15.47
C SER H 57 -21.70 -59.44 -16.13
N THR H 58 -20.92 -60.33 -15.54
CA THR H 58 -20.70 -61.68 -16.06
C THR H 58 -20.98 -62.69 -14.97
N PHE H 59 -21.80 -63.69 -15.29
CA PHE H 59 -22.14 -64.78 -14.37
C PHE H 59 -22.49 -66.00 -15.21
N LYS H 60 -21.48 -66.55 -15.88
CA LYS H 60 -21.65 -67.67 -16.78
C LYS H 60 -21.06 -68.92 -16.13
N CYS H 61 -21.89 -69.95 -15.97
CA CYS H 61 -21.47 -71.21 -15.37
C CYS H 61 -21.34 -72.27 -16.45
N TYR H 62 -20.19 -72.94 -16.48
CA TYR H 62 -19.90 -73.97 -17.46
C TYR H 62 -19.88 -75.33 -16.78
N GLY H 63 -20.60 -76.29 -17.35
CA GLY H 63 -20.67 -77.63 -16.81
C GLY H 63 -21.75 -77.83 -15.77
N VAL H 64 -22.33 -76.76 -15.23
CA VAL H 64 -23.36 -76.85 -14.20
C VAL H 64 -24.38 -75.74 -14.45
N SER H 65 -25.65 -76.05 -14.24
CA SER H 65 -26.70 -75.08 -14.47
C SER H 65 -26.71 -74.03 -13.37
N PRO H 66 -26.69 -72.73 -13.71
CA PRO H 66 -26.67 -71.70 -12.66
C PRO H 66 -27.93 -71.69 -11.80
N THR H 67 -29.08 -72.03 -12.37
CA THR H 67 -30.33 -71.97 -11.61
C THR H 67 -30.39 -73.07 -10.55
N LYS H 68 -29.88 -74.25 -10.87
CA LYS H 68 -29.92 -75.39 -9.96
C LYS H 68 -28.65 -75.52 -9.11
N LEU H 69 -27.93 -74.42 -8.92
CA LEU H 69 -26.70 -74.48 -8.14
C LEU H 69 -26.96 -74.74 -6.67
N ASN H 70 -28.10 -74.25 -6.15
CA ASN H 70 -28.38 -74.39 -4.72
C ASN H 70 -28.76 -75.81 -4.33
N ASP H 71 -29.16 -76.64 -5.28
CA ASP H 71 -29.55 -78.01 -4.97
C ASP H 71 -28.53 -79.01 -5.50
N LEU H 72 -27.26 -78.82 -5.14
CA LEU H 72 -26.20 -79.75 -5.49
C LEU H 72 -25.13 -79.70 -4.40
N CYS H 73 -24.45 -80.83 -4.23
CA CYS H 73 -23.46 -80.98 -3.16
C CYS H 73 -22.10 -81.30 -3.76
N PHE H 74 -21.07 -80.60 -3.29
CA PHE H 74 -19.69 -80.85 -3.68
C PHE H 74 -18.82 -80.95 -2.45
N THR H 75 -17.64 -81.54 -2.62
CA THR H 75 -16.73 -81.73 -1.49
C THR H 75 -16.10 -80.40 -1.07
N ASN H 76 -15.47 -79.70 -2.01
CA ASN H 76 -14.80 -78.44 -1.72
C ASN H 76 -15.12 -77.43 -2.81
N VAL H 77 -15.04 -76.16 -2.45
CA VAL H 77 -15.29 -75.05 -3.37
C VAL H 77 -14.08 -74.14 -3.35
N TYR H 78 -13.54 -73.85 -4.54
CA TYR H 78 -12.35 -73.03 -4.69
C TYR H 78 -12.74 -71.71 -5.36
N ALA H 79 -12.40 -70.60 -4.71
CA ALA H 79 -12.72 -69.27 -5.21
C ALA H 79 -11.42 -68.59 -5.63
N ASP H 80 -11.27 -68.38 -6.93
CA ASP H 80 -10.09 -67.72 -7.49
C ASP H 80 -10.41 -66.26 -7.79
N SER H 81 -9.49 -65.37 -7.40
CA SER H 81 -9.69 -63.93 -7.54
C SER H 81 -8.51 -63.30 -8.26
N PHE H 82 -8.79 -62.40 -9.19
CA PHE H 82 -7.77 -61.66 -9.92
C PHE H 82 -8.46 -60.50 -10.63
N VAL H 83 -7.65 -59.66 -11.29
CA VAL H 83 -8.13 -58.50 -12.03
C VAL H 83 -7.53 -58.53 -13.42
N ILE H 84 -8.38 -58.27 -14.43
CA ILE H 84 -7.93 -58.23 -15.82
C ILE H 84 -8.55 -57.04 -16.52
N ARG H 85 -8.40 -56.97 -17.84
CA ARG H 85 -9.04 -55.95 -18.65
C ARG H 85 -10.45 -56.39 -19.05
N GLY H 86 -11.19 -55.47 -19.67
CA GLY H 86 -12.54 -55.80 -20.10
C GLY H 86 -12.57 -56.80 -21.23
N ASP H 87 -11.65 -56.66 -22.19
CA ASP H 87 -11.59 -57.56 -23.33
C ASP H 87 -10.96 -58.91 -22.98
N GLU H 88 -10.57 -59.13 -21.73
CA GLU H 88 -9.93 -60.37 -21.31
C GLU H 88 -10.87 -61.26 -20.51
N VAL H 89 -12.07 -60.81 -20.18
CA VAL H 89 -13.02 -61.67 -19.47
C VAL H 89 -13.46 -62.83 -20.34
N ARG H 90 -13.34 -62.72 -21.66
CA ARG H 90 -13.64 -63.85 -22.54
C ARG H 90 -12.56 -64.92 -22.47
N GLN H 91 -11.31 -64.53 -22.23
CA GLN H 91 -10.20 -65.47 -22.21
C GLN H 91 -10.21 -66.38 -20.99
N ILE H 92 -11.01 -66.07 -19.98
CA ILE H 92 -11.06 -66.92 -18.79
C ILE H 92 -11.87 -68.18 -19.05
N ALA H 93 -12.92 -68.08 -19.86
CA ALA H 93 -13.82 -69.18 -20.19
C ALA H 93 -13.04 -70.42 -20.65
N PRO H 94 -13.60 -71.62 -20.47
CA PRO H 94 -12.88 -72.83 -20.89
C PRO H 94 -12.67 -72.87 -22.40
N GLY H 95 -11.55 -73.46 -22.79
CA GLY H 95 -11.25 -73.65 -24.20
C GLY H 95 -10.88 -72.40 -24.97
N GLN H 96 -10.60 -71.30 -24.28
CA GLN H 96 -10.20 -70.07 -24.95
C GLN H 96 -8.70 -69.86 -24.82
N THR H 97 -8.11 -69.20 -25.82
CA THR H 97 -6.69 -68.96 -25.86
C THR H 97 -6.40 -67.46 -25.86
N GLY H 98 -5.20 -67.12 -25.43
CA GLY H 98 -4.78 -65.74 -25.31
C GLY H 98 -3.70 -65.60 -24.27
N LYS H 99 -3.12 -64.40 -24.22
CA LYS H 99 -2.03 -64.14 -23.28
C LYS H 99 -2.47 -64.29 -21.83
N ILE H 100 -3.76 -64.14 -21.55
CA ILE H 100 -4.25 -64.35 -20.19
C ILE H 100 -4.49 -65.83 -19.94
N ALA H 101 -5.09 -66.53 -20.90
CA ALA H 101 -5.34 -67.96 -20.72
C ALA H 101 -4.06 -68.78 -20.83
N ASP H 102 -3.16 -68.39 -21.74
CA ASP H 102 -1.99 -69.22 -21.99
C ASP H 102 -0.89 -68.99 -20.95
N TYR H 103 -0.67 -67.74 -20.54
CA TYR H 103 0.46 -67.41 -19.69
C TYR H 103 0.08 -66.92 -18.30
N ASN H 104 -1.20 -66.73 -18.01
CA ASN H 104 -1.61 -66.17 -16.73
C ASN H 104 -2.56 -67.09 -15.96
N TYR H 105 -3.74 -67.38 -16.50
CA TYR H 105 -4.74 -68.17 -15.79
C TYR H 105 -5.50 -69.02 -16.81
N LYS H 106 -5.31 -70.34 -16.74
CA LYS H 106 -5.92 -71.27 -17.68
C LYS H 106 -6.99 -72.09 -16.98
N LEU H 107 -8.17 -72.16 -17.59
CA LEU H 107 -9.27 -73.00 -17.14
C LEU H 107 -9.35 -74.27 -17.98
N PRO H 108 -9.58 -75.43 -17.36
CA PRO H 108 -9.58 -76.68 -18.13
C PRO H 108 -10.70 -76.73 -19.15
N ASP H 109 -10.51 -77.60 -20.15
CA ASP H 109 -11.55 -77.80 -21.16
C ASP H 109 -12.80 -78.42 -20.55
N ASP H 110 -12.63 -79.26 -19.51
CA ASP H 110 -13.75 -79.85 -18.78
C ASP H 110 -14.01 -79.11 -17.48
N PHE H 111 -14.11 -77.78 -17.57
CA PHE H 111 -14.28 -76.94 -16.39
C PHE H 111 -15.73 -77.01 -15.91
N THR H 112 -15.91 -77.32 -14.62
CA THR H 112 -17.22 -77.38 -13.99
C THR H 112 -17.27 -76.36 -12.86
N GLY H 113 -17.82 -75.19 -13.16
CA GLY H 113 -17.89 -74.14 -12.17
C GLY H 113 -18.56 -72.91 -12.73
N CYS H 114 -18.28 -71.76 -12.12
CA CYS H 114 -18.88 -70.50 -12.52
C CYS H 114 -17.82 -69.41 -12.57
N VAL H 115 -18.00 -68.48 -13.50
CA VAL H 115 -17.13 -67.32 -13.67
C VAL H 115 -17.97 -66.07 -13.44
N ILE H 116 -17.54 -65.24 -12.48
CA ILE H 116 -18.28 -64.04 -12.10
C ILE H 116 -17.33 -62.86 -12.19
N ALA H 117 -17.77 -61.79 -12.86
CA ALA H 117 -16.97 -60.59 -13.04
C ALA H 117 -17.86 -59.37 -12.98
N TRP H 118 -17.26 -58.23 -12.61
CA TRP H 118 -17.98 -56.97 -12.56
C TRP H 118 -16.98 -55.82 -12.75
N ASN H 119 -17.50 -54.69 -13.21
CA ASN H 119 -16.66 -53.54 -13.50
C ASN H 119 -16.21 -52.87 -12.20
N SER H 120 -14.92 -52.54 -12.13
CA SER H 120 -14.32 -51.92 -10.96
C SER H 120 -13.49 -50.70 -11.34
N ASN H 121 -13.99 -49.92 -12.29
CA ASN H 121 -13.26 -48.71 -12.69
C ASN H 121 -13.31 -47.64 -11.60
N ASN H 122 -14.37 -47.64 -10.79
CA ASN H 122 -14.48 -46.65 -9.72
C ASN H 122 -13.48 -46.89 -8.59
N LEU H 123 -12.94 -48.10 -8.48
CA LEU H 123 -12.06 -48.47 -7.38
C LEU H 123 -10.62 -48.72 -7.81
N ASP H 124 -10.40 -49.37 -8.95
CA ASP H 124 -9.08 -49.81 -9.36
C ASP H 124 -8.46 -48.93 -10.43
N SER H 125 -9.05 -47.77 -10.72
CA SER H 125 -8.53 -46.85 -11.72
C SER H 125 -8.21 -45.51 -11.07
N LYS H 126 -7.06 -44.95 -11.43
CA LYS H 126 -6.60 -43.67 -10.89
C LYS H 126 -6.10 -42.78 -12.03
N VAL H 127 -6.23 -41.47 -11.83
CA VAL H 127 -5.67 -40.51 -12.78
C VAL H 127 -4.16 -40.65 -12.78
N GLY H 128 -3.59 -40.80 -13.97
CA GLY H 128 -2.18 -41.10 -14.14
C GLY H 128 -1.87 -42.57 -14.32
N GLY H 129 -2.76 -43.45 -13.87
CA GLY H 129 -2.60 -44.88 -14.11
C GLY H 129 -2.29 -45.69 -12.88
N ASN H 130 -3.08 -46.74 -12.64
CA ASN H 130 -2.78 -47.72 -11.60
C ASN H 130 -1.95 -48.83 -12.22
N TYR H 131 -0.64 -48.68 -12.12
CA TYR H 131 0.30 -49.67 -12.65
C TYR H 131 0.58 -50.78 -11.66
N ASN H 132 -0.18 -50.85 -10.55
CA ASN H 132 0.05 -51.89 -9.55
C ASN H 132 -0.52 -53.24 -9.96
N TYR H 133 -1.51 -53.26 -10.86
CA TYR H 133 -1.99 -54.50 -11.45
C TYR H 133 -1.12 -54.84 -12.65
N LEU H 134 -0.67 -56.09 -12.74
CA LEU H 134 0.28 -56.48 -13.77
C LEU H 134 -0.03 -57.89 -14.25
N TYR H 135 0.55 -58.22 -15.41
CA TYR H 135 0.28 -59.46 -16.11
C TYR H 135 1.58 -59.97 -16.73
N ARG H 136 1.50 -61.17 -17.31
CA ARG H 136 2.64 -61.78 -18.01
C ARG H 136 2.41 -61.69 -19.51
N LEU H 137 3.36 -61.08 -20.22
CA LEU H 137 3.28 -60.92 -21.66
C LEU H 137 3.87 -62.09 -22.42
N PHE H 138 4.99 -62.65 -21.94
CA PHE H 138 5.70 -63.69 -22.65
C PHE H 138 5.99 -64.85 -21.72
N ARG H 139 6.04 -66.05 -22.30
CA ARG H 139 6.42 -67.25 -21.57
C ARG H 139 6.94 -68.28 -22.56
N LYS H 140 7.80 -69.18 -22.07
CA LYS H 140 8.35 -70.22 -22.93
C LYS H 140 7.27 -71.19 -23.38
N SER H 141 6.50 -71.72 -22.44
CA SER H 141 5.45 -72.67 -22.73
C SER H 141 4.14 -72.20 -22.12
N ASN H 142 3.04 -72.75 -22.62
CA ASN H 142 1.72 -72.39 -22.12
C ASN H 142 1.47 -73.07 -20.77
N LEU H 143 0.70 -72.38 -19.93
CA LEU H 143 0.42 -72.87 -18.58
C LEU H 143 -0.57 -74.04 -18.62
N LYS H 144 -0.40 -74.95 -17.68
CA LYS H 144 -1.30 -76.07 -17.51
C LYS H 144 -2.56 -75.61 -16.78
N PRO H 145 -3.62 -76.41 -16.79
CA PRO H 145 -4.86 -76.00 -16.11
C PRO H 145 -4.65 -75.74 -14.63
N PHE H 146 -5.21 -74.62 -14.16
CA PHE H 146 -5.21 -74.25 -12.74
C PHE H 146 -3.78 -74.11 -12.21
N GLU H 147 -2.89 -73.58 -13.04
CA GLU H 147 -1.48 -73.41 -12.67
C GLU H 147 -1.16 -71.93 -12.51
N ARG H 148 -0.22 -71.63 -11.63
CA ARG H 148 0.24 -70.27 -11.37
C ARG H 148 1.75 -70.21 -11.56
N ASP H 149 2.22 -69.12 -12.17
CA ASP H 149 3.64 -68.86 -12.34
C ASP H 149 3.98 -67.51 -11.75
N ILE H 150 4.85 -67.51 -10.74
CA ILE H 150 5.31 -66.29 -10.09
C ILE H 150 6.76 -65.99 -10.42
N SER H 151 7.31 -66.66 -11.43
CA SER H 151 8.72 -66.46 -11.79
C SER H 151 8.92 -65.08 -12.40
N THR H 152 10.06 -64.47 -12.08
CA THR H 152 10.42 -63.16 -12.61
C THR H 152 11.68 -63.23 -13.47
N GLU H 153 12.00 -64.40 -14.02
CA GLU H 153 13.23 -64.57 -14.78
C GLU H 153 13.09 -63.94 -16.16
N ILE H 154 14.17 -63.30 -16.61
CA ILE H 154 14.17 -62.59 -17.88
C ILE H 154 13.98 -63.57 -19.03
N TYR H 155 13.20 -63.16 -20.04
CA TYR H 155 12.90 -64.01 -21.18
C TYR H 155 13.92 -63.80 -22.29
N GLN H 156 14.36 -64.90 -22.88
CA GLN H 156 15.32 -64.87 -23.99
C GLN H 156 14.55 -65.03 -25.29
N ALA H 157 14.52 -63.96 -26.09
CA ALA H 157 13.86 -64.03 -27.39
C ALA H 157 14.85 -64.28 -28.51
N GLY H 158 16.10 -63.84 -28.35
CA GLY H 158 17.11 -64.01 -29.39
C GLY H 158 18.26 -64.90 -28.98
N SER H 159 19.32 -64.90 -29.79
CA SER H 159 20.44 -65.80 -29.53
C SER H 159 21.34 -65.28 -28.42
N THR H 160 21.42 -63.95 -28.28
CA THR H 160 22.30 -63.38 -27.26
C THR H 160 21.77 -63.70 -25.87
N PRO H 161 22.61 -64.18 -24.96
CA PRO H 161 22.12 -64.53 -23.62
C PRO H 161 21.84 -63.28 -22.79
N CYS H 162 20.78 -63.35 -21.98
CA CYS H 162 20.41 -62.22 -21.14
C CYS H 162 21.33 -62.09 -19.93
N ASN H 163 21.70 -63.22 -19.33
CA ASN H 163 22.57 -63.25 -18.15
C ASN H 163 22.01 -62.41 -17.01
N GLY H 164 20.69 -62.49 -16.83
CA GLY H 164 20.03 -61.82 -15.72
C GLY H 164 19.86 -60.32 -15.88
N VAL H 165 20.03 -59.78 -17.07
CA VAL H 165 19.90 -58.35 -17.32
C VAL H 165 18.84 -58.12 -18.39
N GLU H 166 17.97 -57.15 -18.15
CA GLU H 166 17.03 -56.71 -19.17
C GLU H 166 17.79 -55.96 -20.26
N GLY H 167 17.53 -56.31 -21.52
CA GLY H 167 18.22 -55.64 -22.60
C GLY H 167 17.82 -56.06 -23.99
N PHE H 168 18.81 -56.18 -24.88
CA PHE H 168 18.55 -56.51 -26.28
C PHE H 168 17.91 -57.88 -26.41
N ASN H 169 16.74 -57.92 -27.06
CA ASN H 169 15.98 -59.16 -27.26
C ASN H 169 15.75 -59.90 -25.94
N CYS H 170 15.75 -59.16 -24.83
CA CYS H 170 15.54 -59.71 -23.50
C CYS H 170 14.47 -58.85 -22.82
N TYR H 171 13.25 -59.39 -22.74
CA TYR H 171 12.10 -58.65 -22.25
C TYR H 171 11.67 -59.21 -20.91
N PHE H 172 11.26 -58.31 -20.01
CA PHE H 172 10.80 -58.74 -18.70
C PHE H 172 9.45 -59.43 -18.84
N PRO H 173 9.27 -60.63 -18.26
CA PRO H 173 8.03 -61.37 -18.49
C PRO H 173 6.80 -60.69 -17.93
N LEU H 174 6.92 -59.97 -16.82
CA LEU H 174 5.79 -59.34 -16.16
C LEU H 174 5.74 -57.86 -16.53
N GLN H 175 4.64 -57.45 -17.16
CA GLN H 175 4.40 -56.06 -17.51
C GLN H 175 3.12 -55.58 -16.83
N SER H 176 3.03 -54.27 -16.64
CA SER H 176 2.00 -53.68 -15.80
C SER H 176 0.80 -53.25 -16.64
N TYR H 177 -0.39 -53.66 -16.22
CA TYR H 177 -1.62 -53.07 -16.74
C TYR H 177 -1.64 -51.57 -16.47
N GLY H 178 -2.26 -50.83 -17.39
CA GLY H 178 -2.42 -49.40 -17.19
C GLY H 178 -3.87 -48.99 -17.15
N PHE H 179 -4.44 -48.90 -15.95
CA PHE H 179 -5.85 -48.54 -15.78
C PHE H 179 -5.96 -47.07 -15.41
N GLN H 180 -6.66 -46.31 -16.24
CA GLN H 180 -6.97 -44.91 -16.01
C GLN H 180 -8.47 -44.71 -16.14
N PRO H 181 -9.04 -43.72 -15.42
CA PRO H 181 -10.50 -43.60 -15.39
C PRO H 181 -11.14 -43.25 -16.72
N THR H 182 -10.37 -42.73 -17.68
CA THR H 182 -10.92 -42.29 -18.95
C THR H 182 -10.91 -43.36 -20.03
N ASN H 183 -10.45 -44.57 -19.72
CA ASN H 183 -10.41 -45.64 -20.70
C ASN H 183 -11.82 -46.11 -21.05
N GLY H 184 -11.92 -46.81 -22.18
CA GLY H 184 -13.17 -47.44 -22.54
C GLY H 184 -13.44 -48.67 -21.71
N VAL H 185 -14.67 -49.19 -21.84
CA VAL H 185 -15.08 -50.34 -21.05
C VAL H 185 -14.21 -51.55 -21.36
N GLY H 186 -13.64 -51.62 -22.56
CA GLY H 186 -12.77 -52.74 -22.89
C GLY H 186 -11.44 -52.68 -22.17
N TYR H 187 -10.91 -51.48 -21.95
CA TYR H 187 -9.61 -51.30 -21.32
C TYR H 187 -9.74 -50.96 -19.84
N GLN H 188 -10.94 -51.03 -19.28
CA GLN H 188 -11.15 -50.76 -17.86
C GLN H 188 -10.89 -52.03 -17.04
N PRO H 189 -10.51 -51.87 -15.76
CA PRO H 189 -10.24 -53.04 -14.93
C PRO H 189 -11.52 -53.76 -14.56
N TYR H 190 -11.44 -55.10 -14.53
CA TYR H 190 -12.56 -55.95 -14.16
C TYR H 190 -12.10 -56.98 -13.14
N ARG H 191 -12.81 -57.08 -12.03
CA ARG H 191 -12.52 -58.06 -11.00
C ARG H 191 -13.26 -59.36 -11.31
N VAL H 192 -12.55 -60.48 -11.27
CA VAL H 192 -13.11 -61.78 -11.60
C VAL H 192 -13.04 -62.67 -10.36
N VAL H 193 -14.10 -63.45 -10.15
CA VAL H 193 -14.15 -64.44 -9.08
C VAL H 193 -14.62 -65.75 -9.70
N VAL H 194 -13.79 -66.79 -9.60
CA VAL H 194 -14.03 -68.06 -10.26
C VAL H 194 -14.32 -69.11 -9.18
N LEU H 195 -15.54 -69.62 -9.16
CA LEU H 195 -15.92 -70.70 -8.25
C LEU H 195 -15.67 -72.04 -8.92
N SER H 196 -14.80 -72.85 -8.32
CA SER H 196 -14.48 -74.19 -8.82
C SER H 196 -15.07 -75.22 -7.86
N PHE H 197 -15.77 -76.20 -8.40
CA PHE H 197 -16.45 -77.22 -7.61
C PHE H 197 -15.74 -78.56 -7.77
N GLU H 198 -15.52 -79.24 -6.65
CA GLU H 198 -14.82 -80.52 -6.64
C GLU H 198 -15.67 -81.56 -5.94
N LEU H 199 -15.82 -82.73 -6.58
CA LEU H 199 -16.54 -83.85 -5.99
C LEU H 199 -15.63 -85.08 -6.04
N LEU H 200 -15.28 -85.60 -4.87
CA LEU H 200 -14.39 -86.75 -4.75
C LEU H 200 -14.97 -87.75 -3.76
N HIS H 201 -14.31 -88.89 -3.63
CA HIS H 201 -14.75 -89.96 -2.73
C HIS H 201 -14.40 -89.57 -1.28
N ALA H 202 -15.09 -88.55 -0.80
CA ALA H 202 -14.89 -88.02 0.54
C ALA H 202 -16.18 -87.36 0.99
N PRO H 203 -16.37 -87.18 2.30
CA PRO H 203 -17.58 -86.50 2.78
C PRO H 203 -17.66 -85.08 2.23
N ALA H 204 -18.82 -84.74 1.68
CA ALA H 204 -19.04 -83.42 1.11
C ALA H 204 -19.24 -82.40 2.23
N THR H 205 -18.53 -81.27 2.13
CA THR H 205 -18.60 -80.22 3.14
C THR H 205 -19.35 -78.98 2.69
N VAL H 206 -19.55 -78.79 1.39
CA VAL H 206 -20.28 -77.64 0.86
C VAL H 206 -21.56 -78.14 0.24
N CYS H 207 -22.70 -77.66 0.75
CA CYS H 207 -24.00 -78.03 0.23
C CYS H 207 -24.93 -76.82 0.33
N GLY H 208 -26.01 -76.88 -0.42
CA GLY H 208 -27.01 -75.82 -0.39
C GLY H 208 -28.00 -76.04 0.75
N PRO H 209 -28.56 -74.94 1.26
CA PRO H 209 -29.57 -75.06 2.32
C PRO H 209 -30.80 -75.84 1.85
N LYS H 210 -30.90 -77.10 2.27
CA LYS H 210 -32.02 -77.94 1.88
C LYS H 210 -32.56 -78.73 3.07
#